data_8Q5U
#
_entry.id   8Q5U
#
_cell.length_a   228.775
_cell.length_b   228.775
_cell.length_c   161.629
_cell.angle_alpha   90.000
_cell.angle_beta   90.000
_cell.angle_gamma   90.000
#
_symmetry.space_group_name_H-M   'P 43 21 2'
#
loop_
_entity.id
_entity.type
_entity.pdbx_description
1 polymer 'Uncharacterized protein DKFZp686C11235'
2 polymer Endo-beta-N-acetylglucosaminidase
3 branched 2-acetamido-2-deoxy-beta-D-glucopyranose-(1-2)-alpha-D-mannopyranose-(1-3)-[2-acetamido-2-deoxy-beta-D-glucopyranose-(1-2)-alpha-D-mannopyranose-(1-6)]beta-D-mannopyranose-(1-4)-2-acetamido-2-deoxy-beta-D-glucopyranose-(1-4)-[alpha-L-fucopyranose-(1-6)]2-acetamido-2-deoxy-beta-D-glucopyranose
4 branched 2-acetamido-2-deoxy-beta-D-glucopyranose-(1-2)-alpha-D-mannopyranose-(1-6)-[alpha-D-mannopyranose-(1-3)]beta-D-mannopyranose-(1-4)-2-acetamido-2-deoxy-beta-D-glucopyranose-(1-4)-[alpha-L-fucopyranose-(1-6)]2-acetamido-2-deoxy-beta-D-glucopyranose
5 non-polymer GLYCEROL
6 non-polymer 'TRIETHYLENE GLYCOL'
7 non-polymer 'CALCIUM ION'
8 water water
#
loop_
_entity_poly.entity_id
_entity_poly.type
_entity_poly.pdbx_seq_one_letter_code
_entity_poly.pdbx_strand_id
1 'polypeptide(L)'
;DKTHTCPPCPAPECLGGPSVFLFPPKPKDTLMISRTPEVTCVVVDVSHEDPEVKFNWYVDGVEVHNAKTKPREEQYNSTY
RVVSVLTVLHQDWLNGKEYKCKVSNKALPAPIEKTISKAKGQPREPQVYTLPPSREEMTKNQVSLTCLVKGFYPSDIAVE
WASNGQPENNYKTTPPVLDSDGSFFLYSKLTVDKSRWQQGNVFSCSVMHEALHNHYTQKSLSLSPGK
;
A,C,B
2 'polypeptide(L)'
;MEKTVQTGKTDQQVGAKLVQEIREGKRGPLYAGYFRTWHDRASTGIDGKQQHPENTMAEVPKEVDILFVFHDHTASDSPF
WSELKDSYVHKLHQQGTALVQTIGVNELNGRTGLSKDYPDTPEGNKALAAAIVKAFVTDRGVDGLDIAILHEFTNKRTPE
EDARALNVFKEIAQLIGKNGSDKSKLLIMDTTLSVENNPIFKGIAEDLDYLLRQYYGSQGGEAEVDTINSDWNQYQNYID
ASQFMIGFSFFEESASKGNLWFDVNEYDPNNPEKGKDIEGTRAKKYAEWQPSTGGLKAGIFSYAIDRDGVAHVPSTYKNR
TSTNLQRHEVDNISHTDYTVSRKLKTLMTEDKRYDVIDQKDIPDPALREQIIQQVGQYKGDLERYNKTLVLTGDKIQNLK
GLEKLSKLQKLELRQLSNVKEITPELLPESMKKDAELVMVGMTGLEKLNLSGLNRQTLDGIDVNSITHLTSFDISHNSLD
LSEKSEDRKLLMTLMEQVSNHQKITVKNTAFENQKPKGYYPQTYDTKEGHYDVDNAEHDILTDFVFGTVTKRNTFIGDEE
AFAIYKEGAVDGRQYVSKDYTYEAFRKDYKGYKVHLTASNLGETVTSKVTATTDETYLVDVSDGEKVVHHMKLNIGSGAI
MMENLAKGAKVIGTSGDFEQAKKIFDGEKSDRFFTWGQTNWIAFDLGEINLAKEWRLFNAETNTEIKTDSSLNVAKGRLQ
ILKDTTIDLEKMDIKNRKEYLSNDENWTDVAQMDDAKAIFNSKLSNVLSRYWRFCVDGGASSYYPQYTELQILGQRLSND
VANTLKDLLEHHHHHH
;
D,E,F
#
loop_
_chem_comp.id
_chem_comp.type
_chem_comp.name
_chem_comp.formula
BMA D-saccharide, beta linking beta-D-mannopyranose 'C6 H12 O6'
CA non-polymer 'CALCIUM ION' 'Ca 2'
FUC L-saccharide, alpha linking alpha-L-fucopyranose 'C6 H12 O5'
GOL non-polymer GLYCEROL 'C3 H8 O3'
MAN D-saccharide, alpha linking alpha-D-mannopyranose 'C6 H12 O6'
NAG D-saccharide, beta linking 2-acetamido-2-deoxy-beta-D-glucopyranose 'C8 H15 N O6'
PGE non-polymer 'TRIETHYLENE GLYCOL' 'C6 H14 O4'
#
# COMPACT_ATOMS: atom_id res chain seq x y z
N GLY A 17 -14.52 13.62 14.47
CA GLY A 17 -15.65 14.56 14.59
C GLY A 17 -16.95 13.85 14.98
N PRO A 18 -17.97 14.58 15.48
CA PRO A 18 -19.24 13.96 15.88
C PRO A 18 -20.04 13.34 14.73
N SER A 19 -20.61 12.15 14.97
CA SER A 19 -21.50 11.48 14.03
C SER A 19 -22.94 11.57 14.53
N VAL A 20 -23.89 11.32 13.63
CA VAL A 20 -25.31 11.39 13.94
C VAL A 20 -25.99 10.10 13.47
N PHE A 21 -26.88 9.57 14.31
CA PHE A 21 -27.70 8.42 13.96
C PHE A 21 -29.16 8.74 14.28
N LEU A 22 -30.07 8.42 13.37
CA LEU A 22 -31.48 8.73 13.52
C LEU A 22 -32.31 7.45 13.45
N PHE A 23 -32.89 7.05 14.58
CA PHE A 23 -33.60 5.78 14.68
C PHE A 23 -35.11 6.03 14.59
N PRO A 24 -35.87 5.16 13.89
CA PRO A 24 -37.33 5.30 13.81
C PRO A 24 -38.02 4.75 15.05
N PRO A 25 -39.34 4.96 15.20
CA PRO A 25 -40.09 4.42 16.35
C PRO A 25 -40.23 2.90 16.28
N LYS A 26 -40.44 2.29 17.45
CA LYS A 26 -40.75 0.87 17.53
C LYS A 26 -42.12 0.65 16.86
N PRO A 27 -42.24 -0.31 15.93
CA PRO A 27 -43.46 -0.45 15.13
C PRO A 27 -44.74 -0.60 15.96
N LYS A 28 -44.64 -1.21 17.14
CA LYS A 28 -45.77 -1.35 18.04
C LYS A 28 -46.25 0.03 18.49
N ASP A 29 -45.31 0.97 18.70
CA ASP A 29 -45.62 2.28 19.25
C ASP A 29 -46.35 3.12 18.20
N THR A 30 -46.08 2.89 16.91
CA THR A 30 -46.73 3.65 15.86
C THR A 30 -48.16 3.15 15.62
N LEU A 31 -48.41 1.89 16.00
CA LEU A 31 -49.62 1.19 15.60
C LEU A 31 -50.63 1.11 16.74
N MET A 32 -50.17 1.31 17.99
CA MET A 32 -50.99 1.06 19.16
C MET A 32 -51.33 2.37 19.87
N ILE A 33 -52.62 2.54 20.18
CA ILE A 33 -53.12 3.78 20.74
C ILE A 33 -52.61 3.97 22.17
N SER A 34 -52.29 2.87 22.85
CA SER A 34 -51.82 2.91 24.23
C SER A 34 -50.41 3.47 24.32
N ARG A 35 -49.72 3.57 23.18
CA ARG A 35 -48.30 3.87 23.16
C ARG A 35 -48.06 5.20 22.46
N THR A 36 -46.92 5.82 22.79
CA THR A 36 -46.49 7.07 22.18
C THR A 36 -45.18 6.79 21.42
N PRO A 37 -45.21 6.86 20.08
CA PRO A 37 -44.01 6.63 19.26
C PRO A 37 -43.03 7.80 19.33
N GLU A 38 -41.74 7.49 19.16
CA GLU A 38 -40.65 8.44 19.28
C GLU A 38 -39.63 8.21 18.17
N VAL A 39 -39.22 9.29 17.50
CA VAL A 39 -38.00 9.29 16.71
C VAL A 39 -36.86 9.72 17.62
N THR A 40 -35.72 9.02 17.53
CA THR A 40 -34.58 9.27 18.40
C THR A 40 -33.37 9.64 17.55
N CYS A 41 -32.62 10.65 18.02
CA CYS A 41 -31.46 11.18 17.32
C CYS A 41 -30.26 11.19 18.25
N VAL A 42 -29.19 10.47 17.86
CA VAL A 42 -28.04 10.26 18.72
C VAL A 42 -26.83 10.91 18.08
N VAL A 43 -26.10 11.71 18.87
CA VAL A 43 -24.83 12.28 18.47
C VAL A 43 -23.73 11.64 19.29
N VAL A 44 -22.80 10.96 18.61
CA VAL A 44 -21.73 10.23 19.29
C VAL A 44 -20.41 10.96 19.10
N ASP A 45 -19.43 10.64 19.95
CA ASP A 45 -18.08 11.18 19.86
C ASP A 45 -18.13 12.71 19.92
N VAL A 46 -18.71 13.23 21.01
CA VAL A 46 -18.72 14.66 21.28
C VAL A 46 -17.54 14.96 22.18
N SER A 47 -16.79 16.01 21.88
CA SER A 47 -15.58 16.34 22.63
C SER A 47 -15.95 17.07 23.92
N HIS A 48 -15.10 16.91 24.94
CA HIS A 48 -15.23 17.63 26.20
C HIS A 48 -15.04 19.13 25.97
N GLU A 49 -14.23 19.51 24.96
CA GLU A 49 -13.77 20.88 24.78
C GLU A 49 -14.91 21.78 24.29
N ASP A 50 -15.63 21.33 23.25
CA ASP A 50 -16.78 22.05 22.71
C ASP A 50 -18.02 21.19 22.88
N PRO A 51 -18.73 21.30 24.03
CA PRO A 51 -19.77 20.34 24.41
C PRO A 51 -21.21 20.68 24.02
N GLU A 52 -21.47 21.94 23.63
CA GLU A 52 -22.82 22.39 23.34
C GLU A 52 -23.30 21.77 22.03
N VAL A 53 -24.43 21.08 22.09
CA VAL A 53 -24.99 20.39 20.94
C VAL A 53 -26.44 20.84 20.78
N LYS A 54 -26.73 21.58 19.71
CA LYS A 54 -28.08 22.07 19.47
C LYS A 54 -28.75 21.18 18.42
N PHE A 55 -30.00 20.79 18.70
CA PHE A 55 -30.81 19.97 17.82
C PHE A 55 -31.93 20.82 17.22
N ASN A 56 -32.21 20.61 15.93
CA ASN A 56 -33.40 21.16 15.30
C ASN A 56 -34.14 20.04 14.58
N TRP A 57 -35.46 19.99 14.80
CA TRP A 57 -36.30 18.91 14.31
C TRP A 57 -37.28 19.46 13.27
N TYR A 58 -37.48 18.71 12.18
CA TYR A 58 -38.38 19.14 11.12
C TYR A 58 -39.30 17.99 10.73
N VAL A 59 -40.57 18.32 10.46
CA VAL A 59 -41.56 17.37 10.00
C VAL A 59 -42.12 17.87 8.68
N ASP A 60 -41.70 17.23 7.57
CA ASP A 60 -41.93 17.74 6.23
C ASP A 60 -41.41 19.18 6.13
N GLY A 61 -40.19 19.39 6.62
CA GLY A 61 -39.52 20.67 6.48
C GLY A 61 -40.10 21.77 7.37
N VAL A 62 -40.96 21.38 8.33
CA VAL A 62 -41.60 22.32 9.23
C VAL A 62 -41.01 22.14 10.62
N GLU A 63 -40.44 23.21 11.20
CA GLU A 63 -39.74 23.11 12.46
C GLU A 63 -40.73 22.81 13.58
N VAL A 64 -40.31 21.93 14.50
CA VAL A 64 -41.07 21.55 15.67
C VAL A 64 -40.15 21.68 16.87
N HIS A 65 -40.69 22.16 17.99
CA HIS A 65 -39.88 22.58 19.11
C HIS A 65 -40.27 21.78 20.36
N ASN A 66 -40.91 20.63 20.15
CA ASN A 66 -41.45 19.84 21.25
C ASN A 66 -40.50 18.71 21.61
N ALA A 67 -39.27 18.74 21.08
CA ALA A 67 -38.30 17.67 21.29
C ALA A 67 -37.77 17.73 22.71
N LYS A 68 -37.12 16.66 23.13
CA LYS A 68 -36.68 16.49 24.51
C LYS A 68 -35.26 15.92 24.52
N THR A 69 -34.29 16.76 24.87
CA THR A 69 -32.88 16.42 24.80
C THR A 69 -32.41 15.93 26.17
N LYS A 70 -31.87 14.71 26.19
CA LYS A 70 -31.35 14.12 27.41
C LYS A 70 -29.91 14.58 27.59
N PRO A 71 -29.38 14.63 28.83
CA PRO A 71 -28.06 15.24 29.08
C PRO A 71 -26.93 14.29 28.69
N ARG A 72 -25.70 14.83 28.59
CA ARG A 72 -24.60 14.11 27.96
C ARG A 72 -24.25 12.87 28.79
N GLU A 73 -23.67 11.87 28.12
CA GLU A 73 -23.35 10.60 28.73
C GLU A 73 -21.94 10.18 28.32
N GLU A 74 -21.00 10.35 29.25
CA GLU A 74 -19.60 10.02 29.01
C GLU A 74 -19.52 8.55 28.63
N GLN A 75 -19.04 8.28 27.42
CA GLN A 75 -18.88 6.92 26.90
C GLN A 75 -17.51 6.38 27.34
N TYR A 76 -16.46 7.16 27.04
CA TYR A 76 -15.12 6.88 27.52
C TYR A 76 -14.49 8.21 27.92
N ASN A 77 -13.27 8.18 28.47
CA ASN A 77 -12.56 9.37 28.87
C ASN A 77 -12.80 10.50 27.86
N SER A 78 -13.32 11.64 28.37
CA SER A 78 -13.41 12.90 27.64
C SER A 78 -14.11 12.73 26.27
N THR A 79 -15.09 11.82 26.18
CA THR A 79 -15.91 11.71 24.98
C THR A 79 -17.34 11.36 25.38
N TYR A 80 -18.31 12.15 24.89
CA TYR A 80 -19.69 12.10 25.37
C TYR A 80 -20.63 11.71 24.24
N ARG A 81 -21.87 11.38 24.62
CA ARG A 81 -22.95 11.09 23.69
C ARG A 81 -24.17 11.94 24.08
N VAL A 82 -24.94 12.40 23.09
CA VAL A 82 -26.09 13.27 23.35
C VAL A 82 -27.27 12.78 22.52
N VAL A 83 -28.37 12.49 23.20
CA VAL A 83 -29.57 11.93 22.57
C VAL A 83 -30.70 12.95 22.65
N SER A 84 -31.45 13.10 21.54
CA SER A 84 -32.65 13.91 21.52
C SER A 84 -33.82 13.05 20.99
N VAL A 85 -34.96 13.11 21.71
CA VAL A 85 -36.09 12.23 21.44
C VAL A 85 -37.31 13.07 21.10
N LEU A 86 -37.80 12.95 19.86
CA LEU A 86 -38.99 13.66 19.44
C LEU A 86 -40.18 12.70 19.41
N THR A 87 -41.21 13.04 20.19
CA THR A 87 -42.49 12.35 20.14
C THR A 87 -43.13 12.62 18.78
N VAL A 88 -43.73 11.59 18.19
CA VAL A 88 -44.38 11.73 16.89
C VAL A 88 -45.84 11.35 17.02
N LEU A 89 -46.66 11.92 16.12
CA LEU A 89 -48.07 11.62 16.03
C LEU A 89 -48.25 10.40 15.13
N HIS A 90 -49.08 9.44 15.58
CA HIS A 90 -49.23 8.16 14.91
C HIS A 90 -49.53 8.37 13.43
N GLN A 91 -50.42 9.33 13.17
CA GLN A 91 -50.93 9.60 11.83
C GLN A 91 -49.81 10.12 10.93
N ASP A 92 -49.03 11.08 11.45
CA ASP A 92 -47.93 11.67 10.71
C ASP A 92 -46.95 10.59 10.27
N TRP A 93 -46.58 9.69 11.19
CA TRP A 93 -45.63 8.64 10.86
C TRP A 93 -46.21 7.72 9.79
N LEU A 94 -47.45 7.28 9.99
CA LEU A 94 -48.07 6.28 9.13
C LEU A 94 -48.42 6.86 7.77
N ASN A 95 -48.55 8.18 7.68
CA ASN A 95 -48.77 8.85 6.41
C ASN A 95 -47.45 9.15 5.71
N GLY A 96 -46.34 8.72 6.32
CA GLY A 96 -45.04 8.70 5.65
C GLY A 96 -44.40 10.09 5.58
N LYS A 97 -44.62 10.90 6.62
CA LYS A 97 -44.02 12.23 6.69
C LYS A 97 -42.54 12.07 7.05
N GLU A 98 -41.72 12.99 6.54
CA GLU A 98 -40.28 12.94 6.76
C GLU A 98 -39.94 13.62 8.08
N TYR A 99 -39.08 12.96 8.87
CA TYR A 99 -38.56 13.50 10.12
C TYR A 99 -37.08 13.82 9.93
N LYS A 100 -36.74 15.12 9.98
CA LYS A 100 -35.37 15.56 9.83
C LYS A 100 -34.83 16.01 11.18
N CYS A 101 -33.64 15.51 11.51
CA CYS A 101 -32.89 15.92 12.69
C CYS A 101 -31.64 16.66 12.24
N LYS A 102 -31.48 17.90 12.74
CA LYS A 102 -30.32 18.71 12.41
C LYS A 102 -29.50 18.96 13.67
N VAL A 103 -28.19 18.67 13.57
CA VAL A 103 -27.28 18.77 14.69
C VAL A 103 -26.28 19.89 14.41
N SER A 104 -26.03 20.74 15.41
CA SER A 104 -25.03 21.78 15.33
C SER A 104 -23.97 21.57 16.41
N ASN A 105 -22.73 21.98 16.12
CA ASN A 105 -21.63 21.87 17.08
C ASN A 105 -20.48 22.76 16.59
N LYS A 106 -19.59 23.13 17.53
CA LYS A 106 -18.41 23.93 17.20
C LYS A 106 -17.40 23.09 16.43
N ALA A 107 -17.36 21.79 16.69
CA ALA A 107 -16.39 20.89 16.07
C ALA A 107 -16.96 20.27 14.79
N LEU A 108 -17.98 20.92 14.21
CA LEU A 108 -18.53 20.54 12.91
C LEU A 108 -18.24 21.63 11.89
N PRO A 109 -17.91 21.28 10.61
CA PRO A 109 -17.69 22.29 9.58
C PRO A 109 -19.00 22.95 9.16
N ALA A 110 -19.99 22.10 8.84
CA ALA A 110 -21.38 22.51 8.67
C ALA A 110 -22.25 21.59 9.53
N PRO A 111 -23.48 22.02 9.92
CA PRO A 111 -24.44 21.16 10.61
C PRO A 111 -24.73 19.86 9.85
N ILE A 112 -25.14 18.83 10.61
CA ILE A 112 -25.44 17.52 10.06
C ILE A 112 -26.96 17.32 10.01
N GLU A 113 -27.45 16.80 8.89
CA GLU A 113 -28.86 16.62 8.64
C GLU A 113 -29.12 15.17 8.26
N LYS A 114 -29.94 14.49 9.07
CA LYS A 114 -30.36 13.12 8.81
C LYS A 114 -31.89 13.07 8.79
N THR A 115 -32.44 12.27 7.86
CA THR A 115 -33.88 12.19 7.65
C THR A 115 -34.32 10.72 7.63
N ILE A 116 -35.49 10.43 8.23
CA ILE A 116 -36.12 9.12 8.11
C ILE A 116 -37.63 9.28 7.91
N SER A 117 -38.23 8.35 7.17
CA SER A 117 -39.68 8.25 7.03
C SER A 117 -40.06 6.76 6.99
N LYS A 118 -41.37 6.47 6.91
CA LYS A 118 -41.85 5.10 6.90
C LYS A 118 -41.59 4.46 5.54
N ALA A 119 -41.36 3.13 5.57
CA ALA A 119 -41.14 2.33 4.38
C ALA A 119 -42.34 2.44 3.45
N LYS A 120 -42.11 2.91 2.22
CA LYS A 120 -43.18 3.05 1.25
C LYS A 120 -43.54 1.70 0.64
N GLY A 121 -44.78 1.59 0.17
CA GLY A 121 -45.19 0.50 -0.69
C GLY A 121 -46.57 -0.03 -0.33
N GLN A 122 -47.26 -0.59 -1.33
CA GLN A 122 -48.61 -1.09 -1.19
C GLN A 122 -48.71 -2.03 0.00
N PRO A 123 -49.41 -1.66 1.10
CA PRO A 123 -49.50 -2.54 2.28
C PRO A 123 -50.26 -3.82 1.94
N ARG A 124 -49.84 -4.91 2.58
CA ARG A 124 -50.48 -6.20 2.42
C ARG A 124 -50.75 -6.77 3.81
N GLU A 125 -51.98 -7.29 3.99
CA GLU A 125 -52.48 -7.70 5.29
C GLU A 125 -51.82 -9.02 5.71
N PRO A 126 -51.26 -9.13 6.93
CA PRO A 126 -50.68 -10.39 7.39
C PRO A 126 -51.75 -11.46 7.62
N GLN A 127 -51.37 -12.71 7.33
CA GLN A 127 -52.20 -13.88 7.62
C GLN A 127 -51.57 -14.62 8.80
N VAL A 128 -52.34 -14.78 9.88
CA VAL A 128 -51.80 -15.32 11.11
C VAL A 128 -52.37 -16.72 11.33
N TYR A 129 -51.45 -17.68 11.50
CA TYR A 129 -51.79 -19.07 11.74
C TYR A 129 -51.00 -19.59 12.95
N THR A 130 -51.70 -20.17 13.93
CA THR A 130 -51.04 -20.78 15.06
C THR A 130 -50.90 -22.27 14.81
N LEU A 131 -49.73 -22.81 15.16
CA LEU A 131 -49.40 -24.21 14.94
C LEU A 131 -49.06 -24.86 16.27
N PRO A 132 -49.65 -26.01 16.64
CA PRO A 132 -49.34 -26.68 17.90
C PRO A 132 -48.00 -27.40 17.87
N PRO A 133 -47.50 -27.89 19.03
CA PRO A 133 -46.27 -28.68 19.09
C PRO A 133 -46.32 -29.92 18.20
N SER A 134 -45.15 -30.41 17.82
CA SER A 134 -45.03 -31.69 17.14
C SER A 134 -45.22 -32.82 18.15
N ARG A 135 -45.80 -33.93 17.69
CA ARG A 135 -45.98 -35.10 18.55
C ARG A 135 -44.63 -35.46 19.15
N GLU A 136 -43.55 -35.30 18.39
CA GLU A 136 -42.22 -35.71 18.78
C GLU A 136 -41.68 -34.83 19.92
N GLU A 137 -42.14 -33.58 19.99
CA GLU A 137 -41.65 -32.66 21.00
C GLU A 137 -42.30 -32.95 22.35
N MET A 138 -43.44 -33.68 22.33
CA MET A 138 -44.23 -33.92 23.53
C MET A 138 -43.49 -34.86 24.49
N THR A 139 -42.33 -35.38 24.07
CA THR A 139 -41.50 -36.21 24.94
C THR A 139 -40.64 -35.34 25.86
N LYS A 140 -40.74 -34.01 25.71
CA LYS A 140 -39.85 -33.09 26.40
C LYS A 140 -40.61 -32.31 27.46
N ASN A 141 -39.88 -31.67 28.38
CA ASN A 141 -40.46 -30.98 29.52
C ASN A 141 -41.04 -29.63 29.09
N GLN A 142 -40.53 -29.06 28.00
CA GLN A 142 -41.04 -27.83 27.44
C GLN A 142 -41.34 -28.05 25.96
N VAL A 143 -42.44 -27.48 25.47
CA VAL A 143 -42.86 -27.66 24.09
C VAL A 143 -43.00 -26.28 23.43
N SER A 144 -43.04 -26.30 22.09
CA SER A 144 -42.93 -25.09 21.29
C SER A 144 -44.28 -24.79 20.61
N LEU A 145 -44.95 -23.73 21.08
CA LEU A 145 -46.10 -23.16 20.40
C LEU A 145 -45.59 -22.19 19.33
N THR A 146 -46.08 -22.37 18.10
CA THR A 146 -45.58 -21.65 16.94
C THR A 146 -46.68 -20.75 16.37
N CYS A 147 -46.28 -19.55 15.93
CA CYS A 147 -47.18 -18.65 15.24
C CYS A 147 -46.55 -18.20 13.93
N LEU A 148 -47.23 -18.50 12.82
CA LEU A 148 -46.77 -18.10 11.49
C LEU A 148 -47.55 -16.86 11.08
N VAL A 149 -46.81 -15.82 10.67
CA VAL A 149 -47.38 -14.62 10.08
C VAL A 149 -46.79 -14.48 8.68
N LYS A 150 -47.63 -14.49 7.64
CA LYS A 150 -47.13 -14.45 6.27
C LYS A 150 -47.91 -13.47 5.42
N GLY A 151 -47.28 -13.05 4.31
CA GLY A 151 -47.93 -12.28 3.27
C GLY A 151 -48.15 -10.82 3.66
N PHE A 152 -47.31 -10.29 4.56
CA PHE A 152 -47.47 -8.91 5.00
C PHE A 152 -46.42 -8.00 4.36
N TYR A 153 -46.81 -6.72 4.18
CA TYR A 153 -45.93 -5.68 3.67
C TYR A 153 -46.45 -4.33 4.18
N PRO A 154 -45.60 -3.39 4.64
CA PRO A 154 -44.15 -3.59 4.73
C PRO A 154 -43.74 -4.44 5.94
N SER A 155 -42.43 -4.56 6.17
CA SER A 155 -41.89 -5.54 7.10
C SER A 155 -41.99 -5.06 8.56
N ASP A 156 -42.53 -3.86 8.80
CA ASP A 156 -42.71 -3.37 10.16
C ASP A 156 -43.87 -4.12 10.82
N ILE A 157 -43.57 -4.87 11.89
CA ILE A 157 -44.58 -5.73 12.51
C ILE A 157 -44.17 -5.99 13.97
N ALA A 158 -45.14 -6.40 14.79
CA ALA A 158 -44.87 -6.74 16.18
C ALA A 158 -45.76 -7.93 16.59
N VAL A 159 -45.14 -8.88 17.29
CA VAL A 159 -45.78 -10.12 17.67
C VAL A 159 -45.60 -10.31 19.18
N GLU A 160 -46.70 -10.61 19.87
CA GLU A 160 -46.67 -10.88 21.31
C GLU A 160 -47.51 -12.11 21.59
N TRP A 161 -47.27 -12.74 22.74
CA TRP A 161 -48.05 -13.90 23.18
C TRP A 161 -48.78 -13.57 24.47
N ALA A 162 -49.86 -14.32 24.74
CA ALA A 162 -50.65 -14.13 25.94
C ALA A 162 -51.37 -15.41 26.30
N SER A 163 -51.86 -15.47 27.54
CA SER A 163 -52.62 -16.61 28.03
C SER A 163 -53.40 -16.21 29.28
N ASN A 164 -54.73 -16.41 29.22
CA ASN A 164 -55.64 -16.04 30.31
C ASN A 164 -55.55 -14.55 30.59
N GLY A 165 -55.34 -13.73 29.55
CA GLY A 165 -55.29 -12.29 29.69
C GLY A 165 -53.93 -11.77 30.17
N GLN A 166 -53.06 -12.65 30.66
CA GLN A 166 -51.74 -12.26 31.12
C GLN A 166 -50.74 -12.42 29.98
N PRO A 167 -49.71 -11.55 29.86
CA PRO A 167 -48.68 -11.72 28.85
C PRO A 167 -47.80 -12.95 29.12
N GLU A 168 -47.61 -13.75 28.06
CA GLU A 168 -46.59 -14.79 28.05
C GLU A 168 -45.31 -14.18 27.50
N ASN A 169 -44.18 -14.43 28.17
CA ASN A 169 -42.98 -13.64 27.89
C ASN A 169 -41.79 -14.50 27.46
N ASN A 170 -41.92 -15.82 27.48
CA ASN A 170 -40.81 -16.68 27.10
C ASN A 170 -40.94 -17.06 25.63
N TYR A 171 -40.75 -16.08 24.75
CA TYR A 171 -40.83 -16.34 23.32
C TYR A 171 -39.73 -15.59 22.56
N LYS A 172 -39.51 -16.05 21.33
CA LYS A 172 -38.58 -15.43 20.40
C LYS A 172 -39.25 -15.41 19.04
N THR A 173 -39.02 -14.34 18.29
CA THR A 173 -39.63 -14.15 16.99
C THR A 173 -38.51 -14.00 15.97
N THR A 174 -38.69 -14.59 14.79
CA THR A 174 -37.69 -14.44 13.74
C THR A 174 -37.81 -13.03 13.17
N PRO A 175 -36.72 -12.46 12.61
CA PRO A 175 -36.85 -11.26 11.79
C PRO A 175 -37.75 -11.56 10.60
N PRO A 176 -38.40 -10.54 9.99
CA PRO A 176 -39.14 -10.74 8.75
C PRO A 176 -38.22 -11.31 7.68
N VAL A 177 -38.78 -12.17 6.83
CA VAL A 177 -38.05 -12.81 5.76
C VAL A 177 -38.82 -12.54 4.47
N LEU A 178 -38.09 -12.17 3.41
CA LEU A 178 -38.74 -11.88 2.15
C LEU A 178 -39.15 -13.20 1.49
N ASP A 179 -40.45 -13.32 1.18
CA ASP A 179 -40.98 -14.50 0.51
C ASP A 179 -40.85 -14.29 -0.99
N SER A 180 -41.22 -15.31 -1.78
CA SER A 180 -40.98 -15.32 -3.20
C SER A 180 -41.98 -14.43 -3.94
N ASP A 181 -43.01 -13.96 -3.24
CA ASP A 181 -44.04 -13.15 -3.88
C ASP A 181 -43.84 -11.67 -3.56
N GLY A 182 -42.75 -11.32 -2.88
CA GLY A 182 -42.46 -9.93 -2.57
C GLY A 182 -42.94 -9.50 -1.20
N SER A 183 -43.78 -10.33 -0.55
CA SER A 183 -44.27 -10.06 0.80
C SER A 183 -43.30 -10.63 1.83
N PHE A 184 -43.59 -10.42 3.12
CA PHE A 184 -42.75 -10.91 4.20
C PHE A 184 -43.48 -11.98 4.99
N PHE A 185 -42.70 -12.79 5.73
CA PHE A 185 -43.24 -13.74 6.67
C PHE A 185 -42.29 -13.85 7.85
N LEU A 186 -42.80 -14.35 8.98
CA LEU A 186 -41.95 -14.69 10.10
C LEU A 186 -42.62 -15.76 10.94
N TYR A 187 -41.86 -16.27 11.92
CA TYR A 187 -42.35 -17.22 12.89
C TYR A 187 -42.03 -16.69 14.27
N SER A 188 -43.00 -16.81 15.19
CA SER A 188 -42.75 -16.58 16.61
C SER A 188 -42.91 -17.92 17.34
N LYS A 189 -42.06 -18.15 18.34
CA LYS A 189 -42.01 -19.44 19.01
C LYS A 189 -42.09 -19.23 20.51
N LEU A 190 -43.29 -19.39 21.07
CA LEU A 190 -43.49 -19.38 22.51
C LEU A 190 -43.18 -20.76 23.08
N THR A 191 -42.39 -20.78 24.16
CA THR A 191 -42.01 -22.00 24.83
C THR A 191 -42.76 -22.06 26.17
N VAL A 192 -43.44 -23.18 26.42
CA VAL A 192 -44.22 -23.37 27.63
C VAL A 192 -43.94 -24.75 28.19
N ASP A 193 -44.13 -24.92 29.50
CA ASP A 193 -44.06 -26.24 30.11
C ASP A 193 -45.16 -27.11 29.50
N LYS A 194 -44.81 -28.36 29.20
CA LYS A 194 -45.72 -29.30 28.58
C LYS A 194 -47.01 -29.41 29.40
N SER A 195 -46.86 -29.40 30.73
CA SER A 195 -47.98 -29.49 31.64
C SER A 195 -49.07 -28.50 31.26
N ARG A 196 -48.68 -27.25 31.01
CA ARG A 196 -49.63 -26.17 30.76
C ARG A 196 -50.31 -26.37 29.41
N TRP A 197 -49.60 -26.98 28.45
CA TRP A 197 -50.16 -27.26 27.14
C TRP A 197 -51.21 -28.37 27.24
N GLN A 198 -50.86 -29.45 27.96
CA GLN A 198 -51.70 -30.64 28.04
C GLN A 198 -52.96 -30.37 28.86
N GLN A 199 -52.85 -29.47 29.84
CA GLN A 199 -53.97 -29.15 30.72
C GLN A 199 -55.05 -28.38 29.97
N GLY A 200 -54.73 -27.89 28.76
CA GLY A 200 -55.74 -27.34 27.87
C GLY A 200 -55.90 -25.83 27.98
N ASN A 201 -54.86 -25.14 28.48
CA ASN A 201 -54.85 -23.68 28.52
C ASN A 201 -54.82 -23.12 27.10
N VAL A 202 -55.46 -21.97 26.92
CA VAL A 202 -55.48 -21.30 25.64
C VAL A 202 -54.34 -20.30 25.59
N PHE A 203 -53.64 -20.26 24.44
CA PHE A 203 -52.60 -19.28 24.22
C PHE A 203 -52.99 -18.42 23.03
N SER A 204 -52.58 -17.14 23.09
CA SER A 204 -52.93 -16.20 22.05
C SER A 204 -51.66 -15.65 21.42
N CYS A 205 -51.70 -15.55 20.08
CA CYS A 205 -50.65 -14.91 19.31
C CYS A 205 -51.21 -13.59 18.77
N SER A 206 -50.71 -12.47 19.30
CA SER A 206 -51.14 -11.13 18.90
C SER A 206 -50.20 -10.61 17.82
N VAL A 207 -50.77 -10.09 16.73
CA VAL A 207 -49.98 -9.51 15.65
C VAL A 207 -50.45 -8.09 15.40
N MET A 208 -49.47 -7.19 15.25
CA MET A 208 -49.71 -5.76 15.10
C MET A 208 -49.06 -5.30 13.81
N HIS A 209 -49.87 -4.74 12.90
CA HIS A 209 -49.38 -4.34 11.59
C HIS A 209 -50.34 -3.30 11.00
N GLU A 210 -49.80 -2.43 10.14
CA GLU A 210 -50.56 -1.29 9.68
C GLU A 210 -51.69 -1.69 8.73
N ALA A 211 -51.66 -2.91 8.21
CA ALA A 211 -52.62 -3.35 7.20
C ALA A 211 -53.74 -4.17 7.82
N LEU A 212 -53.69 -4.36 9.14
CA LEU A 212 -54.78 -5.02 9.86
C LEU A 212 -55.79 -3.96 10.32
N HIS A 213 -57.04 -4.40 10.48
CA HIS A 213 -58.07 -3.55 11.07
C HIS A 213 -57.68 -3.26 12.52
N ASN A 214 -57.62 -1.96 12.85
CA ASN A 214 -57.16 -1.49 14.14
C ASN A 214 -55.73 -1.97 14.40
N HIS A 215 -55.00 -2.30 13.34
CA HIS A 215 -53.61 -2.70 13.43
C HIS A 215 -53.42 -3.90 14.36
N TYR A 216 -54.41 -4.80 14.43
CA TYR A 216 -54.42 -5.84 15.45
C TYR A 216 -55.26 -7.04 15.02
N THR A 217 -54.68 -8.24 15.19
CA THR A 217 -55.44 -9.49 15.27
C THR A 217 -54.82 -10.41 16.31
N GLN A 218 -55.62 -11.41 16.71
CA GLN A 218 -55.26 -12.37 17.73
C GLN A 218 -55.70 -13.73 17.22
N LYS A 219 -54.80 -14.70 17.27
CA LYS A 219 -55.15 -16.08 16.97
C LYS A 219 -54.91 -16.92 18.21
N SER A 220 -55.80 -17.88 18.45
CA SER A 220 -55.74 -18.71 19.64
C SER A 220 -55.13 -20.07 19.30
N LEU A 221 -54.65 -20.75 20.35
CA LEU A 221 -53.98 -22.02 20.19
C LEU A 221 -54.11 -22.79 21.50
N SER A 222 -54.85 -23.90 21.46
CA SER A 222 -55.03 -24.76 22.60
C SER A 222 -54.98 -26.21 22.15
N LEU A 223 -54.95 -27.14 23.12
CA LEU A 223 -54.87 -28.55 22.79
C LEU A 223 -56.23 -29.00 22.24
N SER A 224 -56.19 -29.81 21.18
CA SER A 224 -57.37 -30.33 20.52
C SER A 224 -57.97 -31.49 21.34
N LYS B 9 21.08 7.96 59.52
CA LYS B 9 21.37 6.56 59.94
C LYS B 9 21.11 5.62 58.76
N THR B 10 20.03 4.83 58.83
CA THR B 10 19.65 3.89 57.79
C THR B 10 18.86 4.63 56.70
N ASP B 11 18.64 3.94 55.57
CA ASP B 11 17.69 4.36 54.55
C ASP B 11 16.28 4.52 55.14
N GLN B 12 15.99 3.84 56.27
CA GLN B 12 14.69 3.90 56.90
C GLN B 12 14.65 5.00 57.97
N GLN B 13 15.81 5.34 58.55
CA GLN B 13 15.88 6.35 59.60
C GLN B 13 16.04 7.74 58.98
N VAL B 14 16.55 7.80 57.74
CA VAL B 14 16.56 9.05 56.98
C VAL B 14 15.14 9.30 56.47
N GLY B 15 14.55 8.27 55.86
CA GLY B 15 13.22 8.36 55.30
C GLY B 15 12.17 8.81 56.31
N ALA B 16 12.34 8.43 57.58
CA ALA B 16 11.41 8.80 58.63
C ALA B 16 11.43 10.31 58.85
N LYS B 17 12.60 10.95 58.67
CA LYS B 17 12.73 12.39 58.85
C LYS B 17 12.16 13.14 57.66
N LEU B 18 12.25 12.56 56.45
CA LEU B 18 11.58 13.12 55.29
C LEU B 18 10.08 13.14 55.52
N VAL B 19 9.53 11.96 55.86
CA VAL B 19 8.09 11.81 56.05
C VAL B 19 7.61 12.79 57.12
N GLN B 20 8.35 12.88 58.23
CA GLN B 20 7.93 13.72 59.34
C GLN B 20 7.86 15.17 58.90
N GLU B 21 8.91 15.66 58.23
CA GLU B 21 8.99 17.07 57.88
C GLU B 21 8.06 17.36 56.69
N ILE B 22 7.73 16.35 55.89
CA ILE B 22 6.73 16.50 54.84
C ILE B 22 5.35 16.62 55.46
N ARG B 23 5.08 15.78 56.47
CA ARG B 23 3.78 15.71 57.11
C ARG B 23 3.50 16.99 57.90
N GLU B 24 4.54 17.56 58.51
CA GLU B 24 4.42 18.76 59.31
C GLU B 24 4.51 20.01 58.42
N GLY B 25 4.69 19.80 57.10
CA GLY B 25 4.47 20.85 56.12
C GLY B 25 5.62 21.86 56.07
N LYS B 26 6.84 21.38 56.28
CA LYS B 26 7.99 22.24 56.38
C LYS B 26 8.65 22.48 55.01
N ARG B 27 8.09 21.91 53.93
CA ARG B 27 8.71 21.97 52.61
C ARG B 27 8.17 23.12 51.78
N GLY B 28 7.27 23.90 52.38
CA GLY B 28 6.45 24.81 51.59
C GLY B 28 5.52 24.00 50.70
N PRO B 29 5.01 24.57 49.59
CA PRO B 29 4.09 23.84 48.71
C PRO B 29 4.84 22.69 48.03
N LEU B 30 4.16 21.56 47.87
CA LEU B 30 4.80 20.32 47.41
C LEU B 30 4.65 20.19 45.90
N TYR B 31 5.66 19.61 45.26
CA TYR B 31 5.54 19.10 43.90
C TYR B 31 5.77 17.61 43.96
N ALA B 32 4.97 16.85 43.20
CA ALA B 32 5.07 15.40 43.15
C ALA B 32 4.91 14.93 41.72
N GLY B 33 5.34 13.69 41.47
CA GLY B 33 5.32 13.13 40.13
C GLY B 33 5.20 11.61 40.15
N TYR B 34 4.30 11.10 39.31
CA TYR B 34 4.20 9.68 39.04
C TYR B 34 5.22 9.31 37.97
N PHE B 35 6.24 8.54 38.37
CA PHE B 35 7.20 7.99 37.43
C PHE B 35 6.68 6.63 36.98
N ARG B 36 6.63 6.42 35.66
CA ARG B 36 6.15 5.17 35.10
C ARG B 36 7.30 4.19 35.10
N THR B 37 7.17 3.06 35.82
CA THR B 37 8.27 2.15 36.05
C THR B 37 8.91 1.70 34.74
N TRP B 38 8.08 1.51 33.70
CA TRP B 38 8.53 0.97 32.43
C TRP B 38 9.31 2.00 31.62
N HIS B 39 9.55 3.20 32.20
CA HIS B 39 10.45 4.16 31.59
C HIS B 39 11.69 4.38 32.46
N ASP B 40 12.02 3.41 33.32
CA ASP B 40 13.30 3.40 33.99
C ASP B 40 14.23 2.43 33.26
N ARG B 41 15.52 2.74 33.18
CA ARG B 41 16.44 1.94 32.39
C ARG B 41 16.62 0.55 33.01
N ALA B 42 16.36 0.42 34.31
CA ALA B 42 16.49 -0.85 34.98
C ALA B 42 15.28 -1.75 34.69
N SER B 43 14.20 -1.18 34.18
CA SER B 43 12.96 -1.92 33.96
C SER B 43 13.13 -2.92 32.82
N THR B 44 12.49 -4.08 32.98
CA THR B 44 12.47 -5.11 31.96
C THR B 44 11.04 -5.64 31.82
N GLY B 45 10.67 -6.05 30.60
CA GLY B 45 9.37 -6.64 30.33
C GLY B 45 9.35 -8.13 30.68
N ILE B 46 8.29 -8.83 30.27
CA ILE B 46 8.11 -10.23 30.62
C ILE B 46 9.17 -11.08 29.93
N ASP B 47 9.63 -10.65 28.74
CA ASP B 47 10.67 -11.36 28.02
C ASP B 47 12.05 -11.00 28.54
N GLY B 48 12.13 -10.30 29.68
CA GLY B 48 13.40 -9.97 30.32
C GLY B 48 14.26 -8.99 29.49
N LYS B 49 13.61 -8.22 28.60
CA LYS B 49 14.29 -7.22 27.79
C LYS B 49 14.00 -5.83 28.33
N GLN B 50 15.00 -4.93 28.20
CA GLN B 50 14.87 -3.54 28.55
C GLN B 50 13.81 -2.88 27.67
N GLN B 51 13.09 -1.90 28.22
CA GLN B 51 11.93 -1.33 27.56
C GLN B 51 12.29 0.06 27.02
N HIS B 52 12.94 0.87 27.87
CA HIS B 52 13.36 2.21 27.51
C HIS B 52 14.65 2.56 28.27
N PRO B 53 15.79 2.77 27.57
CA PRO B 53 17.04 3.15 28.23
C PRO B 53 17.25 4.64 28.54
N GLU B 54 16.33 5.47 28.04
CA GLU B 54 16.57 6.90 27.95
C GLU B 54 16.64 7.56 29.32
N ASN B 55 15.91 7.04 30.31
CA ASN B 55 15.68 7.75 31.56
C ASN B 55 15.82 6.82 32.77
N THR B 56 15.96 7.45 33.95
CA THR B 56 16.03 6.75 35.21
C THR B 56 15.42 7.59 36.33
N MET B 57 14.99 6.92 37.39
CA MET B 57 14.39 7.57 38.54
C MET B 57 15.45 8.33 39.34
N ALA B 58 16.72 7.94 39.19
CA ALA B 58 17.79 8.52 39.98
C ALA B 58 18.03 9.98 39.61
N GLU B 59 17.64 10.36 38.39
CA GLU B 59 17.85 11.70 37.88
C GLU B 59 16.75 12.67 38.32
N VAL B 60 15.71 12.16 38.99
CA VAL B 60 14.64 13.03 39.47
C VAL B 60 15.26 14.02 40.46
N PRO B 61 15.03 15.34 40.27
CA PRO B 61 15.69 16.36 41.09
C PRO B 61 15.01 16.63 42.42
N LYS B 62 15.65 17.50 43.23
CA LYS B 62 15.25 17.76 44.59
C LYS B 62 13.94 18.56 44.64
N GLU B 63 13.58 19.20 43.52
CA GLU B 63 12.33 19.95 43.45
C GLU B 63 11.12 19.02 43.48
N VAL B 64 11.32 17.73 43.19
CA VAL B 64 10.29 16.72 43.37
C VAL B 64 10.36 16.23 44.81
N ASP B 65 9.36 16.62 45.61
CA ASP B 65 9.33 16.30 47.04
C ASP B 65 8.91 14.85 47.24
N ILE B 66 7.99 14.36 46.40
CA ILE B 66 7.48 13.00 46.46
C ILE B 66 7.45 12.40 45.06
N LEU B 67 8.08 11.23 44.91
CA LEU B 67 8.04 10.48 43.65
C LEU B 67 7.22 9.22 43.87
N PHE B 68 6.14 9.10 43.10
CA PHE B 68 5.25 7.95 43.16
C PHE B 68 5.72 6.90 42.15
N VAL B 69 5.92 5.68 42.64
CA VAL B 69 6.30 4.56 41.79
C VAL B 69 5.03 4.00 41.17
N PHE B 70 4.85 4.21 39.87
CA PHE B 70 3.64 3.81 39.19
C PHE B 70 3.94 2.62 38.28
N HIS B 71 3.41 1.46 38.66
CA HIS B 71 3.82 0.20 38.07
C HIS B 71 2.83 -0.31 37.04
N ASP B 72 3.35 -0.60 35.84
CA ASP B 72 2.74 -1.52 34.88
C ASP B 72 3.82 -1.92 33.88
N HIS B 73 3.64 -3.06 33.21
CA HIS B 73 4.50 -3.50 32.12
C HIS B 73 5.85 -4.02 32.63
N THR B 74 6.39 -3.40 33.68
CA THR B 74 7.59 -3.92 34.33
C THR B 74 7.25 -5.27 34.95
N ALA B 75 7.96 -6.32 34.53
CA ALA B 75 7.75 -7.66 35.06
C ALA B 75 8.18 -7.71 36.52
N SER B 76 7.55 -8.60 37.30
CA SER B 76 7.66 -8.61 38.75
C SER B 76 8.97 -9.23 39.23
N ASP B 77 9.74 -9.86 38.33
CA ASP B 77 11.04 -10.43 38.66
C ASP B 77 12.15 -9.56 38.09
N SER B 78 11.79 -8.37 37.58
CA SER B 78 12.74 -7.45 36.96
C SER B 78 13.81 -7.02 37.95
N PRO B 79 15.03 -6.72 37.48
CA PRO B 79 16.06 -6.11 38.33
C PRO B 79 15.71 -4.69 38.78
N PHE B 80 14.68 -4.09 38.15
CA PHE B 80 14.22 -2.77 38.52
C PHE B 80 13.98 -2.67 40.03
N TRP B 81 13.28 -3.67 40.57
CA TRP B 81 12.78 -3.62 41.95
C TRP B 81 13.93 -3.58 42.96
N SER B 82 15.03 -4.24 42.63
CA SER B 82 16.22 -4.22 43.47
C SER B 82 16.89 -2.85 43.37
N GLU B 83 16.91 -2.31 42.16
CA GLU B 83 17.49 -0.99 41.89
C GLU B 83 16.72 0.07 42.66
N LEU B 84 15.39 -0.04 42.69
CA LEU B 84 14.55 0.89 43.42
C LEU B 84 14.88 0.81 44.91
N LYS B 85 15.00 -0.41 45.43
CA LYS B 85 15.18 -0.64 46.86
C LYS B 85 16.60 -0.26 47.28
N ASP B 86 17.59 -0.76 46.54
CA ASP B 86 18.97 -0.73 46.98
C ASP B 86 19.69 0.53 46.50
N SER B 87 19.20 1.16 45.43
CA SER B 87 19.95 2.20 44.74
C SER B 87 19.22 3.54 44.75
N TYR B 88 18.02 3.59 44.15
CA TYR B 88 17.30 4.82 43.88
C TYR B 88 16.87 5.49 45.19
N VAL B 89 16.33 4.71 46.13
CA VAL B 89 15.81 5.28 47.36
C VAL B 89 16.94 5.99 48.10
N HIS B 90 18.11 5.36 48.20
CA HIS B 90 19.24 5.99 48.86
C HIS B 90 19.58 7.32 48.18
N LYS B 91 19.63 7.30 46.83
CA LYS B 91 20.02 8.45 46.04
C LYS B 91 19.02 9.59 46.22
N LEU B 92 17.73 9.23 46.17
CA LEU B 92 16.66 10.21 46.27
C LEU B 92 16.54 10.74 47.69
N HIS B 93 16.81 9.91 48.70
CA HIS B 93 16.71 10.34 50.08
C HIS B 93 17.76 11.40 50.42
N GLN B 94 18.89 11.37 49.70
CA GLN B 94 20.00 12.27 49.99
C GLN B 94 19.61 13.71 49.68
N GLN B 95 18.70 13.90 48.72
CA GLN B 95 18.26 15.23 48.33
C GLN B 95 16.99 15.60 49.08
N GLY B 96 16.30 14.60 49.62
CA GLY B 96 15.07 14.81 50.40
C GLY B 96 13.84 14.60 49.54
N THR B 97 13.84 13.51 48.77
CA THR B 97 12.69 13.09 47.99
C THR B 97 12.21 11.76 48.58
N ALA B 98 10.91 11.65 48.84
CA ALA B 98 10.36 10.41 49.34
C ALA B 98 9.84 9.56 48.18
N LEU B 99 9.94 8.24 48.32
CA LEU B 99 9.32 7.30 47.39
C LEU B 99 7.98 6.85 47.99
N VAL B 100 6.95 6.77 47.14
CA VAL B 100 5.67 6.22 47.54
C VAL B 100 5.22 5.22 46.48
N GLN B 101 4.81 4.03 46.92
CA GLN B 101 4.34 3.00 46.01
C GLN B 101 2.85 3.19 45.75
N THR B 102 2.49 3.26 44.45
CA THR B 102 1.11 3.37 44.05
C THR B 102 0.58 1.97 43.71
N ILE B 103 -0.54 1.60 44.34
CA ILE B 103 -1.26 0.38 44.00
C ILE B 103 -2.70 0.76 43.68
N GLY B 104 -3.36 -0.10 42.90
CA GLY B 104 -4.76 0.12 42.52
C GLY B 104 -5.71 -0.36 43.60
N VAL B 105 -6.98 0.06 43.47
CA VAL B 105 -8.00 -0.27 44.47
C VAL B 105 -8.36 -1.74 44.35
N ASN B 106 -8.26 -2.28 43.13
CA ASN B 106 -8.57 -3.67 42.88
C ASN B 106 -7.61 -4.60 43.63
N GLU B 107 -6.57 -4.03 44.24
CA GLU B 107 -5.66 -4.81 45.05
C GLU B 107 -6.30 -5.12 46.40
N LEU B 108 -7.33 -4.35 46.78
CA LEU B 108 -7.97 -4.48 48.10
C LEU B 108 -9.32 -5.16 47.99
N ASN B 109 -10.03 -4.97 46.87
CA ASN B 109 -11.45 -5.22 46.81
C ASN B 109 -11.74 -6.67 46.38
N GLY B 110 -10.70 -7.43 46.07
CA GLY B 110 -10.87 -8.84 45.72
C GLY B 110 -10.64 -9.12 44.24
N ARG B 111 -10.64 -8.06 43.41
CA ARG B 111 -10.62 -8.21 41.97
C ARG B 111 -9.28 -8.73 41.46
N THR B 112 -8.16 -8.37 42.12
CA THR B 112 -6.84 -8.82 41.69
C THR B 112 -5.92 -8.99 42.90
N GLY B 113 -4.69 -9.45 42.63
CA GLY B 113 -3.60 -9.36 43.59
C GLY B 113 -3.81 -10.24 44.82
N LEU B 114 -3.34 -9.75 45.97
CA LEU B 114 -3.36 -10.52 47.21
C LEU B 114 -4.75 -10.59 47.82
N SER B 115 -5.71 -9.81 47.30
CA SER B 115 -7.06 -9.79 47.85
C SER B 115 -7.83 -11.05 47.46
N LYS B 116 -7.40 -11.74 46.40
CA LYS B 116 -8.08 -12.98 46.06
C LYS B 116 -7.51 -14.13 46.88
N ASP B 117 -6.49 -13.87 47.70
CA ASP B 117 -5.84 -14.89 48.51
C ASP B 117 -6.29 -14.82 49.98
N TYR B 118 -7.13 -13.83 50.32
CA TYR B 118 -7.60 -13.66 51.68
C TYR B 118 -9.13 -13.51 51.67
N PRO B 119 -9.84 -14.10 52.66
CA PRO B 119 -11.30 -14.02 52.70
C PRO B 119 -11.78 -12.63 53.10
N ASP B 120 -12.97 -12.25 52.60
CA ASP B 120 -13.58 -10.98 52.90
C ASP B 120 -14.23 -11.06 54.27
N THR B 121 -13.40 -11.06 55.32
CA THR B 121 -13.86 -11.18 56.69
C THR B 121 -13.10 -10.18 57.55
N PRO B 122 -13.63 -9.77 58.72
CA PRO B 122 -12.91 -8.88 59.63
C PRO B 122 -11.46 -9.26 59.88
N GLU B 123 -11.20 -10.57 60.05
CA GLU B 123 -9.85 -11.02 60.33
C GLU B 123 -9.08 -11.18 59.02
N GLY B 124 -9.76 -11.66 57.97
CA GLY B 124 -9.14 -11.87 56.67
C GLY B 124 -8.66 -10.58 56.03
N ASN B 125 -9.48 -9.53 56.16
CA ASN B 125 -9.18 -8.22 55.58
C ASN B 125 -8.04 -7.55 56.35
N LYS B 126 -7.91 -7.88 57.65
CA LYS B 126 -6.85 -7.32 58.46
C LYS B 126 -5.52 -7.93 58.05
N ALA B 127 -5.50 -9.25 57.86
CA ALA B 127 -4.30 -9.98 57.51
C ALA B 127 -3.85 -9.60 56.10
N LEU B 128 -4.82 -9.33 55.22
CA LEU B 128 -4.55 -8.85 53.88
C LEU B 128 -3.83 -7.50 53.93
N ALA B 129 -4.39 -6.57 54.73
CA ALA B 129 -3.83 -5.24 54.85
C ALA B 129 -2.35 -5.32 55.19
N ALA B 130 -2.00 -6.20 56.13
CA ALA B 130 -0.62 -6.33 56.58
C ALA B 130 0.25 -6.94 55.49
N ALA B 131 -0.37 -7.81 54.67
CA ALA B 131 0.31 -8.45 53.55
C ALA B 131 0.63 -7.41 52.47
N ILE B 132 -0.26 -6.42 52.34
CA ILE B 132 -0.13 -5.36 51.33
C ILE B 132 0.96 -4.39 51.74
N VAL B 133 1.06 -4.08 53.03
CA VAL B 133 2.07 -3.16 53.51
C VAL B 133 3.44 -3.80 53.29
N LYS B 134 3.55 -5.11 53.53
CA LYS B 134 4.84 -5.78 53.41
C LYS B 134 5.25 -5.88 51.95
N ALA B 135 4.29 -6.26 51.10
CA ALA B 135 4.55 -6.50 49.69
C ALA B 135 4.97 -5.21 48.98
N PHE B 136 4.22 -4.13 49.23
CA PHE B 136 4.29 -2.93 48.42
C PHE B 136 5.02 -1.79 49.12
N VAL B 137 5.27 -1.89 50.42
CA VAL B 137 5.99 -0.85 51.13
C VAL B 137 7.31 -1.39 51.66
N THR B 138 7.24 -2.35 52.59
CA THR B 138 8.41 -2.83 53.31
C THR B 138 9.41 -3.47 52.35
N ASP B 139 8.92 -4.36 51.49
CA ASP B 139 9.77 -5.14 50.61
C ASP B 139 10.33 -4.30 49.46
N ARG B 140 9.62 -3.23 49.07
CA ARG B 140 10.04 -2.40 47.95
C ARG B 140 10.96 -1.28 48.41
N GLY B 141 10.98 -1.02 49.73
CA GLY B 141 11.97 -0.15 50.33
C GLY B 141 11.56 1.32 50.29
N VAL B 142 10.26 1.57 50.13
CA VAL B 142 9.76 2.92 49.88
C VAL B 142 9.21 3.49 51.18
N ASP B 143 8.71 4.73 51.11
CA ASP B 143 8.38 5.51 52.28
C ASP B 143 6.87 5.63 52.49
N GLY B 144 6.06 4.96 51.67
CA GLY B 144 4.62 5.05 51.86
C GLY B 144 3.82 4.32 50.78
N LEU B 145 2.49 4.39 50.90
CA LEU B 145 1.58 3.70 50.03
C LEU B 145 0.54 4.68 49.52
N ASP B 146 0.20 4.58 48.23
CA ASP B 146 -0.80 5.43 47.59
C ASP B 146 -1.82 4.54 46.88
N ILE B 147 -3.08 4.55 47.36
CA ILE B 147 -4.13 3.73 46.78
C ILE B 147 -4.85 4.53 45.70
N ALA B 148 -5.05 3.95 44.52
CA ALA B 148 -5.67 4.67 43.41
C ALA B 148 -7.09 4.18 43.20
N ILE B 149 -8.06 5.06 43.47
CA ILE B 149 -9.47 4.71 43.42
C ILE B 149 -10.13 5.53 42.31
N LEU B 150 -10.26 4.95 41.12
CA LEU B 150 -10.67 5.68 39.93
C LEU B 150 -12.11 5.40 39.52
N HIS B 151 -12.62 6.27 38.64
CA HIS B 151 -13.93 6.16 38.05
C HIS B 151 -13.91 5.01 37.05
N GLU B 152 -14.88 4.09 37.20
CA GLU B 152 -15.13 3.04 36.23
C GLU B 152 -16.25 3.49 35.29
N PHE B 153 -16.07 3.26 33.98
CA PHE B 153 -17.14 3.46 33.01
C PHE B 153 -17.98 2.19 32.86
N THR B 154 -17.33 1.03 32.72
CA THR B 154 -18.00 -0.19 32.27
C THR B 154 -18.32 -1.08 33.48
N ASN B 155 -17.31 -1.77 34.01
CA ASN B 155 -17.54 -2.79 35.03
C ASN B 155 -17.44 -2.15 36.42
N LYS B 156 -18.45 -1.31 36.72
CA LYS B 156 -18.48 -0.53 37.95
C LYS B 156 -18.40 -1.46 39.15
N ARG B 157 -17.76 -0.99 40.22
CA ARG B 157 -17.50 -1.82 41.38
C ARG B 157 -18.76 -1.94 42.24
N THR B 158 -18.99 -3.18 42.71
CA THR B 158 -20.15 -3.50 43.52
C THR B 158 -20.00 -2.81 44.87
N PRO B 159 -21.10 -2.30 45.47
CA PRO B 159 -21.07 -1.81 46.86
C PRO B 159 -20.33 -2.73 47.85
N GLU B 160 -20.36 -4.04 47.60
CA GLU B 160 -19.68 -5.01 48.45
C GLU B 160 -18.16 -4.88 48.28
N GLU B 161 -17.73 -4.54 47.05
CA GLU B 161 -16.32 -4.40 46.72
C GLU B 161 -15.75 -3.14 47.37
N ASP B 162 -16.46 -2.01 47.22
CA ASP B 162 -16.00 -0.74 47.77
C ASP B 162 -15.99 -0.80 49.29
N ALA B 163 -16.99 -1.50 49.87
CA ALA B 163 -17.09 -1.62 51.31
C ALA B 163 -15.90 -2.42 51.84
N ARG B 164 -15.47 -3.44 51.10
CA ARG B 164 -14.31 -4.23 51.48
C ARG B 164 -13.06 -3.35 51.38
N ALA B 165 -12.89 -2.69 50.23
CA ALA B 165 -11.75 -1.82 49.99
C ALA B 165 -11.53 -0.91 51.20
N LEU B 166 -12.60 -0.22 51.62
CA LEU B 166 -12.54 0.70 52.75
C LEU B 166 -12.08 -0.02 54.02
N ASN B 167 -12.63 -1.22 54.28
CA ASN B 167 -12.31 -1.97 55.47
C ASN B 167 -10.83 -2.38 55.46
N VAL B 168 -10.32 -2.72 54.27
CA VAL B 168 -8.93 -3.11 54.12
C VAL B 168 -8.04 -1.88 54.31
N PHE B 169 -8.51 -0.75 53.77
CA PHE B 169 -7.78 0.51 53.78
C PHE B 169 -7.62 1.00 55.23
N LYS B 170 -8.71 0.89 56.00
CA LYS B 170 -8.72 1.32 57.40
C LYS B 170 -7.77 0.46 58.22
N GLU B 171 -7.58 -0.80 57.82
CA GLU B 171 -6.64 -1.69 58.49
C GLU B 171 -5.21 -1.29 58.14
N ILE B 172 -5.00 -0.83 56.89
CA ILE B 172 -3.69 -0.35 56.47
C ILE B 172 -3.36 0.90 57.28
N ALA B 173 -4.39 1.71 57.57
CA ALA B 173 -4.23 2.95 58.32
C ALA B 173 -3.81 2.69 59.76
N GLN B 174 -4.00 1.46 60.25
CA GLN B 174 -3.56 1.08 61.58
C GLN B 174 -2.06 0.80 61.57
N LEU B 175 -1.53 0.36 60.42
CA LEU B 175 -0.15 -0.09 60.31
C LEU B 175 0.76 1.08 59.91
N ILE B 176 0.32 1.85 58.90
CA ILE B 176 1.10 2.97 58.37
C ILE B 176 0.24 4.23 58.40
N GLY B 177 0.90 5.39 58.23
CA GLY B 177 0.21 6.66 58.11
C GLY B 177 0.31 7.49 59.39
N LYS B 178 -0.38 8.63 59.42
CA LYS B 178 -0.35 9.56 60.54
C LYS B 178 -0.84 8.87 61.81
N ASN B 179 -1.73 7.88 61.65
CA ASN B 179 -2.41 7.25 62.78
C ASN B 179 -2.03 5.78 62.89
N GLY B 180 -0.93 5.38 62.23
CA GLY B 180 -0.51 3.99 62.21
C GLY B 180 0.51 3.70 63.30
N SER B 181 0.84 2.41 63.47
CA SER B 181 1.96 1.98 64.27
C SER B 181 3.24 2.62 63.74
N ASP B 182 3.47 2.49 62.43
CA ASP B 182 4.65 3.01 61.77
C ASP B 182 4.31 4.36 61.14
N LYS B 183 4.84 5.44 61.72
CA LYS B 183 4.57 6.79 61.24
C LYS B 183 5.72 7.27 60.36
N SER B 184 6.65 6.38 60.01
CA SER B 184 7.71 6.70 59.08
C SER B 184 7.23 6.48 57.64
N LYS B 185 5.92 6.25 57.48
CA LYS B 185 5.35 5.90 56.19
C LYS B 185 4.12 6.78 55.93
N LEU B 186 4.08 7.36 54.72
CA LEU B 186 2.96 8.16 54.26
C LEU B 186 1.84 7.23 53.80
N LEU B 187 0.59 7.68 53.97
CA LEU B 187 -0.55 6.97 53.42
C LEU B 187 -1.41 7.96 52.63
N ILE B 188 -1.66 7.64 51.37
CA ILE B 188 -2.20 8.58 50.40
C ILE B 188 -3.29 7.88 49.59
N MET B 189 -4.34 8.62 49.25
CA MET B 189 -5.29 8.19 48.25
C MET B 189 -5.23 9.18 47.09
N ASP B 190 -5.19 8.65 45.86
CA ASP B 190 -5.43 9.45 44.68
C ASP B 190 -6.74 8.97 44.06
N THR B 191 -7.50 9.87 43.42
CA THR B 191 -8.83 9.53 42.98
C THR B 191 -9.29 10.43 41.84
N THR B 192 -10.36 10.00 41.16
CA THR B 192 -10.99 10.76 40.09
C THR B 192 -12.51 10.81 40.31
N LEU B 193 -12.95 10.38 41.50
CA LEU B 193 -14.35 10.40 41.88
C LEU B 193 -14.63 11.61 42.77
N SER B 194 -15.80 12.22 42.55
CA SER B 194 -16.27 13.32 43.38
C SER B 194 -16.77 12.75 44.71
N VAL B 195 -16.81 13.60 45.75
CA VAL B 195 -17.11 13.14 47.10
C VAL B 195 -18.44 12.37 47.10
N GLU B 196 -19.41 12.88 46.35
CA GLU B 196 -20.75 12.30 46.27
C GLU B 196 -20.70 10.85 45.79
N ASN B 197 -19.72 10.51 44.93
CA ASN B 197 -19.62 9.17 44.36
C ASN B 197 -18.36 8.45 44.84
N ASN B 198 -17.82 8.87 46.01
CA ASN B 198 -16.56 8.33 46.52
C ASN B 198 -16.78 7.92 47.98
N PRO B 199 -17.45 6.78 48.23
CA PRO B 199 -17.72 6.34 49.59
C PRO B 199 -16.48 5.91 50.37
N ILE B 200 -15.42 5.51 49.65
CA ILE B 200 -14.19 5.06 50.29
C ILE B 200 -13.46 6.27 50.87
N PHE B 201 -13.41 7.36 50.09
CA PHE B 201 -12.81 8.60 50.53
C PHE B 201 -13.43 9.03 51.86
N LYS B 202 -14.75 9.04 51.92
CA LYS B 202 -15.46 9.52 53.11
C LYS B 202 -15.04 8.72 54.33
N GLY B 203 -14.77 7.42 54.14
CA GLY B 203 -14.47 6.53 55.25
C GLY B 203 -13.02 6.57 55.71
N ILE B 204 -12.10 6.96 54.82
CA ILE B 204 -10.68 6.86 55.11
C ILE B 204 -10.05 8.25 55.27
N ALA B 205 -10.80 9.31 54.96
CA ALA B 205 -10.24 10.66 54.87
C ALA B 205 -9.48 11.03 56.15
N GLU B 206 -9.99 10.60 57.30
CA GLU B 206 -9.40 10.98 58.58
C GLU B 206 -7.98 10.42 58.73
N ASP B 207 -7.64 9.37 57.97
CA ASP B 207 -6.36 8.68 58.11
C ASP B 207 -5.40 9.04 56.98
N LEU B 208 -5.87 9.78 55.96
CA LEU B 208 -5.04 10.16 54.83
C LEU B 208 -4.08 11.28 55.22
N ASP B 209 -2.87 11.25 54.65
CA ASP B 209 -1.93 12.36 54.71
C ASP B 209 -2.27 13.34 53.59
N TYR B 210 -2.57 12.81 52.39
CA TYR B 210 -2.91 13.62 51.23
C TYR B 210 -4.01 12.92 50.44
N LEU B 211 -4.90 13.72 49.83
CA LEU B 211 -5.70 13.25 48.71
C LEU B 211 -5.11 13.87 47.45
N LEU B 212 -4.85 13.03 46.44
CA LEU B 212 -4.33 13.52 45.17
C LEU B 212 -5.43 13.39 44.13
N ARG B 213 -6.05 14.52 43.78
CA ARG B 213 -7.12 14.55 42.81
C ARG B 213 -6.54 14.83 41.43
N GLN B 214 -6.69 13.86 40.52
CA GLN B 214 -6.25 13.98 39.14
C GLN B 214 -7.25 14.84 38.37
N TYR B 215 -6.80 15.98 37.82
CA TYR B 215 -7.69 16.89 37.11
C TYR B 215 -7.15 17.14 35.69
N TYR B 216 -6.72 16.08 35.01
CA TYR B 216 -6.12 16.22 33.69
C TYR B 216 -7.16 16.71 32.69
N GLY B 217 -6.76 17.60 31.80
CA GLY B 217 -7.66 18.19 30.82
C GLY B 217 -8.53 19.28 31.46
N SER B 218 -9.36 19.89 30.62
CA SER B 218 -10.20 21.01 31.03
C SER B 218 -11.27 20.52 32.03
N GLN B 219 -11.55 21.34 33.05
CA GLN B 219 -12.53 21.01 34.08
C GLN B 219 -13.69 22.00 34.07
N GLY B 220 -13.95 22.63 32.92
CA GLY B 220 -15.19 23.35 32.69
C GLY B 220 -15.15 24.80 33.18
N GLY B 221 -15.98 25.64 32.54
CA GLY B 221 -16.01 27.07 32.84
C GLY B 221 -14.97 27.84 32.03
N GLU B 222 -15.05 29.18 32.12
CA GLU B 222 -14.17 30.06 31.39
C GLU B 222 -12.71 29.77 31.77
N ALA B 223 -12.46 29.53 33.06
CA ALA B 223 -11.10 29.31 33.56
C ALA B 223 -10.81 27.82 33.76
N GLU B 224 -11.74 26.95 33.33
CA GLU B 224 -11.51 25.52 33.19
C GLU B 224 -11.23 24.86 34.54
N VAL B 225 -11.80 25.39 35.62
CA VAL B 225 -11.53 24.85 36.96
C VAL B 225 -12.84 24.72 37.74
N ASP B 226 -13.98 24.62 37.04
CA ASP B 226 -15.29 24.55 37.68
C ASP B 226 -15.35 23.31 38.57
N THR B 227 -14.94 22.17 38.00
CA THR B 227 -15.05 20.89 38.67
C THR B 227 -14.15 20.85 39.90
N ILE B 228 -13.05 21.61 39.87
CA ILE B 228 -12.08 21.62 40.95
C ILE B 228 -12.69 22.36 42.15
N ASN B 229 -13.28 23.53 41.88
CA ASN B 229 -13.86 24.38 42.91
C ASN B 229 -15.11 23.72 43.50
N SER B 230 -15.92 23.10 42.63
CA SER B 230 -17.13 22.42 43.07
C SER B 230 -16.76 21.22 43.94
N ASP B 231 -15.75 20.47 43.50
CA ASP B 231 -15.28 19.30 44.24
C ASP B 231 -14.71 19.72 45.58
N TRP B 232 -13.91 20.81 45.59
CA TRP B 232 -13.28 21.25 46.82
C TRP B 232 -14.33 21.65 47.85
N ASN B 233 -15.46 22.17 47.36
CA ASN B 233 -16.55 22.60 48.19
C ASN B 233 -17.07 21.45 49.05
N GLN B 234 -16.90 20.22 48.55
CA GLN B 234 -17.28 18.99 49.26
C GLN B 234 -16.07 18.42 50.00
N TYR B 235 -14.89 18.44 49.36
CA TYR B 235 -13.69 17.80 49.91
C TYR B 235 -13.36 18.42 51.27
N GLN B 236 -13.63 19.74 51.42
CA GLN B 236 -13.18 20.51 52.56
C GLN B 236 -13.82 20.05 53.86
N ASN B 237 -14.97 19.38 53.79
CA ASN B 237 -15.66 18.91 54.98
C ASN B 237 -14.92 17.70 55.59
N TYR B 238 -14.10 17.02 54.78
CA TYR B 238 -13.47 15.76 55.17
C TYR B 238 -11.96 15.88 55.37
N ILE B 239 -11.30 16.81 54.64
CA ILE B 239 -9.88 17.03 54.79
C ILE B 239 -9.58 18.51 54.87
N ASP B 240 -8.37 18.84 55.34
CA ASP B 240 -7.86 20.21 55.30
C ASP B 240 -7.28 20.47 53.92
N ALA B 241 -7.28 21.75 53.51
CA ALA B 241 -6.68 22.16 52.24
C ALA B 241 -5.20 21.82 52.21
N SER B 242 -4.57 21.77 53.39
CA SER B 242 -3.15 21.42 53.51
C SER B 242 -2.90 19.96 53.13
N GLN B 243 -3.97 19.20 52.89
CA GLN B 243 -3.89 17.81 52.48
C GLN B 243 -4.28 17.64 51.00
N PHE B 244 -4.62 18.73 50.30
CA PHE B 244 -5.25 18.60 49.00
C PHE B 244 -4.25 18.94 47.90
N MET B 245 -4.19 18.08 46.86
CA MET B 245 -3.20 18.16 45.81
C MET B 245 -3.87 17.85 44.47
N ILE B 246 -3.70 18.73 43.48
CA ILE B 246 -4.33 18.55 42.17
C ILE B 246 -3.26 18.22 41.15
N GLY B 247 -3.61 17.42 40.15
CA GLY B 247 -2.65 16.89 39.19
C GLY B 247 -2.99 17.21 37.74
N PHE B 248 -1.93 17.45 36.96
CA PHE B 248 -2.00 17.47 35.50
C PHE B 248 -1.22 16.27 34.97
N SER B 249 -1.29 16.05 33.66
CA SER B 249 -0.56 14.96 33.02
C SER B 249 0.31 15.50 31.90
N PHE B 250 1.51 14.93 31.78
CA PHE B 250 2.38 15.18 30.65
C PHE B 250 1.86 14.39 29.46
N PHE B 251 2.41 14.68 28.29
CA PHE B 251 2.03 13.99 27.08
C PHE B 251 2.73 12.64 27.05
N GLU B 252 1.93 11.56 27.05
CA GLU B 252 2.47 10.21 26.96
C GLU B 252 2.64 9.86 25.49
N GLU B 253 3.60 8.97 25.20
CA GLU B 253 3.90 8.60 23.84
C GLU B 253 2.77 7.73 23.30
N SER B 254 2.41 7.97 22.03
CA SER B 254 1.49 7.15 21.29
C SER B 254 0.11 7.12 21.96
N ALA B 255 -0.25 8.24 22.62
CA ALA B 255 -1.53 8.35 23.29
C ALA B 255 -2.60 8.67 22.26
N SER B 256 -3.74 7.99 22.40
CA SER B 256 -4.87 8.10 21.49
C SER B 256 -5.97 8.90 22.16
N LYS B 257 -7.08 9.12 21.44
CA LYS B 257 -8.25 9.78 22.00
C LYS B 257 -8.68 9.01 23.24
N GLY B 258 -8.89 9.75 24.34
CA GLY B 258 -9.16 9.14 25.63
C GLY B 258 -8.01 9.37 26.62
N ASN B 259 -6.87 9.81 26.11
CA ASN B 259 -5.71 10.05 26.96
C ASN B 259 -4.92 11.26 26.45
N LEU B 260 -5.60 12.19 25.79
CA LEU B 260 -4.98 13.40 25.28
C LEU B 260 -5.59 14.59 26.04
N TRP B 261 -4.78 15.21 26.90
CA TRP B 261 -5.28 16.15 27.90
C TRP B 261 -4.90 17.59 27.58
N PHE B 262 -3.74 17.78 26.93
CA PHE B 262 -3.25 19.09 26.57
C PHE B 262 -3.03 19.93 27.83
N ASP B 263 -2.29 19.37 28.78
CA ASP B 263 -1.99 20.06 30.03
C ASP B 263 -0.67 20.83 29.91
N VAL B 264 0.10 20.53 28.86
CA VAL B 264 1.33 21.23 28.55
C VAL B 264 1.26 21.68 27.10
N ASN B 265 2.23 22.49 26.66
CA ASN B 265 2.19 23.15 25.37
C ASN B 265 2.31 22.14 24.23
N GLU B 266 1.75 22.50 23.06
CA GLU B 266 1.84 21.66 21.88
C GLU B 266 3.18 21.89 21.19
N TYR B 267 3.55 20.91 20.36
CA TYR B 267 4.69 21.01 19.47
C TYR B 267 4.62 22.31 18.68
N ASP B 268 5.78 22.98 18.59
CA ASP B 268 5.98 24.14 17.74
C ASP B 268 7.15 23.82 16.81
N PRO B 269 6.97 23.90 15.47
CA PRO B 269 8.05 23.53 14.54
C PRO B 269 9.27 24.44 14.52
N ASN B 270 9.19 25.61 15.18
CA ASN B 270 10.28 26.57 15.17
C ASN B 270 10.93 26.71 16.54
N ASN B 271 10.28 26.16 17.57
CA ASN B 271 10.79 26.20 18.93
C ASN B 271 10.74 24.78 19.52
N PRO B 272 11.80 23.97 19.32
CA PRO B 272 11.90 22.66 19.97
C PRO B 272 11.65 22.63 21.48
N GLU B 273 11.86 23.77 22.16
CA GLU B 273 11.83 23.83 23.62
C GLU B 273 10.49 24.28 24.17
N LYS B 274 9.43 24.30 23.34
CA LYS B 274 8.15 24.88 23.73
C LYS B 274 7.52 24.00 24.80
N GLY B 275 7.76 22.69 24.73
CA GLY B 275 7.25 21.76 25.73
C GLY B 275 7.78 22.07 27.13
N LYS B 276 8.92 22.76 27.21
CA LYS B 276 9.57 23.07 28.48
C LYS B 276 9.10 24.42 29.02
N ASP B 277 8.41 25.21 28.19
CA ASP B 277 7.81 26.47 28.62
C ASP B 277 6.50 26.17 29.35
N ILE B 278 6.30 26.77 30.54
CA ILE B 278 5.10 26.52 31.32
C ILE B 278 4.12 27.67 31.16
N GLU B 279 4.35 28.57 30.21
CA GLU B 279 3.57 29.79 30.16
C GLU B 279 2.28 29.46 29.42
N GLY B 280 1.14 29.80 30.03
CA GLY B 280 -0.16 29.49 29.48
C GLY B 280 -0.44 27.99 29.42
N THR B 281 -0.08 27.26 30.48
CA THR B 281 -0.32 25.83 30.57
C THR B 281 -1.28 25.56 31.72
N ARG B 282 -2.05 24.48 31.61
CA ARG B 282 -2.91 24.03 32.69
C ARG B 282 -2.06 23.66 33.92
N ALA B 283 -0.81 23.26 33.66
CA ALA B 283 0.15 22.95 34.71
C ALA B 283 0.41 24.18 35.57
N LYS B 284 0.67 25.33 34.91
CA LYS B 284 0.91 26.58 35.61
C LYS B 284 -0.37 27.02 36.32
N LYS B 285 -1.52 26.79 35.68
CA LYS B 285 -2.81 27.16 36.24
C LYS B 285 -3.03 26.43 37.56
N TYR B 286 -2.65 25.14 37.62
CA TYR B 286 -2.87 24.33 38.79
C TYR B 286 -1.88 24.73 39.89
N ALA B 287 -0.64 25.05 39.51
CA ALA B 287 0.33 25.57 40.46
C ALA B 287 -0.22 26.83 41.13
N GLU B 288 -0.83 27.71 40.31
CA GLU B 288 -1.36 28.98 40.76
C GLU B 288 -2.67 28.81 41.52
N TRP B 289 -3.54 27.87 41.07
CA TRP B 289 -4.86 27.69 41.65
C TRP B 289 -4.77 27.43 43.16
N GLN B 290 -5.72 28.02 43.91
CA GLN B 290 -5.90 27.79 45.33
C GLN B 290 -7.38 27.68 45.64
N PRO B 291 -7.78 26.93 46.69
CA PRO B 291 -9.18 26.90 47.14
C PRO B 291 -9.69 28.26 47.60
N SER B 292 -11.01 28.48 47.46
CA SER B 292 -11.66 29.67 47.97
C SER B 292 -11.67 29.63 49.50
N THR B 293 -11.81 28.42 50.05
CA THR B 293 -12.13 28.23 51.45
C THR B 293 -11.13 27.26 52.08
N GLY B 294 -11.05 27.27 53.42
CA GLY B 294 -10.20 26.34 54.14
C GLY B 294 -8.76 26.83 54.26
N GLY B 295 -8.07 26.96 53.12
CA GLY B 295 -6.70 27.41 53.11
C GLY B 295 -5.98 27.08 51.81
N LEU B 296 -4.70 27.40 51.77
CA LEU B 296 -3.87 27.11 50.61
C LEU B 296 -3.75 25.59 50.47
N LYS B 297 -3.66 25.13 49.22
CA LYS B 297 -3.56 23.71 48.92
C LYS B 297 -2.17 23.22 49.27
N ALA B 298 -1.98 21.89 49.22
CA ALA B 298 -0.72 21.27 49.59
C ALA B 298 0.28 21.43 48.46
N GLY B 299 -0.19 21.26 47.21
CA GLY B 299 0.63 21.47 46.03
C GLY B 299 -0.02 20.88 44.78
N ILE B 300 0.81 20.56 43.79
CA ILE B 300 0.35 19.89 42.57
C ILE B 300 1.20 18.65 42.34
N PHE B 301 0.73 17.79 41.44
CA PHE B 301 1.52 16.66 40.99
C PHE B 301 1.36 16.51 39.48
N SER B 302 2.29 15.76 38.88
CA SER B 302 2.27 15.49 37.45
C SER B 302 2.11 14.01 37.24
N TYR B 303 1.47 13.62 36.14
CA TYR B 303 1.47 12.23 35.72
C TYR B 303 2.53 12.05 34.63
N ALA B 304 3.29 10.96 34.73
CA ALA B 304 4.32 10.61 33.75
C ALA B 304 5.41 11.68 33.71
N ILE B 305 6.03 11.91 34.88
CA ILE B 305 7.08 12.91 35.03
C ILE B 305 8.25 12.58 34.11
N ASP B 306 8.40 11.30 33.75
CA ASP B 306 9.43 10.86 32.83
C ASP B 306 9.27 11.53 31.46
N ARG B 307 8.13 12.19 31.23
CA ARG B 307 7.86 12.86 29.96
C ARG B 307 7.92 14.37 30.13
N ASP B 308 8.53 14.83 31.22
CA ASP B 308 8.65 16.25 31.52
C ASP B 308 9.43 16.95 30.41
N GLY B 309 8.77 17.88 29.72
CA GLY B 309 9.43 18.72 28.74
C GLY B 309 9.01 18.40 27.31
N VAL B 310 8.47 17.20 27.08
CA VAL B 310 8.06 16.78 25.75
C VAL B 310 6.80 17.55 25.40
N ALA B 311 6.80 18.15 24.21
CA ALA B 311 5.65 18.92 23.74
C ALA B 311 4.48 17.98 23.48
N HIS B 312 3.26 18.52 23.60
CA HIS B 312 2.07 17.75 23.31
C HIS B 312 1.97 17.58 21.79
N VAL B 313 1.32 16.47 21.38
CA VAL B 313 1.00 16.27 19.98
C VAL B 313 -0.01 17.34 19.57
N PRO B 314 0.13 17.99 18.39
CA PRO B 314 -0.80 19.03 17.96
C PRO B 314 -2.28 18.67 17.98
N SER B 315 -3.12 19.71 18.13
CA SER B 315 -4.57 19.59 18.18
C SER B 315 -5.11 18.78 17.01
N THR B 316 -4.40 18.81 15.87
CA THR B 316 -4.81 18.15 14.66
C THR B 316 -4.82 16.63 14.84
N TYR B 317 -4.14 16.12 15.88
CA TYR B 317 -4.08 14.69 16.13
C TYR B 317 -5.04 14.29 17.24
N LYS B 318 -5.99 15.18 17.56
CA LYS B 318 -6.81 15.10 18.76
C LYS B 318 -7.64 13.83 18.77
N ASN B 319 -8.01 13.31 17.59
CA ASN B 319 -8.91 12.18 17.48
C ASN B 319 -8.23 10.97 16.87
N ARG B 320 -6.90 10.90 16.94
CA ARG B 320 -6.17 9.72 16.49
C ARG B 320 -6.51 8.55 17.41
N THR B 321 -6.44 7.32 16.90
CA THR B 321 -6.86 6.12 17.62
C THR B 321 -5.83 5.00 17.46
N SER B 322 -6.01 3.93 18.24
CA SER B 322 -5.08 2.81 18.28
C SER B 322 -4.94 2.15 16.91
N THR B 323 -6.06 2.01 16.19
CA THR B 323 -6.05 1.50 14.83
C THR B 323 -5.55 2.61 13.91
N ASN B 324 -6.41 3.64 13.73
CA ASN B 324 -6.07 4.84 12.97
C ASN B 324 -5.06 5.65 13.78
N LEU B 325 -3.78 5.27 13.67
CA LEU B 325 -2.70 5.92 14.41
C LEU B 325 -1.88 6.81 13.46
N GLN B 326 -1.79 8.09 13.84
CA GLN B 326 -0.97 9.05 13.10
C GLN B 326 0.15 9.49 14.05
N ARG B 327 1.33 8.90 13.90
CA ARG B 327 2.44 9.18 14.80
C ARG B 327 3.09 10.51 14.42
N HIS B 328 3.95 10.99 15.31
CA HIS B 328 4.49 12.33 15.28
C HIS B 328 5.84 12.31 15.97
N GLU B 329 6.65 13.33 15.70
CA GLU B 329 7.98 13.47 16.28
C GLU B 329 7.94 13.30 17.80
N VAL B 330 6.89 13.83 18.45
CA VAL B 330 6.83 13.94 19.90
C VAL B 330 6.50 12.60 20.54
N ASP B 331 6.13 11.59 19.72
CA ASP B 331 5.87 10.25 20.21
C ASP B 331 7.18 9.50 20.47
N ASN B 332 8.31 10.07 20.04
CA ASN B 332 9.61 9.49 20.29
C ASN B 332 9.99 9.71 21.75
N ILE B 333 10.89 8.85 22.24
CA ILE B 333 11.30 8.87 23.63
C ILE B 333 12.58 9.69 23.74
N SER B 334 12.76 10.38 24.88
CA SER B 334 13.80 11.38 25.03
C SER B 334 14.23 11.43 26.49
N HIS B 335 15.49 11.79 26.72
CA HIS B 335 15.96 12.08 28.06
C HIS B 335 15.33 13.39 28.51
N THR B 336 15.04 13.50 29.83
CA THR B 336 14.42 14.69 30.38
C THR B 336 15.32 15.36 31.43
N ASP B 337 15.22 16.69 31.49
CA ASP B 337 15.89 17.49 32.51
C ASP B 337 14.98 17.79 33.68
N TYR B 338 13.69 17.41 33.57
CA TYR B 338 12.67 17.75 34.55
C TYR B 338 12.56 19.27 34.66
N THR B 339 12.66 19.95 33.50
CA THR B 339 12.66 21.40 33.45
C THR B 339 11.33 21.98 33.91
N VAL B 340 10.21 21.37 33.48
CA VAL B 340 8.88 21.84 33.80
C VAL B 340 8.59 21.66 35.28
N SER B 341 8.99 20.50 35.83
CA SER B 341 8.77 20.17 37.22
C SER B 341 9.43 21.20 38.14
N ARG B 342 10.64 21.63 37.76
CA ARG B 342 11.43 22.52 38.60
C ARG B 342 10.90 23.94 38.50
N LYS B 343 10.35 24.30 37.33
CA LYS B 343 9.73 25.60 37.14
C LYS B 343 8.45 25.70 37.96
N LEU B 344 7.68 24.61 37.99
CA LEU B 344 6.41 24.58 38.70
C LEU B 344 6.62 24.56 40.20
N LYS B 345 7.71 23.92 40.65
CA LYS B 345 8.02 23.88 42.08
C LYS B 345 8.49 25.26 42.51
N THR B 346 9.37 25.87 41.71
CA THR B 346 9.91 27.18 42.03
C THR B 346 8.79 28.22 42.05
N LEU B 347 7.84 28.11 41.12
CA LEU B 347 6.73 29.02 41.02
C LEU B 347 5.95 29.03 42.33
N MET B 348 5.69 27.84 42.86
CA MET B 348 4.84 27.70 44.03
C MET B 348 5.57 28.22 45.27
N THR B 349 6.88 27.93 45.39
CA THR B 349 7.66 28.35 46.54
C THR B 349 7.98 29.84 46.48
N GLU B 350 7.81 30.47 45.32
CA GLU B 350 8.01 31.90 45.17
C GLU B 350 6.68 32.65 45.25
N ASP B 351 5.56 31.91 45.42
CA ASP B 351 4.24 32.52 45.57
C ASP B 351 4.18 33.18 46.94
N LYS B 352 3.65 34.41 47.01
CA LYS B 352 3.73 35.19 48.23
C LYS B 352 2.70 34.73 49.25
N ARG B 353 1.69 33.98 48.81
CA ARG B 353 0.65 33.51 49.70
C ARG B 353 1.23 32.50 50.66
N TYR B 354 2.23 31.73 50.21
CA TYR B 354 2.85 30.73 51.06
C TYR B 354 3.91 31.38 51.96
N ASP B 355 4.00 32.72 51.96
CA ASP B 355 4.81 33.41 52.96
C ASP B 355 4.22 33.14 54.34
N VAL B 356 5.08 32.99 55.34
CA VAL B 356 4.63 32.63 56.67
C VAL B 356 4.04 33.85 57.38
N ILE B 357 3.16 33.56 58.34
CA ILE B 357 2.54 34.54 59.20
C ILE B 357 3.61 35.14 60.13
N ASP B 358 3.76 36.46 60.08
CA ASP B 358 4.78 37.17 60.86
C ASP B 358 4.08 38.17 61.79
N GLN B 359 4.87 38.96 62.53
CA GLN B 359 4.35 39.90 63.49
C GLN B 359 3.64 41.06 62.79
N LYS B 360 3.88 41.22 61.48
CA LYS B 360 3.21 42.23 60.68
C LYS B 360 1.76 41.84 60.46
N ASP B 361 1.44 40.54 60.64
CA ASP B 361 0.07 40.06 60.52
C ASP B 361 -0.58 40.04 61.91
N ILE B 362 -0.01 39.21 62.80
CA ILE B 362 -0.47 39.08 64.17
C ILE B 362 0.66 39.48 65.10
N PRO B 363 0.63 40.68 65.73
CA PRO B 363 1.70 41.12 66.63
C PRO B 363 1.91 40.23 67.84
N ASP B 364 0.82 39.94 68.57
CA ASP B 364 0.90 39.20 69.82
C ASP B 364 1.46 37.80 69.51
N PRO B 365 2.62 37.43 70.08
CA PRO B 365 3.21 36.10 69.82
C PRO B 365 2.32 34.95 70.28
N ALA B 366 1.61 35.14 71.39
CA ALA B 366 0.77 34.10 71.96
C ALA B 366 -0.44 33.81 71.06
N LEU B 367 -1.01 34.86 70.47
CA LEU B 367 -2.14 34.72 69.55
C LEU B 367 -1.68 34.13 68.23
N ARG B 368 -0.52 34.61 67.76
CA ARG B 368 0.06 34.16 66.50
C ARG B 368 0.25 32.65 66.54
N GLU B 369 0.79 32.15 67.67
CA GLU B 369 1.04 30.73 67.87
C GLU B 369 -0.23 29.94 67.65
N GLN B 370 -1.32 30.32 68.33
CA GLN B 370 -2.55 29.55 68.35
C GLN B 370 -3.24 29.58 66.98
N ILE B 371 -3.23 30.74 66.32
CA ILE B 371 -3.83 30.87 65.01
C ILE B 371 -3.10 29.97 64.02
N ILE B 372 -1.77 29.92 64.12
CA ILE B 372 -0.97 29.10 63.23
C ILE B 372 -1.34 27.63 63.41
N GLN B 373 -1.51 27.19 64.66
CA GLN B 373 -1.80 25.79 64.95
C GLN B 373 -3.16 25.40 64.39
N GLN B 374 -4.08 26.37 64.25
CA GLN B 374 -5.47 26.07 63.98
C GLN B 374 -5.85 26.33 62.52
N VAL B 375 -5.29 27.37 61.89
CA VAL B 375 -5.72 27.78 60.55
C VAL B 375 -4.65 27.44 59.52
N GLY B 376 -3.38 27.44 59.92
CA GLY B 376 -2.27 27.24 58.98
C GLY B 376 -1.15 28.24 59.22
N GLN B 377 -0.04 28.07 58.50
CA GLN B 377 1.18 28.82 58.79
C GLN B 377 1.45 29.85 57.70
N TYR B 378 0.55 29.96 56.71
CA TYR B 378 0.77 30.81 55.55
C TYR B 378 -0.17 32.00 55.59
N LYS B 379 0.26 33.11 54.99
CA LYS B 379 -0.52 34.34 54.92
C LYS B 379 -1.85 34.06 54.22
N GLY B 380 -1.79 33.27 53.14
CA GLY B 380 -2.95 33.00 52.31
C GLY B 380 -3.98 32.09 52.97
N ASP B 381 -3.65 31.53 54.14
CA ASP B 381 -4.60 30.70 54.88
C ASP B 381 -5.63 31.59 55.58
N LEU B 382 -5.21 32.79 56.01
CA LEU B 382 -6.01 33.67 56.85
C LEU B 382 -7.30 34.09 56.13
N GLU B 383 -7.11 34.55 54.91
CA GLU B 383 -8.16 34.89 53.95
C GLU B 383 -9.21 33.81 53.79
N ARG B 384 -8.79 32.55 53.89
CA ARG B 384 -9.56 31.42 53.37
C ARG B 384 -10.18 30.59 54.50
N TYR B 385 -9.51 30.52 55.65
CA TYR B 385 -9.96 29.67 56.74
C TYR B 385 -11.39 30.04 57.10
N ASN B 386 -12.26 29.02 57.20
CA ASN B 386 -13.70 29.26 57.29
C ASN B 386 -14.35 28.28 58.27
N LYS B 387 -13.67 28.02 59.39
CA LYS B 387 -14.15 27.06 60.38
C LYS B 387 -14.08 27.74 61.74
N THR B 388 -13.65 27.02 62.78
CA THR B 388 -13.65 27.55 64.13
C THR B 388 -12.23 27.90 64.57
N LEU B 389 -12.11 28.95 65.39
CA LEU B 389 -10.87 29.31 66.04
C LEU B 389 -11.14 29.45 67.53
N VAL B 390 -10.44 28.67 68.36
CA VAL B 390 -10.59 28.73 69.79
C VAL B 390 -9.32 29.33 70.39
N LEU B 391 -9.46 30.54 70.96
CA LEU B 391 -8.37 31.24 71.61
C LEU B 391 -8.49 31.08 73.12
N THR B 392 -7.38 30.70 73.77
CA THR B 392 -7.38 30.34 75.17
C THR B 392 -6.16 30.92 75.87
N GLY B 393 -6.24 31.04 77.20
CA GLY B 393 -5.06 31.24 78.03
C GLY B 393 -4.79 32.72 78.33
N ASP B 394 -3.89 32.92 79.29
CA ASP B 394 -3.67 34.22 79.92
C ASP B 394 -2.50 34.95 79.28
N LYS B 395 -1.93 34.38 78.21
CA LYS B 395 -0.74 34.96 77.61
C LYS B 395 -1.12 36.01 76.57
N ILE B 396 -2.31 35.88 76.00
CA ILE B 396 -2.80 36.80 74.99
C ILE B 396 -3.13 38.14 75.65
N GLN B 397 -2.53 39.22 75.13
CA GLN B 397 -2.74 40.57 75.64
C GLN B 397 -3.76 41.31 74.78
N ASN B 398 -3.57 41.23 73.44
CA ASN B 398 -4.41 41.92 72.49
C ASN B 398 -4.72 40.99 71.31
N LEU B 399 -5.81 41.31 70.60
CA LEU B 399 -6.37 40.45 69.57
C LEU B 399 -6.14 41.05 68.19
N LYS B 400 -5.08 41.86 68.03
CA LYS B 400 -4.80 42.49 66.75
C LYS B 400 -4.37 41.43 65.74
N GLY B 401 -4.88 41.55 64.51
CA GLY B 401 -4.56 40.62 63.44
C GLY B 401 -5.67 39.61 63.19
N LEU B 402 -6.57 39.50 64.17
CA LEU B 402 -7.68 38.56 64.13
C LEU B 402 -8.69 38.98 63.07
N GLU B 403 -8.62 40.25 62.64
CA GLU B 403 -9.52 40.79 61.62
C GLU B 403 -9.21 40.19 60.25
N LYS B 404 -8.02 39.59 60.09
CA LYS B 404 -7.58 39.05 58.82
C LYS B 404 -8.29 37.74 58.48
N LEU B 405 -8.89 37.10 59.49
CA LEU B 405 -9.61 35.85 59.29
C LEU B 405 -11.01 36.15 58.74
N SER B 406 -11.05 36.67 57.52
CA SER B 406 -12.25 37.24 56.93
C SER B 406 -13.43 36.25 56.86
N LYS B 407 -13.13 34.95 56.76
CA LYS B 407 -14.18 33.97 56.48
C LYS B 407 -14.50 33.13 57.71
N LEU B 408 -13.86 33.44 58.86
CA LEU B 408 -14.01 32.64 60.06
C LEU B 408 -15.48 32.51 60.42
N GLN B 409 -15.92 31.26 60.65
CA GLN B 409 -17.32 30.96 60.86
C GLN B 409 -17.66 31.00 62.34
N LYS B 410 -16.67 30.85 63.21
CA LYS B 410 -16.92 30.89 64.64
C LYS B 410 -15.65 31.27 65.39
N LEU B 411 -15.81 32.17 66.36
CA LEU B 411 -14.72 32.58 67.24
C LEU B 411 -15.13 32.31 68.68
N GLU B 412 -14.32 31.48 69.38
CA GLU B 412 -14.54 31.21 70.80
C GLU B 412 -13.40 31.84 71.58
N LEU B 413 -13.76 32.76 72.49
CA LEU B 413 -12.80 33.39 73.38
C LEU B 413 -13.00 32.80 74.78
N ARG B 414 -12.04 31.95 75.19
CA ARG B 414 -12.17 31.14 76.39
C ARG B 414 -11.05 31.49 77.39
N GLN B 415 -11.43 32.14 78.49
CA GLN B 415 -10.56 32.41 79.62
C GLN B 415 -9.36 33.27 79.22
N LEU B 416 -9.58 34.23 78.32
CA LEU B 416 -8.58 35.21 77.96
C LEU B 416 -8.57 36.32 79.01
N SER B 417 -7.75 36.11 80.05
CA SER B 417 -7.82 36.90 81.27
C SER B 417 -7.04 38.21 81.14
N ASN B 418 -6.14 38.31 80.15
CA ASN B 418 -5.35 39.53 79.95
C ASN B 418 -5.87 40.35 78.77
N VAL B 419 -6.96 39.89 78.13
CA VAL B 419 -7.63 40.70 77.14
C VAL B 419 -8.59 41.64 77.87
N LYS B 420 -8.42 42.94 77.65
CA LYS B 420 -9.15 43.98 78.38
C LYS B 420 -10.14 44.72 77.47
N GLU B 421 -9.96 44.61 76.15
CA GLU B 421 -10.77 45.36 75.21
C GLU B 421 -11.11 44.48 74.00
N ILE B 422 -12.40 44.50 73.62
CA ILE B 422 -12.84 43.97 72.35
C ILE B 422 -13.53 45.09 71.57
N THR B 423 -12.92 45.44 70.43
CA THR B 423 -13.45 46.45 69.54
C THR B 423 -13.89 45.77 68.25
N PRO B 424 -14.79 46.39 67.47
CA PRO B 424 -15.22 45.82 66.19
C PRO B 424 -14.14 45.75 65.11
N GLU B 425 -13.10 46.57 65.25
CA GLU B 425 -12.02 46.62 64.27
C GLU B 425 -11.07 45.44 64.47
N LEU B 426 -11.18 44.74 65.62
CA LEU B 426 -10.36 43.57 65.90
C LEU B 426 -10.99 42.31 65.27
N LEU B 427 -12.33 42.23 65.30
CA LEU B 427 -13.04 41.02 64.91
C LEU B 427 -13.10 40.93 63.38
N PRO B 428 -13.28 39.73 62.80
CA PRO B 428 -13.29 39.56 61.34
C PRO B 428 -14.58 39.99 60.66
N GLU B 429 -14.50 40.29 59.35
CA GLU B 429 -15.66 40.80 58.62
C GLU B 429 -16.79 39.77 58.64
N SER B 430 -16.50 38.50 58.92
CA SER B 430 -17.53 37.47 58.96
C SER B 430 -18.53 37.72 60.10
N MET B 431 -18.13 38.53 61.08
CA MET B 431 -19.00 38.82 62.23
C MET B 431 -20.20 39.67 61.78
N LYS B 432 -20.06 40.35 60.65
CA LYS B 432 -21.11 41.21 60.13
C LYS B 432 -22.11 40.38 59.33
N LYS B 433 -21.80 39.10 59.09
CA LYS B 433 -22.61 38.20 58.30
C LYS B 433 -22.89 36.92 59.10
N ASP B 434 -23.03 37.08 60.43
CA ASP B 434 -23.64 36.08 61.31
C ASP B 434 -22.66 34.99 61.74
N ALA B 435 -21.35 35.21 61.61
CA ALA B 435 -20.41 34.30 62.25
C ALA B 435 -20.71 34.23 63.74
N GLU B 436 -20.45 33.08 64.35
CA GLU B 436 -20.73 32.88 65.77
C GLU B 436 -19.60 33.49 66.59
N LEU B 437 -20.00 34.01 67.77
CA LEU B 437 -19.07 34.65 68.68
C LEU B 437 -19.40 34.21 70.10
N VAL B 438 -18.52 33.37 70.65
CA VAL B 438 -18.66 32.85 72.00
C VAL B 438 -17.57 33.47 72.86
N MET B 439 -17.93 33.90 74.07
CA MET B 439 -16.89 34.30 75.01
C MET B 439 -17.31 33.93 76.44
N VAL B 440 -16.40 33.19 77.09
CA VAL B 440 -16.63 32.61 78.40
C VAL B 440 -15.37 32.85 79.23
N GLY B 441 -15.54 33.37 80.45
CA GLY B 441 -14.45 33.51 81.39
C GLY B 441 -13.53 34.68 81.05
N MET B 442 -14.10 35.75 80.48
CA MET B 442 -13.33 36.93 80.09
C MET B 442 -13.17 37.84 81.30
N THR B 443 -12.35 37.38 82.25
CA THR B 443 -12.31 37.95 83.59
C THR B 443 -11.56 39.27 83.60
N GLY B 444 -10.76 39.56 82.56
CA GLY B 444 -9.99 40.79 82.48
C GLY B 444 -10.64 41.86 81.59
N LEU B 445 -11.61 41.42 80.78
CA LEU B 445 -12.30 42.29 79.83
C LEU B 445 -13.12 43.34 80.57
N GLU B 446 -12.86 44.63 80.27
CA GLU B 446 -13.59 45.73 80.88
C GLU B 446 -14.46 46.46 79.86
N LYS B 447 -14.21 46.25 78.55
CA LYS B 447 -14.88 46.99 77.50
C LYS B 447 -15.28 46.03 76.38
N LEU B 448 -16.59 45.95 76.12
CA LEU B 448 -17.12 45.09 75.09
C LEU B 448 -17.84 45.94 74.04
N ASN B 449 -17.14 46.21 72.93
CA ASN B 449 -17.70 46.96 71.83
C ASN B 449 -17.96 46.03 70.66
N LEU B 450 -19.25 45.79 70.37
CA LEU B 450 -19.67 44.98 69.24
C LEU B 450 -20.53 45.81 68.29
N SER B 451 -20.30 47.13 68.28
CA SER B 451 -21.13 48.04 67.52
C SER B 451 -20.86 47.90 66.03
N GLY B 452 -21.94 47.89 65.24
CA GLY B 452 -21.84 47.92 63.80
C GLY B 452 -21.41 46.58 63.21
N LEU B 453 -21.89 45.48 63.79
CA LEU B 453 -21.56 44.13 63.33
C LEU B 453 -22.84 43.36 62.96
N ASN B 454 -23.96 44.08 62.83
CA ASN B 454 -25.22 43.51 62.39
C ASN B 454 -25.57 42.27 63.19
N ARG B 455 -25.18 42.23 64.48
CA ARG B 455 -25.46 41.07 65.30
C ARG B 455 -26.98 40.94 65.42
N GLN B 456 -27.51 39.76 65.06
CA GLN B 456 -28.95 39.52 65.09
C GLN B 456 -29.34 38.88 66.42
N THR B 457 -28.34 38.49 67.22
CA THR B 457 -28.56 37.86 68.49
C THR B 457 -27.35 38.07 69.38
N LEU B 458 -27.54 37.91 70.70
CA LEU B 458 -26.46 38.07 71.65
C LEU B 458 -25.97 36.71 72.18
N ASP B 459 -26.30 35.65 71.43
CA ASP B 459 -26.01 34.28 71.84
C ASP B 459 -24.51 34.06 71.82
N GLY B 460 -24.01 33.33 72.83
CA GLY B 460 -22.60 32.98 72.91
C GLY B 460 -21.86 33.80 73.97
N ILE B 461 -22.38 34.98 74.30
CA ILE B 461 -21.74 35.83 75.29
C ILE B 461 -22.19 35.39 76.68
N ASP B 462 -21.31 34.66 77.37
CA ASP B 462 -21.56 34.22 78.73
C ASP B 462 -21.34 35.41 79.65
N VAL B 463 -22.42 36.15 79.93
CA VAL B 463 -22.36 37.44 80.59
C VAL B 463 -21.93 37.31 82.06
N ASN B 464 -22.09 36.11 82.64
CA ASN B 464 -21.85 35.91 84.06
C ASN B 464 -20.36 35.84 84.37
N SER B 465 -19.55 35.46 83.36
CA SER B 465 -18.13 35.26 83.55
C SER B 465 -17.34 36.54 83.22
N ILE B 466 -18.03 37.52 82.62
CA ILE B 466 -17.45 38.82 82.30
C ILE B 466 -17.59 39.72 83.53
N THR B 467 -16.75 39.47 84.53
CA THR B 467 -16.98 39.96 85.88
C THR B 467 -16.30 41.31 86.14
N HIS B 468 -15.51 41.79 85.18
CA HIS B 468 -14.79 43.06 85.35
C HIS B 468 -15.26 44.07 84.31
N LEU B 469 -16.52 43.92 83.87
CA LEU B 469 -17.05 44.77 82.80
C LEU B 469 -17.43 46.14 83.38
N THR B 470 -17.13 47.19 82.61
CA THR B 470 -17.34 48.57 83.03
C THR B 470 -18.09 49.35 81.95
N SER B 471 -17.89 48.96 80.68
CA SER B 471 -18.59 49.58 79.56
C SER B 471 -18.89 48.55 78.48
N PHE B 472 -19.95 48.82 77.70
CA PHE B 472 -20.26 48.04 76.52
C PHE B 472 -21.00 48.91 75.51
N ASP B 473 -20.88 48.53 74.23
CA ASP B 473 -21.58 49.17 73.14
C ASP B 473 -22.02 48.06 72.17
N ILE B 474 -23.32 47.79 72.14
CA ILE B 474 -23.90 46.83 71.21
C ILE B 474 -24.86 47.56 70.28
N SER B 475 -24.56 48.84 70.02
CA SER B 475 -25.38 49.69 69.16
C SER B 475 -25.09 49.40 67.69
N HIS B 476 -26.00 49.85 66.81
CA HIS B 476 -25.85 49.64 65.38
C HIS B 476 -25.67 48.16 65.08
N ASN B 477 -26.54 47.34 65.68
CA ASN B 477 -26.62 45.92 65.35
C ASN B 477 -28.02 45.66 64.80
N SER B 478 -28.39 44.38 64.68
CA SER B 478 -29.71 44.01 64.17
C SER B 478 -30.47 43.22 65.23
N LEU B 479 -30.45 43.74 66.48
CA LEU B 479 -31.01 43.05 67.62
C LEU B 479 -32.47 43.42 67.77
N ASP B 480 -33.24 42.46 68.30
CA ASP B 480 -34.60 42.69 68.75
C ASP B 480 -34.58 42.73 70.28
N LEU B 481 -34.74 43.94 70.84
CA LEU B 481 -34.65 44.14 72.28
C LEU B 481 -36.03 44.42 72.86
N SER B 482 -37.07 43.86 72.22
CA SER B 482 -38.44 44.03 72.70
C SER B 482 -38.63 43.26 74.00
N GLU B 483 -39.77 43.49 74.66
CA GLU B 483 -39.99 43.10 76.04
C GLU B 483 -39.74 41.60 76.21
N LYS B 484 -40.34 40.78 75.33
CA LYS B 484 -40.35 39.33 75.53
C LYS B 484 -39.27 38.67 74.69
N SER B 485 -38.12 39.33 74.56
CA SER B 485 -37.01 38.81 73.77
C SER B 485 -35.90 38.35 74.71
N GLU B 486 -35.18 37.29 74.29
CA GLU B 486 -34.04 36.78 75.03
C GLU B 486 -32.92 37.82 75.04
N ASP B 487 -32.77 38.55 73.92
CA ASP B 487 -31.69 39.50 73.74
C ASP B 487 -31.84 40.67 74.72
N ARG B 488 -33.07 41.02 75.07
CA ARG B 488 -33.30 42.04 76.07
C ARG B 488 -32.83 41.54 77.44
N LYS B 489 -33.04 40.25 77.70
CA LYS B 489 -32.69 39.67 79.00
C LYS B 489 -31.17 39.59 79.14
N LEU B 490 -30.47 39.40 78.01
CA LEU B 490 -29.01 39.37 78.00
C LEU B 490 -28.45 40.79 78.17
N LEU B 491 -29.15 41.77 77.57
CA LEU B 491 -28.78 43.17 77.72
C LEU B 491 -28.90 43.58 79.19
N MET B 492 -29.97 43.11 79.84
CA MET B 492 -30.24 43.47 81.23
C MET B 492 -29.13 42.99 82.14
N THR B 493 -28.52 41.85 81.79
CA THR B 493 -27.42 41.28 82.56
C THR B 493 -26.16 42.09 82.32
N LEU B 494 -25.92 42.50 81.06
CA LEU B 494 -24.79 43.32 80.69
C LEU B 494 -24.83 44.65 81.45
N MET B 495 -26.04 45.18 81.70
CA MET B 495 -26.19 46.43 82.41
C MET B 495 -26.00 46.23 83.92
N GLU B 496 -26.48 45.09 84.43
CA GLU B 496 -26.30 44.76 85.84
C GLU B 496 -24.82 44.55 86.15
N GLN B 497 -24.07 43.99 85.18
CA GLN B 497 -22.64 43.79 85.33
C GLN B 497 -21.93 45.15 85.42
N VAL B 498 -22.35 46.08 84.56
CA VAL B 498 -21.76 47.41 84.52
C VAL B 498 -22.12 48.16 85.80
N SER B 499 -23.35 47.99 86.29
CA SER B 499 -23.87 48.72 87.44
C SER B 499 -23.15 48.31 88.73
N ASN B 500 -22.48 47.16 88.71
CA ASN B 500 -21.73 46.66 89.85
C ASN B 500 -20.44 47.46 90.04
N HIS B 501 -19.96 48.13 88.98
CA HIS B 501 -18.71 48.86 89.04
C HIS B 501 -18.91 50.38 88.98
N GLN B 502 -20.03 50.84 88.42
CA GLN B 502 -20.28 52.26 88.26
C GLN B 502 -21.73 52.50 87.82
N LYS B 503 -22.25 53.69 88.13
CA LYS B 503 -23.61 54.06 87.78
C LYS B 503 -23.79 53.95 86.28
N ILE B 504 -24.93 53.38 85.86
CA ILE B 504 -25.24 53.16 84.45
C ILE B 504 -25.49 54.51 83.79
N THR B 505 -24.66 54.83 82.78
CA THR B 505 -24.82 56.04 82.00
C THR B 505 -25.12 55.66 80.56
N VAL B 506 -25.15 56.67 79.68
CA VAL B 506 -25.25 56.45 78.25
C VAL B 506 -23.85 56.18 77.69
N LYS B 507 -22.84 56.64 78.43
CA LYS B 507 -21.45 56.60 78.00
C LYS B 507 -20.88 55.18 78.14
N ASN B 508 -21.63 54.26 78.75
CA ASN B 508 -21.08 52.94 79.03
C ASN B 508 -22.11 51.82 78.82
N THR B 509 -23.27 52.12 78.20
CA THR B 509 -24.29 51.11 77.99
C THR B 509 -25.05 51.37 76.70
N ALA B 510 -24.32 51.52 75.59
CA ALA B 510 -24.94 51.81 74.31
C ALA B 510 -25.62 50.55 73.77
N PHE B 511 -26.91 50.68 73.41
CA PHE B 511 -27.66 49.58 72.82
C PHE B 511 -28.70 50.10 71.82
N GLU B 512 -28.49 51.31 71.30
CA GLU B 512 -29.49 51.98 70.48
C GLU B 512 -29.22 51.66 69.01
N ASN B 513 -30.09 52.18 68.14
CA ASN B 513 -29.93 52.10 66.70
C ASN B 513 -29.85 50.65 66.24
N GLN B 514 -30.85 49.85 66.64
CA GLN B 514 -30.98 48.49 66.15
C GLN B 514 -31.86 48.52 64.90
N LYS B 515 -31.43 47.78 63.87
CA LYS B 515 -32.22 47.58 62.67
C LYS B 515 -32.48 46.09 62.52
N PRO B 516 -33.36 45.50 63.37
CA PRO B 516 -33.63 44.06 63.34
C PRO B 516 -34.16 43.66 61.96
N LYS B 517 -33.67 42.51 61.47
CA LYS B 517 -34.04 42.03 60.15
C LYS B 517 -35.41 41.38 60.23
N GLY B 518 -36.14 41.43 59.11
CA GLY B 518 -37.46 40.85 58.99
C GLY B 518 -37.40 39.45 58.39
N TYR B 519 -38.31 38.59 58.86
CA TYR B 519 -38.45 37.23 58.37
C TYR B 519 -39.93 36.95 58.15
N TYR B 520 -40.23 35.91 57.35
CA TYR B 520 -41.60 35.46 57.16
C TYR B 520 -42.02 34.68 58.39
N PRO B 521 -43.25 34.91 58.93
CA PRO B 521 -43.76 34.10 60.02
C PRO B 521 -43.83 32.64 59.58
N GLN B 522 -43.58 31.73 60.52
CA GLN B 522 -43.50 30.30 60.23
C GLN B 522 -44.89 29.71 60.08
N THR B 523 -45.87 30.24 60.84
CA THR B 523 -47.25 29.77 60.76
C THR B 523 -48.20 30.96 60.80
N TYR B 524 -49.32 30.87 60.09
CA TYR B 524 -50.36 31.88 60.13
C TYR B 524 -51.57 31.34 60.90
N ASP B 525 -52.35 32.25 61.50
CA ASP B 525 -53.38 31.87 62.44
C ASP B 525 -54.63 31.39 61.71
N THR B 526 -55.16 32.22 60.80
CA THR B 526 -56.44 31.93 60.15
C THR B 526 -56.42 30.53 59.52
N LYS B 527 -57.29 29.65 60.03
CA LYS B 527 -57.49 28.34 59.44
C LYS B 527 -58.83 28.28 58.72
N GLU B 528 -59.72 29.23 59.03
CA GLU B 528 -61.02 29.30 58.36
C GLU B 528 -61.42 30.77 58.22
N GLY B 529 -61.21 31.31 57.03
CA GLY B 529 -61.55 32.70 56.72
C GLY B 529 -62.97 32.81 56.17
N HIS B 530 -63.53 34.02 56.23
CA HIS B 530 -64.90 34.24 55.81
C HIS B 530 -65.07 35.64 55.22
N TYR B 531 -65.83 35.74 54.13
CA TYR B 531 -66.24 37.01 53.56
C TYR B 531 -67.75 37.02 53.39
N ASP B 532 -68.33 38.23 53.41
CA ASP B 532 -69.73 38.40 53.06
C ASP B 532 -69.83 38.43 51.54
N VAL B 533 -71.06 38.27 51.03
CA VAL B 533 -71.33 38.39 49.61
C VAL B 533 -71.52 39.88 49.31
N ASP B 534 -70.41 40.61 49.23
CA ASP B 534 -70.41 42.07 49.20
C ASP B 534 -70.14 42.58 47.79
N ASN B 535 -69.94 41.67 46.83
CA ASN B 535 -69.67 42.02 45.44
C ASN B 535 -68.43 42.92 45.36
N ALA B 536 -67.46 42.69 46.25
CA ALA B 536 -66.20 43.42 46.24
C ALA B 536 -65.04 42.45 46.06
N GLU B 537 -63.90 42.96 45.59
CA GLU B 537 -62.68 42.18 45.50
C GLU B 537 -62.02 42.15 46.88
N HIS B 538 -61.52 40.97 47.27
CA HIS B 538 -60.72 40.81 48.48
C HIS B 538 -59.39 40.18 48.09
N ASP B 539 -58.35 40.40 48.90
CA ASP B 539 -57.03 39.86 48.64
C ASP B 539 -56.64 38.94 49.79
N ILE B 540 -56.45 37.65 49.46
CA ILE B 540 -56.28 36.60 50.44
C ILE B 540 -54.95 36.75 51.17
N LEU B 541 -53.93 37.28 50.47
CA LEU B 541 -52.62 37.48 51.05
C LEU B 541 -52.65 38.62 52.07
N THR B 542 -53.28 39.75 51.74
CA THR B 542 -53.28 40.89 52.65
C THR B 542 -54.15 40.60 53.87
N ASP B 543 -55.19 39.78 53.70
CA ASP B 543 -56.20 39.56 54.73
C ASP B 543 -55.77 38.48 55.71
N PHE B 544 -55.09 37.42 55.25
CA PHE B 544 -54.90 36.22 56.05
C PHE B 544 -53.45 35.75 56.12
N VAL B 545 -52.67 35.99 55.05
CA VAL B 545 -51.29 35.55 54.99
C VAL B 545 -50.40 36.79 54.91
N PHE B 546 -50.20 37.42 56.06
CA PHE B 546 -49.55 38.73 56.14
C PHE B 546 -48.68 38.80 57.38
N GLY B 547 -47.69 39.71 57.33
CA GLY B 547 -46.96 40.09 58.52
C GLY B 547 -45.49 39.68 58.44
N THR B 548 -44.71 40.27 59.36
CA THR B 548 -43.27 40.06 59.44
C THR B 548 -42.90 39.76 60.89
N VAL B 549 -41.85 38.95 61.07
CA VAL B 549 -41.36 38.61 62.40
C VAL B 549 -39.88 38.95 62.47
N THR B 550 -39.37 39.04 63.70
CA THR B 550 -37.94 39.28 63.96
C THR B 550 -37.26 37.92 64.09
N LYS B 551 -35.97 37.94 64.46
CA LYS B 551 -35.22 36.72 64.69
C LYS B 551 -35.76 36.01 65.93
N ARG B 552 -36.41 36.77 66.82
CA ARG B 552 -36.99 36.22 68.03
C ARG B 552 -38.51 36.11 67.91
N ASN B 553 -39.01 36.13 66.66
CA ASN B 553 -40.38 35.78 66.34
C ASN B 553 -41.37 36.79 66.89
N THR B 554 -40.95 38.07 67.00
CA THR B 554 -41.86 39.13 67.40
C THR B 554 -42.67 39.56 66.18
N PHE B 555 -44.00 39.40 66.25
CA PHE B 555 -44.85 39.59 65.07
C PHE B 555 -45.20 41.07 64.91
N ILE B 556 -44.95 41.61 63.72
CA ILE B 556 -45.42 42.94 63.33
C ILE B 556 -46.35 42.79 62.13
N GLY B 557 -47.64 43.07 62.33
CA GLY B 557 -48.65 42.80 61.32
C GLY B 557 -48.63 43.84 60.20
N ASP B 558 -48.38 45.10 60.54
CA ASP B 558 -48.63 46.22 59.64
C ASP B 558 -47.70 47.39 60.00
N GLU B 559 -47.87 48.52 59.29
CA GLU B 559 -47.10 49.73 59.53
C GLU B 559 -47.33 50.24 60.96
N GLU B 560 -48.59 50.16 61.42
CA GLU B 560 -48.98 50.72 62.71
C GLU B 560 -48.32 49.95 63.85
N ALA B 561 -48.19 48.63 63.69
CA ALA B 561 -47.55 47.79 64.70
C ALA B 561 -46.05 48.04 64.74
N PHE B 562 -45.46 48.36 63.58
CA PHE B 562 -44.04 48.69 63.50
C PHE B 562 -43.77 49.98 64.23
N ALA B 563 -44.70 50.95 64.13
CA ALA B 563 -44.58 52.21 64.83
C ALA B 563 -44.50 51.97 66.34
N ILE B 564 -45.36 51.08 66.86
CA ILE B 564 -45.40 50.80 68.29
C ILE B 564 -44.10 50.11 68.69
N TYR B 565 -43.54 49.30 67.77
CA TYR B 565 -42.32 48.54 68.01
C TYR B 565 -41.14 49.50 68.15
N LYS B 566 -41.15 50.56 67.32
CA LYS B 566 -40.08 51.56 67.31
C LYS B 566 -40.10 52.39 68.58
N GLU B 567 -41.30 52.57 69.16
CA GLU B 567 -41.47 53.38 70.36
C GLU B 567 -40.97 52.63 71.59
N GLY B 568 -40.70 51.32 71.46
CA GLY B 568 -40.19 50.54 72.58
C GLY B 568 -38.84 51.07 73.10
N ALA B 569 -38.56 50.85 74.40
CA ALA B 569 -37.37 51.42 75.02
C ALA B 569 -36.99 50.65 76.29
N VAL B 570 -35.68 50.66 76.60
CA VAL B 570 -35.14 50.13 77.84
C VAL B 570 -34.58 51.29 78.66
N ASP B 571 -35.15 51.52 79.86
CA ASP B 571 -34.79 52.64 80.72
C ASP B 571 -35.06 53.97 79.99
N GLY B 572 -36.20 54.05 79.30
CA GLY B 572 -36.61 55.26 78.59
C GLY B 572 -35.65 55.64 77.46
N ARG B 573 -34.93 54.64 76.93
CA ARG B 573 -33.98 54.83 75.87
C ARG B 573 -34.40 53.99 74.67
N GLN B 574 -34.87 54.66 73.61
CA GLN B 574 -35.40 53.97 72.44
C GLN B 574 -34.26 53.24 71.72
N TYR B 575 -34.44 51.93 71.51
CA TYR B 575 -33.35 51.05 71.09
C TYR B 575 -33.36 50.87 69.57
N VAL B 576 -34.53 50.98 68.94
CA VAL B 576 -34.65 50.86 67.49
C VAL B 576 -34.07 52.12 66.86
N SER B 577 -33.51 51.96 65.66
CA SER B 577 -32.97 53.08 64.88
C SER B 577 -34.13 53.91 64.34
N LYS B 578 -34.06 55.23 64.53
CA LYS B 578 -35.14 56.12 64.12
C LYS B 578 -35.22 56.16 62.60
N ASP B 579 -34.07 56.07 61.93
CA ASP B 579 -33.99 56.22 60.49
C ASP B 579 -34.31 54.91 59.77
N TYR B 580 -34.91 53.95 60.49
CA TYR B 580 -35.17 52.61 59.95
C TYR B 580 -36.62 52.50 59.51
N THR B 581 -36.82 52.41 58.19
CA THR B 581 -38.13 52.48 57.59
C THR B 581 -38.82 51.13 57.70
N TYR B 582 -40.16 51.14 57.76
CA TYR B 582 -40.98 49.94 57.69
C TYR B 582 -40.73 49.22 56.37
N GLU B 583 -40.59 49.98 55.28
CA GLU B 583 -40.39 49.44 53.95
C GLU B 583 -39.20 48.48 53.94
N ALA B 584 -38.19 48.78 54.77
CA ALA B 584 -36.98 47.98 54.85
C ALA B 584 -37.24 46.70 55.62
N PHE B 585 -37.91 46.83 56.77
CA PHE B 585 -38.14 45.73 57.70
C PHE B 585 -39.08 44.69 57.10
N ARG B 586 -40.26 45.15 56.65
CA ARG B 586 -41.34 44.28 56.23
C ARG B 586 -40.85 43.35 55.13
N LYS B 587 -41.49 42.16 55.03
CA LYS B 587 -41.31 41.27 53.90
C LYS B 587 -42.31 41.64 52.82
N ASP B 588 -41.89 41.48 51.55
CA ASP B 588 -42.62 42.01 50.42
C ASP B 588 -43.59 40.98 49.86
N TYR B 589 -43.47 39.71 50.31
CA TYR B 589 -44.35 38.64 49.85
C TYR B 589 -44.26 38.52 48.34
N LYS B 590 -43.03 38.56 47.81
CA LYS B 590 -42.76 38.52 46.38
C LYS B 590 -42.83 37.08 45.89
N GLY B 591 -43.56 36.88 44.79
CA GLY B 591 -43.66 35.58 44.16
C GLY B 591 -44.47 34.58 44.98
N TYR B 592 -45.30 35.10 45.90
CA TYR B 592 -46.25 34.28 46.64
C TYR B 592 -47.46 34.05 45.74
N LYS B 593 -47.84 32.78 45.55
CA LYS B 593 -49.00 32.44 44.76
C LYS B 593 -50.05 31.77 45.64
N VAL B 594 -51.32 31.97 45.27
CA VAL B 594 -52.46 31.45 46.02
C VAL B 594 -53.21 30.48 45.12
N HIS B 595 -53.22 29.20 45.49
CA HIS B 595 -53.91 28.16 44.73
C HIS B 595 -55.29 27.91 45.34
N LEU B 596 -56.34 28.10 44.53
CA LEU B 596 -57.72 28.04 45.00
C LEU B 596 -58.46 26.87 44.34
N THR B 597 -58.90 25.91 45.17
CA THR B 597 -59.79 24.84 44.72
C THR B 597 -61.20 25.14 45.23
N ALA B 598 -62.17 25.31 44.31
CA ALA B 598 -63.54 25.67 44.65
C ALA B 598 -64.31 24.42 45.10
N SER B 599 -65.63 24.57 45.31
CA SER B 599 -66.51 23.43 45.59
C SER B 599 -66.70 22.58 44.34
N ASN B 600 -66.64 23.25 43.18
CA ASN B 600 -66.55 22.74 41.83
C ASN B 600 -65.37 21.81 41.60
N LEU B 601 -64.40 21.87 42.52
CA LEU B 601 -63.08 21.25 42.38
C LEU B 601 -62.28 21.90 41.24
N GLY B 602 -62.76 23.03 40.73
CA GLY B 602 -62.02 23.81 39.74
C GLY B 602 -60.89 24.58 40.42
N GLU B 603 -59.74 24.64 39.75
CA GLU B 603 -58.55 25.24 40.33
C GLU B 603 -58.25 26.56 39.61
N THR B 604 -57.81 27.56 40.38
CA THR B 604 -57.31 28.82 39.86
C THR B 604 -56.10 29.26 40.67
N VAL B 605 -55.29 30.17 40.12
CA VAL B 605 -54.17 30.73 40.84
C VAL B 605 -54.31 32.25 40.86
N THR B 606 -54.76 32.76 42.01
CA THR B 606 -54.98 34.18 42.23
C THR B 606 -55.14 34.45 43.72
N SER B 607 -54.71 35.63 44.17
CA SER B 607 -54.96 36.04 45.54
C SER B 607 -56.28 36.82 45.64
N LYS B 608 -56.84 37.20 44.48
CA LYS B 608 -58.07 37.97 44.43
C LYS B 608 -59.29 37.04 44.36
N VAL B 609 -60.38 37.43 45.03
CA VAL B 609 -61.67 36.77 44.89
C VAL B 609 -62.76 37.84 45.01
N THR B 610 -63.56 37.97 43.94
CA THR B 610 -64.72 38.87 43.95
C THR B 610 -65.93 38.10 44.50
N ALA B 611 -66.46 38.56 45.63
CA ALA B 611 -67.46 37.82 46.39
C ALA B 611 -68.86 38.07 45.82
N THR B 612 -69.16 37.43 44.68
CA THR B 612 -70.42 37.63 43.99
C THR B 612 -71.48 36.66 44.50
N THR B 613 -71.07 35.39 44.73
CA THR B 613 -72.00 34.33 45.09
C THR B 613 -71.45 33.55 46.29
N ASP B 614 -72.30 32.66 46.82
CA ASP B 614 -71.94 31.74 47.88
C ASP B 614 -70.94 30.71 47.35
N GLU B 615 -69.88 30.45 48.13
CA GLU B 615 -68.79 29.61 47.68
C GLU B 615 -67.91 29.21 48.85
N THR B 616 -67.18 28.10 48.69
CA THR B 616 -66.12 27.69 49.58
C THR B 616 -64.90 27.30 48.76
N TYR B 617 -63.72 27.81 49.15
CA TYR B 617 -62.46 27.46 48.51
C TYR B 617 -61.53 26.81 49.54
N LEU B 618 -60.71 25.86 49.07
CA LEU B 618 -59.52 25.44 49.77
C LEU B 618 -58.35 26.26 49.27
N VAL B 619 -57.56 26.81 50.19
CA VAL B 619 -56.54 27.79 49.87
C VAL B 619 -55.18 27.20 50.23
N ASP B 620 -54.31 27.07 49.22
CA ASP B 620 -52.93 26.67 49.42
C ASP B 620 -52.01 27.78 48.93
N VAL B 621 -51.27 28.38 49.87
CA VAL B 621 -50.44 29.53 49.58
C VAL B 621 -48.99 29.07 49.47
N SER B 622 -48.34 29.51 48.39
CA SER B 622 -46.99 29.07 48.05
C SER B 622 -46.04 30.26 47.99
N ASP B 623 -44.86 30.11 48.60
CA ASP B 623 -43.85 31.16 48.59
C ASP B 623 -43.13 31.17 47.24
N GLY B 624 -43.18 30.05 46.52
CA GLY B 624 -42.49 29.88 45.25
C GLY B 624 -41.84 28.51 45.14
N GLU B 625 -41.42 27.96 46.28
CA GLU B 625 -40.82 26.63 46.34
C GLU B 625 -41.65 25.69 47.22
N LYS B 626 -42.42 26.23 48.17
CA LYS B 626 -43.19 25.38 49.08
C LYS B 626 -44.48 26.07 49.54
N VAL B 627 -45.43 25.26 50.01
CA VAL B 627 -46.68 25.74 50.57
C VAL B 627 -46.43 26.14 52.02
N VAL B 628 -46.82 27.38 52.37
CA VAL B 628 -46.54 27.91 53.68
C VAL B 628 -47.82 27.98 54.52
N HIS B 629 -48.98 27.87 53.87
CA HIS B 629 -50.24 27.96 54.59
C HIS B 629 -51.35 27.23 53.82
N HIS B 630 -52.20 26.50 54.55
CA HIS B 630 -53.47 26.00 54.05
C HIS B 630 -54.59 26.57 54.90
N MET B 631 -55.76 26.76 54.29
CA MET B 631 -56.96 27.15 55.01
C MET B 631 -58.19 26.99 54.13
N LYS B 632 -59.37 27.12 54.74
CA LYS B 632 -60.64 27.17 54.03
C LYS B 632 -61.10 28.62 53.96
N LEU B 633 -61.85 28.96 52.90
CA LEU B 633 -62.37 30.31 52.74
C LEU B 633 -63.82 30.22 52.28
N ASN B 634 -64.76 30.53 53.18
CA ASN B 634 -66.18 30.55 52.86
C ASN B 634 -66.58 31.96 52.44
N ILE B 635 -67.10 32.09 51.22
CA ILE B 635 -67.78 33.30 50.79
C ILE B 635 -69.27 33.11 51.07
N GLY B 636 -69.81 33.96 51.95
CA GLY B 636 -71.22 33.92 52.30
C GLY B 636 -71.54 32.71 53.18
N SER B 637 -72.68 32.07 52.88
CA SER B 637 -73.10 30.87 53.59
C SER B 637 -72.19 29.70 53.24
N GLY B 638 -71.56 29.76 52.06
CA GLY B 638 -70.60 28.76 51.62
C GLY B 638 -71.24 27.81 50.61
N ALA B 639 -70.47 26.77 50.24
CA ALA B 639 -70.95 25.70 49.40
C ALA B 639 -70.32 24.39 49.88
N ILE B 640 -71.07 23.29 49.76
CA ILE B 640 -70.58 22.00 50.19
C ILE B 640 -69.65 21.47 49.10
N MET B 641 -68.48 20.97 49.51
CA MET B 641 -67.47 20.47 48.60
C MET B 641 -68.01 19.30 47.79
N MET B 642 -67.97 19.43 46.46
CA MET B 642 -68.36 18.35 45.56
C MET B 642 -67.23 17.33 45.52
N GLU B 643 -67.53 16.10 45.08
CA GLU B 643 -66.50 15.13 44.80
C GLU B 643 -66.67 14.59 43.39
N ASN B 644 -65.56 14.12 42.81
CA ASN B 644 -65.59 13.49 41.50
C ASN B 644 -66.18 12.09 41.64
N LEU B 645 -67.46 11.96 41.27
CA LEU B 645 -68.19 10.71 41.40
C LEU B 645 -67.74 9.71 40.34
N ALA B 646 -67.06 10.21 39.30
CA ALA B 646 -66.62 9.39 38.19
C ALA B 646 -65.26 8.74 38.47
N LYS B 647 -64.62 9.14 39.58
CA LYS B 647 -63.29 8.65 39.92
C LYS B 647 -63.34 7.14 40.16
N GLY B 648 -62.52 6.41 39.40
CA GLY B 648 -62.48 4.96 39.51
C GLY B 648 -63.75 4.28 38.99
N ALA B 649 -64.46 4.97 38.07
CA ALA B 649 -65.68 4.44 37.49
C ALA B 649 -65.34 3.25 36.60
N LYS B 650 -66.27 2.28 36.55
CA LYS B 650 -66.10 1.07 35.78
C LYS B 650 -66.49 1.32 34.33
N VAL B 651 -65.58 1.04 33.40
CA VAL B 651 -65.90 1.07 31.98
C VAL B 651 -66.70 -0.19 31.65
N ILE B 652 -67.81 -0.01 30.94
CA ILE B 652 -68.72 -1.08 30.61
C ILE B 652 -68.87 -1.19 29.10
N GLY B 653 -68.27 -0.27 28.34
CA GLY B 653 -68.29 -0.32 26.90
C GLY B 653 -67.59 0.90 26.29
N THR B 654 -67.09 0.73 25.05
CA THR B 654 -66.43 1.81 24.32
C THR B 654 -66.22 1.41 22.87
N SER B 655 -66.19 2.40 21.98
CA SER B 655 -65.98 2.17 20.56
C SER B 655 -64.50 1.93 20.27
N GLY B 656 -63.64 2.14 21.27
CA GLY B 656 -62.20 1.99 21.09
C GLY B 656 -61.60 0.96 22.04
N ASP B 657 -60.32 1.17 22.42
CA ASP B 657 -59.61 0.25 23.28
C ASP B 657 -60.20 0.33 24.68
N PHE B 658 -60.58 -0.84 25.21
CA PHE B 658 -61.28 -0.96 26.48
C PHE B 658 -60.37 -0.55 27.63
N GLU B 659 -59.10 -0.98 27.56
CA GLU B 659 -58.15 -0.73 28.62
C GLU B 659 -57.76 0.74 28.67
N GLN B 660 -57.73 1.39 27.51
CA GLN B 660 -57.34 2.79 27.42
C GLN B 660 -58.43 3.68 27.99
N ALA B 661 -59.69 3.26 27.83
CA ALA B 661 -60.83 4.03 28.29
C ALA B 661 -60.78 4.21 29.81
N LYS B 662 -60.06 3.32 30.50
CA LYS B 662 -60.05 3.31 31.96
C LYS B 662 -59.18 4.45 32.49
N LYS B 663 -58.44 5.10 31.60
CA LYS B 663 -57.50 6.13 31.99
C LYS B 663 -58.17 7.50 32.05
N ILE B 664 -59.48 7.55 31.80
CA ILE B 664 -60.24 8.77 31.91
C ILE B 664 -60.73 8.93 33.35
N PHE B 665 -60.58 7.87 34.16
CA PHE B 665 -61.14 7.84 35.50
C PHE B 665 -60.08 7.49 36.54
N ASP B 666 -58.80 7.73 36.22
CA ASP B 666 -57.69 7.41 37.11
C ASP B 666 -57.25 8.60 37.95
N GLY B 667 -57.64 9.82 37.56
CA GLY B 667 -57.35 10.98 38.39
C GLY B 667 -56.02 11.65 38.06
N GLU B 668 -55.31 11.14 37.04
CA GLU B 668 -54.15 11.82 36.48
C GLU B 668 -54.50 12.43 35.13
N LYS B 669 -53.56 13.20 34.56
CA LYS B 669 -53.65 13.66 33.18
C LYS B 669 -52.35 13.28 32.48
N SER B 670 -51.89 12.05 32.74
CA SER B 670 -50.59 11.57 32.28
C SER B 670 -50.75 10.59 31.12
N ASP B 671 -52.00 10.36 30.67
CA ASP B 671 -52.27 9.49 29.54
C ASP B 671 -53.62 9.90 28.95
N ARG B 672 -53.86 9.51 27.70
CA ARG B 672 -54.99 10.01 26.93
C ARG B 672 -55.76 8.83 26.33
N PHE B 673 -57.02 9.09 25.95
CA PHE B 673 -57.84 8.16 25.18
C PHE B 673 -58.14 8.77 23.81
N PHE B 674 -57.92 7.99 22.75
CA PHE B 674 -58.40 8.36 21.43
C PHE B 674 -58.71 7.10 20.62
N THR B 675 -59.21 7.30 19.39
CA THR B 675 -59.52 6.22 18.47
C THR B 675 -59.03 6.63 17.08
N TRP B 676 -59.01 5.68 16.14
CA TRP B 676 -58.61 5.96 14.78
C TRP B 676 -59.78 6.61 14.03
N GLY B 677 -60.15 7.81 14.47
CA GLY B 677 -61.29 8.51 13.92
C GLY B 677 -61.58 9.78 14.70
N GLN B 678 -62.61 10.51 14.25
CA GLN B 678 -62.99 11.78 14.85
C GLN B 678 -64.13 11.57 15.84
N THR B 679 -64.72 10.36 15.86
CA THR B 679 -65.80 10.06 16.78
C THR B 679 -65.46 8.82 17.61
N ASN B 680 -65.94 8.82 18.87
CA ASN B 680 -65.81 7.69 19.77
C ASN B 680 -66.78 7.87 20.93
N TRP B 681 -66.97 6.81 21.72
CA TRP B 681 -67.76 6.88 22.93
C TRP B 681 -67.20 5.95 24.01
N ILE B 682 -67.42 6.31 25.27
CA ILE B 682 -67.11 5.47 26.42
C ILE B 682 -68.31 5.49 27.35
N ALA B 683 -68.83 4.31 27.68
CA ALA B 683 -69.92 4.18 28.64
C ALA B 683 -69.35 3.67 29.95
N PHE B 684 -69.86 4.20 31.07
CA PHE B 684 -69.27 3.91 32.37
C PHE B 684 -70.32 3.91 33.47
N ASP B 685 -69.93 3.34 34.62
CA ASP B 685 -70.83 2.96 35.70
C ASP B 685 -70.26 3.48 37.02
N LEU B 686 -70.98 4.40 37.66
CA LEU B 686 -70.51 5.01 38.90
C LEU B 686 -70.81 4.10 40.10
N GLY B 687 -71.59 3.03 39.87
CA GLY B 687 -71.77 1.97 40.87
C GLY B 687 -73.03 2.15 41.71
N GLU B 688 -73.44 3.40 41.88
CA GLU B 688 -74.64 3.78 42.63
C GLU B 688 -75.21 5.03 41.98
N ILE B 689 -76.44 5.42 42.36
CA ILE B 689 -77.00 6.67 41.89
C ILE B 689 -76.59 7.78 42.86
N ASN B 690 -76.11 8.90 42.30
CA ASN B 690 -75.69 10.05 43.07
C ASN B 690 -76.08 11.32 42.32
N LEU B 691 -76.05 12.45 43.04
CA LEU B 691 -76.49 13.72 42.50
C LEU B 691 -75.33 14.39 41.77
N ALA B 692 -75.47 14.52 40.44
CA ALA B 692 -74.46 15.11 39.58
C ALA B 692 -74.81 16.55 39.26
N LYS B 693 -73.94 17.48 39.66
CA LYS B 693 -74.25 18.91 39.62
C LYS B 693 -73.47 19.58 38.50
N GLU B 694 -72.22 19.15 38.26
CA GLU B 694 -71.47 19.60 37.10
C GLU B 694 -70.61 18.44 36.57
N TRP B 695 -69.96 18.68 35.43
CA TRP B 695 -68.99 17.76 34.86
C TRP B 695 -67.79 18.55 34.36
N ARG B 696 -66.64 17.89 34.20
CA ARG B 696 -65.43 18.53 33.73
C ARG B 696 -64.63 17.58 32.85
N LEU B 697 -64.24 18.05 31.66
CA LEU B 697 -63.38 17.30 30.76
C LEU B 697 -62.04 18.00 30.63
N PHE B 698 -60.95 17.27 30.91
CA PHE B 698 -59.60 17.75 30.68
C PHE B 698 -59.15 17.28 29.29
N ASN B 699 -58.91 18.23 28.40
CA ASN B 699 -58.76 17.95 26.98
C ASN B 699 -57.33 17.47 26.69
N ALA B 700 -57.00 17.32 25.40
CA ALA B 700 -55.77 16.68 24.97
C ALA B 700 -54.54 17.42 25.50
N GLU B 701 -54.60 18.75 25.50
CA GLU B 701 -53.45 19.58 25.80
C GLU B 701 -53.15 19.60 27.30
N THR B 702 -54.07 19.10 28.14
CA THR B 702 -53.85 19.03 29.58
C THR B 702 -52.84 17.93 29.93
N ASN B 703 -52.40 17.18 28.92
CA ASN B 703 -51.52 16.04 29.13
C ASN B 703 -50.23 16.51 29.79
N THR B 704 -49.90 15.87 30.93
CA THR B 704 -48.77 16.24 31.75
C THR B 704 -47.58 15.32 31.51
N GLU B 705 -47.56 14.60 30.38
CA GLU B 705 -46.49 13.66 30.10
C GLU B 705 -45.88 13.97 28.73
N ILE B 706 -46.73 14.21 27.73
CA ILE B 706 -46.30 14.69 26.43
C ILE B 706 -46.95 16.05 26.17
N LYS B 707 -46.12 17.04 25.83
CA LYS B 707 -46.61 18.38 25.51
C LYS B 707 -47.46 18.26 24.25
N THR B 708 -48.78 18.32 24.46
CA THR B 708 -49.75 18.02 23.43
C THR B 708 -50.35 19.32 22.92
N ASP B 709 -50.34 19.49 21.59
CA ASP B 709 -50.87 20.68 20.95
C ASP B 709 -52.40 20.65 21.01
N SER B 710 -53.00 21.84 21.07
CA SER B 710 -54.44 21.98 21.22
C SER B 710 -55.19 21.50 19.97
N SER B 711 -54.47 21.26 18.87
CA SER B 711 -55.08 20.76 17.64
C SER B 711 -55.51 19.32 17.81
N LEU B 712 -55.06 18.67 18.89
CA LEU B 712 -55.45 17.31 19.21
C LEU B 712 -56.64 17.29 20.18
N ASN B 713 -57.22 18.45 20.46
CA ASN B 713 -58.30 18.55 21.44
C ASN B 713 -59.63 18.06 20.85
N VAL B 714 -60.52 17.67 21.76
CA VAL B 714 -61.90 17.36 21.45
C VAL B 714 -62.64 18.69 21.22
N ALA B 715 -63.19 18.87 20.03
CA ALA B 715 -63.90 20.08 19.68
C ALA B 715 -65.37 19.99 20.11
N LYS B 716 -66.01 18.86 19.77
CA LYS B 716 -67.42 18.67 20.03
C LYS B 716 -67.66 17.29 20.65
N GLY B 717 -68.51 17.26 21.67
CA GLY B 717 -68.95 16.01 22.27
C GLY B 717 -70.25 16.19 23.05
N ARG B 718 -70.73 15.06 23.60
CA ARG B 718 -71.95 15.05 24.40
C ARG B 718 -71.74 14.11 25.59
N LEU B 719 -72.09 14.57 26.78
CA LEU B 719 -72.24 13.69 27.93
C LEU B 719 -73.70 13.25 28.00
N GLN B 720 -73.91 11.98 28.37
CA GLN B 720 -75.22 11.35 28.30
C GLN B 720 -75.46 10.52 29.55
N ILE B 721 -76.75 10.26 29.83
CA ILE B 721 -77.16 9.27 30.80
C ILE B 721 -78.05 8.26 30.11
N LEU B 722 -78.12 7.06 30.68
CA LEU B 722 -78.94 5.99 30.15
C LEU B 722 -80.41 6.33 30.40
N LYS B 723 -81.30 5.95 29.47
CA LYS B 723 -82.71 6.24 29.58
C LYS B 723 -83.34 5.33 30.63
N ASP B 724 -83.20 4.01 30.46
CA ASP B 724 -83.80 3.04 31.36
C ASP B 724 -83.16 3.19 32.74
N THR B 725 -83.87 3.91 33.63
CA THR B 725 -83.36 4.30 34.93
C THR B 725 -82.94 3.09 35.75
N THR B 726 -83.71 2.00 35.62
CA THR B 726 -83.49 0.79 36.40
C THR B 726 -83.44 -0.41 35.46
N ILE B 727 -82.32 -0.54 34.77
CA ILE B 727 -82.01 -1.72 33.96
C ILE B 727 -80.78 -2.40 34.56
N ASP B 728 -80.78 -3.74 34.57
CA ASP B 728 -79.71 -4.51 35.17
C ASP B 728 -78.71 -4.93 34.10
N LEU B 729 -77.71 -4.06 33.84
CA LEU B 729 -76.66 -4.39 32.89
C LEU B 729 -75.79 -5.50 33.46
N GLU B 730 -75.80 -5.61 34.80
CA GLU B 730 -75.31 -6.77 35.53
C GLU B 730 -75.58 -8.06 34.75
N LYS B 731 -76.86 -8.32 34.49
CA LYS B 731 -77.34 -9.66 34.12
C LYS B 731 -77.36 -9.84 32.60
N MET B 732 -76.93 -8.81 31.84
CA MET B 732 -76.92 -8.87 30.39
C MET B 732 -75.71 -9.65 29.90
N ASP B 733 -75.89 -10.35 28.78
CA ASP B 733 -74.80 -11.05 28.11
C ASP B 733 -73.86 -9.99 27.51
N ILE B 734 -72.55 -10.27 27.53
CA ILE B 734 -71.55 -9.35 27.02
C ILE B 734 -71.94 -8.87 25.62
N LYS B 735 -72.30 -9.81 24.74
CA LYS B 735 -72.60 -9.50 23.34
C LYS B 735 -73.76 -8.52 23.22
N ASN B 736 -74.77 -8.68 24.10
CA ASN B 736 -75.93 -7.80 24.09
C ASN B 736 -75.58 -6.45 24.69
N ARG B 737 -74.75 -6.47 25.74
CA ARG B 737 -74.38 -5.25 26.44
C ARG B 737 -73.76 -4.26 25.47
N LYS B 738 -72.86 -4.76 24.59
CA LYS B 738 -72.16 -3.91 23.66
C LYS B 738 -73.14 -3.28 22.67
N GLU B 739 -74.03 -4.13 22.11
CA GLU B 739 -75.02 -3.69 21.14
C GLU B 739 -75.95 -2.66 21.78
N TYR B 740 -76.24 -2.86 23.08
CA TYR B 740 -77.16 -1.98 23.80
C TYR B 740 -76.53 -0.60 23.98
N LEU B 741 -75.28 -0.57 24.47
CA LEU B 741 -74.62 0.68 24.84
C LEU B 741 -74.22 1.45 23.58
N SER B 742 -73.99 0.73 22.48
CA SER B 742 -73.63 1.34 21.20
C SER B 742 -74.80 2.10 20.59
N ASN B 743 -76.03 1.68 20.91
CA ASN B 743 -77.23 2.16 20.26
C ASN B 743 -77.67 3.49 20.88
N ASP B 744 -77.71 4.54 20.05
CA ASP B 744 -77.88 5.92 20.51
C ASP B 744 -79.26 6.15 21.12
N GLU B 745 -80.21 5.24 20.83
CA GLU B 745 -81.59 5.43 21.25
C GLU B 745 -81.75 5.28 22.76
N ASN B 746 -80.78 4.63 23.42
CA ASN B 746 -80.88 4.35 24.85
C ASN B 746 -80.32 5.51 25.70
N TRP B 747 -79.78 6.55 25.04
CA TRP B 747 -79.05 7.60 25.73
C TRP B 747 -79.76 8.96 25.58
N THR B 748 -79.85 9.70 26.68
CA THR B 748 -80.31 11.09 26.68
C THR B 748 -79.14 12.03 26.98
N ASP B 749 -78.93 13.03 26.13
CA ASP B 749 -77.93 14.05 26.38
C ASP B 749 -78.27 14.76 27.69
N VAL B 750 -77.23 15.12 28.47
CA VAL B 750 -77.40 15.94 29.66
C VAL B 750 -76.44 17.13 29.62
N ALA B 751 -75.53 17.16 28.63
CA ALA B 751 -74.58 18.25 28.49
C ALA B 751 -73.98 18.24 27.09
N GLN B 752 -73.58 19.41 26.62
CA GLN B 752 -73.07 19.61 25.27
C GLN B 752 -71.70 20.28 25.35
N MET B 753 -70.78 19.89 24.46
CA MET B 753 -69.49 20.56 24.37
C MET B 753 -69.34 21.07 22.94
N ASP B 754 -69.04 22.37 22.80
CA ASP B 754 -68.99 23.01 21.50
C ASP B 754 -67.70 23.82 21.33
N ASP B 755 -66.77 23.68 22.28
CA ASP B 755 -65.57 24.50 22.30
C ASP B 755 -64.39 23.60 22.62
N ALA B 756 -63.30 23.75 21.84
CA ALA B 756 -62.09 22.99 22.04
C ALA B 756 -61.28 23.58 23.20
N LYS B 757 -61.94 23.75 24.35
CA LYS B 757 -61.31 24.32 25.53
C LYS B 757 -60.33 23.30 26.11
N ALA B 758 -59.25 23.81 26.72
CA ALA B 758 -58.30 22.97 27.42
C ALA B 758 -59.00 22.23 28.55
N ILE B 759 -59.87 22.94 29.28
CA ILE B 759 -60.72 22.33 30.28
C ILE B 759 -62.14 22.84 30.07
N PHE B 760 -63.09 21.91 30.02
CA PHE B 760 -64.48 22.22 29.76
C PHE B 760 -65.32 21.83 30.98
N ASN B 761 -66.00 22.83 31.55
CA ASN B 761 -66.88 22.61 32.70
C ASN B 761 -68.23 23.26 32.40
N SER B 762 -69.31 22.52 32.70
CA SER B 762 -70.65 23.05 32.65
C SER B 762 -71.49 22.39 33.75
N LYS B 763 -72.66 22.97 34.02
CA LYS B 763 -73.51 22.52 35.11
C LYS B 763 -74.55 21.55 34.56
N LEU B 764 -75.04 20.68 35.45
CA LEU B 764 -76.02 19.66 35.11
C LEU B 764 -77.27 19.92 35.95
N SER B 765 -78.44 19.55 35.40
CA SER B 765 -79.71 19.77 36.08
C SER B 765 -79.94 18.66 37.12
N ASN B 766 -79.11 18.64 38.16
CA ASN B 766 -79.26 17.74 39.29
C ASN B 766 -79.58 16.34 38.78
N VAL B 767 -78.63 15.76 38.04
CA VAL B 767 -78.83 14.51 37.35
C VAL B 767 -78.58 13.35 38.31
N LEU B 768 -79.57 12.47 38.44
CA LEU B 768 -79.41 11.21 39.15
C LEU B 768 -79.32 10.07 38.14
N SER B 769 -78.12 9.48 38.01
CA SER B 769 -77.88 8.44 37.04
C SER B 769 -76.67 7.60 37.46
N ARG B 770 -76.82 6.28 37.33
CA ARG B 770 -75.73 5.35 37.57
C ARG B 770 -74.86 5.23 36.33
N TYR B 771 -75.51 5.06 35.16
CA TYR B 771 -74.80 4.80 33.92
C TYR B 771 -74.68 6.07 33.10
N TRP B 772 -73.49 6.29 32.54
CA TRP B 772 -73.19 7.47 31.75
C TRP B 772 -72.48 7.07 30.46
N ARG B 773 -72.48 7.97 29.48
CA ARG B 773 -71.69 7.81 28.26
C ARG B 773 -71.21 9.18 27.81
N PHE B 774 -69.95 9.25 27.38
CA PHE B 774 -69.41 10.47 26.78
C PHE B 774 -69.00 10.18 25.35
N CYS B 775 -69.66 10.88 24.40
CA CYS B 775 -69.37 10.73 22.98
C CYS B 775 -68.50 11.88 22.51
N VAL B 776 -67.44 11.55 21.76
CA VAL B 776 -66.66 12.56 21.06
C VAL B 776 -67.25 12.68 19.66
N ASP B 777 -67.70 13.89 19.30
CA ASP B 777 -68.40 14.13 18.05
C ASP B 777 -67.42 14.64 16.99
N GLY B 778 -66.36 15.33 17.42
CA GLY B 778 -65.37 15.82 16.47
C GLY B 778 -64.15 16.41 17.15
N GLY B 779 -63.06 16.53 16.38
CA GLY B 779 -61.80 17.06 16.89
C GLY B 779 -61.62 18.51 16.47
N ALA B 780 -60.53 19.12 16.94
CA ALA B 780 -60.16 20.48 16.58
C ALA B 780 -59.37 20.50 15.26
N SER B 781 -58.98 19.32 14.77
CA SER B 781 -58.31 19.20 13.48
C SER B 781 -58.55 17.80 12.93
N SER B 782 -57.86 17.46 11.83
CA SER B 782 -57.93 16.13 11.24
C SER B 782 -57.25 15.09 12.13
N TYR B 783 -56.31 15.54 12.97
CA TYR B 783 -55.68 14.67 13.96
C TYR B 783 -56.76 14.14 14.89
N TYR B 784 -56.68 12.84 15.21
CA TYR B 784 -57.72 12.19 15.99
C TYR B 784 -57.70 12.74 17.42
N PRO B 785 -58.84 13.26 17.91
CA PRO B 785 -58.88 13.96 19.20
C PRO B 785 -58.60 13.07 20.41
N GLN B 786 -57.99 13.68 21.43
CA GLN B 786 -57.62 13.01 22.66
C GLN B 786 -58.22 13.76 23.86
N TYR B 787 -58.39 13.04 24.97
CA TYR B 787 -58.67 13.67 26.25
C TYR B 787 -58.15 12.75 27.35
N THR B 788 -58.01 13.32 28.56
CA THR B 788 -57.14 12.74 29.57
C THR B 788 -57.92 12.38 30.84
N GLU B 789 -59.04 13.07 31.09
CA GLU B 789 -59.76 12.88 32.34
C GLU B 789 -61.19 13.42 32.21
N LEU B 790 -62.14 12.69 32.83
CA LEU B 790 -63.53 13.10 32.86
C LEU B 790 -64.02 13.04 34.30
N GLN B 791 -64.60 14.16 34.75
CA GLN B 791 -65.16 14.25 36.09
C GLN B 791 -66.68 14.41 36.01
N ILE B 792 -67.37 13.70 36.90
CA ILE B 792 -68.77 13.94 37.19
C ILE B 792 -68.84 14.40 38.65
N LEU B 793 -69.25 15.66 38.84
CA LEU B 793 -69.04 16.38 40.08
C LEU B 793 -70.38 16.55 40.80
N GLY B 794 -70.45 16.14 42.07
CA GLY B 794 -71.66 16.30 42.86
C GLY B 794 -71.52 15.73 44.27
N GLN B 795 -72.66 15.59 44.97
CA GLN B 795 -72.68 15.08 46.33
C GLN B 795 -73.07 13.61 46.31
N ARG B 796 -72.55 12.84 47.29
CA ARG B 796 -72.99 11.49 47.55
C ARG B 796 -74.11 11.51 48.60
N GLY C 16 17.87 23.88 -49.24
CA GLY C 16 19.15 23.31 -48.77
C GLY C 16 18.95 22.01 -48.00
N GLY C 17 18.67 20.92 -48.74
CA GLY C 17 18.55 19.58 -48.19
C GLY C 17 19.88 18.83 -48.21
N PRO C 18 19.88 17.48 -48.05
CA PRO C 18 21.12 16.71 -48.11
C PRO C 18 21.81 16.71 -49.49
N SER C 19 23.14 16.85 -49.49
CA SER C 19 23.95 16.79 -50.70
C SER C 19 24.73 15.49 -50.73
N VAL C 20 25.26 15.13 -51.92
CA VAL C 20 25.99 13.89 -52.10
C VAL C 20 27.31 14.19 -52.80
N PHE C 21 28.38 13.56 -52.31
CA PHE C 21 29.69 13.64 -52.93
C PHE C 21 30.25 12.23 -53.09
N LEU C 22 30.83 11.96 -54.27
CA LEU C 22 31.31 10.63 -54.59
C LEU C 22 32.79 10.70 -54.96
N PHE C 23 33.64 10.16 -54.07
CA PHE C 23 35.08 10.27 -54.22
C PHE C 23 35.64 8.98 -54.81
N PRO C 24 36.63 9.07 -55.73
CA PRO C 24 37.27 7.90 -56.30
C PRO C 24 38.30 7.29 -55.34
N PRO C 25 38.85 6.10 -55.67
CA PRO C 25 39.89 5.49 -54.85
C PRO C 25 41.21 6.24 -54.93
N LYS C 26 42.05 6.07 -53.90
CA LYS C 26 43.39 6.64 -53.89
C LYS C 26 44.19 5.92 -54.97
N PRO C 27 44.88 6.65 -55.87
CA PRO C 27 45.52 6.05 -57.04
C PRO C 27 46.46 4.89 -56.73
N LYS C 28 47.14 4.96 -55.56
CA LYS C 28 48.02 3.87 -55.17
C LYS C 28 47.22 2.59 -54.92
N ASP C 29 45.99 2.74 -54.41
CA ASP C 29 45.17 1.60 -54.05
C ASP C 29 44.65 0.87 -55.28
N THR C 30 44.46 1.60 -56.38
CA THR C 30 43.99 1.00 -57.62
C THR C 30 45.12 0.26 -58.33
N LEU C 31 46.36 0.65 -58.04
CA LEU C 31 47.51 0.25 -58.83
C LEU C 31 48.34 -0.83 -58.13
N MET C 32 48.18 -0.98 -56.81
CA MET C 32 49.05 -1.85 -56.03
C MET C 32 48.27 -3.05 -55.50
N ILE C 33 48.88 -4.22 -55.65
CA ILE C 33 48.28 -5.50 -55.30
C ILE C 33 48.05 -5.61 -53.80
N SER C 34 48.91 -4.94 -53.02
CA SER C 34 48.87 -5.03 -51.57
C SER C 34 47.68 -4.27 -50.99
N ARG C 35 47.03 -3.44 -51.83
CA ARG C 35 46.04 -2.50 -51.35
C ARG C 35 44.67 -2.82 -51.93
N THR C 36 43.65 -2.32 -51.24
CA THR C 36 42.25 -2.55 -51.58
C THR C 36 41.60 -1.21 -51.90
N PRO C 37 41.30 -0.90 -53.18
CA PRO C 37 40.68 0.38 -53.54
C PRO C 37 39.20 0.43 -53.16
N GLU C 38 38.71 1.64 -52.90
CA GLU C 38 37.33 1.85 -52.49
C GLU C 38 36.80 3.15 -53.08
N VAL C 39 35.57 3.09 -53.58
CA VAL C 39 34.80 4.28 -53.89
C VAL C 39 34.02 4.66 -52.63
N THR C 40 34.02 5.96 -52.31
CA THR C 40 33.38 6.46 -51.09
C THR C 40 32.29 7.47 -51.46
N CYS C 41 31.15 7.35 -50.77
CA CYS C 41 29.97 8.18 -51.04
C CYS C 41 29.54 8.85 -49.75
N VAL C 42 29.52 10.18 -49.75
CA VAL C 42 29.27 10.96 -48.55
C VAL C 42 27.99 11.77 -48.74
N VAL C 43 27.10 11.68 -47.74
CA VAL C 43 25.90 12.47 -47.68
C VAL C 43 26.05 13.47 -46.54
N VAL C 44 26.01 14.77 -46.86
CA VAL C 44 26.25 15.83 -45.89
C VAL C 44 24.93 16.54 -45.62
N ASP C 45 24.88 17.26 -44.48
CA ASP C 45 23.74 18.06 -44.08
C ASP C 45 22.49 17.18 -44.00
N VAL C 46 22.56 16.14 -43.17
CA VAL C 46 21.41 15.30 -42.88
C VAL C 46 20.76 15.84 -41.61
N SER C 47 19.43 15.93 -41.65
CA SER C 47 18.65 16.55 -40.60
C SER C 47 18.53 15.61 -39.39
N HIS C 48 18.39 16.24 -38.22
CA HIS C 48 18.42 15.58 -36.92
C HIS C 48 17.17 14.69 -36.80
N ASP C 50 14.71 13.91 -40.08
CA ASP C 50 14.55 12.67 -40.88
C ASP C 50 15.94 12.10 -41.16
N PRO C 51 16.43 11.18 -40.29
CA PRO C 51 17.82 10.72 -40.34
C PRO C 51 18.13 9.46 -41.16
N GLU C 52 17.10 8.71 -41.56
CA GLU C 52 17.29 7.45 -42.27
C GLU C 52 17.79 7.72 -43.68
N VAL C 53 18.95 7.13 -44.03
CA VAL C 53 19.59 7.35 -45.32
C VAL C 53 19.89 6.00 -45.96
N LYS C 54 19.22 5.68 -47.08
CA LYS C 54 19.43 4.44 -47.79
C LYS C 54 20.35 4.69 -48.99
N PHE C 55 21.34 3.80 -49.18
CA PHE C 55 22.25 3.85 -50.31
C PHE C 55 21.98 2.70 -51.26
N ASN C 56 22.09 2.95 -52.57
CA ASN C 56 22.15 1.90 -53.57
C ASN C 56 23.36 2.13 -54.48
N TRP C 57 24.10 1.05 -54.75
CA TRP C 57 25.33 1.10 -55.51
C TRP C 57 25.16 0.34 -56.83
N TYR C 58 25.72 0.90 -57.92
CA TYR C 58 25.61 0.29 -59.23
C TYR C 58 26.98 0.29 -59.90
N VAL C 59 27.28 -0.81 -60.62
CA VAL C 59 28.51 -0.96 -61.38
C VAL C 59 28.12 -1.26 -62.83
N ASP C 60 28.26 -0.25 -63.69
CA ASP C 60 27.73 -0.31 -65.06
C ASP C 60 26.23 -0.62 -64.99
N GLY C 61 25.52 0.09 -64.11
CA GLY C 61 24.07 0.00 -64.02
C GLY C 61 23.57 -1.30 -63.39
N VAL C 62 24.50 -2.08 -62.80
CA VAL C 62 24.16 -3.36 -62.19
C VAL C 62 24.29 -3.23 -60.67
N GLU C 63 23.20 -3.51 -59.95
CA GLU C 63 23.17 -3.29 -58.51
C GLU C 63 24.12 -4.27 -57.82
N VAL C 64 24.82 -3.75 -56.80
CA VAL C 64 25.75 -4.53 -55.99
C VAL C 64 25.39 -4.29 -54.52
N HIS C 65 25.57 -5.32 -53.69
CA HIS C 65 25.02 -5.30 -52.35
C HIS C 65 26.14 -5.44 -51.32
N ASN C 66 27.39 -5.23 -51.74
CA ASN C 66 28.53 -5.56 -50.91
C ASN C 66 29.09 -4.29 -50.23
N ALA C 67 28.33 -3.19 -50.28
CA ALA C 67 28.78 -1.92 -49.73
C ALA C 67 28.74 -1.97 -48.21
N LYS C 68 29.38 -0.98 -47.58
CA LYS C 68 29.54 -0.94 -46.13
C LYS C 68 29.26 0.48 -45.64
N THR C 69 28.09 0.67 -45.00
CA THR C 69 27.63 1.98 -44.57
C THR C 69 28.03 2.21 -43.12
N LYS C 70 28.76 3.31 -42.87
CA LYS C 70 29.13 3.68 -41.52
C LYS C 70 27.99 4.49 -40.91
N PRO C 71 27.85 4.54 -39.56
CA PRO C 71 26.76 5.27 -38.91
C PRO C 71 26.99 6.78 -38.93
N ARG C 72 25.95 7.54 -38.60
CA ARG C 72 25.97 9.00 -38.73
C ARG C 72 27.06 9.61 -37.85
N GLU C 73 27.51 10.80 -38.24
CA GLU C 73 28.58 11.51 -37.57
C GLU C 73 28.21 12.99 -37.49
N GLU C 74 27.94 13.51 -36.29
CA GLU C 74 27.77 14.94 -36.09
C GLU C 74 28.99 15.67 -36.65
N GLN C 75 28.82 16.44 -37.72
CA GLN C 75 29.91 17.24 -38.26
C GLN C 75 29.83 18.63 -37.66
N TYR C 76 28.61 19.21 -37.62
CA TYR C 76 28.37 20.45 -36.92
C TYR C 76 27.06 20.28 -36.13
N ASN C 77 26.77 21.25 -35.26
CA ASN C 77 25.61 21.17 -34.39
C ASN C 77 24.39 20.71 -35.19
N SER C 78 23.76 19.63 -34.71
CA SER C 78 22.47 19.16 -35.19
C SER C 78 22.45 18.96 -36.71
N THR C 79 23.59 18.57 -37.30
CA THR C 79 23.65 18.15 -38.68
C THR C 79 24.58 16.94 -38.78
N TYR C 80 24.12 15.90 -39.46
CA TYR C 80 24.86 14.64 -39.51
C TYR C 80 25.46 14.44 -40.89
N ARG C 81 26.42 13.52 -40.95
CA ARG C 81 27.03 13.08 -42.19
C ARG C 81 26.99 11.55 -42.22
N VAL C 82 26.77 10.99 -43.42
CA VAL C 82 26.61 9.55 -43.57
C VAL C 82 27.46 9.10 -44.74
N VAL C 83 28.38 8.16 -44.46
CA VAL C 83 29.35 7.71 -45.44
C VAL C 83 29.06 6.24 -45.77
N SER C 84 29.14 5.90 -47.06
CA SER C 84 29.06 4.53 -47.52
C SER C 84 30.27 4.23 -48.41
N VAL C 85 30.93 3.09 -48.16
CA VAL C 85 32.20 2.77 -48.79
C VAL C 85 32.06 1.44 -49.55
N LEU C 86 32.19 1.49 -50.88
CA LEU C 86 32.14 0.30 -51.70
C LEU C 86 33.54 -0.10 -52.14
N THR C 87 33.96 -1.31 -51.75
CA THR C 87 35.21 -1.87 -52.22
C THR C 87 35.09 -2.16 -53.71
N VAL C 88 36.16 -1.87 -54.46
CA VAL C 88 36.15 -2.09 -55.90
C VAL C 88 37.27 -3.07 -56.26
N LEU C 89 37.10 -3.74 -57.41
CA LEU C 89 38.13 -4.57 -57.99
C LEU C 89 39.04 -3.70 -58.86
N HIS C 90 40.35 -3.89 -58.70
CA HIS C 90 41.36 -3.09 -59.39
C HIS C 90 41.05 -3.04 -60.89
N GLN C 91 40.68 -4.20 -61.45
CA GLN C 91 40.49 -4.34 -62.88
C GLN C 91 39.28 -3.52 -63.33
N ASP C 92 38.18 -3.63 -62.58
CA ASP C 92 36.95 -2.92 -62.89
C ASP C 92 37.21 -1.42 -62.96
N TRP C 93 37.93 -0.88 -61.97
CA TRP C 93 38.24 0.54 -61.95
C TRP C 93 39.08 0.92 -63.15
N LEU C 94 40.16 0.17 -63.40
CA LEU C 94 41.14 0.51 -64.42
C LEU C 94 40.57 0.31 -65.82
N ASN C 95 39.53 -0.52 -65.95
CA ASN C 95 38.85 -0.71 -67.22
C ASN C 95 37.77 0.35 -67.40
N GLY C 96 37.63 1.26 -66.44
CA GLY C 96 36.80 2.45 -66.60
C GLY C 96 35.31 2.15 -66.46
N LYS C 97 34.96 1.23 -65.57
CA LYS C 97 33.57 0.93 -65.27
C LYS C 97 32.98 2.06 -64.43
N GLU C 98 31.69 2.33 -64.63
CA GLU C 98 31.01 3.42 -63.94
C GLU C 98 30.50 2.92 -62.58
N TYR C 99 30.75 3.73 -61.54
CA TYR C 99 30.27 3.46 -60.20
C TYR C 99 29.22 4.51 -59.84
N LYS C 100 27.97 4.07 -59.70
CA LYS C 100 26.86 4.97 -59.39
C LYS C 100 26.42 4.76 -57.94
N CYS C 101 26.30 5.88 -57.23
CA CYS C 101 25.82 5.91 -55.86
C CYS C 101 24.47 6.61 -55.82
N LYS C 102 23.45 5.93 -55.28
CA LYS C 102 22.11 6.50 -55.22
C LYS C 102 21.68 6.64 -53.76
N VAL C 103 21.24 7.84 -53.39
CA VAL C 103 20.92 8.18 -52.02
C VAL C 103 19.42 8.47 -51.92
N SER C 104 18.78 7.92 -50.89
CA SER C 104 17.36 8.15 -50.61
C SER C 104 17.20 8.78 -49.23
N ASN C 105 16.08 9.51 -49.04
CA ASN C 105 15.82 10.23 -47.80
C ASN C 105 14.33 10.54 -47.71
N LYS C 106 13.99 11.61 -46.97
CA LYS C 106 12.60 11.99 -46.74
C LYS C 106 12.02 12.60 -48.03
N LEU C 108 14.20 14.65 -49.02
CA LEU C 108 14.43 14.74 -50.49
C LEU C 108 13.13 14.39 -51.21
N PRO C 109 12.77 15.11 -52.31
CA PRO C 109 11.64 14.72 -53.14
C PRO C 109 11.94 13.45 -53.94
N ALA C 110 13.11 13.45 -54.61
CA ALA C 110 13.57 12.33 -55.41
C ALA C 110 14.98 11.94 -54.99
N PRO C 111 15.38 10.67 -55.20
CA PRO C 111 16.75 10.24 -54.90
C PRO C 111 17.81 11.05 -55.64
N ILE C 112 19.02 11.08 -55.07
CA ILE C 112 20.18 11.71 -55.71
C ILE C 112 21.09 10.63 -56.26
N GLU C 113 21.54 10.83 -57.50
CA GLU C 113 22.31 9.84 -58.25
C GLU C 113 23.60 10.49 -58.76
N LYS C 114 24.75 9.98 -58.30
CA LYS C 114 26.06 10.51 -58.71
C LYS C 114 26.91 9.34 -59.21
N THR C 115 27.68 9.58 -60.27
CA THR C 115 28.47 8.54 -60.93
C THR C 115 29.91 9.03 -61.10
N ILE C 116 30.88 8.12 -60.92
CA ILE C 116 32.27 8.39 -61.26
C ILE C 116 32.87 7.18 -61.95
N SER C 117 33.80 7.44 -62.86
CA SER C 117 34.64 6.43 -63.46
C SER C 117 36.06 7.00 -63.61
N LYS C 118 36.98 6.20 -64.15
CA LYS C 118 38.36 6.61 -64.32
C LYS C 118 38.46 7.58 -65.50
N ALA C 119 39.43 8.49 -65.38
CA ALA C 119 39.68 9.51 -66.39
C ALA C 119 39.98 8.86 -67.74
N LYS C 120 39.16 9.22 -68.73
CA LYS C 120 39.29 8.71 -70.08
C LYS C 120 40.45 9.44 -70.77
N GLY C 121 41.07 8.74 -71.74
CA GLY C 121 42.17 9.30 -72.51
C GLY C 121 43.32 8.31 -72.64
N GLN C 122 43.99 8.35 -73.80
CA GLN C 122 45.13 7.48 -74.07
C GLN C 122 46.15 7.62 -72.95
N PRO C 123 46.40 6.55 -72.16
CA PRO C 123 47.42 6.59 -71.12
C PRO C 123 48.80 6.80 -71.74
N ARG C 124 49.65 7.53 -71.00
CA ARG C 124 51.01 7.81 -71.43
C ARG C 124 51.96 7.48 -70.28
N GLU C 125 53.04 6.78 -70.60
CA GLU C 125 53.95 6.23 -69.61
C GLU C 125 54.80 7.35 -69.01
N PRO C 126 54.90 7.45 -67.66
CA PRO C 126 55.77 8.44 -67.03
C PRO C 126 57.24 8.16 -67.30
N GLN C 127 58.01 9.24 -67.44
CA GLN C 127 59.46 9.17 -67.55
C GLN C 127 60.04 9.67 -66.23
N VAL C 128 60.83 8.83 -65.56
CA VAL C 128 61.33 9.15 -64.23
C VAL C 128 62.82 9.44 -64.31
N TYR C 129 63.19 10.63 -63.82
CA TYR C 129 64.58 11.07 -63.80
C TYR C 129 64.91 11.55 -62.39
N THR C 130 65.99 11.01 -61.80
CA THR C 130 66.45 11.49 -60.51
C THR C 130 67.55 12.51 -60.74
N LEU C 131 67.50 13.61 -59.96
CA LEU C 131 68.42 14.71 -60.09
C LEU C 131 69.14 14.90 -58.76
N PRO C 132 70.49 14.98 -58.74
CA PRO C 132 71.23 15.20 -57.49
C PRO C 132 71.13 16.65 -57.00
N PRO C 133 71.59 16.95 -55.77
CA PRO C 133 71.63 18.32 -55.26
C PRO C 133 72.41 19.27 -56.17
N SER C 134 72.11 20.56 -56.06
CA SER C 134 72.90 21.59 -56.72
C SER C 134 74.21 21.78 -55.97
N ARG C 135 75.26 22.14 -56.71
CA ARG C 135 76.57 22.41 -56.13
C ARG C 135 76.40 23.39 -54.98
N GLU C 136 75.51 24.38 -55.17
CA GLU C 136 75.34 25.49 -54.25
C GLU C 136 74.68 25.02 -52.95
N GLU C 137 73.87 23.96 -53.02
CA GLU C 137 73.15 23.48 -51.86
C GLU C 137 74.09 22.70 -50.94
N MET C 138 75.23 22.24 -51.48
CA MET C 138 76.15 21.37 -50.75
C MET C 138 76.82 22.13 -49.61
N THR C 139 76.62 23.45 -49.54
CA THR C 139 77.17 24.25 -48.46
C THR C 139 76.29 24.17 -47.22
N LYS C 140 75.17 23.43 -47.31
CA LYS C 140 74.16 23.40 -46.26
C LYS C 140 74.16 22.04 -45.56
N ASN C 141 73.52 22.00 -44.39
CA ASN C 141 73.50 20.80 -43.56
C ASN C 141 72.51 19.77 -44.12
N GLN C 142 71.50 20.23 -44.87
CA GLN C 142 70.57 19.33 -45.52
C GLN C 142 70.51 19.66 -47.01
N VAL C 143 70.45 18.61 -47.85
CA VAL C 143 70.43 18.79 -49.30
C VAL C 143 69.20 18.13 -49.88
N SER C 144 68.86 18.52 -51.11
CA SER C 144 67.60 18.16 -51.74
C SER C 144 67.84 17.16 -52.88
N LEU C 145 67.41 15.92 -52.66
CA LEU C 145 67.34 14.92 -53.72
C LEU C 145 66.00 15.08 -54.45
N THR C 146 66.08 15.19 -55.77
CA THR C 146 64.93 15.53 -56.59
C THR C 146 64.58 14.37 -57.52
N CYS C 147 63.28 14.15 -57.72
CA CYS C 147 62.80 13.18 -58.68
C CYS C 147 61.77 13.83 -59.60
N LEU C 148 62.08 13.86 -60.89
CA LEU C 148 61.19 14.42 -61.90
C LEU C 148 60.45 13.26 -62.57
N VAL C 149 59.12 13.38 -62.61
CA VAL C 149 58.26 12.45 -63.33
C VAL C 149 57.48 13.28 -64.36
N LYS C 150 57.64 12.97 -65.65
CA LYS C 150 57.02 13.77 -66.69
C LYS C 150 56.39 12.90 -67.77
N GLY C 151 55.48 13.53 -68.53
CA GLY C 151 54.93 12.93 -69.74
C GLY C 151 53.92 11.82 -69.46
N PHE C 152 53.26 11.86 -68.29
CA PHE C 152 52.33 10.82 -67.90
C PHE C 152 50.89 11.30 -68.05
N TYR C 153 50.00 10.35 -68.36
CA TYR C 153 48.57 10.57 -68.46
C TYR C 153 47.86 9.27 -68.14
N PRO C 154 46.76 9.25 -67.35
CA PRO C 154 46.21 10.44 -66.70
C PRO C 154 47.01 10.84 -65.46
N SER C 155 46.50 11.85 -64.72
CA SER C 155 47.26 12.51 -63.67
C SER C 155 47.31 11.69 -62.37
N ASP C 156 46.66 10.54 -62.34
CA ASP C 156 46.65 9.69 -61.15
C ASP C 156 48.01 9.01 -61.01
N ILE C 157 48.74 9.34 -59.92
CA ILE C 157 50.10 8.84 -59.76
C ILE C 157 50.47 8.85 -58.28
N ALA C 158 51.50 8.08 -57.92
CA ALA C 158 51.99 8.02 -56.55
C ALA C 158 53.50 7.87 -56.53
N VAL C 159 54.17 8.66 -55.67
CA VAL C 159 55.63 8.73 -55.62
C VAL C 159 56.08 8.52 -54.19
N GLU C 160 57.06 7.62 -53.99
CA GLU C 160 57.62 7.35 -52.67
C GLU C 160 59.14 7.27 -52.79
N TRP C 161 59.84 7.45 -51.66
CA TRP C 161 61.29 7.35 -51.62
C TRP C 161 61.72 6.19 -50.70
N ALA C 162 62.94 5.71 -50.92
CA ALA C 162 63.50 4.64 -50.12
C ALA C 162 65.03 4.71 -50.13
N SER C 163 65.65 3.99 -49.20
CA SER C 163 67.10 3.91 -49.11
C SER C 163 67.48 2.68 -48.28
N ASN C 164 68.28 1.78 -48.87
CA ASN C 164 68.72 0.56 -48.23
C ASN C 164 67.53 -0.32 -47.83
N GLY C 165 66.47 -0.30 -48.64
CA GLY C 165 65.30 -1.12 -48.40
C GLY C 165 64.33 -0.53 -47.38
N GLN C 166 64.75 0.51 -46.65
CA GLN C 166 63.89 1.19 -45.68
C GLN C 166 63.21 2.37 -46.37
N PRO C 167 61.94 2.69 -46.03
CA PRO C 167 61.28 3.88 -46.56
C PRO C 167 61.93 5.15 -46.03
N GLU C 168 62.20 6.09 -46.95
CA GLU C 168 62.53 7.47 -46.60
C GLU C 168 61.22 8.25 -46.56
N ASN C 169 61.01 9.03 -45.50
CA ASN C 169 59.72 9.66 -45.28
C ASN C 169 59.80 11.17 -45.18
N ASN C 170 61.00 11.75 -45.27
CA ASN C 170 61.14 13.19 -45.18
C ASN C 170 61.11 13.79 -46.58
N TYR C 171 59.97 13.68 -47.27
CA TYR C 171 59.84 14.20 -48.62
C TYR C 171 58.47 14.86 -48.81
N LYS C 172 58.39 15.65 -49.88
CA LYS C 172 57.16 16.28 -50.31
C LYS C 172 57.12 16.15 -51.83
N THR C 173 55.91 15.98 -52.38
CA THR C 173 55.75 15.84 -53.82
C THR C 173 54.79 16.94 -54.30
N THR C 174 55.06 17.51 -55.47
CA THR C 174 54.16 18.50 -56.02
C THR C 174 52.91 17.81 -56.54
N PRO C 175 51.75 18.50 -56.59
CA PRO C 175 50.61 18.01 -57.34
C PRO C 175 51.01 17.85 -58.81
N PRO C 176 50.33 16.99 -59.59
CA PRO C 176 50.56 16.93 -61.03
C PRO C 176 50.28 18.29 -61.66
N VAL C 177 51.05 18.62 -62.70
CA VAL C 177 50.90 19.89 -63.41
C VAL C 177 50.71 19.58 -64.88
N LEU C 178 49.74 20.22 -65.53
CA LEU C 178 49.48 19.98 -66.94
C LEU C 178 50.57 20.68 -67.74
N ASP C 179 51.25 19.91 -68.60
CA ASP C 179 52.29 20.46 -69.45
C ASP C 179 51.63 20.99 -70.72
N SER C 180 52.42 21.68 -71.55
CA SER C 180 51.96 22.18 -72.84
C SER C 180 51.80 21.05 -73.86
N ASP C 181 52.23 19.86 -73.45
CA ASP C 181 52.24 18.60 -74.18
C ASP C 181 50.87 17.91 -74.13
N GLY C 182 50.02 18.31 -73.17
CA GLY C 182 48.80 17.58 -72.87
C GLY C 182 48.99 16.52 -71.77
N SER C 183 50.26 16.16 -71.52
CA SER C 183 50.62 15.23 -70.45
C SER C 183 50.83 15.99 -69.13
N PHE C 184 51.14 15.22 -68.08
CA PHE C 184 51.36 15.78 -66.76
C PHE C 184 52.82 15.59 -66.35
N PHE C 185 53.26 16.39 -65.37
CA PHE C 185 54.56 16.21 -64.75
C PHE C 185 54.48 16.63 -63.29
N LEU C 186 55.45 16.16 -62.48
CA LEU C 186 55.58 16.64 -61.12
C LEU C 186 57.02 16.46 -60.64
N TYR C 187 57.30 16.99 -59.45
CA TYR C 187 58.58 16.82 -58.80
C TYR C 187 58.34 16.32 -57.38
N SER C 188 59.15 15.35 -56.95
CA SER C 188 59.21 14.96 -55.55
C SER C 188 60.59 15.33 -55.00
N LYS C 189 60.62 15.79 -53.74
CA LYS C 189 61.82 16.36 -53.18
C LYS C 189 62.10 15.73 -51.82
N LEU C 190 62.99 14.73 -51.80
CA LEU C 190 63.46 14.13 -50.56
C LEU C 190 64.59 14.98 -50.00
N THR C 191 64.50 15.27 -48.69
CA THR C 191 65.51 16.04 -47.99
C THR C 191 66.29 15.10 -47.07
N VAL C 192 67.62 15.13 -47.18
CA VAL C 192 68.49 14.27 -46.39
C VAL C 192 69.64 15.11 -45.82
N ASP C 193 70.21 14.65 -44.71
CA ASP C 193 71.42 15.24 -44.18
C ASP C 193 72.53 15.05 -45.20
N LYS C 194 73.33 16.10 -45.41
CA LYS C 194 74.38 16.08 -46.40
C LYS C 194 75.32 14.91 -46.16
N SER C 195 75.59 14.62 -44.88
CA SER C 195 76.45 13.51 -44.49
C SER C 195 76.05 12.23 -45.22
N ARG C 196 74.74 11.93 -45.23
CA ARG C 196 74.25 10.68 -45.79
C ARG C 196 74.40 10.67 -47.31
N TRP C 197 74.33 11.85 -47.94
CA TRP C 197 74.49 11.97 -49.38
C TRP C 197 75.96 11.73 -49.76
N GLN C 198 76.88 12.37 -49.01
CA GLN C 198 78.29 12.35 -49.32
C GLN C 198 78.90 10.98 -49.04
N GLN C 199 78.34 10.26 -48.05
CA GLN C 199 78.85 8.95 -47.68
C GLN C 199 78.55 7.92 -48.76
N GLY C 200 77.68 8.27 -49.72
CA GLY C 200 77.52 7.50 -50.94
C GLY C 200 76.37 6.51 -50.87
N ASN C 201 75.39 6.78 -49.99
CA ASN C 201 74.20 5.97 -49.87
C ASN C 201 73.36 6.11 -51.13
N VAL C 202 72.66 5.02 -51.49
CA VAL C 202 71.79 5.03 -52.65
C VAL C 202 70.38 5.38 -52.19
N PHE C 203 69.72 6.25 -52.96
CA PHE C 203 68.32 6.59 -52.71
C PHE C 203 67.49 6.17 -53.92
N SER C 204 66.25 5.75 -53.65
CA SER C 204 65.39 5.25 -54.70
C SER C 204 64.11 6.09 -54.75
N CYS C 205 63.70 6.42 -55.98
CA CYS C 205 62.45 7.10 -56.24
C CYS C 205 61.50 6.12 -56.91
N SER C 206 60.45 5.72 -56.17
CA SER C 206 59.44 4.78 -56.67
C SER C 206 58.27 5.55 -57.27
N VAL C 207 57.85 5.17 -58.48
CA VAL C 207 56.72 5.82 -59.13
C VAL C 207 55.70 4.75 -59.52
N MET C 208 54.43 5.05 -59.26
CA MET C 208 53.33 4.12 -59.45
C MET C 208 52.29 4.76 -60.37
N HIS C 209 52.01 4.13 -61.51
CA HIS C 209 51.12 4.70 -62.51
C HIS C 209 50.60 3.57 -63.41
N GLU C 210 49.40 3.77 -63.98
CA GLU C 210 48.72 2.70 -64.67
C GLU C 210 49.40 2.35 -65.99
N ALA C 211 50.27 3.22 -66.50
CA ALA C 211 50.87 3.06 -67.81
C ALA C 211 52.28 2.47 -67.69
N LEU C 212 52.73 2.18 -66.47
CA LEU C 212 53.97 1.48 -66.24
C LEU C 212 53.72 -0.02 -66.19
N HIS C 213 54.76 -0.80 -66.54
CA HIS C 213 54.70 -2.24 -66.39
C HIS C 213 54.61 -2.58 -64.91
N ASN C 214 53.60 -3.36 -64.54
CA ASN C 214 53.28 -3.67 -63.15
C ASN C 214 53.01 -2.39 -62.36
N HIS C 215 52.65 -1.31 -63.06
CA HIS C 215 52.30 -0.04 -62.43
C HIS C 215 53.43 0.48 -61.53
N TYR C 216 54.70 0.20 -61.90
CA TYR C 216 55.81 0.43 -60.99
C TYR C 216 57.14 0.58 -61.74
N THR C 217 57.89 1.63 -61.40
CA THR C 217 59.32 1.71 -61.69
C THR C 217 60.05 2.37 -60.52
N GLN C 218 61.38 2.18 -60.53
CA GLN C 218 62.26 2.74 -59.54
C GLN C 218 63.46 3.36 -60.26
N LYS C 219 63.83 4.58 -59.87
CA LYS C 219 65.09 5.15 -60.30
C LYS C 219 65.96 5.37 -59.08
N SER C 220 67.26 5.15 -59.24
CA SER C 220 68.22 5.29 -58.15
C SER C 220 68.95 6.61 -58.26
N LEU C 221 69.54 7.04 -57.14
CA LEU C 221 70.25 8.30 -57.07
C LEU C 221 71.30 8.20 -55.97
N SER C 222 72.57 8.29 -56.36
CA SER C 222 73.68 8.28 -55.42
C SER C 222 74.74 9.28 -55.87
N LEU C 223 75.74 9.48 -55.01
CA LEU C 223 76.79 10.47 -55.23
C LEU C 223 77.57 10.20 -56.53
N ILE D 228 -8.30 3.41 -26.81
CA ILE D 228 -8.50 3.69 -28.27
C ILE D 228 -7.82 2.59 -29.08
N ASN D 229 -6.49 2.51 -28.95
CA ASN D 229 -5.65 1.72 -29.84
C ASN D 229 -6.01 0.24 -29.78
N SER D 230 -6.40 -0.23 -28.60
CA SER D 230 -6.82 -1.62 -28.43
C SER D 230 -8.22 -1.83 -29.01
N ASP D 231 -9.07 -0.80 -28.90
CA ASP D 231 -10.42 -0.86 -29.44
C ASP D 231 -10.37 -0.80 -30.96
N TRP D 232 -9.53 0.12 -31.46
CA TRP D 232 -9.40 0.29 -32.90
C TRP D 232 -8.81 -0.96 -33.53
N ASN D 233 -7.99 -1.73 -32.79
CA ASN D 233 -7.45 -2.99 -33.28
C ASN D 233 -8.57 -4.00 -33.54
N GLN D 234 -9.53 -4.10 -32.61
CA GLN D 234 -10.68 -4.98 -32.82
C GLN D 234 -11.64 -4.30 -33.80
N TYR D 235 -11.88 -3.01 -33.56
CA TYR D 235 -12.87 -2.24 -34.29
C TYR D 235 -12.51 -2.15 -35.76
N GLN D 236 -11.22 -2.24 -36.13
CA GLN D 236 -10.76 -2.06 -37.50
C GLN D 236 -11.38 -3.09 -38.44
N ASN D 237 -11.83 -4.23 -37.90
CA ASN D 237 -12.79 -5.07 -38.62
C ASN D 237 -14.14 -4.34 -38.62
N TRP D 289 -5.62 10.69 -30.37
CA TRP D 289 -5.08 9.57 -31.17
C TRP D 289 -5.43 9.76 -32.65
N GLN D 290 -4.55 9.28 -33.55
CA GLN D 290 -4.95 8.81 -34.86
C GLN D 290 -4.68 7.31 -34.92
N PRO D 291 -5.54 6.54 -35.65
CA PRO D 291 -5.39 5.09 -35.73
C PRO D 291 -4.03 4.61 -36.21
N SER D 292 -3.46 3.65 -35.47
CA SER D 292 -2.20 3.01 -35.82
C SER D 292 -2.30 2.40 -37.22
N THR D 293 -3.41 1.70 -37.46
CA THR D 293 -3.58 0.85 -38.63
C THR D 293 -4.87 1.21 -39.38
N GLY D 294 -4.96 0.74 -40.65
CA GLY D 294 -6.11 1.03 -41.48
C GLY D 294 -6.01 2.41 -42.11
N GLY D 295 -6.45 3.45 -41.39
CA GLY D 295 -6.53 4.79 -41.95
C GLY D 295 -6.65 5.86 -40.87
N LEU D 296 -6.90 7.10 -41.31
CA LEU D 296 -7.03 8.24 -40.43
C LEU D 296 -8.42 8.26 -39.80
N LYS D 297 -8.53 9.07 -38.74
CA LYS D 297 -9.72 9.11 -37.90
C LYS D 297 -10.85 9.91 -38.57
N ALA D 298 -11.97 9.22 -38.79
CA ALA D 298 -13.18 9.88 -39.29
C ALA D 298 -13.70 10.84 -38.22
N TYR D 354 -4.62 14.96 -43.36
CA TYR D 354 -5.90 14.80 -44.12
C TYR D 354 -5.79 15.48 -45.48
N ASP D 355 -4.59 15.92 -45.87
CA ASP D 355 -4.37 16.47 -47.19
C ASP D 355 -4.57 15.35 -48.21
N VAL D 356 -5.11 15.69 -49.37
CA VAL D 356 -5.48 14.70 -50.35
C VAL D 356 -4.24 14.19 -51.09
N ILE D 357 -4.36 12.96 -51.61
CA ILE D 357 -3.31 12.30 -52.37
C ILE D 357 -3.17 13.02 -53.72
N ASP D 358 -1.95 13.49 -54.01
CA ASP D 358 -1.66 14.26 -55.21
C ASP D 358 -0.61 13.51 -56.03
N GLN D 359 -0.17 14.11 -57.15
CA GLN D 359 0.79 13.48 -58.05
C GLN D 359 2.17 13.40 -57.40
N LYS D 360 2.38 14.17 -56.32
CA LYS D 360 3.63 14.12 -55.56
C LYS D 360 3.72 12.81 -54.78
N ASP D 361 2.56 12.15 -54.57
CA ASP D 361 2.53 10.86 -53.90
C ASP D 361 2.54 9.76 -54.95
N ILE D 362 1.48 9.72 -55.77
CA ILE D 362 1.33 8.74 -56.84
C ILE D 362 1.25 9.49 -58.18
N PRO D 363 2.32 9.50 -59.01
CA PRO D 363 2.29 10.22 -60.29
C PRO D 363 1.24 9.71 -61.28
N ASP D 364 1.21 8.39 -61.50
CA ASP D 364 0.34 7.80 -62.50
C ASP D 364 -1.11 8.06 -62.10
N PRO D 365 -1.90 8.78 -62.93
CA PRO D 365 -3.29 9.07 -62.60
C PRO D 365 -4.15 7.82 -62.45
N ALA D 366 -3.87 6.79 -63.26
CA ALA D 366 -4.66 5.56 -63.25
C ALA D 366 -4.45 4.78 -61.95
N LEU D 367 -3.21 4.76 -61.45
CA LEU D 367 -2.89 4.07 -60.20
C LEU D 367 -3.43 4.87 -59.02
N ARG D 368 -3.28 6.20 -59.09
CA ARG D 368 -3.74 7.11 -58.05
C ARG D 368 -5.24 6.89 -57.81
N GLU D 369 -6.01 6.80 -58.91
CA GLU D 369 -7.44 6.61 -58.86
C GLU D 369 -7.79 5.37 -58.04
N GLN D 370 -7.16 4.23 -58.38
CA GLN D 370 -7.51 2.94 -57.82
C GLN D 370 -7.12 2.87 -56.33
N ILE D 371 -5.95 3.41 -56.00
CA ILE D 371 -5.47 3.41 -54.62
C ILE D 371 -6.43 4.25 -53.77
N ILE D 372 -6.90 5.38 -54.30
CA ILE D 372 -7.82 6.25 -53.57
C ILE D 372 -9.11 5.49 -53.27
N GLN D 373 -9.63 4.74 -54.26
CA GLN D 373 -10.89 4.03 -54.11
C GLN D 373 -10.77 2.94 -53.04
N GLN D 374 -9.55 2.42 -52.82
CA GLN D 374 -9.37 1.21 -52.03
C GLN D 374 -8.84 1.54 -50.62
N VAL D 375 -7.96 2.53 -50.48
CA VAL D 375 -7.27 2.77 -49.22
C VAL D 375 -7.77 4.05 -48.54
N GLY D 376 -8.22 5.03 -49.34
CA GLY D 376 -8.62 6.32 -48.81
C GLY D 376 -8.08 7.47 -49.65
N GLN D 377 -8.51 8.70 -49.33
CA GLN D 377 -8.22 9.85 -50.18
C GLN D 377 -7.21 10.78 -49.52
N TYR D 378 -6.71 10.40 -48.33
CA TYR D 378 -5.83 11.26 -47.54
C TYR D 378 -4.42 10.69 -47.53
N LYS D 379 -3.42 11.59 -47.38
CA LYS D 379 -2.01 11.21 -47.35
C LYS D 379 -1.76 10.24 -46.21
N GLY D 380 -2.38 10.51 -45.05
CA GLY D 380 -2.14 9.74 -43.84
C GLY D 380 -2.76 8.34 -43.88
N ASP D 381 -3.56 8.04 -44.91
CA ASP D 381 -4.14 6.72 -45.07
C ASP D 381 -3.09 5.73 -45.58
N LEU D 382 -2.15 6.23 -46.40
CA LEU D 382 -1.21 5.39 -47.13
C LEU D 382 -0.35 4.58 -46.17
N GLU D 383 0.24 5.28 -45.18
CA GLU D 383 1.13 4.64 -44.24
C GLU D 383 0.38 3.64 -43.36
N ARG D 384 -0.94 3.75 -43.26
CA ARG D 384 -1.71 3.01 -42.27
C ARG D 384 -2.45 1.82 -42.89
N TYR D 385 -2.90 1.96 -44.14
CA TYR D 385 -3.68 0.93 -44.79
C TYR D 385 -2.95 -0.42 -44.72
N ASN D 386 -3.67 -1.46 -44.30
CA ASN D 386 -3.05 -2.73 -43.94
C ASN D 386 -3.90 -3.92 -44.38
N LYS D 387 -4.48 -3.81 -45.58
CA LYS D 387 -5.35 -4.87 -46.09
C LYS D 387 -4.90 -5.19 -47.52
N THR D 388 -5.84 -5.38 -48.45
CA THR D 388 -5.50 -5.79 -49.80
C THR D 388 -5.65 -4.62 -50.77
N LEU D 389 -4.77 -4.58 -51.78
CA LEU D 389 -4.87 -3.64 -52.89
C LEU D 389 -4.83 -4.43 -54.18
N VAL D 390 -5.90 -4.30 -54.99
CA VAL D 390 -5.97 -4.97 -56.28
C VAL D 390 -5.86 -3.91 -57.38
N LEU D 391 -4.74 -3.97 -58.13
CA LEU D 391 -4.49 -3.07 -59.24
C LEU D 391 -4.77 -3.80 -60.54
N THR D 392 -5.54 -3.15 -61.43
CA THR D 392 -6.03 -3.79 -62.64
C THR D 392 -5.93 -2.83 -63.81
N GLY D 393 -5.95 -3.39 -65.02
CA GLY D 393 -6.15 -2.62 -66.23
C GLY D 393 -4.83 -2.27 -66.92
N ASP D 394 -4.95 -1.88 -68.19
CA ASP D 394 -3.81 -1.59 -69.05
C ASP D 394 -3.47 -0.09 -69.02
N LYS D 395 -4.15 0.67 -68.13
CA LYS D 395 -3.99 2.11 -68.05
C LYS D 395 -2.78 2.46 -67.19
N ILE D 396 -2.44 1.60 -66.24
CA ILE D 396 -1.31 1.85 -65.34
C ILE D 396 -0.01 1.65 -66.12
N GLN D 397 0.84 2.69 -66.12
CA GLN D 397 2.11 2.69 -66.83
C GLN D 397 3.25 2.40 -65.85
N ASN D 398 3.26 3.07 -64.69
CA ASN D 398 4.30 2.86 -63.68
C ASN D 398 3.66 2.77 -62.30
N LEU D 399 4.40 2.15 -61.36
CA LEU D 399 3.90 1.80 -60.05
C LEU D 399 4.54 2.68 -58.97
N LYS D 400 4.98 3.89 -59.34
CA LYS D 400 5.61 4.78 -58.38
C LYS D 400 4.57 5.26 -57.38
N GLY D 401 4.96 5.29 -56.10
CA GLY D 401 4.07 5.72 -55.02
C GLY D 401 3.50 4.55 -54.23
N LEU D 402 3.61 3.34 -54.82
CA LEU D 402 3.10 2.13 -54.22
C LEU D 402 3.91 1.75 -52.98
N GLU D 403 5.13 2.31 -52.87
CA GLU D 403 6.01 2.04 -51.74
C GLU D 403 5.48 2.67 -50.47
N LYS D 404 4.56 3.64 -50.60
CA LYS D 404 4.06 4.40 -49.47
C LYS D 404 3.05 3.58 -48.66
N LEU D 405 2.51 2.52 -49.27
CA LEU D 405 1.60 1.61 -48.58
C LEU D 405 2.38 0.65 -47.68
N SER D 406 3.04 1.20 -46.66
CA SER D 406 4.08 0.46 -45.94
C SER D 406 3.54 -0.78 -45.22
N LYS D 407 2.24 -0.79 -44.89
CA LYS D 407 1.67 -1.84 -44.07
C LYS D 407 0.79 -2.79 -44.89
N LEU D 408 0.76 -2.61 -46.22
CA LEU D 408 -0.10 -3.40 -47.10
C LEU D 408 0.15 -4.88 -46.89
N GLN D 409 -0.93 -5.64 -46.68
CA GLN D 409 -0.83 -7.06 -46.34
C GLN D 409 -0.87 -7.93 -47.61
N LYS D 410 -1.39 -7.40 -48.72
CA LYS D 410 -1.43 -8.16 -49.95
C LYS D 410 -1.51 -7.22 -51.15
N LEU D 411 -0.73 -7.52 -52.19
CA LEU D 411 -0.77 -6.79 -53.44
C LEU D 411 -1.07 -7.76 -54.59
N GLU D 412 -2.15 -7.50 -55.32
CA GLU D 412 -2.50 -8.25 -56.51
C GLU D 412 -2.31 -7.36 -57.73
N LEU D 413 -1.41 -7.78 -58.64
CA LEU D 413 -1.23 -7.10 -59.91
C LEU D 413 -1.89 -7.94 -61.01
N ARG D 414 -3.05 -7.50 -61.50
CA ARG D 414 -3.89 -8.30 -62.38
C ARG D 414 -4.05 -7.60 -63.73
N GLN D 415 -3.50 -8.21 -64.79
CA GLN D 415 -3.60 -7.72 -66.17
C GLN D 415 -2.96 -6.34 -66.30
N LEU D 416 -1.88 -6.07 -65.57
CA LEU D 416 -1.16 -4.81 -65.72
C LEU D 416 -0.18 -4.91 -66.88
N SER D 417 -0.69 -4.67 -68.09
CA SER D 417 0.01 -5.02 -69.31
C SER D 417 1.01 -3.94 -69.73
N ASN D 418 0.87 -2.73 -69.17
CA ASN D 418 1.74 -1.63 -69.52
C ASN D 418 2.77 -1.37 -68.41
N VAL D 419 2.76 -2.19 -67.35
CA VAL D 419 3.74 -2.08 -66.29
C VAL D 419 5.01 -2.82 -66.73
N LYS D 420 6.14 -2.09 -66.74
CA LYS D 420 7.37 -2.53 -67.37
C LYS D 420 8.47 -2.82 -66.35
N GLU D 421 8.35 -2.27 -65.13
CA GLU D 421 9.41 -2.44 -64.14
C GLU D 421 8.83 -2.64 -62.75
N ILE D 422 9.32 -3.66 -62.04
CA ILE D 422 9.09 -3.81 -60.61
C ILE D 422 10.46 -3.87 -59.92
N THR D 423 10.76 -2.86 -59.10
CA THR D 423 11.96 -2.82 -58.29
C THR D 423 11.55 -2.94 -56.82
N PRO D 424 12.45 -3.33 -55.88
CA PRO D 424 12.08 -3.40 -54.47
C PRO D 424 11.80 -2.04 -53.82
N GLU D 425 12.29 -0.96 -54.42
CA GLU D 425 12.03 0.38 -53.89
C GLU D 425 10.63 0.85 -54.27
N LEU D 426 9.99 0.18 -55.24
CA LEU D 426 8.64 0.49 -55.66
C LEU D 426 7.61 -0.25 -54.80
N LEU D 427 7.95 -1.48 -54.36
CA LEU D 427 7.05 -2.26 -53.53
C LEU D 427 7.10 -1.76 -52.09
N PRO D 428 6.07 -2.04 -51.27
CA PRO D 428 6.05 -1.58 -49.88
C PRO D 428 6.92 -2.41 -48.93
N GLU D 429 7.30 -1.80 -47.80
CA GLU D 429 8.15 -2.41 -46.79
C GLU D 429 7.60 -3.75 -46.33
N SER D 430 6.29 -3.90 -46.41
CA SER D 430 5.61 -5.07 -45.91
C SER D 430 6.01 -6.33 -46.68
N MET D 431 6.56 -6.15 -47.89
CA MET D 431 6.98 -7.26 -48.72
C MET D 431 8.16 -8.00 -48.09
N LYS D 432 8.89 -7.32 -47.20
CA LYS D 432 10.05 -7.92 -46.54
C LYS D 432 9.61 -8.74 -45.33
N LYS D 433 8.32 -8.64 -44.97
CA LYS D 433 7.78 -9.34 -43.81
C LYS D 433 6.59 -10.20 -44.23
N ASP D 434 6.64 -10.72 -45.47
CA ASP D 434 5.80 -11.81 -45.94
C ASP D 434 4.41 -11.33 -46.37
N ALA D 435 4.26 -10.03 -46.68
CA ALA D 435 3.06 -9.60 -47.39
C ALA D 435 2.90 -10.44 -48.65
N GLU D 436 1.66 -10.72 -49.04
CA GLU D 436 1.38 -11.55 -50.20
C GLU D 436 1.56 -10.75 -51.48
N LEU D 437 2.04 -11.41 -52.53
CA LEU D 437 2.31 -10.78 -53.81
C LEU D 437 1.82 -11.70 -54.93
N VAL D 438 0.73 -11.28 -55.58
CA VAL D 438 0.16 -11.99 -56.71
C VAL D 438 0.39 -11.13 -57.95
N MET D 439 0.79 -11.76 -59.06
CA MET D 439 0.78 -11.06 -60.34
C MET D 439 0.45 -12.02 -61.48
N VAL D 440 -0.52 -11.61 -62.29
CA VAL D 440 -1.03 -12.38 -63.42
C VAL D 440 -1.10 -11.46 -64.64
N GLY D 441 -0.61 -11.95 -65.78
CA GLY D 441 -0.81 -11.28 -67.06
C GLY D 441 0.12 -10.07 -67.23
N MET D 442 1.34 -10.16 -66.70
CA MET D 442 2.26 -9.05 -66.68
C MET D 442 3.05 -9.03 -67.99
N THR D 443 2.34 -8.80 -69.10
CA THR D 443 2.86 -9.10 -70.43
C THR D 443 3.88 -8.06 -70.88
N GLY D 444 3.89 -6.90 -70.22
CA GLY D 444 4.77 -5.80 -70.57
C GLY D 444 6.00 -5.68 -69.68
N LEU D 445 6.01 -6.44 -68.57
CA LEU D 445 7.08 -6.39 -67.59
C LEU D 445 8.38 -6.93 -68.20
N GLU D 446 9.45 -6.11 -68.17
CA GLU D 446 10.75 -6.49 -68.71
C GLU D 446 11.80 -6.64 -67.61
N LYS D 447 11.56 -6.05 -66.43
CA LYS D 447 12.51 -6.13 -65.33
C LYS D 447 11.76 -6.50 -64.05
N LEU D 448 12.10 -7.66 -63.48
CA LEU D 448 11.47 -8.13 -62.25
C LEU D 448 12.52 -8.25 -61.14
N ASN D 449 12.64 -7.21 -60.32
CA ASN D 449 13.60 -7.18 -59.22
C ASN D 449 12.84 -7.31 -57.91
N LEU D 450 13.01 -8.46 -57.24
CA LEU D 450 12.41 -8.71 -55.93
C LEU D 450 13.51 -8.99 -54.91
N SER D 451 14.71 -8.44 -55.13
CA SER D 451 15.87 -8.78 -54.33
C SER D 451 15.77 -8.15 -52.94
N GLY D 452 16.10 -8.96 -51.92
CA GLY D 452 16.20 -8.48 -50.55
C GLY D 452 14.83 -8.22 -49.93
N LEU D 453 13.86 -9.09 -50.22
CA LEU D 453 12.51 -8.97 -49.67
C LEU D 453 12.11 -10.25 -48.93
N ASN D 454 13.09 -11.11 -48.64
CA ASN D 454 12.88 -12.32 -47.84
C ASN D 454 11.71 -13.14 -48.38
N ARG D 455 11.49 -13.12 -49.70
CA ARG D 455 10.39 -13.84 -50.31
C ARG D 455 10.62 -15.33 -50.08
N GLN D 456 9.62 -16.02 -49.53
CA GLN D 456 9.75 -17.43 -49.17
C GLN D 456 9.20 -18.33 -50.29
N THR D 457 8.53 -17.73 -51.27
CA THR D 457 7.95 -18.48 -52.38
C THR D 457 7.73 -17.53 -53.55
N LEU D 458 7.57 -18.10 -54.74
CA LEU D 458 7.27 -17.33 -55.94
C LEU D 458 5.80 -17.58 -56.33
N VAL D 463 4.38 -16.85 -63.99
CA VAL D 463 5.66 -16.75 -64.75
C VAL D 463 5.42 -16.98 -66.24
N ASN D 464 4.30 -17.63 -66.60
CA ASN D 464 4.00 -17.96 -67.98
C ASN D 464 3.54 -16.73 -68.77
N SER D 465 3.06 -15.70 -68.05
CA SER D 465 2.53 -14.51 -68.68
C SER D 465 3.62 -13.45 -68.89
N ILE D 466 4.80 -13.65 -68.27
CA ILE D 466 5.87 -12.67 -68.29
C ILE D 466 6.74 -12.91 -69.53
N THR D 467 6.20 -12.58 -70.70
CA THR D 467 6.76 -13.01 -71.98
C THR D 467 7.70 -11.94 -72.57
N HIS D 468 7.83 -10.79 -71.89
CA HIS D 468 8.68 -9.71 -72.38
C HIS D 468 9.84 -9.48 -71.42
N LEU D 469 10.23 -10.54 -70.68
CA LEU D 469 11.23 -10.40 -69.64
C LEU D 469 12.62 -10.34 -70.26
N THR D 470 13.47 -9.47 -69.70
CA THR D 470 14.84 -9.26 -70.17
C THR D 470 15.83 -9.39 -69.01
N SER D 471 15.40 -9.02 -67.80
CA SER D 471 16.21 -9.18 -66.61
C SER D 471 15.32 -9.51 -65.40
N PHE D 472 15.90 -10.22 -64.43
CA PHE D 472 15.24 -10.42 -63.14
C PHE D 472 16.30 -10.63 -62.08
N ASP D 473 15.95 -10.28 -60.84
CA ASP D 473 16.79 -10.50 -59.68
C ASP D 473 15.89 -10.90 -58.52
N ILE D 474 15.96 -12.18 -58.14
CA ILE D 474 15.23 -12.70 -57.00
C ILE D 474 16.24 -13.16 -55.94
N SER D 475 17.42 -12.52 -55.93
CA SER D 475 18.48 -12.86 -55.00
C SER D 475 18.21 -12.25 -53.63
N HIS D 476 18.92 -12.77 -52.62
CA HIS D 476 18.78 -12.29 -51.24
C HIS D 476 17.31 -12.39 -50.84
N ASN D 477 16.70 -13.54 -51.09
CA ASN D 477 15.37 -13.86 -50.60
C ASN D 477 15.49 -15.10 -49.72
N SER D 478 14.35 -15.73 -49.39
CA SER D 478 14.33 -16.93 -48.57
C SER D 478 13.71 -18.09 -49.35
N LEU D 479 14.12 -18.26 -50.62
CA LEU D 479 13.52 -19.23 -51.53
C LEU D 479 14.21 -20.58 -51.42
N ASP D 480 13.45 -21.64 -51.72
CA ASP D 480 13.96 -22.99 -51.85
C ASP D 480 13.96 -23.37 -53.32
N LEU D 481 15.15 -23.40 -53.94
CA LEU D 481 15.29 -23.67 -55.36
C LEU D 481 15.89 -25.06 -55.59
N SER D 482 15.61 -26.00 -54.68
CA SER D 482 16.12 -27.36 -54.81
C SER D 482 15.42 -28.07 -55.95
N GLU D 483 15.89 -29.29 -56.27
CA GLU D 483 15.51 -29.99 -57.48
C GLU D 483 14.01 -30.15 -57.57
N LYS D 484 13.39 -30.65 -56.49
CA LYS D 484 11.99 -31.06 -56.51
C LYS D 484 11.11 -29.96 -55.92
N SER D 485 11.47 -28.69 -56.18
CA SER D 485 10.70 -27.56 -55.66
C SER D 485 9.94 -26.90 -56.81
N GLU D 486 8.75 -26.38 -56.49
CA GLU D 486 7.95 -25.66 -57.46
C GLU D 486 8.65 -24.35 -57.82
N ASP D 487 9.32 -23.73 -56.82
CA ASP D 487 9.96 -22.43 -57.02
C ASP D 487 11.10 -22.53 -58.02
N ARG D 488 11.77 -23.70 -58.10
CA ARG D 488 12.80 -23.92 -59.11
C ARG D 488 12.16 -23.95 -60.49
N LYS D 489 10.95 -24.55 -60.58
CA LYS D 489 10.28 -24.70 -61.87
C LYS D 489 9.77 -23.34 -62.36
N LEU D 490 9.44 -22.44 -61.42
CA LEU D 490 9.01 -21.09 -61.76
C LEU D 490 10.22 -20.25 -62.17
N LEU D 491 11.36 -20.49 -61.51
CA LEU D 491 12.61 -19.84 -61.87
C LEU D 491 13.02 -20.23 -63.28
N MET D 492 12.83 -21.50 -63.64
CA MET D 492 13.22 -22.03 -64.94
C MET D 492 12.42 -21.33 -66.04
N THR D 493 11.18 -20.96 -65.74
CA THR D 493 10.33 -20.26 -66.69
C THR D 493 10.79 -18.81 -66.84
N LEU D 494 11.15 -18.19 -65.71
CA LEU D 494 11.67 -16.82 -65.69
C LEU D 494 12.95 -16.73 -66.53
N MET D 495 13.76 -17.79 -66.53
CA MET D 495 15.00 -17.83 -67.28
C MET D 495 14.71 -18.08 -68.77
N GLU D 496 13.73 -18.94 -69.06
CA GLU D 496 13.33 -19.21 -70.44
C GLU D 496 12.76 -17.95 -71.07
N GLN D 497 12.04 -17.14 -70.28
CA GLN D 497 11.49 -15.88 -70.75
C GLN D 497 12.62 -14.93 -71.12
N VAL D 498 13.64 -14.86 -70.26
CA VAL D 498 14.79 -13.98 -70.45
C VAL D 498 15.58 -14.45 -71.67
N SER D 499 15.73 -15.77 -71.81
CA SER D 499 16.56 -16.37 -72.85
C SER D 499 15.97 -16.14 -74.24
N ASN D 500 14.68 -15.79 -74.31
CA ASN D 500 14.01 -15.51 -75.56
C ASN D 500 14.46 -14.16 -76.13
N HIS D 501 15.00 -13.27 -75.28
CA HIS D 501 15.37 -11.93 -75.70
C HIS D 501 16.90 -11.74 -75.70
N GLN D 502 17.63 -12.52 -74.88
CA GLN D 502 19.07 -12.34 -74.76
C GLN D 502 19.70 -13.43 -73.90
N LYS D 503 21.04 -13.48 -73.88
CA LYS D 503 21.78 -14.43 -73.07
C LYS D 503 21.44 -14.21 -71.58
N ASN D 508 21.58 -10.72 -65.41
CA ASN D 508 20.13 -10.54 -65.73
C ASN D 508 19.31 -11.74 -65.26
N THR D 509 19.88 -12.63 -64.44
CA THR D 509 19.17 -13.79 -63.92
C THR D 509 19.64 -14.15 -62.51
N ALA D 510 19.66 -13.15 -61.62
CA ALA D 510 20.15 -13.34 -60.27
C ALA D 510 19.12 -14.13 -59.46
N PHE D 511 19.59 -15.22 -58.83
CA PHE D 511 18.75 -16.03 -57.96
C PHE D 511 19.56 -16.61 -56.80
N GLU D 512 20.70 -15.99 -56.48
CA GLU D 512 21.64 -16.55 -55.52
C GLU D 512 21.35 -15.97 -54.13
N ASN D 513 22.11 -16.45 -53.14
CA ASN D 513 22.05 -15.94 -51.78
C ASN D 513 20.66 -16.09 -51.19
N GLN D 514 20.12 -17.31 -51.25
CA GLN D 514 18.85 -17.61 -50.59
C GLN D 514 19.13 -18.12 -49.18
N LYS D 515 18.36 -17.63 -48.20
CA LYS D 515 18.38 -18.17 -46.84
C LYS D 515 17.00 -18.73 -46.50
N PRO D 516 16.60 -19.88 -47.09
CA PRO D 516 15.27 -20.45 -46.87
C PRO D 516 15.00 -20.73 -45.40
N LYS D 517 13.79 -20.40 -44.95
CA LYS D 517 13.41 -20.56 -43.56
C LYS D 517 13.09 -22.03 -43.28
N GLY D 518 13.32 -22.44 -42.03
CA GLY D 518 13.05 -23.79 -41.59
C GLY D 518 11.70 -23.90 -40.87
N TYR D 519 11.04 -25.04 -41.05
CA TYR D 519 9.76 -25.33 -40.42
C TYR D 519 9.80 -26.75 -39.86
N TYR D 520 8.90 -27.05 -38.92
CA TYR D 520 8.74 -28.41 -38.42
C TYR D 520 7.98 -29.20 -39.47
N PRO D 521 8.40 -30.46 -39.77
CA PRO D 521 7.64 -31.32 -40.68
C PRO D 521 6.23 -31.51 -40.15
N GLN D 522 5.27 -31.62 -41.06
CA GLN D 522 3.85 -31.65 -40.72
C GLN D 522 3.46 -33.04 -40.21
N THR D 523 4.07 -34.08 -40.78
CA THR D 523 3.87 -35.45 -40.32
C THR D 523 5.22 -36.17 -40.33
N TYR D 524 5.38 -37.12 -39.40
CA TYR D 524 6.53 -38.01 -39.37
C TYR D 524 6.06 -39.39 -39.84
N ASP D 525 7.00 -40.17 -40.40
CA ASP D 525 6.66 -41.40 -41.11
C ASP D 525 6.36 -42.52 -40.12
N THR D 526 7.32 -42.79 -39.22
CA THR D 526 7.27 -43.93 -38.31
C THR D 526 5.94 -43.96 -37.57
N LYS D 527 5.15 -45.01 -37.82
CA LYS D 527 3.92 -45.25 -37.08
C LYS D 527 4.11 -46.44 -36.13
N GLU D 528 5.15 -47.24 -36.37
CA GLU D 528 5.46 -48.35 -35.48
C GLU D 528 6.98 -48.52 -35.42
N GLY D 529 7.58 -48.01 -34.33
CA GLY D 529 8.99 -48.17 -34.08
C GLY D 529 9.28 -49.47 -33.33
N HIS D 530 10.54 -49.93 -33.41
CA HIS D 530 10.95 -51.16 -32.76
C HIS D 530 12.41 -51.05 -32.32
N TYR D 531 12.68 -51.56 -31.12
CA TYR D 531 14.05 -51.69 -30.61
C TYR D 531 14.24 -53.13 -30.15
N ASP D 532 15.50 -53.59 -30.17
CA ASP D 532 15.85 -54.86 -29.57
C ASP D 532 16.03 -54.65 -28.07
N VAL D 533 16.09 -55.76 -27.33
CA VAL D 533 16.35 -55.72 -25.89
C VAL D 533 17.87 -55.67 -25.71
N ASP D 534 18.45 -54.48 -25.94
CA ASP D 534 19.89 -54.30 -26.06
C ASP D 534 20.48 -53.66 -24.80
N ASN D 535 19.63 -53.33 -23.82
CA ASN D 535 20.04 -52.64 -22.61
C ASN D 535 20.84 -51.36 -22.94
N GLU D 537 20.15 -47.26 -23.82
CA GLU D 537 19.30 -46.04 -23.93
C GLU D 537 19.09 -45.72 -25.41
N HIS D 538 17.82 -45.45 -25.77
CA HIS D 538 17.48 -44.91 -27.08
C HIS D 538 16.70 -43.62 -26.86
N ASP D 539 16.76 -42.72 -27.85
CA ASP D 539 16.07 -41.44 -27.76
C ASP D 539 15.03 -41.34 -28.87
N ILE D 540 13.76 -41.22 -28.45
CA ILE D 540 12.61 -41.33 -29.34
C ILE D 540 12.55 -40.13 -30.28
N LEU D 541 13.03 -38.97 -29.81
CA LEU D 541 13.02 -37.75 -30.61
C LEU D 541 14.06 -37.83 -31.72
N THR D 542 15.29 -38.28 -31.39
CA THR D 542 16.35 -38.32 -32.39
C THR D 542 16.08 -39.41 -33.42
N ASP D 543 15.40 -40.49 -33.00
CA ASP D 543 15.23 -41.68 -33.83
C ASP D 543 14.04 -41.55 -34.77
N PHE D 544 12.96 -40.91 -34.32
CA PHE D 544 11.68 -40.99 -35.02
C PHE D 544 11.06 -39.62 -35.30
N VAL D 545 11.26 -38.65 -34.39
CA VAL D 545 10.64 -37.34 -34.51
C VAL D 545 11.73 -36.28 -34.67
N PHE D 546 12.26 -36.17 -35.89
CA PHE D 546 13.42 -35.35 -36.15
C PHE D 546 13.31 -34.69 -37.52
N GLY D 547 14.02 -33.58 -37.71
CA GLY D 547 14.25 -32.99 -39.02
C GLY D 547 13.59 -31.63 -39.20
N THR D 548 13.98 -30.96 -40.29
CA THR D 548 13.46 -29.65 -40.65
C THR D 548 13.04 -29.66 -42.12
N VAL D 549 12.02 -28.87 -42.45
CA VAL D 549 11.54 -28.78 -43.83
C VAL D 549 11.57 -27.31 -44.25
N THR D 550 11.50 -27.08 -45.57
CA THR D 550 11.43 -25.74 -46.14
C THR D 550 9.95 -25.39 -46.31
N LYS D 551 9.68 -24.24 -46.93
CA LYS D 551 8.32 -23.83 -47.22
C LYS D 551 7.71 -24.76 -48.27
N ARG D 552 8.57 -25.43 -49.05
CA ARG D 552 8.13 -26.37 -50.06
C ARG D 552 8.33 -27.81 -49.61
N ASN D 553 8.51 -28.01 -48.30
CA ASN D 553 8.47 -29.31 -47.67
C ASN D 553 9.66 -30.17 -48.08
N THR D 554 10.81 -29.54 -48.37
CA THR D 554 12.03 -30.27 -48.64
C THR D 554 12.66 -30.67 -47.30
N PHE D 555 12.79 -31.97 -47.07
CA PHE D 555 13.19 -32.49 -45.77
C PHE D 555 14.72 -32.48 -45.66
N ILE D 556 15.22 -31.87 -44.57
CA ILE D 556 16.63 -31.96 -44.21
C ILE D 556 16.74 -32.62 -42.84
N ASP D 558 19.54 -33.63 -41.06
CA ASP D 558 20.75 -33.45 -40.21
C ASP D 558 21.66 -32.39 -40.84
N GLU D 559 22.82 -32.16 -40.20
CA GLU D 559 23.83 -31.23 -40.70
C GLU D 559 24.31 -31.67 -42.08
N GLU D 560 24.50 -32.98 -42.26
CA GLU D 560 25.10 -33.53 -43.46
C GLU D 560 24.18 -33.31 -44.66
N ALA D 561 22.86 -33.43 -44.45
CA ALA D 561 21.88 -33.23 -45.51
C ALA D 561 21.81 -31.75 -45.89
N PHE D 562 22.00 -30.86 -44.91
CA PHE D 562 22.01 -29.43 -45.14
C PHE D 562 23.22 -29.06 -45.99
N ALA D 563 24.36 -29.72 -45.75
CA ALA D 563 25.57 -29.50 -46.53
C ALA D 563 25.30 -29.79 -48.00
N ILE D 564 24.63 -30.91 -48.29
CA ILE D 564 24.33 -31.33 -49.66
C ILE D 564 23.37 -30.31 -50.29
N TYR D 565 22.49 -29.75 -49.45
CA TYR D 565 21.48 -28.78 -49.90
C TYR D 565 22.17 -27.49 -50.31
N LYS D 566 23.22 -27.09 -49.58
CA LYS D 566 23.96 -25.85 -49.84
C LYS D 566 24.75 -25.99 -51.14
N GLU D 567 25.19 -27.22 -51.46
CA GLU D 567 25.99 -27.48 -52.64
C GLU D 567 25.12 -27.45 -53.89
N GLY D 568 23.79 -27.47 -53.73
CA GLY D 568 22.87 -27.45 -54.84
C GLY D 568 23.01 -26.19 -55.68
N ALA D 569 22.70 -26.30 -56.97
CA ALA D 569 22.92 -25.22 -57.92
C ALA D 569 22.05 -25.39 -59.16
N VAL D 570 21.72 -24.26 -59.79
CA VAL D 570 21.01 -24.19 -61.06
C VAL D 570 21.96 -23.64 -62.12
N ASP D 571 22.27 -24.46 -63.13
CA ASP D 571 23.24 -24.11 -64.17
C ASP D 571 24.60 -23.85 -63.53
N GLY D 572 25.00 -24.71 -62.58
CA GLY D 572 26.30 -24.62 -61.93
C GLY D 572 26.48 -23.34 -61.12
N ARG D 573 25.36 -22.75 -60.69
CA ARG D 573 25.35 -21.51 -59.93
C ARG D 573 24.68 -21.76 -58.58
N GLN D 574 25.48 -21.79 -57.51
CA GLN D 574 24.98 -22.12 -56.18
C GLN D 574 24.02 -21.03 -55.70
N TYR D 575 22.81 -21.45 -55.32
CA TYR D 575 21.72 -20.52 -55.08
C TYR D 575 21.60 -20.18 -53.59
N VAL D 576 22.03 -21.10 -52.71
CA VAL D 576 21.99 -20.88 -51.28
C VAL D 576 23.08 -19.87 -50.92
N SER D 577 22.83 -19.06 -49.87
CA SER D 577 23.80 -18.12 -49.35
C SER D 577 24.88 -18.90 -48.59
N LYS D 578 26.15 -18.58 -48.87
CA LYS D 578 27.27 -19.35 -48.37
C LYS D 578 27.39 -19.17 -46.85
N ASP D 579 27.06 -17.97 -46.38
CA ASP D 579 27.25 -17.58 -44.99
C ASP D 579 26.07 -18.04 -44.12
N TYR D 580 25.23 -18.96 -44.62
CA TYR D 580 24.00 -19.36 -43.95
C TYR D 580 24.22 -20.67 -43.20
N THR D 581 24.20 -20.58 -41.87
CA THR D 581 24.56 -21.68 -40.99
C THR D 581 23.38 -22.63 -40.84
N TYR D 582 23.70 -23.91 -40.60
CA TYR D 582 22.71 -24.93 -40.27
C TYR D 582 21.99 -24.54 -38.99
N GLU D 583 22.74 -24.00 -38.01
CA GLU D 583 22.20 -23.63 -36.72
C GLU D 583 21.00 -22.69 -36.89
N ALA D 584 21.05 -21.86 -37.94
CA ALA D 584 19.99 -20.90 -38.21
C ALA D 584 18.77 -21.60 -38.80
N PHE D 585 19.02 -22.47 -39.79
CA PHE D 585 17.98 -23.13 -40.55
C PHE D 585 17.19 -24.11 -39.69
N ARG D 586 17.91 -25.03 -39.04
CA ARG D 586 17.32 -26.15 -38.34
C ARG D 586 16.33 -25.65 -37.29
N LYS D 587 15.33 -26.48 -36.97
CA LYS D 587 14.48 -26.26 -35.81
C LYS D 587 15.11 -26.95 -34.60
N ASP D 588 14.95 -26.35 -33.43
CA ASP D 588 15.71 -26.73 -32.24
C ASP D 588 14.95 -27.78 -31.42
N TYR D 589 13.67 -28.01 -31.75
CA TYR D 589 12.84 -28.98 -31.06
C TYR D 589 12.80 -28.65 -29.57
N LYS D 590 12.62 -27.36 -29.26
CA LYS D 590 12.69 -26.87 -27.89
C LYS D 590 11.32 -27.07 -27.22
N GLY D 591 11.33 -27.63 -26.01
CA GLY D 591 10.11 -27.83 -25.25
C GLY D 591 9.23 -28.94 -25.84
N TYR D 592 9.83 -29.80 -26.67
CA TYR D 592 9.15 -30.99 -27.16
C TYR D 592 9.22 -32.06 -26.08
N LYS D 593 8.06 -32.61 -25.70
CA LYS D 593 7.97 -33.63 -24.67
C LYS D 593 7.41 -34.91 -25.28
N VAL D 594 7.80 -36.05 -24.70
CA VAL D 594 7.38 -37.36 -25.16
C VAL D 594 6.58 -38.03 -24.05
N HIS D 595 5.28 -38.27 -24.29
CA HIS D 595 4.41 -38.91 -23.31
C HIS D 595 4.31 -40.40 -23.63
N LEU D 596 4.69 -41.25 -22.66
CA LEU D 596 4.78 -42.69 -22.85
C LEU D 596 3.77 -43.41 -21.97
N THR D 597 2.83 -44.12 -22.61
CA THR D 597 1.89 -45.01 -21.93
C THR D 597 2.31 -46.45 -22.18
N ALA D 598 2.63 -47.17 -21.09
CA ALA D 598 3.13 -48.54 -21.16
C ALA D 598 1.97 -49.52 -21.36
N SER D 599 2.29 -50.82 -21.24
CA SER D 599 1.29 -51.87 -21.29
C SER D 599 0.45 -51.85 -20.01
N ASN D 600 1.07 -51.46 -18.88
CA ASN D 600 0.34 -51.35 -17.62
C ASN D 600 -0.45 -50.05 -17.56
N LEU D 601 -0.48 -49.30 -18.68
CA LEU D 601 -1.20 -48.04 -18.80
C LEU D 601 -0.58 -46.96 -17.88
N GLY D 602 0.62 -47.23 -17.37
CA GLY D 602 1.36 -46.24 -16.60
C GLY D 602 1.96 -45.19 -17.52
N GLU D 603 1.93 -43.92 -17.10
CA GLU D 603 2.36 -42.82 -17.94
C GLU D 603 3.67 -42.24 -17.38
N THR D 604 4.57 -41.85 -18.30
CA THR D 604 5.79 -41.14 -17.97
C THR D 604 6.05 -40.08 -19.05
N VAL D 605 6.90 -39.10 -18.74
CA VAL D 605 7.30 -38.11 -19.72
C VAL D 605 8.82 -38.13 -19.87
N THR D 606 9.29 -38.75 -20.96
CA THR D 606 10.71 -38.86 -21.25
C THR D 606 10.86 -39.26 -22.72
N SER D 607 11.94 -38.82 -23.36
CA SER D 607 12.27 -39.25 -24.71
C SER D 607 13.17 -40.49 -24.66
N LYS D 608 13.71 -40.81 -23.48
CA LYS D 608 14.60 -41.93 -23.30
C LYS D 608 13.83 -43.19 -22.93
N VAL D 609 14.30 -44.33 -23.44
CA VAL D 609 13.87 -45.64 -22.97
C VAL D 609 15.08 -46.58 -22.98
N THR D 610 15.40 -47.12 -21.80
CA THR D 610 16.44 -48.14 -21.68
C THR D 610 15.78 -49.51 -21.89
N ALA D 611 16.22 -50.21 -22.95
CA ALA D 611 15.54 -51.40 -23.42
C ALA D 611 16.00 -52.63 -22.63
N THR D 612 15.51 -52.76 -21.40
CA THR D 612 15.92 -53.82 -20.51
C THR D 612 15.03 -55.06 -20.71
N THR D 613 13.71 -54.83 -20.89
CA THR D 613 12.73 -55.89 -20.92
C THR D 613 11.81 -55.74 -22.12
N ASP D 614 11.00 -56.77 -22.38
CA ASP D 614 9.99 -56.74 -23.43
C ASP D 614 8.87 -55.80 -23.01
N GLU D 615 8.43 -54.94 -23.93
CA GLU D 615 7.50 -53.88 -23.61
C GLU D 615 6.90 -53.29 -24.89
N THR D 616 5.72 -52.65 -24.72
CA THR D 616 5.11 -51.84 -25.75
C THR D 616 4.63 -50.54 -25.14
N TYR D 617 4.97 -49.41 -25.79
CA TYR D 617 4.52 -48.10 -25.37
C TYR D 617 3.69 -47.46 -26.49
N LEU D 618 2.69 -46.68 -26.09
CA LEU D 618 2.07 -45.69 -26.96
C LEU D 618 2.80 -44.36 -26.75
N VAL D 619 3.16 -43.72 -27.86
CA VAL D 619 4.01 -42.54 -27.83
C VAL D 619 3.21 -41.35 -28.35
N ASP D 620 3.03 -40.33 -27.51
CA ASP D 620 2.42 -39.07 -27.92
C ASP D 620 3.44 -37.95 -27.71
N VAL D 621 3.88 -37.35 -28.82
CA VAL D 621 4.92 -36.33 -28.81
C VAL D 621 4.26 -34.97 -28.91
N SER D 622 4.67 -34.07 -28.01
CA SER D 622 4.03 -32.78 -27.84
C SER D 622 5.06 -31.66 -28.08
N ASP D 623 4.66 -30.65 -28.86
CA ASP D 623 5.52 -29.50 -29.13
C ASP D 623 5.49 -28.55 -27.92
N GLY D 624 4.43 -28.65 -27.10
CA GLY D 624 4.23 -27.77 -25.97
C GLY D 624 2.77 -27.34 -25.84
N GLU D 625 2.09 -27.20 -26.99
CA GLU D 625 0.68 -26.84 -27.02
C GLU D 625 -0.17 -27.95 -27.64
N LYS D 626 0.43 -28.80 -28.51
CA LYS D 626 -0.34 -29.84 -29.18
C LYS D 626 0.55 -31.07 -29.44
N VAL D 627 -0.13 -32.19 -29.65
CA VAL D 627 0.50 -33.44 -30.03
C VAL D 627 0.76 -33.39 -31.54
N VAL D 628 2.00 -33.66 -31.94
CA VAL D 628 2.40 -33.55 -33.34
C VAL D 628 2.57 -34.94 -33.95
N HIS D 629 2.70 -35.97 -33.10
CA HIS D 629 2.93 -37.32 -33.60
C HIS D 629 2.45 -38.33 -32.57
N HIS D 630 1.77 -39.38 -33.06
CA HIS D 630 1.48 -40.57 -32.28
C HIS D 630 2.13 -41.77 -32.97
N MET D 631 2.53 -42.76 -32.17
CA MET D 631 3.03 -44.02 -32.71
C MET D 631 3.11 -45.07 -31.61
N LYS D 632 3.33 -46.32 -32.02
CA LYS D 632 3.58 -47.41 -31.09
C LYS D 632 5.09 -47.69 -31.09
N LEU D 633 5.59 -48.18 -29.95
CA LEU D 633 7.01 -48.51 -29.82
C LEU D 633 7.16 -49.84 -29.08
N ASN D 634 7.50 -50.89 -29.83
CA ASN D 634 7.70 -52.20 -29.25
C ASN D 634 9.18 -52.38 -28.91
N ILE D 635 9.46 -52.64 -27.64
CA ILE D 635 10.77 -53.08 -27.20
C ILE D 635 10.76 -54.60 -27.17
N GLY D 636 11.62 -55.21 -28.00
CA GLY D 636 11.71 -56.66 -28.10
C GLY D 636 10.49 -57.26 -28.79
N SER D 637 10.01 -58.38 -28.25
CA SER D 637 8.81 -59.05 -28.75
C SER D 637 7.57 -58.22 -28.44
N GLY D 638 7.65 -57.39 -27.40
CA GLY D 638 6.57 -56.50 -27.03
C GLY D 638 5.78 -57.02 -25.83
N ALA D 639 4.70 -56.32 -25.48
CA ALA D 639 3.79 -56.75 -24.42
C ALA D 639 2.37 -56.32 -24.78
N ILE D 640 1.40 -57.10 -24.35
CA ILE D 640 0.00 -56.88 -24.74
C ILE D 640 -0.56 -55.76 -23.87
N MET D 641 -1.23 -54.79 -24.51
CA MET D 641 -1.79 -53.65 -23.83
C MET D 641 -2.88 -54.11 -22.86
N MET D 642 -2.74 -53.73 -21.58
CA MET D 642 -3.75 -54.01 -20.58
C MET D 642 -4.90 -53.00 -20.73
N GLU D 643 -6.04 -53.31 -20.11
CA GLU D 643 -7.17 -52.40 -20.00
C GLU D 643 -7.52 -52.19 -18.52
N ASN D 644 -8.05 -51.01 -18.18
CA ASN D 644 -8.61 -50.80 -16.86
C ASN D 644 -9.97 -51.47 -16.78
N LEU D 645 -9.99 -52.65 -16.14
CA LEU D 645 -11.19 -53.48 -16.04
C LEU D 645 -12.17 -52.88 -15.03
N ALA D 646 -11.68 -51.97 -14.18
CA ALA D 646 -12.48 -51.37 -13.13
C ALA D 646 -13.24 -50.14 -13.64
N LYS D 647 -12.95 -49.72 -14.88
CA LYS D 647 -13.55 -48.52 -15.43
C LYS D 647 -15.06 -48.71 -15.58
N GLY D 648 -15.83 -47.81 -14.96
CA GLY D 648 -17.28 -47.89 -15.01
C GLY D 648 -17.83 -49.03 -14.17
N ALA D 649 -17.05 -49.49 -13.18
CA ALA D 649 -17.48 -50.57 -12.31
C ALA D 649 -18.64 -50.12 -11.44
N LYS D 650 -19.54 -51.07 -11.14
CA LYS D 650 -20.72 -50.80 -10.34
C LYS D 650 -20.36 -50.88 -8.85
N VAL D 651 -20.66 -49.81 -8.11
CA VAL D 651 -20.53 -49.82 -6.66
C VAL D 651 -21.70 -50.62 -6.08
N ILE D 652 -21.38 -51.54 -5.17
CA ILE D 652 -22.37 -52.43 -4.57
C ILE D 652 -22.37 -52.27 -3.05
N GLY D 653 -21.48 -51.42 -2.53
CA GLY D 653 -21.41 -51.17 -1.10
C GLY D 653 -20.22 -50.30 -0.74
N THR D 654 -20.35 -49.55 0.36
CA THR D 654 -19.28 -48.69 0.85
C THR D 654 -19.62 -48.19 2.25
N SER D 655 -18.57 -47.92 3.04
CA SER D 655 -18.74 -47.41 4.40
C SER D 655 -19.08 -45.92 4.38
N GLY D 656 -19.00 -45.28 3.21
CA GLY D 656 -19.23 -43.85 3.09
C GLY D 656 -20.36 -43.54 2.11
N ASP D 657 -20.28 -42.36 1.47
CA ASP D 657 -21.31 -41.91 0.56
C ASP D 657 -21.27 -42.77 -0.71
N PHE D 658 -22.43 -43.33 -1.08
CA PHE D 658 -22.54 -44.24 -2.21
C PHE D 658 -22.28 -43.53 -3.51
N GLU D 659 -22.81 -42.30 -3.65
CA GLU D 659 -22.71 -41.54 -4.88
C GLU D 659 -21.25 -41.10 -5.11
N GLN D 660 -20.53 -40.83 -4.03
CA GLN D 660 -19.16 -40.34 -4.12
C GLN D 660 -18.24 -41.48 -4.53
N ALA D 661 -18.56 -42.70 -4.09
CA ALA D 661 -17.75 -43.87 -4.37
C ALA D 661 -17.67 -44.12 -5.88
N LYS D 662 -18.64 -43.60 -6.64
CA LYS D 662 -18.74 -43.86 -8.06
C LYS D 662 -17.68 -43.09 -8.83
N LYS D 663 -17.02 -42.15 -8.15
CA LYS D 663 -16.06 -41.27 -8.80
C LYS D 663 -14.67 -41.88 -8.83
N ILE D 664 -14.52 -43.09 -8.30
CA ILE D 664 -13.26 -43.81 -8.31
C ILE D 664 -13.15 -44.60 -9.62
N PHE D 665 -14.26 -44.68 -10.37
CA PHE D 665 -14.32 -45.53 -11.54
C PHE D 665 -14.83 -44.76 -12.75
N ASP D 666 -14.65 -43.43 -12.74
CA ASP D 666 -14.87 -42.61 -13.92
C ASP D 666 -13.49 -42.50 -14.54
N GLY D 667 -13.30 -41.65 -15.55
CA GLY D 667 -12.00 -41.60 -16.21
C GLY D 667 -11.04 -40.59 -15.57
N GLU D 668 -11.47 -39.89 -14.51
CA GLU D 668 -10.88 -38.59 -14.18
C GLU D 668 -10.21 -38.64 -12.83
N LYS D 669 -9.47 -37.57 -12.52
CA LYS D 669 -8.94 -37.32 -11.19
C LYS D 669 -9.36 -35.92 -10.77
N SER D 670 -10.64 -35.60 -11.03
CA SER D 670 -11.19 -34.27 -10.84
C SER D 670 -12.08 -34.22 -9.60
N ASP D 671 -12.19 -35.35 -8.89
CA ASP D 671 -12.97 -35.44 -7.66
C ASP D 671 -12.43 -36.62 -6.85
N ARG D 672 -12.73 -36.62 -5.55
CA ARG D 672 -12.14 -37.56 -4.63
C ARG D 672 -13.23 -38.27 -3.83
N PHE D 673 -12.85 -39.41 -3.23
CA PHE D 673 -13.67 -40.07 -2.23
C PHE D 673 -12.95 -40.04 -0.88
N PHE D 674 -13.67 -39.64 0.18
CA PHE D 674 -13.18 -39.79 1.53
C PHE D 674 -14.37 -40.00 2.47
N THR D 675 -14.05 -40.22 3.75
CA THR D 675 -15.04 -40.37 4.80
C THR D 675 -14.59 -39.56 6.01
N TRP D 676 -15.49 -39.35 6.97
CA TRP D 676 -15.12 -38.67 8.21
C TRP D 676 -14.38 -39.65 9.13
N GLY D 677 -13.18 -40.05 8.69
CA GLY D 677 -12.40 -41.04 9.41
C GLY D 677 -11.14 -41.42 8.62
N GLN D 678 -10.32 -42.28 9.23
CA GLN D 678 -9.07 -42.71 8.64
C GLN D 678 -9.26 -44.05 7.94
N THR D 679 -10.42 -44.69 8.12
CA THR D 679 -10.69 -45.96 7.46
C THR D 679 -12.00 -45.87 6.65
N ASN D 680 -12.03 -46.60 5.53
CA ASN D 680 -13.22 -46.72 4.71
C ASN D 680 -13.02 -47.90 3.76
N TRP D 681 -14.12 -48.33 3.12
CA TRP D 681 -14.05 -49.36 2.09
C TRP D 681 -15.10 -49.11 1.01
N ILE D 682 -14.80 -49.58 -0.21
CA ILE D 682 -15.73 -49.56 -1.32
C ILE D 682 -15.66 -50.93 -1.99
N ALA D 683 -16.82 -51.58 -2.11
CA ALA D 683 -16.92 -52.86 -2.80
C ALA D 683 -17.56 -52.62 -4.17
N PHE D 684 -17.07 -53.32 -5.19
CA PHE D 684 -17.49 -53.04 -6.55
C PHE D 684 -17.48 -54.30 -7.42
N ASP D 685 -18.13 -54.19 -8.58
CA ASP D 685 -18.50 -55.31 -9.42
C ASP D 685 -18.10 -54.99 -10.86
N LEU D 686 -17.15 -55.77 -11.41
CA LEU D 686 -16.65 -55.54 -12.76
C LEU D 686 -17.61 -56.12 -13.81
N GLY D 687 -18.58 -56.92 -13.36
CA GLY D 687 -19.65 -57.42 -14.22
C GLY D 687 -19.37 -58.81 -14.77
N GLU D 688 -18.09 -59.14 -14.95
CA GLU D 688 -17.65 -60.41 -15.48
C GLU D 688 -16.32 -60.78 -14.83
N ILE D 689 -15.89 -62.04 -14.98
CA ILE D 689 -14.60 -62.46 -14.46
C ILE D 689 -13.56 -62.22 -15.55
N ASN D 690 -12.44 -61.59 -15.18
CA ASN D 690 -11.36 -61.26 -16.09
C ASN D 690 -10.03 -61.37 -15.36
N LEU D 691 -8.94 -61.39 -16.12
CA LEU D 691 -7.61 -61.60 -15.57
C LEU D 691 -7.01 -60.27 -15.14
N ALA D 692 -6.81 -60.12 -13.82
CA ALA D 692 -6.25 -58.92 -13.24
C ALA D 692 -4.77 -59.12 -12.94
N LYS D 693 -3.91 -58.30 -13.57
CA LYS D 693 -2.48 -58.52 -13.52
C LYS D 693 -1.80 -57.48 -12.63
N GLU D 694 -2.31 -56.23 -12.65
CA GLU D 694 -1.85 -55.21 -11.71
C GLU D 694 -3.03 -54.32 -11.32
N TRP D 695 -2.79 -53.42 -10.37
CA TRP D 695 -3.77 -52.41 -9.97
C TRP D 695 -3.04 -51.08 -9.76
N ARG D 696 -3.80 -49.98 -9.82
CA ARG D 696 -3.22 -48.65 -9.65
C ARG D 696 -4.19 -47.75 -8.89
N LEU D 697 -3.68 -47.08 -7.85
CA LEU D 697 -4.45 -46.11 -7.10
C LEU D 697 -3.84 -44.73 -7.30
N PHE D 698 -4.68 -43.77 -7.74
CA PHE D 698 -4.30 -42.37 -7.84
C PHE D 698 -4.71 -41.67 -6.55
N ASN D 699 -3.72 -41.18 -5.80
CA ASN D 699 -3.94 -40.75 -4.42
C ASN D 699 -4.51 -39.33 -4.41
N ALA D 700 -4.59 -38.73 -3.21
CA ALA D 700 -5.31 -37.49 -3.00
C ALA D 700 -4.69 -36.36 -3.82
N GLU D 701 -3.36 -36.33 -3.91
CA GLU D 701 -2.64 -35.22 -4.50
C GLU D 701 -2.73 -35.24 -6.03
N THR D 702 -3.21 -36.36 -6.61
CA THR D 702 -3.39 -36.45 -8.06
C THR D 702 -4.57 -35.61 -8.53
N ASN D 703 -5.29 -35.00 -7.58
CA ASN D 703 -6.49 -34.24 -7.87
C ASN D 703 -6.15 -33.10 -8.82
N THR D 704 -6.87 -33.05 -9.95
CA THR D 704 -6.62 -32.09 -11.02
C THR D 704 -7.59 -30.92 -10.96
N GLU D 705 -8.23 -30.69 -9.80
CA GLU D 705 -9.24 -29.65 -9.70
C GLU D 705 -8.94 -28.75 -8.51
N ILE D 706 -8.59 -29.35 -7.37
CA ILE D 706 -8.09 -28.62 -6.21
C ILE D 706 -6.68 -29.13 -5.91
N LYS D 707 -5.74 -28.18 -5.81
CA LYS D 707 -4.37 -28.50 -5.47
C LYS D 707 -4.35 -29.11 -4.07
N THR D 708 -4.20 -30.44 -4.03
CA THR D 708 -4.34 -31.21 -2.81
C THR D 708 -2.97 -31.62 -2.30
N ASP D 709 -2.71 -31.32 -1.02
CA ASP D 709 -1.45 -31.63 -0.37
C ASP D 709 -1.36 -33.13 -0.12
N SER D 710 -0.13 -33.66 -0.13
CA SER D 710 0.12 -35.09 0.02
C SER D 710 -0.25 -35.59 1.42
N SER D 711 -0.48 -34.66 2.36
CA SER D 711 -0.87 -35.03 3.73
C SER D 711 -2.28 -35.60 3.76
N LEU D 712 -3.02 -35.41 2.65
CA LEU D 712 -4.37 -35.95 2.51
C LEU D 712 -4.35 -37.29 1.80
N ASN D 713 -3.16 -37.86 1.57
CA ASN D 713 -3.03 -39.10 0.83
C ASN D 713 -3.38 -40.30 1.70
N VAL D 714 -3.76 -41.39 1.02
CA VAL D 714 -3.94 -42.70 1.62
C VAL D 714 -2.55 -43.28 1.89
N ALA D 715 -2.27 -43.58 3.17
CA ALA D 715 -0.98 -44.13 3.57
C ALA D 715 -1.00 -45.65 3.44
N LYS D 716 -2.06 -46.27 3.98
CA LYS D 716 -2.17 -47.72 4.03
C LYS D 716 -3.56 -48.15 3.57
N GLY D 717 -3.60 -49.20 2.75
CA GLY D 717 -4.84 -49.82 2.34
C GLY D 717 -4.63 -51.25 1.85
N ARG D 718 -5.73 -51.92 1.50
CA ARG D 718 -5.69 -53.27 0.96
C ARG D 718 -6.71 -53.37 -0.17
N LEU D 719 -6.28 -53.94 -1.30
CA LEU D 719 -7.22 -54.38 -2.32
C LEU D 719 -7.56 -55.84 -2.08
N GLN D 720 -8.83 -56.21 -2.31
CA GLN D 720 -9.35 -57.51 -1.93
C GLN D 720 -10.25 -58.06 -3.03
N ILE D 721 -10.44 -59.39 -3.01
CA ILE D 721 -11.45 -60.06 -3.80
C ILE D 721 -12.35 -60.85 -2.87
N LEU D 722 -13.57 -61.11 -3.32
CA LEU D 722 -14.55 -61.87 -2.54
C LEU D 722 -14.11 -63.33 -2.53
N LYS D 723 -14.37 -64.02 -1.40
CA LYS D 723 -13.95 -65.40 -1.24
C LYS D 723 -14.83 -66.32 -2.08
N ASP D 724 -16.15 -66.27 -1.83
CA ASP D 724 -17.09 -67.14 -2.54
C ASP D 724 -17.09 -66.72 -4.01
N THR D 725 -16.35 -67.47 -4.83
CA THR D 725 -16.10 -67.14 -6.22
C THR D 725 -17.40 -66.98 -7.00
N THR D 726 -18.38 -67.83 -6.69
CA THR D 726 -19.65 -67.86 -7.39
C THR D 726 -20.78 -67.82 -6.36
N ILE D 727 -21.01 -66.62 -5.81
CA ILE D 727 -22.16 -66.36 -4.96
C ILE D 727 -23.05 -65.35 -5.67
N ASP D 728 -24.36 -65.61 -5.58
CA ASP D 728 -25.35 -64.89 -6.37
C ASP D 728 -26.00 -63.83 -5.47
N LEU D 729 -25.39 -62.64 -5.43
CA LEU D 729 -25.77 -61.60 -4.48
C LEU D 729 -27.18 -61.06 -4.75
N GLU D 730 -28.03 -61.20 -3.72
CA GLU D 730 -29.42 -60.76 -3.71
C GLU D 730 -29.64 -59.79 -2.54
N ARG D 737 -26.88 -57.73 2.25
CA ARG D 737 -25.80 -57.40 1.26
C ARG D 737 -24.79 -56.49 1.94
N LYS D 738 -25.28 -55.47 2.65
CA LYS D 738 -24.40 -54.51 3.31
C LYS D 738 -23.62 -55.21 4.42
N GLU D 739 -24.33 -56.00 5.24
CA GLU D 739 -23.74 -56.74 6.34
C GLU D 739 -22.70 -57.72 5.80
N TYR D 740 -22.96 -58.30 4.63
CA TYR D 740 -22.09 -59.28 4.01
C TYR D 740 -20.78 -58.62 3.56
N LEU D 741 -20.90 -57.51 2.83
CA LEU D 741 -19.75 -56.85 2.22
C LEU D 741 -18.92 -56.14 3.28
N SER D 742 -19.56 -55.74 4.38
CA SER D 742 -18.89 -55.07 5.49
C SER D 742 -17.99 -56.03 6.26
N ASN D 743 -18.32 -57.33 6.23
CA ASN D 743 -17.68 -58.32 7.08
C ASN D 743 -16.37 -58.80 6.44
N ASP D 744 -15.26 -58.58 7.16
CA ASP D 744 -13.92 -58.75 6.63
C ASP D 744 -13.62 -60.21 6.29
N GLU D 745 -14.41 -61.14 6.84
CA GLU D 745 -14.14 -62.55 6.73
C GLU D 745 -14.42 -63.06 5.30
N ASN D 746 -15.21 -62.31 4.52
CA ASN D 746 -15.59 -62.74 3.18
C ASN D 746 -14.57 -62.29 2.13
N TRP D 747 -13.53 -61.57 2.55
CA TRP D 747 -12.59 -60.93 1.65
C TRP D 747 -11.20 -61.50 1.83
N THR D 748 -10.51 -61.79 0.71
CA THR D 748 -9.10 -62.17 0.69
C THR D 748 -8.29 -61.03 0.09
N ASP D 749 -7.25 -60.58 0.81
CA ASP D 749 -6.32 -59.60 0.29
C ASP D 749 -5.68 -60.15 -0.98
N VAL D 750 -5.45 -59.27 -1.97
CA VAL D 750 -4.69 -59.63 -3.15
C VAL D 750 -3.55 -58.61 -3.37
N ALA D 751 -3.55 -57.54 -2.58
CA ALA D 751 -2.52 -56.50 -2.68
C ALA D 751 -2.52 -55.65 -1.41
N GLN D 752 -1.34 -55.12 -1.07
CA GLN D 752 -1.17 -54.26 0.09
C GLN D 752 -0.57 -52.93 -0.36
N MET D 753 -1.00 -51.85 0.31
CA MET D 753 -0.40 -50.55 0.10
C MET D 753 0.18 -50.07 1.44
N ASP D 754 1.46 -49.68 1.42
CA ASP D 754 2.18 -49.32 2.63
C ASP D 754 2.92 -47.99 2.47
N ASP D 755 2.66 -47.29 1.36
CA ASP D 755 3.40 -46.08 1.02
C ASP D 755 2.40 -45.02 0.54
N ALA D 756 2.53 -43.79 1.07
CA ALA D 756 1.66 -42.68 0.71
C ALA D 756 2.09 -42.09 -0.63
N LYS D 757 2.26 -42.95 -1.64
CA LYS D 757 2.72 -42.51 -2.95
C LYS D 757 1.59 -41.75 -3.65
N ALA D 758 1.96 -40.79 -4.50
CA ALA D 758 1.01 -40.07 -5.32
C ALA D 758 0.25 -41.03 -6.22
N ILE D 759 0.99 -42.00 -6.80
CA ILE D 759 0.39 -43.08 -7.56
C ILE D 759 1.01 -44.39 -7.09
N PHE D 760 0.17 -45.37 -6.76
CA PHE D 760 0.62 -46.65 -6.25
C PHE D 760 0.23 -47.75 -7.24
N ASN D 761 1.24 -48.48 -7.73
CA ASN D 761 1.03 -49.59 -8.65
C ASN D 761 1.80 -50.80 -8.13
N SER D 762 1.13 -51.96 -8.13
CA SER D 762 1.77 -53.24 -7.82
C SER D 762 1.10 -54.34 -8.64
N LYS D 763 1.71 -55.53 -8.63
CA LYS D 763 1.25 -56.63 -9.46
C LYS D 763 0.34 -57.54 -8.64
N LEU D 764 -0.53 -58.27 -9.36
CA LEU D 764 -1.46 -59.22 -8.77
C LEU D 764 -1.14 -60.61 -9.33
N SER D 765 -1.43 -61.65 -8.54
CA SER D 765 -1.16 -63.03 -8.92
C SER D 765 -2.24 -63.56 -9.85
N ASN D 766 -2.34 -62.96 -11.06
CA ASN D 766 -3.28 -63.39 -12.08
C ASN D 766 -4.64 -63.68 -11.46
N VAL D 767 -5.25 -62.62 -10.91
CA VAL D 767 -6.46 -62.74 -10.11
C VAL D 767 -7.68 -62.77 -11.04
N LEU D 768 -8.49 -63.82 -10.89
CA LEU D 768 -9.78 -63.89 -11.56
C LEU D 768 -10.87 -63.67 -10.53
N SER D 769 -11.55 -62.52 -10.63
CA SER D 769 -12.57 -62.13 -9.66
C SER D 769 -13.52 -61.10 -10.27
N ARG D 770 -14.81 -61.30 -10.03
CA ARG D 770 -15.83 -60.34 -10.42
C ARG D 770 -15.97 -59.23 -9.37
N TYR D 771 -16.03 -59.64 -8.10
CA TYR D 771 -16.28 -58.71 -7.00
C TYR D 771 -14.96 -58.35 -6.33
N TRP D 772 -14.81 -57.04 -6.02
CA TRP D 772 -13.61 -56.52 -5.40
C TRP D 772 -13.98 -55.58 -4.26
N ARG D 773 -13.02 -55.32 -3.37
CA ARG D 773 -13.15 -54.29 -2.35
C ARG D 773 -11.80 -53.63 -2.12
N PHE D 774 -11.79 -52.31 -1.97
CA PHE D 774 -10.59 -51.59 -1.58
C PHE D 774 -10.83 -50.91 -0.24
N CYS D 775 -10.03 -51.30 0.77
CA CYS D 775 -10.11 -50.71 2.10
C CYS D 775 -9.00 -49.69 2.28
N VAL D 776 -9.36 -48.51 2.82
CA VAL D 776 -8.37 -47.55 3.29
C VAL D 776 -8.13 -47.82 4.76
N ASP D 777 -6.88 -48.12 5.12
CA ASP D 777 -6.52 -48.53 6.47
C ASP D 777 -6.02 -47.33 7.28
N GLY D 778 -5.43 -46.34 6.60
CA GLY D 778 -4.97 -45.15 7.30
C GLY D 778 -4.50 -44.07 6.34
N GLY D 779 -4.41 -42.84 6.86
CA GLY D 779 -4.00 -41.69 6.07
C GLY D 779 -2.55 -41.32 6.34
N ALA D 780 -2.05 -40.31 5.62
CA ALA D 780 -0.69 -39.81 5.81
C ALA D 780 -0.65 -38.77 6.93
N SER D 781 -1.82 -38.35 7.42
CA SER D 781 -1.92 -37.43 8.55
C SER D 781 -3.28 -37.62 9.23
N SER D 782 -3.59 -36.73 10.18
CA SER D 782 -4.89 -36.75 10.85
C SER D 782 -6.01 -36.34 9.91
N TYR D 783 -5.67 -35.56 8.86
CA TYR D 783 -6.62 -35.22 7.82
C TYR D 783 -7.13 -36.50 7.16
N TYR D 784 -8.44 -36.55 6.91
CA TYR D 784 -9.08 -37.76 6.42
C TYR D 784 -8.62 -38.02 4.99
N PRO D 785 -8.05 -39.21 4.71
CA PRO D 785 -7.44 -39.50 3.42
C PRO D 785 -8.42 -39.53 2.25
N GLN D 786 -7.91 -39.11 1.08
CA GLN D 786 -8.68 -39.05 -0.14
C GLN D 786 -7.98 -39.84 -1.23
N TYR D 787 -8.74 -40.28 -2.22
CA TYR D 787 -8.17 -40.79 -3.45
C TYR D 787 -9.19 -40.58 -4.57
N THR D 788 -8.72 -40.66 -5.81
CA THR D 788 -9.40 -40.06 -6.94
C THR D 788 -9.77 -41.10 -7.99
N GLU D 789 -9.02 -42.21 -8.06
CA GLU D 789 -9.22 -43.18 -9.11
C GLU D 789 -8.58 -44.52 -8.73
N LEU D 790 -9.26 -45.61 -9.08
CA LEU D 790 -8.76 -46.96 -8.82
C LEU D 790 -8.86 -47.77 -10.10
N GLN D 791 -7.72 -48.37 -10.50
CA GLN D 791 -7.65 -49.18 -11.71
C GLN D 791 -7.35 -50.62 -11.34
N ILE D 792 -8.05 -51.54 -12.04
CA ILE D 792 -7.72 -52.95 -12.04
C ILE D 792 -7.31 -53.31 -13.46
N LEU D 793 -6.04 -53.67 -13.63
CA LEU D 793 -5.40 -53.69 -14.94
C LEU D 793 -5.14 -55.13 -15.37
N GLY D 794 -5.60 -55.50 -16.57
CA GLY D 794 -5.38 -56.84 -17.09
C GLY D 794 -6.02 -57.05 -18.46
N GLN D 795 -6.13 -58.32 -18.86
CA GLN D 795 -6.70 -58.71 -20.14
C GLN D 795 -8.17 -59.08 -19.96
N ARG D 796 -8.99 -58.80 -20.99
CA ARG D 796 -10.43 -58.94 -20.88
C ARG D 796 -10.81 -60.42 -21.06
N THR E 10 26.91 39.75 6.43
CA THR E 10 28.03 39.96 5.48
C THR E 10 27.73 39.27 4.16
N ASP E 11 28.25 39.82 3.06
CA ASP E 11 27.91 39.31 1.74
C ASP E 11 28.48 37.90 1.54
N GLN E 12 29.52 37.55 2.31
CA GLN E 12 30.16 36.24 2.21
C GLN E 12 29.57 35.27 3.23
N GLN E 13 28.97 35.79 4.32
CA GLN E 13 28.32 34.95 5.31
C GLN E 13 26.89 34.62 4.88
N VAL E 14 26.31 35.46 4.01
CA VAL E 14 25.03 35.19 3.38
C VAL E 14 25.25 34.11 2.32
N GLY E 15 26.24 34.34 1.45
CA GLY E 15 26.54 33.43 0.35
C GLY E 15 26.77 32.00 0.83
N ALA E 16 27.44 31.89 1.98
CA ALA E 16 27.78 30.59 2.55
C ALA E 16 26.53 29.82 2.94
N LYS E 17 25.49 30.55 3.40
CA LYS E 17 24.26 29.94 3.85
C LYS E 17 23.41 29.50 2.66
N LEU E 18 23.48 30.25 1.55
CA LEU E 18 22.81 29.87 0.32
C LEU E 18 23.40 28.55 -0.16
N VAL E 19 24.73 28.54 -0.32
CA VAL E 19 25.43 27.39 -0.86
C VAL E 19 25.13 26.16 0.00
N GLN E 20 25.19 26.33 1.33
CA GLN E 20 25.01 25.21 2.24
C GLN E 20 23.61 24.61 2.06
N GLU E 21 22.58 25.47 2.04
CA GLU E 21 21.21 24.98 2.02
C GLU E 21 20.85 24.52 0.62
N ILE E 22 21.56 25.01 -0.41
CA ILE E 22 21.40 24.51 -1.76
C ILE E 22 21.99 23.10 -1.85
N ARG E 23 23.17 22.92 -1.24
CA ARG E 23 23.91 21.67 -1.30
C ARG E 23 23.16 20.57 -0.52
N GLU E 24 22.52 20.95 0.59
CA GLU E 24 21.80 20.01 1.42
C GLU E 24 20.38 19.79 0.87
N GLY E 25 20.04 20.49 -0.21
CA GLY E 25 18.85 20.18 -1.00
C GLY E 25 17.57 20.68 -0.32
N LYS E 26 17.67 21.80 0.40
CA LYS E 26 16.57 22.33 1.17
C LYS E 26 15.74 23.32 0.34
N ARG E 27 16.06 23.47 -0.96
CA ARG E 27 15.28 24.36 -1.83
C ARG E 27 14.19 23.57 -2.55
N GLY E 28 14.13 22.25 -2.32
CA GLY E 28 13.38 21.38 -3.22
C GLY E 28 14.03 21.39 -4.60
N PRO E 29 13.28 21.12 -5.70
CA PRO E 29 13.87 21.09 -7.04
C PRO E 29 14.36 22.47 -7.46
N LEU E 30 15.52 22.52 -8.13
CA LEU E 30 16.20 23.76 -8.42
C LEU E 30 15.85 24.25 -9.82
N TYR E 31 15.80 25.58 -9.99
CA TYR E 31 15.82 26.19 -11.31
C TYR E 31 17.08 27.06 -11.41
N ALA E 32 17.75 27.02 -12.57
CA ALA E 32 18.95 27.79 -12.79
C ALA E 32 18.94 28.39 -14.19
N GLY E 33 19.82 29.39 -14.42
CA GLY E 33 19.87 30.07 -15.70
C GLY E 33 21.25 30.65 -15.99
N TYR E 34 21.71 30.45 -17.23
CA TYR E 34 22.90 31.12 -17.75
C TYR E 34 22.50 32.49 -18.25
N PHE E 35 22.96 33.55 -17.55
CA PHE E 35 22.81 34.91 -18.03
C PHE E 35 24.04 35.26 -18.86
N ARG E 36 23.81 35.78 -20.07
CA ARG E 36 24.87 36.14 -20.97
C ARG E 36 25.35 37.55 -20.60
N THR E 37 26.64 37.67 -20.23
CA THR E 37 27.16 38.91 -19.66
C THR E 37 26.88 40.10 -20.58
N TRP E 38 26.97 39.87 -21.89
CA TRP E 38 26.87 40.94 -22.87
C TRP E 38 25.42 41.40 -23.06
N HIS E 39 24.49 40.85 -22.25
CA HIS E 39 23.12 41.35 -22.20
C HIS E 39 22.80 41.97 -20.83
N ASP E 40 23.84 42.36 -20.09
CA ASP E 40 23.64 43.18 -18.90
C ASP E 40 23.95 44.63 -19.28
N ARG E 41 23.21 45.56 -18.68
CA ARG E 41 23.30 46.97 -19.00
C ARG E 41 24.70 47.51 -18.69
N ALA E 42 25.38 46.89 -17.71
CA ALA E 42 26.68 47.35 -17.27
C ALA E 42 27.78 46.91 -18.25
N SER E 43 27.46 45.93 -19.11
CA SER E 43 28.45 45.33 -20.00
C SER E 43 28.88 46.33 -21.07
N THR E 44 30.17 46.28 -21.42
CA THR E 44 30.74 47.06 -22.50
C THR E 44 31.63 46.17 -23.36
N GLY E 45 31.68 46.46 -24.66
CA GLY E 45 32.48 45.70 -25.62
C GLY E 45 33.94 46.13 -25.61
N ILE E 46 34.69 45.62 -26.58
CA ILE E 46 36.13 45.83 -26.68
C ILE E 46 36.41 47.31 -26.96
N ASP E 47 35.51 47.98 -27.68
CA ASP E 47 35.64 49.40 -27.99
C ASP E 47 35.31 50.27 -26.78
N GLY E 48 34.57 49.71 -25.81
CA GLY E 48 34.23 50.42 -24.59
C GLY E 48 32.81 51.01 -24.61
N LYS E 49 31.95 50.52 -25.51
CA LYS E 49 30.58 50.97 -25.64
C LYS E 49 29.61 49.91 -25.09
N GLN E 50 28.46 50.38 -24.57
CA GLN E 50 27.38 49.53 -24.09
C GLN E 50 26.86 48.69 -25.25
N GLN E 51 26.42 47.46 -24.94
CA GLN E 51 26.02 46.50 -25.96
C GLN E 51 24.50 46.38 -25.99
N HIS E 52 23.89 46.23 -24.81
CA HIS E 52 22.44 46.07 -24.69
C HIS E 52 21.96 46.69 -23.38
N PRO E 53 21.15 47.77 -23.40
CA PRO E 53 20.64 48.39 -22.17
C PRO E 53 19.39 47.76 -21.56
N GLU E 54 18.77 46.82 -22.28
CA GLU E 54 17.41 46.40 -22.02
C GLU E 54 17.29 45.65 -20.68
N ASN E 55 18.34 44.93 -20.27
CA ASN E 55 18.21 43.98 -19.17
C ASN E 55 19.38 44.08 -18.20
N THR E 56 19.17 43.52 -17.00
CA THR E 56 20.20 43.44 -15.98
C THR E 56 20.04 42.16 -15.15
N MET E 57 21.15 41.73 -14.57
CA MET E 57 21.19 40.53 -13.74
C MET E 57 20.42 40.74 -12.45
N ALA E 58 20.29 42.00 -12.01
CA ALA E 58 19.70 42.32 -10.71
C ALA E 58 18.21 41.99 -10.70
N GLU E 59 17.58 41.96 -11.88
CA GLU E 59 16.15 41.74 -11.98
C GLU E 59 15.78 40.25 -11.97
N VAL E 60 16.80 39.37 -11.98
CA VAL E 60 16.54 37.94 -11.92
C VAL E 60 15.80 37.65 -10.61
N PRO E 61 14.64 36.96 -10.66
CA PRO E 61 13.79 36.76 -9.47
C PRO E 61 14.24 35.61 -8.58
N LYS E 62 13.55 35.46 -7.44
CA LYS E 62 13.93 34.53 -6.38
C LYS E 62 13.69 33.09 -6.82
N GLU E 63 12.86 32.87 -7.84
CA GLU E 63 12.60 31.54 -8.38
C GLU E 63 13.84 30.96 -9.07
N VAL E 64 14.79 31.82 -9.44
CA VAL E 64 16.07 31.37 -9.95
C VAL E 64 17.01 31.15 -8.75
N ASP E 65 17.29 29.88 -8.46
CA ASP E 65 18.09 29.49 -7.30
C ASP E 65 19.57 29.77 -7.57
N ILE E 66 20.00 29.53 -8.82
CA ILE E 66 21.40 29.70 -9.22
C ILE E 66 21.44 30.46 -10.55
N LEU E 67 22.22 31.54 -10.58
CA LEU E 67 22.47 32.27 -11.81
C LEU E 67 23.93 32.09 -12.21
N PHE E 68 24.16 31.52 -13.41
CA PHE E 68 25.48 31.33 -13.95
C PHE E 68 25.89 32.55 -14.77
N VAL E 69 27.06 33.13 -14.46
CA VAL E 69 27.62 34.22 -15.21
C VAL E 69 28.34 33.63 -16.42
N PHE E 70 27.76 33.82 -17.61
CA PHE E 70 28.29 33.26 -18.84
C PHE E 70 28.95 34.36 -19.66
N HIS E 71 30.28 34.31 -19.75
CA HIS E 71 31.06 35.43 -20.26
C HIS E 71 31.51 35.19 -21.69
N ASP E 72 31.18 36.18 -22.55
CA ASP E 72 31.86 36.42 -23.82
C ASP E 72 31.52 37.85 -24.25
N HIS E 73 32.37 38.44 -25.11
CA HIS E 73 32.11 39.73 -25.74
C HIS E 73 32.33 40.88 -24.76
N THR E 74 31.90 40.69 -23.49
CA THR E 74 32.16 41.68 -22.46
C THR E 74 33.67 41.78 -22.26
N ALA E 75 34.20 42.99 -22.49
CA ALA E 75 35.64 43.23 -22.38
C ALA E 75 36.05 43.11 -20.91
N SER E 76 37.31 42.73 -20.69
CA SER E 76 37.79 42.35 -19.37
C SER E 76 38.08 43.56 -18.48
N ASP E 77 38.04 44.77 -19.04
CA ASP E 77 38.22 45.99 -18.26
C ASP E 77 36.87 46.71 -18.09
N SER E 78 35.77 46.03 -18.48
CA SER E 78 34.44 46.60 -18.43
C SER E 78 34.04 46.94 -16.99
N PRO E 79 33.20 47.99 -16.79
CA PRO E 79 32.63 48.24 -15.46
C PRO E 79 31.65 47.17 -14.98
N PHE E 80 31.25 46.28 -15.90
CA PHE E 80 30.36 45.18 -15.59
C PHE E 80 30.87 44.40 -14.36
N TRP E 81 32.16 44.09 -14.36
CA TRP E 81 32.74 43.18 -13.38
C TRP E 81 32.63 43.74 -11.97
N SER E 82 32.74 45.08 -11.84
CA SER E 82 32.58 45.75 -10.56
C SER E 82 31.11 45.72 -10.14
N GLU E 83 30.22 45.90 -11.11
CA GLU E 83 28.78 45.90 -10.87
C GLU E 83 28.34 44.52 -10.38
N LEU E 84 28.91 43.48 -10.98
CA LEU E 84 28.62 42.11 -10.58
C LEU E 84 29.08 41.88 -9.14
N LYS E 85 30.28 42.35 -8.82
CA LYS E 85 30.90 42.11 -7.53
C LYS E 85 30.23 42.97 -6.45
N ASP E 86 30.08 44.26 -6.74
CA ASP E 86 29.74 45.25 -5.71
C ASP E 86 28.22 45.44 -5.61
N SER E 87 27.46 45.10 -6.66
CA SER E 87 26.05 45.46 -6.72
C SER E 87 25.16 44.23 -6.82
N TYR E 88 25.32 43.44 -7.88
CA TYR E 88 24.38 42.38 -8.24
C TYR E 88 24.37 41.27 -7.19
N VAL E 89 25.56 40.84 -6.77
CA VAL E 89 25.68 39.74 -5.83
C VAL E 89 24.91 40.06 -4.55
N HIS E 90 25.10 41.28 -4.02
CA HIS E 90 24.42 41.67 -2.79
C HIS E 90 22.92 41.61 -3.00
N LYS E 91 22.44 42.13 -4.15
CA LYS E 91 21.02 42.21 -4.45
C LYS E 91 20.42 40.81 -4.57
N LEU E 92 21.14 39.94 -5.28
CA LEU E 92 20.67 38.59 -5.56
C LEU E 92 20.73 37.72 -4.29
N HIS E 93 21.73 37.98 -3.43
CA HIS E 93 21.90 37.19 -2.22
C HIS E 93 20.74 37.43 -1.25
N GLN E 94 20.13 38.61 -1.31
CA GLN E 94 19.09 38.98 -0.38
C GLN E 94 17.83 38.14 -0.60
N GLN E 95 17.63 37.68 -1.84
CA GLN E 95 16.48 36.84 -2.17
C GLN E 95 16.85 35.37 -2.05
N GLY E 96 18.14 35.06 -2.09
CA GLY E 96 18.63 33.70 -1.98
C GLY E 96 18.94 33.09 -3.34
N THR E 97 19.61 33.88 -4.19
CA THR E 97 20.12 33.41 -5.47
C THR E 97 21.64 33.42 -5.41
N ALA E 98 22.27 32.31 -5.80
CA ALA E 98 23.72 32.24 -5.82
C ALA E 98 24.24 32.60 -7.22
N LEU E 99 25.41 33.25 -7.27
CA LEU E 99 26.12 33.52 -8.51
C LEU E 99 27.18 32.43 -8.70
N VAL E 100 27.32 31.93 -9.93
CA VAL E 100 28.37 30.98 -10.25
C VAL E 100 29.03 31.42 -11.56
N GLN E 101 30.37 31.47 -11.56
CA GLN E 101 31.12 31.88 -12.73
C GLN E 101 31.37 30.67 -13.63
N THR E 102 30.99 30.78 -14.91
CA THR E 102 31.24 29.74 -15.88
C THR E 102 32.53 30.06 -16.65
N ILE E 103 33.46 29.09 -16.67
CA ILE E 103 34.67 29.19 -17.50
C ILE E 103 34.76 27.93 -18.36
N GLY E 104 35.48 28.03 -19.48
CA GLY E 104 35.69 26.92 -20.39
C GLY E 104 36.81 25.99 -19.91
N VAL E 105 36.85 24.79 -20.50
CA VAL E 105 37.80 23.77 -20.08
C VAL E 105 39.20 24.16 -20.55
N ASN E 106 39.27 24.89 -21.67
CA ASN E 106 40.54 25.31 -22.23
C ASN E 106 41.26 26.25 -21.28
N GLU E 107 40.60 26.67 -20.19
CA GLU E 107 41.26 27.50 -19.19
C GLU E 107 42.20 26.65 -18.34
N LEU E 108 41.98 25.32 -18.34
CA LEU E 108 42.73 24.41 -17.47
C LEU E 108 43.76 23.61 -18.26
N ASN E 109 43.48 23.33 -19.53
CA ASN E 109 44.16 22.26 -20.25
C ASN E 109 45.40 22.79 -20.97
N GLY E 110 45.64 24.11 -20.91
CA GLY E 110 46.82 24.71 -21.51
C GLY E 110 46.50 25.51 -22.77
N ARG E 111 45.30 25.34 -23.33
CA ARG E 111 44.95 25.92 -24.62
C ARG E 111 44.80 27.44 -24.54
N THR E 112 44.31 27.98 -23.41
CA THR E 112 44.12 29.42 -23.28
C THR E 112 44.35 29.84 -21.84
N GLY E 113 44.27 31.16 -21.59
CA GLY E 113 44.14 31.69 -20.25
C GLY E 113 45.39 31.48 -19.40
N LEU E 114 45.16 31.26 -18.09
CA LEU E 114 46.24 31.17 -17.11
C LEU E 114 46.98 29.83 -17.21
N SER E 115 46.45 28.87 -17.98
CA SER E 115 47.07 27.56 -18.09
C SER E 115 48.33 27.61 -18.97
N LYS E 116 48.43 28.67 -19.79
CA LYS E 116 49.60 28.95 -20.60
C LYS E 116 50.76 29.45 -19.74
N ASP E 117 50.46 29.88 -18.51
CA ASP E 117 51.42 30.56 -17.66
C ASP E 117 51.98 29.63 -16.58
N TYR E 118 51.50 28.39 -16.51
CA TYR E 118 51.94 27.46 -15.48
C TYR E 118 52.34 26.13 -16.14
N PRO E 119 53.40 25.46 -15.62
CA PRO E 119 53.85 24.19 -16.20
C PRO E 119 52.88 23.06 -15.85
N ASP E 120 52.79 22.07 -16.74
CA ASP E 120 51.95 20.91 -16.57
C ASP E 120 52.68 19.93 -15.66
N THR E 121 52.72 20.27 -14.36
CA THR E 121 53.40 19.47 -13.36
C THR E 121 52.52 19.38 -12.11
N PRO E 122 52.73 18.38 -11.22
CA PRO E 122 51.99 18.28 -9.97
C PRO E 122 51.88 19.60 -9.19
N GLU E 123 52.99 20.34 -9.12
CA GLU E 123 53.01 21.57 -8.36
C GLU E 123 52.47 22.71 -9.22
N GLY E 124 52.80 22.69 -10.52
CA GLY E 124 52.37 23.73 -11.43
C GLY E 124 50.86 23.75 -11.62
N ASN E 125 50.25 22.57 -11.71
CA ASN E 125 48.82 22.43 -11.90
C ASN E 125 48.08 22.83 -10.63
N LYS E 126 48.72 22.66 -9.47
CA LYS E 126 48.12 23.04 -8.22
C LYS E 126 48.07 24.56 -8.11
N ALA E 127 49.19 25.21 -8.45
CA ALA E 127 49.31 26.65 -8.35
C ALA E 127 48.40 27.33 -9.38
N LEU E 128 48.22 26.68 -10.53
CA LEU E 128 47.29 27.15 -11.55
C LEU E 128 45.86 27.12 -11.01
N ALA E 129 45.48 25.99 -10.39
CA ALA E 129 44.14 25.82 -9.86
C ALA E 129 43.81 26.98 -8.93
N ALA E 130 44.76 27.35 -8.07
CA ALA E 130 44.54 28.41 -7.09
C ALA E 130 44.45 29.75 -7.78
N ALA E 131 45.16 29.90 -8.91
CA ALA E 131 45.12 31.12 -9.71
C ALA E 131 43.76 31.27 -10.38
N ILE E 132 43.13 30.14 -10.73
CA ILE E 132 41.84 30.11 -11.40
C ILE E 132 40.73 30.45 -10.40
N VAL E 133 40.85 29.94 -9.17
CA VAL E 133 39.86 30.20 -8.15
C VAL E 133 39.88 31.70 -7.83
N LYS E 134 41.07 32.30 -7.78
CA LYS E 134 41.18 33.71 -7.41
C LYS E 134 40.65 34.58 -8.54
N ALA E 135 41.03 34.25 -9.77
CA ALA E 135 40.68 35.05 -10.93
C ALA E 135 39.16 35.06 -11.15
N PHE E 136 38.55 33.86 -11.10
CA PHE E 136 37.19 33.66 -11.59
C PHE E 136 36.17 33.52 -10.47
N VAL E 137 36.62 33.32 -9.23
CA VAL E 137 35.69 33.20 -8.11
C VAL E 137 35.91 34.36 -7.14
N THR E 138 37.09 34.41 -6.51
CA THR E 138 37.36 35.35 -5.44
C THR E 138 37.26 36.79 -5.94
N ASP E 139 37.91 37.07 -7.07
CA ASP E 139 38.02 38.44 -7.56
C ASP E 139 36.70 38.91 -8.18
N ARG E 140 35.87 37.98 -8.67
CA ARG E 140 34.61 38.32 -9.32
C ARG E 140 33.48 38.43 -8.30
N GLY E 141 33.68 37.87 -7.11
CA GLY E 141 32.80 38.08 -5.97
C GLY E 141 31.62 37.10 -5.96
N VAL E 142 31.77 35.98 -6.66
CA VAL E 142 30.66 35.06 -6.88
C VAL E 142 30.80 33.89 -5.92
N ASP E 143 29.87 32.92 -6.02
CA ASP E 143 29.69 31.90 -5.01
C ASP E 143 30.15 30.53 -5.51
N GLY E 144 30.75 30.45 -6.69
CA GLY E 144 31.22 29.16 -7.18
C GLY E 144 31.78 29.22 -8.58
N LEU E 145 32.22 28.05 -9.07
CA LEU E 145 32.84 27.90 -10.37
C LEU E 145 32.15 26.78 -11.14
N ASP E 146 31.89 27.01 -12.43
CA ASP E 146 31.28 26.03 -13.30
C ASP E 146 32.16 25.86 -14.54
N ILE E 147 32.76 24.67 -14.67
CA ILE E 147 33.67 24.37 -15.77
C ILE E 147 32.84 23.75 -16.89
N ALA E 148 33.03 24.27 -18.12
CA ALA E 148 32.28 23.79 -19.27
C ALA E 148 33.16 22.91 -20.14
N ILE E 149 32.82 21.61 -20.17
CA ILE E 149 33.58 20.61 -20.90
C ILE E 149 32.69 20.09 -22.02
N LEU E 150 32.84 20.68 -23.22
CA LEU E 150 31.90 20.46 -24.31
C LEU E 150 32.54 19.60 -25.41
N HIS E 151 31.68 19.12 -26.31
CA HIS E 151 32.09 18.31 -27.43
C HIS E 151 32.81 19.19 -28.44
N GLU E 152 34.04 18.81 -28.80
CA GLU E 152 34.83 19.52 -29.79
C GLU E 152 34.68 18.81 -31.14
N PHE E 153 34.32 19.57 -32.18
CA PHE E 153 34.02 18.99 -33.48
C PHE E 153 35.26 18.99 -34.36
N THR E 154 36.03 20.09 -34.33
CA THR E 154 37.15 20.29 -35.23
C THR E 154 38.46 19.87 -34.53
N ASN E 155 38.94 20.69 -33.60
CA ASN E 155 40.24 20.47 -32.99
C ASN E 155 40.08 19.71 -31.68
N LYS E 156 39.72 18.41 -31.78
CA LYS E 156 39.44 17.58 -30.61
C LYS E 156 40.66 17.57 -29.67
N ARG E 157 40.38 17.48 -28.36
CA ARG E 157 41.40 17.65 -27.33
C ARG E 157 42.24 16.38 -27.18
N THR E 158 43.55 16.58 -27.05
CA THR E 158 44.49 15.48 -26.90
C THR E 158 44.28 14.82 -25.53
N PRO E 159 44.39 13.48 -25.42
CA PRO E 159 44.41 12.81 -24.12
C PRO E 159 45.28 13.47 -23.05
N GLU E 160 46.38 14.10 -23.47
CA GLU E 160 47.28 14.80 -22.56
C GLU E 160 46.61 16.06 -22.01
N GLU E 161 45.77 16.70 -22.84
CA GLU E 161 45.07 17.92 -22.48
C GLU E 161 43.97 17.61 -21.47
N ASP E 162 43.15 16.59 -21.75
CA ASP E 162 42.06 16.21 -20.88
C ASP E 162 42.60 15.70 -19.55
N ALA E 163 43.73 14.98 -19.59
CA ALA E 163 44.33 14.46 -18.38
C ALA E 163 44.80 15.60 -17.48
N ARG E 164 45.32 16.67 -18.09
CA ARG E 164 45.74 17.83 -17.33
C ARG E 164 44.52 18.53 -16.74
N ALA E 165 43.51 18.77 -17.59
CA ALA E 165 42.28 19.42 -17.18
C ALA E 165 41.77 18.79 -15.89
N LEU E 166 41.66 17.44 -15.89
CA LEU E 166 41.19 16.70 -14.74
C LEU E 166 42.06 16.95 -13.52
N ASN E 167 43.38 16.93 -13.70
CA ASN E 167 44.32 17.12 -12.61
C ASN E 167 44.19 18.51 -12.02
N VAL E 168 43.93 19.50 -12.89
CA VAL E 168 43.75 20.89 -12.46
C VAL E 168 42.43 21.02 -11.73
N PHE E 169 41.41 20.32 -12.25
CA PHE E 169 40.05 20.36 -11.72
C PHE E 169 40.03 19.76 -10.31
N LYS E 170 40.74 18.64 -10.13
CA LYS E 170 40.84 17.98 -8.84
C LYS E 170 41.53 18.86 -7.82
N GLU E 171 42.45 19.72 -8.28
CA GLU E 171 43.13 20.67 -7.40
C GLU E 171 42.17 21.80 -7.02
N ILE E 172 41.29 22.19 -7.95
CA ILE E 172 40.28 23.19 -7.67
C ILE E 172 39.33 22.62 -6.61
N ALA E 173 39.06 21.31 -6.69
CA ALA E 173 38.17 20.62 -5.78
C ALA E 173 38.73 20.59 -4.36
N GLN E 174 40.05 20.82 -4.20
CA GLN E 174 40.65 20.90 -2.88
C GLN E 174 40.37 22.27 -2.27
N LEU E 175 40.19 23.30 -3.11
CA LEU E 175 40.08 24.68 -2.66
C LEU E 175 38.61 25.03 -2.43
N ILE E 176 37.75 24.69 -3.40
CA ILE E 176 36.34 24.99 -3.36
C ILE E 176 35.53 23.71 -3.52
N GLY E 177 34.24 23.77 -3.23
CA GLY E 177 33.32 22.67 -3.45
C GLY E 177 33.00 21.91 -2.17
N LYS E 178 32.26 20.80 -2.30
CA LYS E 178 31.81 20.02 -1.16
C LYS E 178 33.01 19.50 -0.36
N ASN E 179 34.14 19.28 -1.05
CA ASN E 179 35.29 18.63 -0.46
C ASN E 179 36.47 19.58 -0.36
N GLY E 180 36.21 20.90 -0.51
CA GLY E 180 37.26 21.89 -0.52
C GLY E 180 37.52 22.48 0.86
N SER E 181 38.59 23.28 0.96
CA SER E 181 38.84 24.13 2.11
C SER E 181 37.65 25.06 2.31
N ASP E 182 37.26 25.76 1.24
CA ASP E 182 36.17 26.70 1.27
C ASP E 182 34.91 26.03 0.75
N LYS E 183 33.96 25.76 1.67
CA LYS E 183 32.71 25.09 1.32
C LYS E 183 31.59 26.11 1.14
N SER E 184 31.94 27.41 1.11
CA SER E 184 30.98 28.45 0.80
C SER E 184 30.87 28.65 -0.70
N LYS E 185 31.49 27.73 -1.47
CA LYS E 185 31.57 27.86 -2.91
C LYS E 185 31.15 26.56 -3.58
N LEU E 186 30.26 26.68 -4.57
CA LEU E 186 29.79 25.56 -5.36
C LEU E 186 30.86 25.21 -6.40
N LEU E 187 30.96 23.93 -6.73
CA LEU E 187 31.78 23.49 -7.85
C LEU E 187 30.95 22.62 -8.77
N ILE E 188 30.90 23.00 -10.05
CA ILE E 188 29.93 22.47 -10.98
C ILE E 188 30.64 22.18 -12.30
N MET E 189 30.23 21.09 -12.95
CA MET E 189 30.60 20.84 -14.34
C MET E 189 29.32 20.85 -15.17
N ASP E 190 29.37 21.56 -16.30
CA ASP E 190 28.36 21.41 -17.33
C ASP E 190 29.03 20.77 -18.53
N THR E 191 28.28 19.97 -19.28
CA THR E 191 28.89 19.16 -20.33
C THR E 191 27.86 18.80 -21.40
N THR E 192 28.40 18.36 -22.56
CA THR E 192 27.60 17.86 -23.65
C THR E 192 28.15 16.51 -24.13
N LEU E 193 29.08 15.93 -23.37
CA LEU E 193 29.68 14.64 -23.67
C LEU E 193 29.03 13.56 -22.82
N SER E 194 28.78 12.38 -23.39
CA SER E 194 28.28 11.26 -22.59
C SER E 194 29.46 10.60 -21.89
N VAL E 195 29.15 9.80 -20.87
CA VAL E 195 30.14 9.24 -19.96
C VAL E 195 31.26 8.58 -20.75
N GLU E 196 30.90 7.85 -21.81
CA GLU E 196 31.87 7.07 -22.58
C GLU E 196 32.91 7.99 -23.21
N ASN E 197 32.55 9.25 -23.51
CA ASN E 197 33.46 10.20 -24.15
C ASN E 197 33.84 11.35 -23.23
N ASN E 198 33.66 11.16 -21.90
CA ASN E 198 33.86 12.22 -20.93
C ASN E 198 34.76 11.69 -19.81
N PRO E 199 36.08 11.54 -20.06
CA PRO E 199 36.99 11.00 -19.05
C PRO E 199 37.21 11.93 -17.86
N ILE E 200 36.96 13.24 -18.06
CA ILE E 200 37.15 14.22 -17.00
C ILE E 200 36.02 14.06 -15.99
N PHE E 201 34.78 13.91 -16.50
CA PHE E 201 33.62 13.68 -15.66
C PHE E 201 33.88 12.51 -14.72
N LYS E 202 34.34 11.39 -15.27
CA LYS E 202 34.54 10.18 -14.49
C LYS E 202 35.50 10.45 -13.33
N GLY E 203 36.49 11.31 -13.54
CA GLY E 203 37.54 11.56 -12.56
C GLY E 203 37.15 12.58 -11.50
N ILE E 204 36.21 13.48 -11.82
CA ILE E 204 35.90 14.61 -10.95
C ILE E 204 34.52 14.45 -10.31
N ALA E 205 33.73 13.47 -10.76
CA ALA E 205 32.33 13.37 -10.39
C ALA E 205 32.17 13.37 -8.87
N GLU E 206 33.10 12.73 -8.16
CA GLU E 206 33.03 12.61 -6.71
C GLU E 206 33.07 13.97 -6.02
N ASP E 207 33.63 14.99 -6.70
CA ASP E 207 33.85 16.30 -6.09
C ASP E 207 32.84 17.34 -6.60
N LEU E 208 32.01 16.97 -7.58
CA LEU E 208 31.02 17.87 -8.15
C LEU E 208 29.84 18.02 -7.19
N ASP E 209 29.27 19.23 -7.17
CA ASP E 209 27.98 19.46 -6.54
C ASP E 209 26.87 19.10 -7.51
N TYR E 210 27.03 19.53 -8.78
CA TYR E 210 26.05 19.30 -9.82
C TYR E 210 26.76 19.00 -11.13
N LEU E 211 26.17 18.11 -11.93
CA LEU E 211 26.45 18.05 -13.35
C LEU E 211 25.29 18.71 -14.07
N LEU E 212 25.59 19.66 -14.96
CA LEU E 212 24.55 20.31 -15.75
C LEU E 212 24.69 19.83 -17.18
N ARG E 213 23.77 18.95 -17.58
CA ARG E 213 23.79 18.37 -18.91
C ARG E 213 22.86 19.20 -19.80
N GLN E 214 23.47 19.85 -20.81
CA GLN E 214 22.74 20.65 -21.78
C GLN E 214 22.07 19.71 -22.79
N TYR E 215 20.74 19.75 -22.86
CA TYR E 215 19.99 18.86 -23.75
C TYR E 215 19.08 19.68 -24.67
N TYR E 216 19.64 20.76 -25.24
CA TYR E 216 18.87 21.65 -26.09
C TYR E 216 18.46 20.91 -27.36
N GLY E 217 17.22 21.15 -27.79
CA GLY E 217 16.68 20.49 -28.98
C GLY E 217 16.24 19.07 -28.67
N SER E 218 15.68 18.42 -29.70
CA SER E 218 15.19 17.05 -29.59
C SER E 218 16.33 16.08 -29.30
N GLN E 219 16.06 15.10 -28.42
CA GLN E 219 17.03 14.10 -28.02
C GLN E 219 16.56 12.70 -28.41
N GLY E 220 15.72 12.60 -29.45
CA GLY E 220 15.43 11.33 -30.10
C GLY E 220 14.29 10.56 -29.42
N GLY E 221 13.61 9.73 -30.21
CA GLY E 221 12.47 8.96 -29.74
C GLY E 221 11.17 9.76 -29.87
N GLU E 222 10.04 9.08 -29.64
CA GLU E 222 8.72 9.68 -29.74
C GLU E 222 8.61 10.86 -28.77
N ALA E 223 9.18 10.70 -27.56
CA ALA E 223 9.10 11.71 -26.51
C ALA E 223 10.38 12.55 -26.44
N GLU E 224 11.32 12.33 -27.38
CA GLU E 224 12.44 13.22 -27.61
C GLU E 224 13.38 13.27 -26.41
N VAL E 225 13.49 12.18 -25.64
CA VAL E 225 14.32 12.16 -24.44
C VAL E 225 15.14 10.87 -24.38
N ASP E 226 15.36 10.22 -25.54
CA ASP E 226 16.08 8.96 -25.59
C ASP E 226 17.49 9.16 -25.07
N THR E 227 18.16 10.21 -25.55
CA THR E 227 19.55 10.47 -25.23
C THR E 227 19.71 10.80 -23.75
N ILE E 228 18.66 11.37 -23.13
CA ILE E 228 18.70 11.75 -21.73
C ILE E 228 18.69 10.49 -20.87
N ASN E 229 17.78 9.57 -21.19
CA ASN E 229 17.60 8.33 -20.43
C ASN E 229 18.80 7.41 -20.62
N SER E 230 19.31 7.36 -21.85
CA SER E 230 20.47 6.53 -22.16
C SER E 230 21.70 7.06 -21.44
N ASP E 231 21.87 8.39 -21.45
CA ASP E 231 22.98 9.04 -20.79
C ASP E 231 22.89 8.83 -19.27
N TRP E 232 21.68 8.98 -18.72
CA TRP E 232 21.49 8.84 -17.28
C TRP E 232 21.86 7.44 -16.82
N ASN E 233 21.63 6.46 -17.71
CA ASN E 233 21.94 5.07 -17.44
C ASN E 233 23.42 4.89 -17.12
N GLN E 234 24.26 5.78 -17.66
CA GLN E 234 25.69 5.78 -17.37
C GLN E 234 26.03 6.76 -16.25
N TYR E 235 25.39 7.94 -16.27
CA TYR E 235 25.71 9.01 -15.33
C TYR E 235 25.51 8.51 -13.90
N GLN E 236 24.52 7.64 -13.69
CA GLN E 236 24.08 7.25 -12.36
C GLN E 236 25.14 6.47 -11.59
N ASN E 237 26.10 5.88 -12.30
CA ASN E 237 27.16 5.12 -11.65
C ASN E 237 28.16 6.06 -10.97
N TYR E 238 28.19 7.33 -11.39
CA TYR E 238 29.19 8.29 -10.93
C TYR E 238 28.60 9.37 -10.03
N ILE E 239 27.34 9.75 -10.21
CA ILE E 239 26.71 10.75 -9.37
C ILE E 239 25.33 10.27 -8.93
N ASP E 240 24.79 10.94 -7.90
CA ASP E 240 23.41 10.76 -7.48
C ASP E 240 22.51 11.58 -8.39
N ALA E 241 21.26 11.15 -8.55
CA ALA E 241 20.28 11.89 -9.34
C ALA E 241 20.03 13.27 -8.71
N SER E 242 20.26 13.39 -7.40
CA SER E 242 20.11 14.65 -6.69
C SER E 242 21.14 15.68 -7.14
N GLN E 243 22.11 15.24 -7.98
CA GLN E 243 23.16 16.10 -8.51
C GLN E 243 22.94 16.38 -9.99
N PHE E 244 21.88 15.82 -10.59
CA PHE E 244 21.74 15.84 -12.04
C PHE E 244 20.71 16.88 -12.46
N MET E 245 21.08 17.68 -13.46
CA MET E 245 20.31 18.84 -13.88
C MET E 245 20.35 18.92 -15.41
N ILE E 246 19.18 18.99 -16.05
CA ILE E 246 19.10 19.03 -17.50
C ILE E 246 18.66 20.42 -17.95
N GLY E 247 19.13 20.84 -19.12
CA GLY E 247 18.94 22.21 -19.58
C GLY E 247 18.29 22.31 -20.96
N PHE E 248 17.46 23.34 -21.13
CA PHE E 248 16.97 23.78 -22.42
C PHE E 248 17.56 25.15 -22.73
N SER E 249 17.33 25.66 -23.94
CA SER E 249 17.81 26.98 -24.33
C SER E 249 16.65 27.85 -24.81
N PHE E 250 16.71 29.14 -24.44
CA PHE E 250 15.81 30.14 -24.99
C PHE E 250 16.32 30.52 -26.38
N PHE E 251 15.51 31.27 -27.12
CA PHE E 251 15.85 31.69 -28.46
C PHE E 251 16.81 32.87 -28.40
N GLU E 252 18.01 32.70 -28.93
CA GLU E 252 18.99 33.78 -29.00
C GLU E 252 18.74 34.62 -30.26
N GLU E 253 19.10 35.89 -30.19
CA GLU E 253 18.89 36.79 -31.31
C GLU E 253 19.91 36.44 -32.40
N SER E 254 19.47 36.51 -33.66
CA SER E 254 20.34 36.38 -34.82
C SER E 254 21.04 35.01 -34.82
N ALA E 255 20.34 34.00 -34.31
CA ALA E 255 20.84 32.64 -34.30
C ALA E 255 20.64 32.03 -35.68
N SER E 256 21.68 31.32 -36.17
CA SER E 256 21.63 30.61 -37.43
C SER E 256 21.46 29.12 -37.16
N LYS E 257 21.41 28.31 -38.23
CA LYS E 257 21.38 26.87 -38.09
C LYS E 257 22.62 26.45 -37.30
N GLY E 258 22.42 25.59 -36.29
CA GLY E 258 23.46 25.24 -35.34
C GLY E 258 23.19 25.81 -33.95
N ASN E 259 22.21 26.71 -33.85
CA ASN E 259 21.79 27.26 -32.58
C ASN E 259 20.28 27.47 -32.55
N LEU E 260 19.54 26.65 -33.31
CA LEU E 260 18.08 26.70 -33.32
C LEU E 260 17.53 25.42 -32.71
N TRP E 261 17.01 25.54 -31.48
CA TRP E 261 16.69 24.39 -30.63
C TRP E 261 15.19 24.20 -30.46
N PHE E 262 14.44 25.29 -30.37
CA PHE E 262 13.00 25.26 -30.18
C PHE E 262 12.66 24.55 -28.86
N GLU E 279 2.57 25.60 -22.80
CA GLU E 279 2.56 24.11 -22.75
C GLU E 279 2.98 23.56 -24.12
N GLY E 280 3.30 22.26 -24.14
CA GLY E 280 3.95 21.64 -25.28
C GLY E 280 5.33 22.23 -25.54
N THR E 281 6.07 22.51 -24.47
CA THR E 281 7.43 23.01 -24.57
C THR E 281 8.38 21.95 -24.02
N ARG E 282 9.57 21.87 -24.63
CA ARG E 282 10.60 20.98 -24.15
C ARG E 282 11.03 21.42 -22.75
N ALA E 283 10.85 22.72 -22.46
CA ALA E 283 11.13 23.29 -21.15
C ALA E 283 10.26 22.63 -20.08
N LYS E 284 8.95 22.53 -20.35
CA LYS E 284 8.02 21.90 -19.43
C LYS E 284 8.32 20.40 -19.34
N LYS E 285 8.71 19.80 -20.48
CA LYS E 285 9.02 18.38 -20.54
C LYS E 285 10.18 18.06 -19.61
N TYR E 286 11.18 18.95 -19.58
CA TYR E 286 12.39 18.74 -18.79
C TYR E 286 12.06 18.96 -17.31
N ALA E 287 11.22 19.96 -17.01
CA ALA E 287 10.76 20.17 -15.64
C ALA E 287 10.09 18.89 -15.13
N GLU E 288 9.25 18.29 -15.99
CA GLU E 288 8.46 17.11 -15.63
C GLU E 288 9.35 15.85 -15.60
N TRP E 289 10.30 15.74 -16.54
CA TRP E 289 11.10 14.54 -16.69
C TRP E 289 11.84 14.19 -15.39
N GLN E 290 11.92 12.88 -15.10
CA GLN E 290 12.68 12.34 -13.99
C GLN E 290 13.39 11.07 -14.45
N PRO E 291 14.56 10.72 -13.86
CA PRO E 291 15.21 9.43 -14.16
C PRO E 291 14.37 8.22 -13.75
N SER E 292 14.57 7.09 -14.45
CA SER E 292 13.93 5.84 -14.10
C SER E 292 14.52 5.29 -12.81
N THR E 293 15.81 5.55 -12.61
CA THR E 293 16.61 4.87 -11.61
C THR E 293 17.36 5.91 -10.76
N GLY E 294 17.83 5.49 -9.58
CA GLY E 294 18.60 6.35 -8.71
C GLY E 294 17.74 7.24 -7.82
N GLY E 295 16.98 8.16 -8.45
CA GLY E 295 16.11 9.06 -7.72
C GLY E 295 15.65 10.24 -8.56
N LEU E 296 14.91 11.16 -7.93
CA LEU E 296 14.45 12.37 -8.58
C LEU E 296 15.66 13.25 -8.92
N LYS E 297 15.57 13.99 -10.03
CA LYS E 297 16.66 14.84 -10.48
C LYS E 297 16.74 16.08 -9.60
N ALA E 298 17.80 16.86 -9.78
CA ALA E 298 18.03 18.05 -8.98
C ALA E 298 17.13 19.19 -9.46
N GLY E 299 17.03 19.33 -10.79
CA GLY E 299 16.20 20.36 -11.38
C GLY E 299 16.50 20.54 -12.86
N ILE E 300 16.16 21.72 -13.38
CA ILE E 300 16.47 22.07 -14.76
C ILE E 300 17.18 23.42 -14.76
N PHE E 301 17.77 23.76 -15.92
CA PHE E 301 18.33 25.08 -16.13
C PHE E 301 18.00 25.55 -17.54
N SER E 302 18.14 26.86 -17.76
CA SER E 302 17.89 27.47 -19.06
C SER E 302 19.19 28.10 -19.56
N TYR E 303 19.36 28.14 -20.89
CA TYR E 303 20.44 28.92 -21.47
C TYR E 303 19.87 30.25 -21.97
N ALA E 304 20.60 31.34 -21.72
CA ALA E 304 20.22 32.67 -22.14
C ALA E 304 18.91 33.08 -21.49
N ILE E 305 18.89 33.06 -20.14
CA ILE E 305 17.71 33.42 -19.36
C ILE E 305 17.30 34.87 -19.65
N ASP E 306 18.25 35.68 -20.10
CA ASP E 306 17.99 37.05 -20.50
C ASP E 306 16.98 37.11 -21.66
N ARG E 307 16.70 35.97 -22.30
CA ARG E 307 15.76 35.89 -23.41
C ARG E 307 14.47 35.19 -22.98
N ASP E 308 14.23 35.11 -21.67
CA ASP E 308 13.06 34.45 -21.12
C ASP E 308 11.79 35.14 -21.60
N GLY E 309 10.98 34.41 -22.36
CA GLY E 309 9.68 34.90 -22.81
C GLY E 309 9.63 35.12 -24.32
N VAL E 310 10.78 35.48 -24.92
CA VAL E 310 10.80 35.88 -26.32
C VAL E 310 10.64 34.62 -27.18
N ALA E 311 9.71 34.67 -28.13
CA ALA E 311 9.29 33.49 -28.86
C ALA E 311 10.36 33.09 -29.87
N HIS E 312 10.32 31.83 -30.28
CA HIS E 312 11.32 31.29 -31.20
C HIS E 312 11.01 31.76 -32.61
N VAL E 313 12.05 31.86 -33.44
CA VAL E 313 11.89 32.11 -34.87
C VAL E 313 11.20 30.88 -35.48
N PRO E 314 10.19 31.04 -36.36
CA PRO E 314 9.44 29.90 -36.91
C PRO E 314 10.27 28.83 -37.62
N SER E 315 9.73 27.60 -37.63
CA SER E 315 10.38 26.44 -38.22
C SER E 315 10.78 26.69 -39.68
N THR E 316 10.03 27.60 -40.33
CA THR E 316 10.24 27.92 -41.73
C THR E 316 11.61 28.58 -41.95
N TYR E 317 12.23 29.08 -40.87
CA TYR E 317 13.55 29.70 -40.95
C TYR E 317 14.61 28.71 -40.48
N LYS E 318 14.34 27.41 -40.67
CA LYS E 318 15.09 26.33 -40.04
C LYS E 318 16.56 26.37 -40.47
N ASN E 319 16.84 26.82 -41.70
CA ASN E 319 18.21 26.80 -42.23
C ASN E 319 18.70 28.21 -42.53
N ARG E 320 18.16 29.23 -41.85
CA ARG E 320 18.53 30.60 -42.13
C ARG E 320 19.97 30.85 -41.66
N THR E 321 20.94 30.42 -42.47
CA THR E 321 22.35 30.51 -42.15
C THR E 321 22.81 31.98 -42.21
N SER E 322 24.08 32.21 -41.85
CA SER E 322 24.66 33.55 -41.77
C SER E 322 24.61 34.26 -43.12
N THR E 323 24.89 33.51 -44.21
CA THR E 323 24.75 34.03 -45.56
C THR E 323 23.26 34.11 -45.93
N GLN E 326 18.50 36.22 -43.32
CA GLN E 326 17.06 36.40 -42.94
C GLN E 326 16.97 37.40 -41.78
N ARG E 327 15.79 37.44 -41.15
CA ARG E 327 15.55 38.23 -39.95
C ARG E 327 14.10 37.98 -39.51
N HIS E 328 13.79 38.39 -38.27
CA HIS E 328 12.42 38.30 -37.77
C HIS E 328 12.26 39.29 -36.63
N GLU E 329 11.01 39.68 -36.34
CA GLU E 329 10.68 40.57 -35.24
C GLU E 329 11.33 40.11 -33.93
N VAL E 330 11.38 38.78 -33.73
CA VAL E 330 11.77 38.19 -32.46
C VAL E 330 13.29 38.27 -32.26
N ASP E 331 14.03 38.68 -33.29
CA ASP E 331 15.48 38.85 -33.20
C ASP E 331 15.81 40.18 -32.52
N ASN E 332 14.81 41.02 -32.31
CA ASN E 332 15.00 42.29 -31.61
C ASN E 332 15.08 42.03 -30.11
N ILE E 333 15.67 42.98 -29.38
CA ILE E 333 15.98 42.80 -27.97
C ILE E 333 14.86 43.43 -27.14
N SER E 334 14.56 42.85 -25.98
CA SER E 334 13.44 43.31 -25.15
C SER E 334 13.71 43.01 -23.68
N HIS E 335 13.07 43.80 -22.80
CA HIS E 335 13.10 43.57 -21.37
C HIS E 335 12.31 42.28 -21.07
N THR E 336 12.75 41.53 -20.05
CA THR E 336 12.11 40.29 -19.66
C THR E 336 11.63 40.34 -18.20
N ASP E 337 10.50 39.69 -17.93
CA ASP E 337 9.97 39.55 -16.58
C ASP E 337 10.29 38.16 -16.03
N TYR E 338 11.00 37.32 -16.79
CA TYR E 338 11.38 35.98 -16.35
C TYR E 338 10.13 35.14 -16.06
N THR E 339 9.11 35.33 -16.89
CA THR E 339 7.81 34.68 -16.71
C THR E 339 7.91 33.17 -16.85
N VAL E 340 8.69 32.69 -17.83
CA VAL E 340 8.83 31.27 -18.10
C VAL E 340 9.58 30.59 -16.97
N SER E 341 10.64 31.25 -16.49
CA SER E 341 11.49 30.72 -15.42
C SER E 341 10.68 30.48 -14.15
N ARG E 342 9.74 31.39 -13.85
CA ARG E 342 8.99 31.35 -12.61
C ARG E 342 7.89 30.29 -12.71
N LYS E 343 7.37 30.08 -13.93
CA LYS E 343 6.37 29.06 -14.17
C LYS E 343 7.01 27.68 -14.03
N LEU E 344 8.24 27.53 -14.55
CA LEU E 344 8.95 26.26 -14.53
C LEU E 344 9.40 25.91 -13.10
N LYS E 345 9.74 26.93 -12.30
CA LYS E 345 10.15 26.72 -10.93
C LYS E 345 8.91 26.31 -10.12
N THR E 346 7.79 27.02 -10.32
CA THR E 346 6.57 26.73 -9.58
C THR E 346 6.08 25.33 -9.90
N LEU E 347 6.19 24.93 -11.18
CA LEU E 347 5.77 23.60 -11.63
C LEU E 347 6.48 22.52 -10.82
N MET E 348 7.79 22.69 -10.65
CA MET E 348 8.62 21.68 -10.04
C MET E 348 8.36 21.61 -8.54
N THR E 349 8.17 22.77 -7.90
CA THR E 349 7.90 22.83 -6.46
C THR E 349 6.47 22.43 -6.13
N GLU E 350 5.60 22.35 -7.14
CA GLU E 350 4.23 21.85 -6.96
C GLU E 350 4.14 20.37 -7.32
N ASP E 351 5.25 19.77 -7.77
CA ASP E 351 5.29 18.34 -8.07
C ASP E 351 5.32 17.52 -6.77
N LYS E 352 4.45 16.50 -6.71
CA LYS E 352 4.17 15.81 -5.47
C LYS E 352 5.24 14.75 -5.19
N ARG E 353 6.05 14.41 -6.20
CA ARG E 353 7.09 13.41 -6.04
C ARG E 353 8.16 13.94 -5.06
N TYR E 354 8.36 15.26 -5.08
CA TYR E 354 9.34 15.89 -4.20
C TYR E 354 8.74 16.10 -2.80
N ASP E 355 7.54 15.55 -2.54
CA ASP E 355 7.02 15.52 -1.17
C ASP E 355 7.93 14.64 -0.33
N VAL E 356 8.10 15.02 0.94
CA VAL E 356 9.07 14.36 1.80
C VAL E 356 8.48 13.05 2.32
N ILE E 357 9.39 12.12 2.66
CA ILE E 357 9.04 10.83 3.23
C ILE E 357 8.51 11.05 4.65
N ASP E 358 7.28 10.57 4.90
CA ASP E 358 6.59 10.73 6.17
C ASP E 358 6.30 9.35 6.75
N GLN E 359 5.60 9.32 7.90
CA GLN E 359 5.30 8.07 8.59
C GLN E 359 4.28 7.25 7.80
N LYS E 360 3.60 7.87 6.83
CA LYS E 360 2.67 7.17 5.96
C LYS E 360 3.45 6.26 4.99
N ASP E 361 4.73 6.57 4.79
CA ASP E 361 5.58 5.77 3.93
C ASP E 361 6.34 4.73 4.76
N ILE E 362 7.17 5.23 5.69
CA ILE E 362 7.93 4.38 6.60
C ILE E 362 7.51 4.73 8.02
N PRO E 363 6.70 3.89 8.72
CA PRO E 363 6.27 4.17 10.08
C PRO E 363 7.39 4.29 11.10
N ASP E 364 8.27 3.27 11.12
CA ASP E 364 9.33 3.20 12.13
C ASP E 364 10.24 4.42 11.96
N PRO E 365 10.36 5.29 12.98
CA PRO E 365 11.21 6.48 12.87
C PRO E 365 12.69 6.15 12.64
N ALA E 366 13.16 5.06 13.26
CA ALA E 366 14.56 4.66 13.17
C ALA E 366 14.92 4.20 11.76
N LEU E 367 13.99 3.46 11.12
CA LEU E 367 14.20 2.99 9.76
C LEU E 367 14.08 4.15 8.77
N ARG E 368 13.08 5.02 9.00
CA ARG E 368 12.83 6.18 8.16
C ARG E 368 14.11 7.04 8.07
N GLU E 369 14.74 7.27 9.24
CA GLU E 369 15.94 8.07 9.32
C GLU E 369 17.02 7.52 8.37
N GLN E 370 17.30 6.21 8.48
CA GLN E 370 18.40 5.59 7.78
C GLN E 370 18.14 5.55 6.27
N ILE E 371 16.90 5.27 5.87
CA ILE E 371 16.53 5.21 4.47
C ILE E 371 16.69 6.60 3.86
N ILE E 372 16.30 7.66 4.60
CA ILE E 372 16.43 9.02 4.10
C ILE E 372 17.90 9.35 3.84
N GLN E 373 18.78 8.94 4.77
CA GLN E 373 20.21 9.23 4.68
C GLN E 373 20.82 8.57 3.43
N GLN E 374 20.24 7.43 3.00
CA GLN E 374 20.88 6.56 2.04
C GLN E 374 20.25 6.71 0.64
N VAL E 375 18.93 6.92 0.55
CA VAL E 375 18.22 6.88 -0.73
C VAL E 375 17.77 8.28 -1.15
N GLY E 376 17.49 9.15 -0.18
CA GLY E 376 16.93 10.46 -0.49
C GLY E 376 15.78 10.81 0.44
N GLN E 377 15.29 12.06 0.34
CA GLN E 377 14.33 12.59 1.30
C GLN E 377 12.95 12.72 0.66
N TYR E 378 12.82 12.33 -0.62
CA TYR E 378 11.58 12.54 -1.36
C TYR E 378 10.88 11.20 -1.60
N LYS E 379 9.54 11.25 -1.72
CA LYS E 379 8.73 10.07 -1.95
C LYS E 379 9.15 9.39 -3.25
N GLY E 380 9.42 10.19 -4.28
CA GLY E 380 9.74 9.69 -5.61
C GLY E 380 11.12 9.06 -5.70
N ASP E 381 11.93 9.17 -4.64
CA ASP E 381 13.24 8.53 -4.62
C ASP E 381 13.09 7.03 -4.38
N LEU E 382 12.07 6.64 -3.59
CA LEU E 382 11.92 5.28 -3.09
C LEU E 382 11.76 4.29 -4.25
N GLU E 383 10.86 4.61 -5.17
CA GLU E 383 10.58 3.73 -6.30
C GLU E 383 11.80 3.63 -7.23
N ARG E 384 12.73 4.60 -7.17
CA ARG E 384 13.78 4.71 -8.16
C ARG E 384 15.13 4.20 -7.64
N TYR E 385 15.39 4.37 -6.33
CA TYR E 385 16.68 4.00 -5.76
C TYR E 385 17.01 2.55 -6.10
N ASN E 386 18.24 2.32 -6.58
CA ASN E 386 18.59 1.04 -7.17
C ASN E 386 20.02 0.64 -6.81
N LYS E 387 20.42 0.88 -5.56
CA LYS E 387 21.77 0.58 -5.10
C LYS E 387 21.68 -0.21 -3.80
N THR E 388 22.52 0.11 -2.80
CA THR E 388 22.56 -0.67 -1.57
C THR E 388 21.92 0.12 -0.42
N LEU E 389 21.27 -0.62 0.49
CA LEU E 389 20.75 -0.07 1.72
C LEU E 389 21.26 -0.93 2.88
N VAL E 390 21.99 -0.30 3.81
CA VAL E 390 22.49 -0.98 5.00
C VAL E 390 21.71 -0.48 6.22
N LEU E 391 20.91 -1.37 6.81
CA LEU E 391 20.13 -1.08 8.00
C LEU E 391 20.83 -1.67 9.22
N THR E 392 20.99 -0.86 10.27
CA THR E 392 21.78 -1.24 11.43
C THR E 392 21.09 -0.81 12.71
N GLY E 393 21.50 -1.43 13.82
CA GLY E 393 21.18 -0.93 15.15
C GLY E 393 19.97 -1.64 15.74
N ASP E 394 19.80 -1.47 17.05
CA ASP E 394 18.76 -2.14 17.83
C ASP E 394 17.52 -1.26 17.93
N LYS E 395 17.49 -0.12 17.22
CA LYS E 395 16.41 0.84 17.34
C LYS E 395 15.24 0.46 16.42
N ILE E 396 15.56 -0.22 15.32
CA ILE E 396 14.55 -0.62 14.34
C ILE E 396 13.72 -1.76 14.93
N GLN E 397 12.39 -1.57 14.96
CA GLN E 397 11.45 -2.55 15.49
C GLN E 397 10.84 -3.36 14.35
N ASN E 398 10.39 -2.66 13.30
CA ASN E 398 9.74 -3.30 12.16
C ASN E 398 10.24 -2.65 10.86
N LEU E 399 10.07 -3.39 9.75
CA LEU E 399 10.66 -3.04 8.47
C LEU E 399 9.59 -2.58 7.48
N LYS E 400 8.48 -2.02 7.99
CA LYS E 400 7.38 -1.61 7.13
C LYS E 400 7.81 -0.40 6.32
N GLY E 401 7.47 -0.39 5.03
CA GLY E 401 7.80 0.70 4.12
C GLY E 401 9.01 0.36 3.23
N LEU E 402 9.78 -0.67 3.64
CA LEU E 402 10.97 -1.10 2.94
C LEU E 402 10.59 -1.72 1.59
N GLU E 403 9.31 -2.12 1.44
CA GLU E 403 8.83 -2.73 0.22
C GLU E 403 8.75 -1.70 -0.90
N LYS E 404 8.76 -0.41 -0.55
CA LYS E 404 8.59 0.67 -1.51
C LYS E 404 9.88 0.89 -2.31
N LEU E 405 11.01 0.38 -1.80
CA LEU E 405 12.28 0.44 -2.52
C LEU E 405 12.32 -0.65 -3.58
N SER E 406 11.45 -0.51 -4.59
CA SER E 406 11.15 -1.60 -5.51
C SER E 406 12.38 -2.05 -6.31
N LYS E 407 13.35 -1.14 -6.51
CA LYS E 407 14.47 -1.40 -7.40
C LYS E 407 15.76 -1.68 -6.63
N LEU E 408 15.68 -1.75 -5.29
CA LEU E 408 16.86 -1.91 -4.45
C LEU E 408 17.65 -3.15 -4.89
N GLN E 409 18.97 -2.98 -5.08
CA GLN E 409 19.82 -4.03 -5.62
C GLN E 409 20.43 -4.87 -4.51
N LYS E 410 20.48 -4.35 -3.29
CA LYS E 410 21.05 -5.10 -2.18
C LYS E 410 20.52 -4.55 -0.87
N LEU E 411 20.14 -5.48 0.03
CA LEU E 411 19.71 -5.15 1.38
C LEU E 411 20.59 -5.90 2.38
N GLU E 412 21.26 -5.15 3.26
CA GLU E 412 22.00 -5.72 4.37
C GLU E 412 21.27 -5.38 5.67
N LEU E 413 20.87 -6.43 6.40
CA LEU E 413 20.31 -6.29 7.74
C LEU E 413 21.38 -6.70 8.76
N ARG E 414 21.97 -5.71 9.43
CA ARG E 414 23.14 -5.91 10.28
C ARG E 414 22.81 -5.55 11.73
N GLN E 415 22.78 -6.57 12.60
CA GLN E 415 22.58 -6.41 14.04
C GLN E 415 21.23 -5.78 14.34
N LEU E 416 20.22 -6.15 13.55
CA LEU E 416 18.85 -5.70 13.81
C LEU E 416 18.24 -6.65 14.85
N SER E 417 18.50 -6.35 16.13
CA SER E 417 18.23 -7.26 17.22
C SER E 417 16.77 -7.18 17.67
N ASN E 418 16.07 -6.10 17.30
CA ASN E 418 14.69 -5.89 17.72
C ASN E 418 13.73 -6.17 16.56
N VAL E 419 14.26 -6.60 15.40
CA VAL E 419 13.43 -7.03 14.30
C VAL E 419 13.01 -8.48 14.56
N LYS E 420 11.69 -8.71 14.59
CA LYS E 420 11.10 -9.97 14.99
C LYS E 420 10.45 -10.69 13.80
N GLU E 421 10.16 -9.96 12.72
CA GLU E 421 9.47 -10.55 11.58
C GLU E 421 10.09 -10.05 10.26
N ILE E 422 10.37 -10.99 9.37
CA ILE E 422 10.65 -10.70 7.97
C ILE E 422 9.64 -11.48 7.13
N THR E 423 8.74 -10.76 6.46
CA THR E 423 7.78 -11.34 5.54
C THR E 423 8.14 -10.90 4.14
N PRO E 424 7.70 -11.61 3.07
CA PRO E 424 8.01 -11.18 1.70
C PRO E 424 7.31 -9.89 1.28
N GLU E 425 6.23 -9.51 1.98
CA GLU E 425 5.51 -8.28 1.67
C GLU E 425 6.27 -7.08 2.23
N LEU E 426 7.23 -7.31 3.14
CA LEU E 426 8.06 -6.25 3.71
C LEU E 426 9.26 -5.96 2.81
N LEU E 427 9.82 -7.00 2.18
CA LEU E 427 10.98 -6.85 1.34
C LEU E 427 10.55 -6.31 -0.02
N PRO E 428 11.48 -5.68 -0.80
CA PRO E 428 11.13 -5.11 -2.10
C PRO E 428 11.00 -6.12 -3.23
N GLU E 429 10.27 -5.72 -4.30
CA GLU E 429 10.03 -6.54 -5.48
C GLU E 429 11.32 -7.12 -6.05
N SER E 430 12.41 -6.37 -5.87
CA SER E 430 13.68 -6.71 -6.48
C SER E 430 14.22 -8.04 -5.94
N MET E 431 13.71 -8.46 -4.78
CA MET E 431 14.16 -9.70 -4.15
C MET E 431 13.75 -10.92 -4.97
N LYS E 432 12.73 -10.75 -5.83
CA LYS E 432 12.23 -11.84 -6.66
C LYS E 432 13.08 -11.96 -7.93
N LYS E 433 13.97 -10.99 -8.16
CA LYS E 433 14.81 -10.95 -9.35
C LYS E 433 16.28 -10.87 -8.94
N ASP E 434 16.61 -11.50 -7.80
CA ASP E 434 17.97 -11.83 -7.41
C ASP E 434 18.70 -10.65 -6.77
N ALA E 435 17.98 -9.64 -6.28
CA ALA E 435 18.60 -8.65 -5.42
C ALA E 435 19.29 -9.39 -4.26
N GLU E 436 20.42 -8.85 -3.79
CA GLU E 436 21.19 -9.49 -2.73
C GLU E 436 20.52 -9.23 -1.37
N LEU E 437 20.61 -10.22 -0.49
CA LEU E 437 20.00 -10.15 0.82
C LEU E 437 20.97 -10.74 1.85
N VAL E 438 21.54 -9.85 2.66
CA VAL E 438 22.43 -10.24 3.74
C VAL E 438 21.72 -9.96 5.06
N MET E 439 21.83 -10.88 6.01
CA MET E 439 21.37 -10.61 7.36
C MET E 439 22.26 -11.33 8.36
N VAL E 440 22.75 -10.55 9.33
CA VAL E 440 23.73 -10.96 10.31
C VAL E 440 23.25 -10.47 11.68
N GLY E 441 23.27 -11.37 12.67
CA GLY E 441 23.02 -10.99 14.05
C GLY E 441 21.54 -10.73 14.34
N MET E 442 20.66 -11.50 13.68
CA MET E 442 19.23 -11.28 13.77
C MET E 442 18.69 -12.02 14.99
N THR E 443 19.11 -11.59 16.17
CA THR E 443 18.99 -12.36 17.39
C THR E 443 17.55 -12.34 17.92
N GLY E 444 16.74 -11.38 17.44
CA GLY E 444 15.37 -11.19 17.90
C GLY E 444 14.34 -11.75 16.91
N LEU E 445 14.80 -12.11 15.71
CA LEU E 445 13.91 -12.58 14.65
C LEU E 445 13.32 -13.93 15.02
N GLU E 446 11.98 -14.03 15.01
CA GLU E 446 11.27 -15.25 15.36
C GLU E 446 10.57 -15.86 14.15
N LYS E 447 10.34 -15.06 13.10
CA LYS E 447 9.66 -15.53 11.90
C LYS E 447 10.45 -15.06 10.68
N LEU E 448 10.95 -16.02 9.90
CA LEU E 448 11.69 -15.70 8.69
C LEU E 448 10.93 -16.29 7.49
N ASN E 449 10.14 -15.45 6.82
CA ASN E 449 9.37 -15.83 5.65
C ASN E 449 10.01 -15.21 4.42
N LEU E 450 10.63 -16.05 3.57
CA LEU E 450 11.20 -15.61 2.31
C LEU E 450 10.52 -16.34 1.15
N SER E 451 9.25 -16.74 1.35
CA SER E 451 8.56 -17.59 0.38
C SER E 451 8.20 -16.79 -0.86
N GLY E 452 8.42 -17.41 -2.02
CA GLY E 452 8.00 -16.87 -3.30
C GLY E 452 8.85 -15.69 -3.74
N LEU E 453 10.18 -15.77 -3.50
CA LEU E 453 11.11 -14.71 -3.89
C LEU E 453 12.20 -15.28 -4.80
N ASN E 454 12.00 -16.50 -5.32
CA ASN E 454 12.92 -17.12 -6.27
C ASN E 454 14.35 -17.08 -5.78
N ARG E 455 14.55 -17.16 -4.46
CA ARG E 455 15.88 -17.12 -3.88
C ARG E 455 16.65 -18.34 -4.35
N GLN E 456 17.85 -18.12 -4.92
CA GLN E 456 18.64 -19.19 -5.50
C GLN E 456 19.66 -19.72 -4.51
N THR E 457 19.84 -19.02 -3.39
CA THR E 457 20.79 -19.42 -2.37
C THR E 457 20.37 -18.80 -1.04
N LEU E 458 20.90 -19.35 0.05
CA LEU E 458 20.69 -18.81 1.37
C LEU E 458 21.97 -18.10 1.83
N ASP E 459 22.82 -17.71 0.88
CA ASP E 459 23.99 -16.88 1.17
C ASP E 459 23.55 -15.50 1.62
N GLY E 460 24.26 -14.96 2.62
CA GLY E 460 23.91 -13.71 3.25
C GLY E 460 23.22 -13.92 4.60
N ILE E 461 22.42 -14.99 4.70
CA ILE E 461 21.63 -15.27 5.89
C ILE E 461 22.51 -16.02 6.89
N ASP E 462 22.96 -15.28 7.91
CA ASP E 462 23.69 -15.81 9.05
C ASP E 462 22.74 -16.63 9.91
N VAL E 463 22.68 -17.94 9.62
CA VAL E 463 21.69 -18.83 10.23
C VAL E 463 22.04 -19.10 11.69
N ASN E 464 23.32 -18.92 12.06
CA ASN E 464 23.79 -19.25 13.39
C ASN E 464 23.38 -18.18 14.40
N SER E 465 23.06 -16.97 13.92
CA SER E 465 22.72 -15.86 14.79
C SER E 465 21.22 -15.82 15.08
N ILE E 466 20.43 -16.61 14.33
CA ILE E 466 18.98 -16.57 14.43
C ILE E 466 18.52 -17.53 15.53
N THR E 467 18.76 -17.14 16.78
CA THR E 467 18.65 -18.03 17.92
C THR E 467 17.27 -17.95 18.59
N HIS E 468 16.41 -17.07 18.09
CA HIS E 468 15.06 -16.90 18.63
C HIS E 468 14.02 -17.36 17.61
N LEU E 469 14.41 -18.25 16.69
CA LEU E 469 13.55 -18.63 15.58
C LEU E 469 12.50 -19.62 16.07
N THR E 470 11.27 -19.43 15.57
CA THR E 470 10.13 -20.26 15.93
C THR E 470 9.45 -20.78 14.68
N SER E 471 9.48 -20.00 13.60
CA SER E 471 8.95 -20.42 12.31
C SER E 471 9.79 -19.84 11.19
N PHE E 472 9.82 -20.55 10.06
CA PHE E 472 10.39 -20.03 8.83
C PHE E 472 9.69 -20.68 7.65
N ASP E 473 9.68 -19.96 6.53
CA ASP E 473 9.14 -20.45 5.28
C ASP E 473 10.05 -19.95 4.16
N ILE E 474 10.83 -20.88 3.59
CA ILE E 474 11.67 -20.57 2.45
C ILE E 474 11.17 -21.37 1.25
N SER E 475 9.86 -21.66 1.22
CA SER E 475 9.23 -22.43 0.17
C SER E 475 8.99 -21.54 -1.06
N HIS E 476 8.74 -22.20 -2.20
CA HIS E 476 8.50 -21.49 -3.45
C HIS E 476 9.67 -20.55 -3.73
N ASN E 477 10.89 -21.07 -3.61
CA ASN E 477 12.09 -20.37 -4.02
C ASN E 477 12.77 -21.21 -5.10
N SER E 478 14.04 -20.89 -5.41
CA SER E 478 14.78 -21.62 -6.42
C SER E 478 16.04 -22.23 -5.79
N LEU E 479 15.87 -22.86 -4.63
CA LEU E 479 16.98 -23.38 -3.85
C LEU E 479 17.32 -24.80 -4.25
N ASP E 480 18.60 -25.18 -4.08
CA ASP E 480 19.06 -26.54 -4.21
C ASP E 480 19.35 -27.09 -2.82
N LEU E 481 18.48 -27.98 -2.32
CA LEU E 481 18.59 -28.52 -0.98
C LEU E 481 19.04 -29.98 -1.03
N SER E 482 19.82 -30.35 -2.05
CA SER E 482 20.32 -31.72 -2.18
C SER E 482 21.36 -31.98 -1.10
N GLU E 483 21.76 -33.25 -0.97
CA GLU E 483 22.51 -33.72 0.19
C GLU E 483 23.78 -32.89 0.40
N LYS E 484 24.57 -32.74 -0.67
CA LYS E 484 25.90 -32.14 -0.56
C LYS E 484 25.85 -30.69 -1.01
N SER E 485 24.78 -29.98 -0.61
CA SER E 485 24.63 -28.56 -0.89
C SER E 485 24.82 -27.77 0.39
N GLU E 486 25.39 -26.57 0.25
CA GLU E 486 25.57 -25.64 1.36
C GLU E 486 24.21 -25.21 1.88
N ASP E 487 23.25 -25.02 0.96
CA ASP E 487 21.94 -24.50 1.30
C ASP E 487 21.17 -25.49 2.18
N ARG E 488 21.41 -26.79 2.01
CA ARG E 488 20.81 -27.77 2.88
C ARG E 488 21.38 -27.65 4.28
N LYS E 489 22.67 -27.33 4.39
CA LYS E 489 23.33 -27.25 5.69
C LYS E 489 22.87 -25.99 6.43
N LEU E 490 22.52 -24.94 5.67
CA LEU E 490 21.99 -23.72 6.26
C LEU E 490 20.53 -23.94 6.70
N LEU E 491 19.79 -24.73 5.92
CA LEU E 491 18.43 -25.11 6.27
C LEU E 491 18.44 -25.92 7.57
N MET E 492 19.43 -26.80 7.72
CA MET E 492 19.52 -27.68 8.88
C MET E 492 19.72 -26.85 10.14
N THR E 493 20.41 -25.71 10.02
CA THR E 493 20.64 -24.82 11.15
C THR E 493 19.35 -24.07 11.48
N LEU E 494 18.62 -23.63 10.44
CA LEU E 494 17.35 -22.95 10.61
C LEU E 494 16.35 -23.85 11.34
N MET E 495 16.43 -25.16 11.08
CA MET E 495 15.54 -26.14 11.70
C MET E 495 15.96 -26.42 13.14
N GLU E 496 17.28 -26.48 13.37
CA GLU E 496 17.82 -26.68 14.70
C GLU E 496 17.45 -25.50 15.60
N GLN E 497 17.43 -24.29 15.02
CA GLN E 497 17.06 -23.09 15.75
C GLN E 497 15.59 -23.17 16.17
N VAL E 498 14.73 -23.62 15.24
CA VAL E 498 13.31 -23.77 15.50
C VAL E 498 13.08 -24.85 16.55
N SER E 499 13.82 -25.96 16.44
CA SER E 499 13.60 -27.13 17.27
C SER E 499 13.98 -26.86 18.73
N ASN E 500 14.76 -25.79 18.95
CA ASN E 500 15.20 -25.41 20.28
C ASN E 500 14.03 -24.83 21.08
N HIS E 501 13.02 -24.30 20.37
CA HIS E 501 11.93 -23.57 21.01
C HIS E 501 10.62 -24.34 20.92
N GLN E 502 10.48 -25.25 19.96
CA GLN E 502 9.19 -25.82 19.64
C GLN E 502 9.36 -27.00 18.69
N LYS E 503 8.40 -27.93 18.75
CA LYS E 503 8.43 -29.15 17.95
C LYS E 503 8.45 -28.78 16.48
N ILE E 504 9.32 -29.45 15.70
CA ILE E 504 9.44 -29.19 14.27
C ILE E 504 8.19 -29.75 13.58
N THR E 505 7.40 -28.87 12.96
CA THR E 505 6.26 -29.30 12.15
C THR E 505 6.50 -28.87 10.71
N VAL E 506 5.52 -29.06 9.84
CA VAL E 506 5.59 -28.54 8.48
C VAL E 506 5.08 -27.09 8.49
N LYS E 507 4.32 -26.74 9.54
CA LYS E 507 3.68 -25.44 9.66
C LYS E 507 4.68 -24.37 10.08
N ASN E 508 5.93 -24.76 10.40
CA ASN E 508 6.91 -23.81 10.89
C ASN E 508 8.30 -24.06 10.32
N THR E 509 8.42 -24.93 9.30
CA THR E 509 9.70 -25.22 8.68
C THR E 509 9.49 -25.50 7.20
N ALA E 510 8.79 -24.62 6.50
CA ALA E 510 8.49 -24.82 5.09
C ALA E 510 9.74 -24.60 4.26
N PHE E 511 10.06 -25.59 3.42
CA PHE E 511 11.19 -25.51 2.52
C PHE E 511 10.88 -26.25 1.22
N GLU E 512 9.60 -26.46 0.91
CA GLU E 512 9.19 -27.30 -0.20
C GLU E 512 8.99 -26.43 -1.44
N ASN E 513 8.69 -27.09 -2.56
CA ASN E 513 8.35 -26.42 -3.82
C ASN E 513 9.49 -25.53 -4.29
N GLN E 514 10.69 -26.11 -4.37
CA GLN E 514 11.83 -25.41 -4.94
C GLN E 514 11.89 -25.71 -6.44
N LYS E 515 12.14 -24.66 -7.23
CA LYS E 515 12.39 -24.81 -8.66
C LYS E 515 13.79 -24.29 -8.96
N PRO E 516 14.86 -25.02 -8.55
CA PRO E 516 16.23 -24.56 -8.75
C PRO E 516 16.53 -24.32 -10.22
N LYS E 517 17.24 -23.22 -10.49
CA LYS E 517 17.57 -22.83 -11.85
C LYS E 517 18.73 -23.67 -12.34
N GLY E 518 18.75 -23.89 -13.67
CA GLY E 518 19.79 -24.66 -14.32
C GLY E 518 20.87 -23.76 -14.90
N TYR E 519 22.12 -24.24 -14.85
CA TYR E 519 23.27 -23.54 -15.39
C TYR E 519 24.12 -24.53 -16.17
N TYR E 520 25.01 -24.03 -17.02
CA TYR E 520 25.94 -24.88 -17.76
C TYR E 520 27.07 -25.29 -16.82
N PRO E 521 27.47 -26.58 -16.82
CA PRO E 521 28.63 -27.01 -16.04
C PRO E 521 29.86 -26.25 -16.50
N GLN E 522 30.75 -25.96 -15.53
CA GLN E 522 31.93 -25.16 -15.79
C GLN E 522 33.01 -26.01 -16.47
N THR E 523 33.05 -27.31 -16.14
CA THR E 523 34.04 -28.20 -16.72
C THR E 523 33.38 -29.52 -17.08
N TYR E 524 33.83 -30.11 -18.19
CA TYR E 524 33.43 -31.45 -18.59
C TYR E 524 34.62 -32.38 -18.37
N ASP E 525 34.34 -33.66 -18.09
CA ASP E 525 35.34 -34.60 -17.64
C ASP E 525 36.21 -35.07 -18.81
N THR E 526 35.56 -35.62 -19.84
CA THR E 526 36.27 -36.26 -20.94
C THR E 526 37.33 -35.34 -21.53
N LYS E 527 38.59 -35.75 -21.40
CA LYS E 527 39.71 -35.06 -22.03
C LYS E 527 40.22 -35.87 -23.22
N GLU E 528 39.85 -37.16 -23.29
CA GLU E 528 40.24 -37.98 -24.42
C GLU E 528 39.13 -39.00 -24.71
N GLY E 529 38.30 -38.70 -25.73
CA GLY E 529 37.26 -39.61 -26.16
C GLY E 529 37.79 -40.60 -27.20
N HIS E 530 37.05 -41.71 -27.39
CA HIS E 530 37.44 -42.74 -28.34
C HIS E 530 36.19 -43.40 -28.91
N TYR E 531 36.22 -43.66 -30.23
CA TYR E 531 35.19 -44.43 -30.91
C TYR E 531 35.87 -45.55 -31.70
N ASP E 532 35.14 -46.65 -31.91
CA ASP E 532 35.58 -47.70 -32.80
C ASP E 532 35.27 -47.27 -34.23
N VAL E 533 35.86 -47.99 -35.20
CA VAL E 533 35.56 -47.77 -36.60
C VAL E 533 34.31 -48.58 -36.95
N ASP E 534 33.15 -48.04 -36.55
CA ASP E 534 31.90 -48.77 -36.54
C ASP E 534 31.00 -48.35 -37.70
N ASN E 535 31.47 -47.38 -38.52
CA ASN E 535 30.72 -46.86 -39.66
C ASN E 535 29.36 -46.34 -39.20
N ALA E 536 29.30 -45.77 -37.99
CA ALA E 536 28.09 -45.15 -37.47
C ALA E 536 28.38 -43.68 -37.18
N GLU E 537 27.30 -42.89 -37.14
CA GLU E 537 27.37 -41.49 -36.74
C GLU E 537 27.38 -41.42 -35.21
N HIS E 538 28.25 -40.56 -34.66
CA HIS E 538 28.27 -40.27 -33.24
C HIS E 538 28.13 -38.75 -33.05
N ASP E 539 27.60 -38.33 -31.90
CA ASP E 539 27.39 -36.91 -31.63
C ASP E 539 28.22 -36.49 -30.42
N ILE E 540 29.14 -35.55 -30.67
CA ILE E 540 30.16 -35.17 -29.70
C ILE E 540 29.53 -34.44 -28.52
N LEU E 541 28.44 -33.70 -28.76
CA LEU E 541 27.76 -32.95 -27.72
C LEU E 541 27.01 -33.90 -26.79
N THR E 542 26.29 -34.89 -27.35
CA THR E 542 25.51 -35.83 -26.56
C THR E 542 26.42 -36.71 -25.71
N ASP E 543 27.59 -37.04 -26.27
CA ASP E 543 28.45 -38.07 -25.71
C ASP E 543 29.37 -37.49 -24.64
N PHE E 544 29.84 -36.25 -24.82
CA PHE E 544 30.96 -35.73 -24.02
C PHE E 544 30.64 -34.37 -23.39
N VAL E 545 29.87 -33.52 -24.08
CA VAL E 545 29.59 -32.16 -23.61
C VAL E 545 28.09 -32.02 -23.34
N PHE E 546 27.66 -32.52 -22.18
CA PHE E 546 26.25 -32.65 -21.84
C PHE E 546 26.05 -32.37 -20.35
N GLY E 547 24.82 -31.98 -19.97
CA GLY E 547 24.41 -31.93 -18.58
C GLY E 547 24.13 -30.52 -18.08
N THR E 548 23.48 -30.42 -16.90
CA THR E 548 23.10 -29.17 -16.27
C THR E 548 23.51 -29.20 -14.80
N VAL E 549 23.81 -28.03 -14.23
CA VAL E 549 24.17 -27.91 -12.83
C VAL E 549 23.25 -26.90 -12.17
N THR E 550 23.21 -26.93 -10.83
CA THR E 550 22.46 -25.97 -10.03
C THR E 550 23.37 -24.80 -9.67
N LYS E 551 22.87 -23.88 -8.83
CA LYS E 551 23.71 -22.76 -8.40
C LYS E 551 24.80 -23.26 -7.46
N ARG E 552 24.59 -24.45 -6.88
CA ARG E 552 25.59 -25.06 -6.01
C ARG E 552 26.31 -26.21 -6.73
N ASN E 553 26.23 -26.22 -8.07
CA ASN E 553 27.08 -27.04 -8.91
C ASN E 553 26.74 -28.52 -8.76
N THR E 554 25.48 -28.84 -8.45
CA THR E 554 25.04 -30.23 -8.41
C THR E 554 24.72 -30.68 -9.84
N PHE E 555 25.45 -31.68 -10.33
CA PHE E 555 25.36 -32.09 -11.72
C PHE E 555 24.18 -33.02 -11.94
N ILE E 556 23.33 -32.68 -12.93
CA ILE E 556 22.28 -33.57 -13.41
C ILE E 556 22.53 -33.85 -14.89
N GLY E 557 22.87 -35.11 -15.19
CA GLY E 557 23.30 -35.47 -16.53
C GLY E 557 22.15 -35.56 -17.53
N ASP E 558 20.99 -36.06 -17.07
CA ASP E 558 19.93 -36.50 -17.96
C ASP E 558 18.58 -36.40 -17.24
N GLU E 559 17.51 -36.85 -17.93
CA GLU E 559 16.16 -36.87 -17.39
C GLU E 559 16.12 -37.77 -16.15
N GLU E 560 16.81 -38.91 -16.23
CA GLU E 560 16.74 -39.93 -15.19
C GLU E 560 17.38 -39.42 -13.89
N ALA E 561 18.46 -38.65 -14.01
CA ALA E 561 19.14 -38.08 -12.84
C ALA E 561 18.27 -37.00 -12.21
N PHE E 562 17.51 -36.26 -13.03
CA PHE E 562 16.61 -35.24 -12.55
C PHE E 562 15.47 -35.87 -11.74
N ALA E 563 15.01 -37.05 -12.19
CA ALA E 563 13.98 -37.79 -11.49
C ALA E 563 14.45 -38.14 -10.07
N ILE E 564 15.70 -38.60 -9.94
CA ILE E 564 16.26 -38.99 -8.65
C ILE E 564 16.39 -37.75 -7.77
N TYR E 565 16.67 -36.60 -8.41
CA TYR E 565 16.87 -35.34 -7.71
C TYR E 565 15.55 -34.87 -7.13
N LYS E 566 14.44 -35.09 -7.87
CA LYS E 566 13.11 -34.69 -7.45
C LYS E 566 12.64 -35.52 -6.26
N GLU E 567 13.10 -36.78 -6.20
CA GLU E 567 12.71 -37.70 -5.15
C GLU E 567 13.44 -37.37 -3.85
N GLY E 568 14.47 -36.51 -3.91
CA GLY E 568 15.22 -36.11 -2.74
C GLY E 568 14.34 -35.41 -1.71
N ALA E 569 14.71 -35.53 -0.43
CA ALA E 569 13.89 -35.04 0.66
C ALA E 569 14.71 -34.82 1.93
N VAL E 570 14.24 -33.88 2.76
CA VAL E 570 14.80 -33.61 4.08
C VAL E 570 13.75 -34.00 5.12
N ASP E 571 14.08 -35.01 5.95
CA ASP E 571 13.16 -35.56 6.94
C ASP E 571 11.92 -36.13 6.24
N GLY E 572 12.13 -36.83 5.12
CA GLY E 572 11.06 -37.49 4.39
C GLY E 572 10.07 -36.50 3.78
N ARG E 573 10.53 -35.26 3.56
CA ARG E 573 9.70 -34.19 3.01
C ARG E 573 10.33 -33.71 1.71
N GLN E 574 9.69 -34.04 0.57
CA GLN E 574 10.23 -33.73 -0.73
C GLN E 574 10.25 -32.22 -0.96
N TYR E 575 11.43 -31.68 -1.30
CA TYR E 575 11.66 -30.24 -1.29
C TYR E 575 11.48 -29.64 -2.69
N VAL E 576 11.71 -30.44 -3.72
CA VAL E 576 11.54 -29.99 -5.10
C VAL E 576 10.05 -29.87 -5.39
N SER E 577 9.70 -28.91 -6.26
CA SER E 577 8.32 -28.72 -6.71
C SER E 577 7.95 -29.86 -7.66
N LYS E 578 6.78 -30.47 -7.42
CA LYS E 578 6.36 -31.62 -8.20
C LYS E 578 6.04 -31.20 -9.63
N ASP E 579 5.52 -29.97 -9.80
CA ASP E 579 5.05 -29.49 -11.08
C ASP E 579 6.20 -28.94 -11.93
N TYR E 580 7.46 -29.22 -11.54
CA TYR E 580 8.63 -28.63 -12.16
C TYR E 580 9.25 -29.61 -13.14
N THR E 581 9.14 -29.29 -14.43
CA THR E 581 9.52 -30.20 -15.50
C THR E 581 11.04 -30.16 -15.71
N TYR E 582 11.59 -31.28 -16.19
CA TYR E 582 12.99 -31.36 -16.61
C TYR E 582 13.25 -30.38 -17.75
N GLU E 583 12.29 -30.26 -18.66
CA GLU E 583 12.42 -29.41 -19.83
C GLU E 583 12.74 -27.97 -19.41
N ALA E 584 12.22 -27.57 -18.24
CA ALA E 584 12.43 -26.22 -17.71
C ALA E 584 13.84 -26.10 -17.14
N PHE E 585 14.26 -27.09 -16.35
CA PHE E 585 15.52 -27.08 -15.63
C PHE E 585 16.71 -27.16 -16.58
N ARG E 586 16.69 -28.17 -17.46
CA ARG E 586 17.84 -28.50 -18.30
C ARG E 586 18.24 -27.29 -19.14
N LYS E 587 19.52 -27.24 -19.51
CA LYS E 587 20.01 -26.29 -20.49
C LYS E 587 19.90 -26.92 -21.88
N ASP E 588 19.61 -26.06 -22.87
CA ASP E 588 19.21 -26.50 -24.20
C ASP E 588 20.43 -26.64 -25.11
N TYR E 589 21.59 -26.13 -24.69
CA TYR E 589 22.81 -26.18 -25.47
C TYR E 589 22.58 -25.54 -26.84
N LYS E 590 21.94 -24.38 -26.82
CA LYS E 590 21.54 -23.71 -28.05
C LYS E 590 22.70 -22.86 -28.57
N GLY E 591 22.99 -23.01 -29.87
CA GLY E 591 24.06 -22.26 -30.50
C GLY E 591 25.45 -22.72 -30.07
N TYR E 592 25.52 -23.94 -29.52
CA TYR E 592 26.79 -24.58 -29.22
C TYR E 592 27.33 -25.18 -30.51
N LYS E 593 28.58 -24.82 -30.86
CA LYS E 593 29.21 -25.31 -32.08
C LYS E 593 30.44 -26.13 -31.70
N VAL E 594 30.76 -27.12 -32.55
CA VAL E 594 31.87 -28.03 -32.32
C VAL E 594 32.87 -27.85 -33.46
N HIS E 595 34.06 -27.34 -33.13
CA HIS E 595 35.11 -27.11 -34.12
C HIS E 595 36.07 -28.30 -34.11
N LEU E 596 36.22 -28.95 -35.27
CA LEU E 596 36.99 -30.19 -35.40
C LEU E 596 38.19 -29.96 -36.31
N THR E 597 39.39 -30.11 -35.74
CA THR E 597 40.64 -30.09 -36.49
C THR E 597 41.16 -31.52 -36.58
N ALA E 598 41.29 -32.04 -37.81
CA ALA E 598 41.70 -33.41 -38.05
C ALA E 598 43.23 -33.53 -37.94
N SER E 599 43.78 -34.70 -38.31
CA SER E 599 45.22 -34.90 -38.37
C SER E 599 45.81 -34.14 -39.56
N ASN E 600 45.02 -34.00 -40.63
CA ASN E 600 45.43 -33.23 -41.80
C ASN E 600 45.29 -31.73 -41.53
N LEU E 601 44.92 -31.35 -40.30
CA LEU E 601 44.73 -29.97 -39.88
C LEU E 601 43.55 -29.33 -40.61
N GLY E 602 42.72 -30.15 -41.27
CA GLY E 602 41.50 -29.67 -41.90
C GLY E 602 40.43 -29.39 -40.86
N GLU E 603 39.70 -28.28 -41.02
CA GLU E 603 38.75 -27.84 -40.01
C GLU E 603 37.33 -28.03 -40.55
N THR E 604 36.44 -28.45 -39.65
CA THR E 604 35.00 -28.51 -39.92
C THR E 604 34.26 -28.04 -38.68
N VAL E 605 32.98 -27.67 -38.86
CA VAL E 605 32.13 -27.31 -37.75
C VAL E 605 30.88 -28.19 -37.76
N THR E 606 30.89 -29.20 -36.87
CA THR E 606 29.83 -30.18 -36.76
C THR E 606 30.02 -30.94 -35.45
N SER E 607 28.92 -31.39 -34.85
CA SER E 607 28.99 -32.26 -33.68
C SER E 607 28.99 -33.73 -34.11
N LYS E 608 28.70 -34.00 -35.39
CA LYS E 608 28.61 -35.35 -35.91
C LYS E 608 29.95 -35.79 -36.48
N VAL E 609 30.28 -37.08 -36.30
CA VAL E 609 31.41 -37.71 -36.96
C VAL E 609 31.03 -39.16 -37.29
N THR E 610 31.09 -39.50 -38.58
CA THR E 610 30.85 -40.86 -39.03
C THR E 610 32.19 -41.60 -39.03
N ALA E 611 32.29 -42.65 -38.21
CA ALA E 611 33.55 -43.32 -37.95
C ALA E 611 33.86 -44.34 -39.04
N THR E 612 34.30 -43.85 -40.20
CA THR E 612 34.58 -44.70 -41.35
C THR E 612 36.03 -45.19 -41.32
N THR E 613 36.96 -44.29 -40.94
CA THR E 613 38.39 -44.55 -41.04
C THR E 613 39.08 -44.18 -39.73
N ASP E 614 40.36 -44.57 -39.61
CA ASP E 614 41.21 -44.21 -38.49
C ASP E 614 41.51 -42.72 -38.56
N GLU E 615 41.40 -42.03 -37.41
CA GLU E 615 41.50 -40.58 -37.38
C GLU E 615 41.69 -40.09 -35.94
N THR E 616 42.24 -38.89 -35.80
CA THR E 616 42.27 -38.17 -34.55
C THR E 616 41.84 -36.73 -34.81
N TYR E 617 40.93 -36.22 -33.97
CA TYR E 617 40.49 -34.84 -34.04
C TYR E 617 40.83 -34.11 -32.74
N LEU E 618 41.15 -32.83 -32.87
CA LEU E 618 41.12 -31.90 -31.74
C LEU E 618 39.74 -31.24 -31.75
N VAL E 619 39.11 -31.21 -30.57
CA VAL E 619 37.73 -30.79 -30.44
C VAL E 619 37.69 -29.52 -29.58
N ASP E 620 37.21 -28.42 -30.17
CA ASP E 620 36.98 -27.19 -29.45
C ASP E 620 35.49 -26.85 -29.53
N VAL E 621 34.82 -26.89 -28.36
CA VAL E 621 33.38 -26.69 -28.28
C VAL E 621 33.13 -25.26 -27.80
N SER E 622 32.24 -24.58 -28.53
CA SER E 622 32.00 -23.16 -28.35
C SER E 622 30.53 -22.94 -27.99
N ASP E 623 30.28 -22.11 -26.98
CA ASP E 623 28.91 -21.76 -26.58
C ASP E 623 28.33 -20.74 -27.54
N GLY E 624 29.20 -20.01 -28.25
CA GLY E 624 28.80 -18.93 -29.14
C GLY E 624 29.73 -17.73 -29.02
N GLU E 625 30.27 -17.51 -27.80
CA GLU E 625 31.19 -16.41 -27.54
C GLU E 625 32.55 -16.93 -27.06
N LYS E 626 32.60 -18.13 -26.48
CA LYS E 626 33.85 -18.67 -25.96
C LYS E 626 33.86 -20.19 -26.04
N VAL E 627 35.09 -20.74 -26.00
CA VAL E 627 35.31 -22.18 -25.95
C VAL E 627 35.14 -22.64 -24.51
N VAL E 628 34.30 -23.66 -24.32
CA VAL E 628 33.96 -24.15 -22.99
C VAL E 628 34.64 -25.49 -22.72
N HIS E 629 35.12 -26.17 -23.78
CA HIS E 629 35.74 -27.47 -23.63
C HIS E 629 36.71 -27.72 -24.78
N HIS E 630 37.88 -28.27 -24.45
CA HIS E 630 38.79 -28.85 -25.42
C HIS E 630 38.99 -30.33 -25.08
N MET E 631 39.22 -31.15 -26.11
CA MET E 631 39.58 -32.54 -25.90
C MET E 631 40.10 -33.14 -27.21
N LYS E 632 40.67 -34.35 -27.11
CA LYS E 632 41.08 -35.13 -28.26
C LYS E 632 40.02 -36.21 -28.50
N LEU E 633 39.86 -36.62 -29.77
CA LEU E 633 38.92 -37.67 -30.13
C LEU E 633 39.57 -38.61 -31.14
N ASN E 634 39.94 -39.81 -30.68
CA ASN E 634 40.54 -40.81 -31.56
C ASN E 634 39.44 -41.72 -32.11
N ILE E 635 39.34 -41.77 -33.45
CA ILE E 635 38.54 -42.77 -34.12
C ILE E 635 39.46 -43.93 -34.47
N GLY E 636 39.17 -45.11 -33.89
CA GLY E 636 39.96 -46.31 -34.13
C GLY E 636 41.34 -46.23 -33.49
N SER E 637 42.36 -46.68 -34.25
CA SER E 637 43.75 -46.63 -33.82
C SER E 637 44.25 -45.20 -33.76
N GLY E 638 43.63 -44.31 -34.57
CA GLY E 638 43.97 -42.90 -34.57
C GLY E 638 44.87 -42.53 -35.74
N ALA E 639 45.29 -41.26 -35.78
CA ALA E 639 46.24 -40.79 -36.77
C ALA E 639 47.14 -39.72 -36.13
N ILE E 640 48.39 -39.66 -36.59
CA ILE E 640 49.38 -38.77 -36.02
C ILE E 640 49.14 -37.35 -36.53
N MET E 641 49.12 -36.38 -35.61
CA MET E 641 48.84 -34.99 -35.95
C MET E 641 49.94 -34.46 -36.87
N MET E 642 49.54 -33.96 -38.05
CA MET E 642 50.47 -33.34 -38.98
C MET E 642 50.75 -31.92 -38.51
N GLU E 643 51.83 -31.34 -39.05
CA GLU E 643 52.13 -29.92 -38.88
C GLU E 643 52.20 -29.25 -40.26
N ASN E 644 51.86 -27.95 -40.30
CA ASN E 644 52.07 -27.16 -41.49
C ASN E 644 53.55 -26.82 -41.57
N LEU E 645 54.28 -27.54 -42.44
CA LEU E 645 55.72 -27.41 -42.59
C LEU E 645 56.04 -26.12 -43.33
N ALA E 646 55.05 -25.55 -44.02
CA ALA E 646 55.22 -24.36 -44.83
C ALA E 646 55.07 -23.08 -43.99
N LYS E 647 54.65 -23.23 -42.73
CA LYS E 647 54.39 -22.11 -41.85
C LYS E 647 55.68 -21.32 -41.63
N GLY E 648 55.61 -20.02 -41.96
CA GLY E 648 56.76 -19.13 -41.81
C GLY E 648 57.89 -19.47 -42.79
N ALA E 649 57.54 -20.08 -43.91
CA ALA E 649 58.53 -20.46 -44.92
C ALA E 649 59.11 -19.20 -45.57
N LYS E 650 60.38 -19.28 -45.95
CA LYS E 650 61.08 -18.15 -46.54
C LYS E 650 60.80 -18.11 -48.05
N VAL E 651 60.30 -16.97 -48.53
CA VAL E 651 60.15 -16.74 -49.96
C VAL E 651 61.54 -16.45 -50.54
N ILE E 652 61.85 -17.13 -51.65
CA ILE E 652 63.14 -17.03 -52.30
C ILE E 652 62.99 -16.55 -53.75
N GLY E 653 61.73 -16.37 -54.19
CA GLY E 653 61.46 -15.91 -55.54
C GLY E 653 59.97 -15.93 -55.86
N THR E 654 59.54 -15.04 -56.77
CA THR E 654 58.15 -14.95 -57.19
C THR E 654 58.04 -14.05 -58.42
N SER E 655 57.03 -14.33 -59.25
CA SER E 655 56.78 -13.54 -60.45
C SER E 655 56.09 -12.22 -60.09
N GLY E 656 55.66 -12.06 -58.84
CA GLY E 656 54.94 -10.88 -58.40
C GLY E 656 55.64 -10.16 -57.26
N ASP E 657 54.86 -9.48 -56.41
CA ASP E 657 55.39 -8.70 -55.30
C ASP E 657 55.97 -9.65 -54.25
N PHE E 658 57.24 -9.41 -53.89
CA PHE E 658 57.99 -10.27 -53.00
C PHE E 658 57.39 -10.24 -51.59
N GLU E 659 57.01 -9.04 -51.13
CA GLU E 659 56.51 -8.85 -49.79
C GLU E 659 55.13 -9.47 -49.63
N GLN E 660 54.33 -9.45 -50.71
CA GLN E 660 52.98 -9.98 -50.68
C GLN E 660 53.02 -11.50 -50.64
N ALA E 661 54.02 -12.10 -51.28
CA ALA E 661 54.15 -13.54 -51.34
C ALA E 661 54.32 -14.12 -49.95
N LYS E 662 54.79 -13.31 -48.99
CA LYS E 662 55.10 -13.78 -47.66
C LYS E 662 53.84 -14.02 -46.84
N LYS E 663 52.70 -13.55 -47.38
CA LYS E 663 51.44 -13.61 -46.66
C LYS E 663 50.73 -14.92 -46.94
N ILE E 664 51.35 -15.82 -47.72
CA ILE E 664 50.76 -17.12 -47.93
C ILE E 664 51.27 -18.10 -46.86
N PHE E 665 52.20 -17.65 -46.01
CA PHE E 665 52.82 -18.50 -45.01
C PHE E 665 52.74 -17.90 -43.61
N ASP E 666 51.77 -16.99 -43.39
CA ASP E 666 51.62 -16.31 -42.12
C ASP E 666 50.56 -16.98 -41.22
N GLY E 667 49.69 -17.82 -41.79
CA GLY E 667 48.75 -18.57 -40.97
C GLY E 667 47.42 -17.86 -40.78
N GLU E 668 47.24 -16.70 -41.43
CA GLU E 668 45.94 -16.03 -41.49
C GLU E 668 45.37 -16.17 -42.90
N LYS E 669 44.09 -15.76 -43.05
CA LYS E 669 43.45 -15.64 -44.35
C LYS E 669 42.86 -14.23 -44.47
N SER E 670 43.64 -13.25 -44.01
CA SER E 670 43.21 -11.87 -43.89
C SER E 670 43.84 -11.01 -44.98
N ASP E 671 44.62 -11.62 -45.88
CA ASP E 671 45.22 -10.93 -47.01
C ASP E 671 45.54 -11.97 -48.08
N ARG E 672 45.69 -11.49 -49.32
CA ARG E 672 45.75 -12.37 -50.48
C ARG E 672 46.98 -12.01 -51.32
N PHE E 673 47.40 -12.95 -52.17
CA PHE E 673 48.44 -12.72 -53.17
C PHE E 673 47.83 -12.87 -54.57
N PHE E 674 48.11 -11.89 -55.44
CA PHE E 674 47.78 -12.01 -56.84
C PHE E 674 48.79 -11.21 -57.67
N THR E 675 48.65 -11.29 -58.99
CA THR E 675 49.47 -10.55 -59.93
C THR E 675 48.56 -9.98 -61.03
N TRP E 676 49.10 -9.07 -61.85
CA TRP E 676 48.34 -8.49 -62.94
C TRP E 676 48.33 -9.48 -64.11
N GLY E 677 47.68 -10.62 -63.90
CA GLY E 677 47.65 -11.68 -64.88
C GLY E 677 46.97 -12.93 -64.32
N GLN E 678 46.86 -13.96 -65.17
CA GLN E 678 46.19 -15.19 -64.80
C GLN E 678 47.20 -16.24 -64.33
N THR E 679 48.49 -15.96 -64.51
CA THR E 679 49.54 -16.86 -64.08
C THR E 679 50.52 -16.15 -63.15
N ASN E 680 51.06 -16.92 -62.18
CA ASN E 680 52.09 -16.45 -61.27
C ASN E 680 52.73 -17.65 -60.60
N TRP E 681 53.86 -17.42 -59.93
CA TRP E 681 54.50 -18.46 -59.14
C TRP E 681 55.18 -17.85 -57.91
N ILE E 682 55.29 -18.65 -56.85
CA ILE E 682 56.05 -18.31 -55.65
C ILE E 682 56.90 -19.52 -55.28
N ALA E 683 58.23 -19.32 -55.17
CA ALA E 683 59.14 -20.36 -54.73
C ALA E 683 59.54 -20.09 -53.28
N PHE E 684 59.65 -21.15 -52.48
CA PHE E 684 59.86 -20.98 -51.05
C PHE E 684 60.68 -22.13 -50.47
N ASP E 685 61.16 -21.90 -49.23
CA ASP E 685 62.20 -22.70 -48.60
C ASP E 685 61.76 -23.04 -47.18
N LEU E 686 61.55 -24.34 -46.91
CA LEU E 686 61.07 -24.78 -45.60
C LEU E 686 62.22 -24.85 -44.61
N GLY E 687 63.47 -24.78 -45.10
CA GLY E 687 64.65 -24.69 -44.25
C GLY E 687 65.31 -26.05 -44.03
N GLU E 688 64.46 -27.08 -43.88
CA GLU E 688 64.87 -28.45 -43.61
C GLU E 688 64.14 -29.39 -44.58
N ILE E 689 64.63 -30.63 -44.71
CA ILE E 689 63.89 -31.65 -45.43
C ILE E 689 62.97 -32.35 -44.43
N ASN E 690 61.70 -32.49 -44.80
CA ASN E 690 60.70 -33.16 -43.98
C ASN E 690 59.73 -33.91 -44.87
N LEU E 691 58.93 -34.78 -44.25
CA LEU E 691 58.02 -35.65 -44.99
C LEU E 691 56.70 -34.93 -45.22
N ALA E 692 56.40 -34.63 -46.49
CA ALA E 692 55.18 -33.92 -46.87
C ALA E 692 54.14 -34.91 -47.38
N LYS E 693 52.99 -34.96 -46.70
CA LYS E 693 52.02 -36.02 -46.92
C LYS E 693 50.79 -35.46 -47.65
N GLU E 694 50.41 -34.21 -47.35
CA GLU E 694 49.36 -33.52 -48.10
C GLU E 694 49.71 -32.04 -48.18
N TRP E 695 48.91 -31.30 -48.97
CA TRP E 695 49.01 -29.85 -49.06
C TRP E 695 47.60 -29.25 -49.06
N ARG E 696 47.49 -27.97 -48.72
CA ARG E 696 46.20 -27.30 -48.68
C ARG E 696 46.34 -25.86 -49.14
N LEU E 697 45.48 -25.46 -50.09
CA LEU E 697 45.42 -24.08 -50.54
C LEU E 697 44.07 -23.49 -50.12
N PHE E 698 44.12 -22.35 -49.42
CA PHE E 698 42.94 -21.56 -49.10
C PHE E 698 42.77 -20.49 -50.19
N ASN E 699 41.67 -20.59 -50.93
CA ASN E 699 41.50 -19.85 -52.17
C ASN E 699 41.04 -18.42 -51.86
N ALA E 700 40.68 -17.67 -52.90
CA ALA E 700 40.42 -16.25 -52.79
C ALA E 700 39.26 -15.96 -51.85
N GLU E 701 38.22 -16.80 -51.91
CA GLU E 701 36.98 -16.55 -51.19
C GLU E 701 37.13 -16.85 -49.70
N THR E 702 38.23 -17.50 -49.29
CA THR E 702 38.48 -17.77 -47.87
C THR E 702 38.87 -16.50 -47.13
N ASN E 703 39.01 -15.38 -47.86
CA ASN E 703 39.45 -14.12 -47.30
C ASN E 703 38.51 -13.70 -46.19
N THR E 704 39.08 -13.46 -44.99
CA THR E 704 38.32 -13.13 -43.78
C THR E 704 38.33 -11.63 -43.52
N GLU E 705 38.63 -10.81 -44.53
CA GLU E 705 38.73 -9.37 -44.35
C GLU E 705 37.87 -8.63 -45.38
N ILE E 706 37.91 -9.10 -46.63
CA ILE E 706 37.00 -8.62 -47.67
C ILE E 706 36.22 -9.82 -48.20
N LYS E 707 34.88 -9.71 -48.20
CA LYS E 707 34.03 -10.75 -48.74
C LYS E 707 34.33 -10.89 -50.23
N THR E 708 35.07 -11.97 -50.56
CA THR E 708 35.64 -12.15 -51.87
C THR E 708 34.82 -13.21 -52.62
N ASP E 709 34.39 -12.85 -53.83
CA ASP E 709 33.59 -13.73 -54.68
C ASP E 709 34.49 -14.85 -55.22
N SER E 710 33.88 -16.02 -55.45
CA SER E 710 34.60 -17.21 -55.88
C SER E 710 35.14 -17.05 -57.30
N SER E 711 34.70 -16.02 -58.02
CA SER E 711 35.17 -15.77 -59.38
C SER E 711 36.61 -15.28 -59.36
N LEU E 712 37.10 -14.91 -58.17
CA LEU E 712 38.48 -14.47 -58.00
C LEU E 712 39.37 -15.63 -57.56
N ASN E 713 38.82 -16.86 -57.56
CA ASN E 713 39.56 -18.02 -57.08
C ASN E 713 40.56 -18.50 -58.13
N VAL E 714 41.57 -19.23 -57.64
CA VAL E 714 42.51 -19.96 -58.47
C VAL E 714 41.80 -21.21 -59.00
N ALA E 715 41.71 -21.33 -60.33
CA ALA E 715 41.05 -22.46 -60.96
C ALA E 715 42.03 -23.61 -61.13
N LYS E 716 43.21 -23.30 -61.68
CA LYS E 716 44.21 -24.29 -62.02
C LYS E 716 45.58 -23.85 -61.50
N GLY E 717 46.31 -24.78 -60.90
CA GLY E 717 47.68 -24.55 -60.48
C GLY E 717 48.44 -25.84 -60.28
N ARG E 718 49.73 -25.72 -59.94
CA ARG E 718 50.58 -26.86 -59.68
C ARG E 718 51.48 -26.55 -58.50
N LEU E 719 51.57 -27.48 -57.54
CA LEU E 719 52.62 -27.45 -56.53
C LEU E 719 53.79 -28.28 -57.04
N GLN E 720 55.02 -27.81 -56.75
CA GLN E 720 56.22 -28.39 -57.33
C GLN E 720 57.32 -28.48 -56.28
N ILE E 721 58.30 -29.35 -56.53
CA ILE E 721 59.54 -29.39 -55.77
C ILE E 721 60.70 -29.21 -56.75
N LEU E 722 61.83 -28.73 -56.21
CA LEU E 722 63.03 -28.49 -57.02
C LEU E 722 63.63 -29.85 -57.38
N LYS E 723 64.22 -29.95 -58.57
CA LYS E 723 64.83 -31.19 -59.02
C LYS E 723 66.15 -31.41 -58.29
N ASP E 724 67.07 -30.45 -58.40
CA ASP E 724 68.40 -30.58 -57.81
C ASP E 724 68.26 -30.61 -56.29
N THR E 725 68.28 -31.83 -55.73
CA THR E 725 67.99 -32.06 -54.32
C THR E 725 68.93 -31.25 -53.42
N THR E 726 70.19 -31.15 -53.83
CA THR E 726 71.21 -30.47 -53.05
C THR E 726 71.92 -29.44 -53.91
N ILE E 727 71.24 -28.32 -54.13
CA ILE E 727 71.82 -27.14 -54.76
C ILE E 727 71.81 -26.02 -53.74
N ASP E 728 72.87 -25.20 -53.74
CA ASP E 728 73.06 -24.17 -52.74
C ASP E 728 72.62 -22.82 -53.32
N LEU E 729 71.32 -22.52 -53.19
CA LEU E 729 70.75 -21.27 -53.66
C LEU E 729 71.30 -20.13 -52.80
N GLU E 730 71.68 -20.48 -51.57
CA GLU E 730 72.47 -19.64 -50.68
C GLU E 730 73.47 -18.80 -51.48
N LYS E 731 74.38 -19.49 -52.18
CA LYS E 731 75.60 -18.85 -52.65
C LYS E 731 75.46 -18.37 -54.10
N MET E 732 74.25 -18.48 -54.66
CA MET E 732 73.99 -18.03 -56.02
C MET E 732 73.80 -16.52 -56.06
N ASP E 733 74.19 -15.92 -57.19
CA ASP E 733 73.96 -14.51 -57.45
C ASP E 733 72.46 -14.25 -57.57
N ILE E 734 71.99 -13.10 -57.05
CA ILE E 734 70.57 -12.76 -57.07
C ILE E 734 70.02 -12.95 -58.49
N LYS E 735 70.73 -12.39 -59.48
CA LYS E 735 70.28 -12.37 -60.86
C LYS E 735 70.10 -13.79 -61.40
N ASN E 736 71.00 -14.71 -60.99
CA ASN E 736 70.93 -16.09 -61.44
C ASN E 736 69.82 -16.83 -60.70
N ARG E 737 69.65 -16.52 -59.41
CA ARG E 737 68.65 -17.19 -58.58
C ARG E 737 67.27 -17.03 -59.22
N LYS E 738 66.96 -15.80 -59.66
CA LYS E 738 65.65 -15.50 -60.22
C LYS E 738 65.45 -16.29 -61.52
N GLU E 739 66.47 -16.25 -62.39
CA GLU E 739 66.41 -16.94 -63.68
C GLU E 739 66.28 -18.45 -63.46
N TYR E 740 66.91 -18.95 -62.39
CA TYR E 740 66.89 -20.38 -62.06
C TYR E 740 65.50 -20.81 -61.64
N LEU E 741 64.91 -20.07 -60.69
CA LEU E 741 63.64 -20.44 -60.09
C LEU E 741 62.50 -20.20 -61.07
N SER E 742 62.68 -19.24 -62.00
CA SER E 742 61.70 -18.92 -63.02
C SER E 742 61.58 -20.05 -64.06
N ASN E 743 62.66 -20.81 -64.25
CA ASN E 743 62.76 -21.76 -65.34
C ASN E 743 62.09 -23.08 -64.96
N ASP E 744 61.07 -23.47 -65.73
CA ASP E 744 60.18 -24.57 -65.40
C ASP E 744 60.90 -25.91 -65.40
N GLU E 745 62.08 -25.97 -66.05
CA GLU E 745 62.80 -27.22 -66.23
C GLU E 745 63.38 -27.73 -64.92
N ASN E 746 63.54 -26.85 -63.91
CA ASN E 746 64.16 -27.23 -62.66
C ASN E 746 63.14 -27.77 -61.65
N TRP E 747 61.85 -27.80 -62.05
CA TRP E 747 60.77 -28.12 -61.14
C TRP E 747 60.05 -29.39 -61.59
N THR E 748 59.74 -30.27 -60.62
CA THR E 748 58.90 -31.44 -60.82
C THR E 748 57.57 -31.24 -60.10
N ASP E 749 56.46 -31.39 -60.84
CA ASP E 749 55.13 -31.36 -60.24
C ASP E 749 55.03 -32.44 -59.16
N VAL E 750 54.34 -32.13 -58.06
CA VAL E 750 54.03 -33.13 -57.05
C VAL E 750 52.52 -33.14 -56.75
N ALA E 751 51.79 -32.15 -57.29
CA ALA E 751 50.36 -32.05 -57.08
C ALA E 751 49.75 -31.15 -58.15
N GLN E 752 48.48 -31.41 -58.49
CA GLN E 752 47.75 -30.66 -59.49
C GLN E 752 46.47 -30.13 -58.86
N MET E 753 46.08 -28.92 -59.26
CA MET E 753 44.81 -28.34 -58.88
C MET E 753 44.00 -28.08 -60.16
N ASP E 754 42.77 -28.59 -60.20
CA ASP E 754 41.93 -28.53 -61.39
C ASP E 754 40.53 -28.03 -61.06
N ASP E 755 40.31 -27.58 -59.81
CA ASP E 755 38.99 -27.21 -59.34
C ASP E 755 39.11 -25.92 -58.54
N ALA E 756 38.22 -24.96 -58.84
CA ALA E 756 38.21 -23.66 -58.16
C ALA E 756 37.54 -23.80 -56.79
N LYS E 757 38.01 -24.77 -55.99
CA LYS E 757 37.44 -25.02 -54.67
C LYS E 757 37.87 -23.89 -53.72
N ALA E 758 37.00 -23.60 -52.75
CA ALA E 758 37.30 -22.63 -51.71
C ALA E 758 38.54 -23.08 -50.93
N ILE E 759 38.60 -24.39 -50.64
CA ILE E 759 39.79 -24.98 -50.05
C ILE E 759 40.10 -26.24 -50.84
N PHE E 760 41.37 -26.36 -51.25
CA PHE E 760 41.83 -27.50 -52.03
C PHE E 760 42.87 -28.27 -51.22
N ASN E 761 42.57 -29.55 -50.97
CA ASN E 761 43.47 -30.46 -50.28
C ASN E 761 43.62 -31.73 -51.10
N SER E 762 44.86 -32.17 -51.27
CA SER E 762 45.15 -33.45 -51.89
C SER E 762 46.40 -34.05 -51.24
N LYS E 763 46.67 -35.32 -51.54
CA LYS E 763 47.75 -36.05 -50.89
C LYS E 763 49.00 -36.00 -51.76
N LEU E 764 50.17 -36.16 -51.13
CA LEU E 764 51.46 -36.15 -51.78
C LEU E 764 52.12 -37.51 -51.55
N SER E 765 52.95 -37.94 -52.50
CA SER E 765 53.62 -39.23 -52.42
C SER E 765 54.85 -39.13 -51.52
N ASN E 766 54.62 -38.88 -50.22
CA ASN E 766 55.68 -38.86 -49.23
C ASN E 766 56.88 -38.06 -49.75
N VAL E 767 56.65 -36.78 -50.02
CA VAL E 767 57.63 -35.93 -50.68
C VAL E 767 58.62 -35.40 -49.65
N LEU E 768 59.91 -35.64 -49.91
CA LEU E 768 60.99 -35.05 -49.12
C LEU E 768 61.65 -33.96 -49.96
N SER E 769 61.45 -32.69 -49.56
CA SER E 769 61.95 -31.56 -50.34
C SER E 769 62.06 -30.33 -49.45
N ARG E 770 63.17 -29.60 -49.60
CA ARG E 770 63.38 -28.34 -48.92
C ARG E 770 62.74 -27.20 -49.72
N TYR E 771 62.99 -27.18 -51.03
CA TYR E 771 62.53 -26.08 -51.87
C TYR E 771 61.27 -26.48 -52.60
N TRP E 772 60.31 -25.54 -52.65
CA TRP E 772 59.01 -25.75 -53.28
C TRP E 772 58.66 -24.56 -54.17
N ARG E 773 57.71 -24.76 -55.09
CA ARG E 773 57.13 -23.69 -55.87
C ARG E 773 55.66 -23.99 -56.12
N PHE E 774 54.80 -22.97 -55.99
CA PHE E 774 53.40 -23.11 -56.37
C PHE E 774 53.09 -22.15 -57.52
N CYS E 775 52.68 -22.72 -58.65
CA CYS E 775 52.32 -21.94 -59.84
C CYS E 775 50.80 -21.83 -59.94
N VAL E 776 50.31 -20.61 -60.20
CA VAL E 776 48.93 -20.41 -60.57
C VAL E 776 48.86 -20.44 -62.09
N ASP E 777 48.06 -21.38 -62.63
CA ASP E 777 48.00 -21.61 -64.07
C ASP E 777 46.82 -20.86 -64.68
N GLY E 778 45.75 -20.64 -63.89
CA GLY E 778 44.61 -19.89 -64.38
C GLY E 778 43.60 -19.59 -63.28
N GLY E 779 42.74 -18.60 -63.54
CA GLY E 779 41.73 -18.17 -62.60
C GLY E 779 40.36 -18.76 -62.95
N ALA E 780 39.37 -18.48 -62.11
CA ALA E 780 38.00 -18.91 -62.33
C ALA E 780 37.25 -17.93 -63.23
N SER E 781 37.88 -16.77 -63.51
CA SER E 781 37.32 -15.79 -64.42
C SER E 781 38.46 -14.93 -64.97
N SER E 782 38.12 -13.87 -65.70
CA SER E 782 39.07 -12.91 -66.22
C SER E 782 39.73 -12.11 -65.09
N TYR E 783 39.03 -11.99 -63.96
CA TYR E 783 39.58 -11.34 -62.78
C TYR E 783 40.81 -12.11 -62.33
N TYR E 784 41.88 -11.38 -61.97
CA TYR E 784 43.16 -11.99 -61.67
C TYR E 784 43.04 -12.77 -60.36
N PRO E 785 43.37 -14.08 -60.38
CA PRO E 785 43.09 -14.96 -59.23
C PRO E 785 43.91 -14.64 -57.99
N GLN E 786 43.30 -14.91 -56.83
CA GLN E 786 43.90 -14.65 -55.54
C GLN E 786 43.89 -15.93 -54.70
N TYR E 787 44.81 -15.99 -53.72
CA TYR E 787 44.75 -17.00 -52.68
C TYR E 787 45.42 -16.44 -51.44
N THR E 788 45.16 -17.06 -50.30
CA THR E 788 45.37 -16.43 -49.00
C THR E 788 46.36 -17.22 -48.15
N GLU E 789 46.49 -18.53 -48.39
CA GLU E 789 47.31 -19.37 -47.53
C GLU E 789 47.66 -20.68 -48.23
N LEU E 790 48.89 -21.15 -48.02
CA LEU E 790 49.36 -22.41 -48.56
C LEU E 790 50.01 -23.23 -47.46
N GLN E 791 49.53 -24.48 -47.30
CA GLN E 791 50.05 -25.38 -46.29
C GLN E 791 50.71 -26.59 -46.96
N ILE E 792 51.86 -26.99 -46.41
CA ILE E 792 52.49 -28.25 -46.73
C ILE E 792 52.48 -29.09 -45.45
N LEU E 793 51.73 -30.19 -45.48
CA LEU E 793 51.30 -30.90 -44.28
C LEU E 793 52.01 -32.24 -44.17
N GLY E 794 52.67 -32.47 -43.03
CA GLY E 794 53.36 -33.74 -42.82
C GLY E 794 54.03 -33.81 -41.46
N GLN E 795 54.88 -34.83 -41.30
CA GLN E 795 55.56 -35.12 -40.05
C GLN E 795 56.99 -34.56 -40.11
N ARG E 796 57.53 -34.22 -38.93
CA ARG E 796 58.94 -33.90 -38.76
C ARG E 796 59.73 -35.16 -38.46
N GLY F 17 -11.41 5.05 0.42
CA GLY F 17 -10.48 4.01 -0.04
C GLY F 17 -11.15 2.65 -0.18
N PRO F 18 -10.40 1.60 -0.60
CA PRO F 18 -10.96 0.24 -0.73
C PRO F 18 -11.40 -0.38 0.60
N SER F 19 -12.54 -1.08 0.57
CA SER F 19 -13.04 -1.83 1.71
C SER F 19 -12.85 -3.33 1.48
N VAL F 20 -12.93 -4.11 2.55
CA VAL F 20 -12.73 -5.54 2.50
C VAL F 20 -13.89 -6.23 3.21
N PHE F 21 -14.40 -7.31 2.59
CA PHE F 21 -15.39 -8.18 3.23
C PHE F 21 -14.90 -9.62 3.12
N LEU F 22 -14.99 -10.36 4.23
CA LEU F 22 -14.55 -11.75 4.28
C LEU F 22 -15.73 -12.65 4.65
N PHE F 23 -16.18 -13.46 3.68
CA PHE F 23 -17.34 -14.31 3.87
C PHE F 23 -16.90 -15.72 4.22
N PRO F 24 -17.61 -16.41 5.15
CA PRO F 24 -17.31 -17.80 5.49
C PRO F 24 -17.85 -18.76 4.43
N PRO F 25 -17.49 -20.06 4.51
CA PRO F 25 -18.05 -21.06 3.59
C PRO F 25 -19.53 -21.31 3.83
N LYS F 26 -20.23 -21.78 2.79
CA LYS F 26 -21.63 -22.17 2.92
C LYS F 26 -21.67 -23.39 3.82
N PRO F 27 -22.51 -23.41 4.88
CA PRO F 27 -22.42 -24.44 5.90
C PRO F 27 -22.56 -25.86 5.35
N LYS F 28 -23.33 -26.02 4.26
CA LYS F 28 -23.46 -27.32 3.62
C LYS F 28 -22.11 -27.77 3.07
N ASP F 29 -21.29 -26.84 2.59
CA ASP F 29 -20.02 -27.17 1.95
C ASP F 29 -19.00 -27.64 2.99
N THR F 30 -19.11 -27.15 4.23
CA THR F 30 -18.19 -27.56 5.28
C THR F 30 -18.55 -28.95 5.81
N LEU F 31 -19.83 -29.35 5.62
CA LEU F 31 -20.41 -30.50 6.29
C LEU F 31 -20.56 -31.68 5.36
N MET F 32 -20.49 -31.46 4.05
CA MET F 32 -20.77 -32.52 3.07
C MET F 32 -19.50 -32.89 2.31
N ILE F 33 -19.25 -34.19 2.22
CA ILE F 33 -18.04 -34.73 1.59
C ILE F 33 -18.02 -34.44 0.10
N SER F 34 -19.20 -34.32 -0.52
CA SER F 34 -19.32 -34.11 -1.96
C SER F 34 -18.90 -32.70 -2.35
N ARG F 35 -18.77 -31.81 -1.35
CA ARG F 35 -18.61 -30.39 -1.60
C ARG F 35 -17.25 -29.91 -1.12
N THR F 36 -16.80 -28.79 -1.70
CA THR F 36 -15.53 -28.18 -1.36
C THR F 36 -15.79 -26.79 -0.81
N PRO F 37 -15.61 -26.56 0.52
CA PRO F 37 -15.85 -25.26 1.12
C PRO F 37 -14.77 -24.23 0.77
N GLU F 38 -15.17 -22.95 0.75
CA GLU F 38 -14.32 -21.84 0.34
C GLU F 38 -14.56 -20.65 1.26
N VAL F 39 -13.47 -20.02 1.71
CA VAL F 39 -13.55 -18.68 2.27
C VAL F 39 -13.32 -17.69 1.14
N THR F 40 -14.15 -16.64 1.10
CA THR F 40 -14.10 -15.66 0.01
C THR F 40 -13.81 -14.28 0.58
N CYS F 41 -12.93 -13.54 -0.12
CA CYS F 41 -12.47 -12.23 0.32
C CYS F 41 -12.68 -11.24 -0.82
N VAL F 42 -13.48 -10.19 -0.56
CA VAL F 42 -13.90 -9.25 -1.59
C VAL F 42 -13.36 -7.87 -1.25
N VAL F 43 -12.71 -7.24 -2.23
CA VAL F 43 -12.24 -5.87 -2.11
C VAL F 43 -13.07 -5.01 -3.05
N VAL F 44 -13.80 -4.04 -2.48
CA VAL F 44 -14.70 -3.20 -3.25
C VAL F 44 -14.10 -1.79 -3.35
N ASP F 45 -14.61 -1.02 -4.32
CA ASP F 45 -14.24 0.38 -4.51
C ASP F 45 -12.73 0.49 -4.70
N VAL F 46 -12.21 -0.20 -5.72
CA VAL F 46 -10.81 -0.07 -6.10
C VAL F 46 -10.75 0.96 -7.21
N SER F 47 -9.80 1.90 -7.12
CA SER F 47 -9.71 3.00 -8.08
C SER F 47 -9.03 2.55 -9.36
N HIS F 48 -9.39 3.19 -10.48
CA HIS F 48 -8.76 2.94 -11.76
C HIS F 48 -7.27 3.34 -11.72
N GLU F 49 -6.93 4.34 -10.90
CA GLU F 49 -5.61 4.96 -10.92
C GLU F 49 -4.55 4.03 -10.32
N ASP F 50 -4.83 3.48 -9.12
CA ASP F 50 -3.93 2.55 -8.45
C ASP F 50 -4.62 1.21 -8.29
N PRO F 51 -4.52 0.31 -9.31
CA PRO F 51 -5.38 -0.89 -9.38
C PRO F 51 -4.83 -2.19 -8.82
N GLU F 52 -3.53 -2.24 -8.52
CA GLU F 52 -2.86 -3.44 -8.07
C GLU F 52 -3.32 -3.79 -6.67
N VAL F 53 -3.87 -5.00 -6.49
CA VAL F 53 -4.40 -5.45 -5.22
C VAL F 53 -3.76 -6.79 -4.88
N LYS F 54 -2.92 -6.82 -3.83
CA LYS F 54 -2.27 -8.04 -3.40
C LYS F 54 -3.03 -8.62 -2.20
N PHE F 55 -3.26 -9.94 -2.25
CA PHE F 55 -3.89 -10.66 -1.14
C PHE F 55 -2.86 -11.55 -0.45
N ASN F 56 -2.96 -11.65 0.88
CA ASN F 56 -2.22 -12.65 1.64
C ASN F 56 -3.20 -13.39 2.56
N TRP F 57 -3.10 -14.71 2.59
CA TRP F 57 -4.01 -15.57 3.33
C TRP F 57 -3.28 -16.28 4.46
N TYR F 58 -3.92 -16.36 5.62
CA TYR F 58 -3.30 -16.99 6.78
C TYR F 58 -4.28 -17.94 7.44
N VAL F 59 -3.77 -19.09 7.90
CA VAL F 59 -4.54 -20.08 8.62
C VAL F 59 -3.88 -20.32 9.98
N ASP F 60 -4.49 -19.78 11.03
CA ASP F 60 -3.88 -19.71 12.35
C ASP F 60 -2.55 -18.99 12.25
N GLY F 61 -2.53 -17.87 11.53
CA GLY F 61 -1.36 -17.01 11.43
C GLY F 61 -0.24 -17.60 10.56
N VAL F 62 -0.55 -18.68 9.83
CA VAL F 62 0.42 -19.36 8.98
C VAL F 62 0.05 -19.09 7.51
N GLU F 63 0.97 -18.52 6.74
CA GLU F 63 0.68 -18.12 5.38
C GLU F 63 0.44 -19.35 4.52
N VAL F 64 -0.55 -19.24 3.62
CA VAL F 64 -0.91 -20.28 2.68
C VAL F 64 -0.95 -19.66 1.30
N HIS F 65 -0.56 -20.45 0.30
CA HIS F 65 -0.24 -19.92 -1.02
C HIS F 65 -1.17 -20.52 -2.07
N ASN F 66 -2.26 -21.17 -1.63
CA ASN F 66 -3.07 -21.97 -2.52
C ASN F 66 -4.32 -21.20 -2.92
N ALA F 67 -4.36 -19.89 -2.63
CA ALA F 67 -5.54 -19.08 -2.92
C ALA F 67 -5.63 -18.83 -4.43
N LYS F 68 -6.80 -18.34 -4.86
CA LYS F 68 -7.11 -18.17 -6.27
C LYS F 68 -7.81 -16.82 -6.45
N THR F 69 -7.10 -15.86 -7.04
CA THR F 69 -7.62 -14.50 -7.22
C THR F 69 -8.25 -14.36 -8.59
N LYS F 70 -9.53 -13.97 -8.62
CA LYS F 70 -10.26 -13.76 -9.86
C LYS F 70 -9.99 -12.32 -10.32
N PRO F 71 -10.11 -12.01 -11.62
CA PRO F 71 -9.70 -10.70 -12.14
C PRO F 71 -10.76 -9.63 -11.85
N ARG F 72 -10.38 -8.36 -12.06
CA ARG F 72 -11.19 -7.23 -11.62
C ARG F 72 -12.52 -7.21 -12.36
N GLU F 73 -13.52 -6.59 -11.73
CA GLU F 73 -14.87 -6.52 -12.26
C GLU F 73 -15.41 -5.10 -12.02
N GLU F 74 -15.53 -4.30 -13.09
CA GLU F 74 -16.15 -2.99 -13.00
C GLU F 74 -17.56 -3.16 -12.45
N GLN F 75 -17.83 -2.61 -11.26
CA GLN F 75 -19.13 -2.76 -10.62
C GLN F 75 -20.05 -1.59 -11.01
N ASN F 77 -18.80 5.72 -12.13
CA ASN F 77 -18.41 4.31 -12.35
C ASN F 77 -16.93 4.19 -11.97
N SER F 78 -16.07 3.75 -12.91
CA SER F 78 -14.62 3.82 -12.80
C SER F 78 -14.09 3.20 -11.49
N THR F 79 -14.77 2.14 -11.04
CA THR F 79 -14.43 1.48 -9.79
C THR F 79 -14.54 -0.03 -9.96
N TYR F 80 -13.51 -0.75 -9.50
CA TYR F 80 -13.40 -2.18 -9.70
C TYR F 80 -13.64 -2.92 -8.38
N ARG F 81 -13.88 -4.23 -8.53
CA ARG F 81 -14.01 -5.15 -7.42
C ARG F 81 -13.07 -6.33 -7.67
N VAL F 82 -12.45 -6.84 -6.61
CA VAL F 82 -11.47 -7.92 -6.74
C VAL F 82 -11.77 -8.97 -5.69
N VAL F 83 -11.97 -10.21 -6.13
CA VAL F 83 -12.35 -11.31 -5.25
C VAL F 83 -11.20 -12.32 -5.22
N SER F 84 -10.90 -12.82 -4.02
CA SER F 84 -9.95 -13.90 -3.84
C SER F 84 -10.61 -15.03 -3.04
N VAL F 85 -10.46 -16.27 -3.52
CA VAL F 85 -11.19 -17.42 -2.98
C VAL F 85 -10.19 -18.47 -2.52
N LEU F 86 -10.18 -18.73 -1.20
CA LEU F 86 -9.32 -19.76 -0.63
C LEU F 86 -10.14 -21.00 -0.30
N THR F 87 -9.78 -22.13 -0.93
CA THR F 87 -10.36 -23.41 -0.58
C THR F 87 -9.91 -23.79 0.82
N VAL F 88 -10.83 -24.35 1.61
CA VAL F 88 -10.53 -24.75 2.97
C VAL F 88 -10.76 -26.25 3.12
N LEU F 89 -10.06 -26.85 4.08
CA LEU F 89 -10.24 -28.23 4.44
C LEU F 89 -11.35 -28.31 5.48
N HIS F 90 -12.27 -29.27 5.30
CA HIS F 90 -13.45 -29.40 6.13
C HIS F 90 -13.05 -29.41 7.60
N GLN F 91 -11.98 -30.15 7.90
CA GLN F 91 -11.55 -30.38 9.27
C GLN F 91 -11.04 -29.08 9.89
N ASP F 92 -10.22 -28.34 9.12
CA ASP F 92 -9.68 -27.06 9.59
C ASP F 92 -10.81 -26.12 10.00
N TRP F 93 -11.83 -26.00 9.16
CA TRP F 93 -12.95 -25.11 9.48
C TRP F 93 -13.66 -25.57 10.73
N LEU F 94 -13.99 -26.87 10.78
CA LEU F 94 -14.80 -27.44 11.85
C LEU F 94 -14.03 -27.49 13.17
N ASN F 95 -12.69 -27.44 13.12
CA ASN F 95 -11.87 -27.36 14.32
C ASN F 95 -11.70 -25.91 14.74
N GLY F 96 -12.31 -24.98 14.01
CA GLY F 96 -12.39 -23.58 14.43
C GLY F 96 -11.09 -22.81 14.19
N LYS F 97 -10.37 -23.15 13.12
CA LYS F 97 -9.15 -22.44 12.77
C LYS F 97 -9.49 -21.07 12.19
N GLU F 98 -8.61 -20.10 12.44
CA GLU F 98 -8.82 -18.73 11.99
C GLU F 98 -8.32 -18.58 10.56
N TYR F 99 -9.13 -17.92 9.72
CA TYR F 99 -8.76 -17.59 8.35
C TYR F 99 -8.61 -16.07 8.27
N LYS F 100 -7.37 -15.60 8.05
CA LYS F 100 -7.09 -14.19 7.90
C LYS F 100 -6.82 -13.86 6.44
N CYS F 101 -7.49 -12.81 5.96
CA CYS F 101 -7.28 -12.25 4.63
C CYS F 101 -6.65 -10.87 4.78
N LYS F 102 -5.49 -10.67 4.14
CA LYS F 102 -4.80 -9.39 4.20
C LYS F 102 -4.74 -8.78 2.79
N VAL F 103 -5.19 -7.52 2.70
CA VAL F 103 -5.28 -6.81 1.44
C VAL F 103 -4.29 -5.64 1.45
N SER F 104 -3.57 -5.48 0.34
CA SER F 104 -2.67 -4.35 0.15
C SER F 104 -3.12 -3.52 -1.04
N ASN F 105 -2.85 -2.20 -1.00
CA ASN F 105 -3.15 -1.32 -2.12
C ASN F 105 -2.34 -0.03 -1.97
N LYS F 106 -2.15 0.69 -3.09
CA LYS F 106 -1.45 1.96 -3.09
C LYS F 106 -2.32 3.04 -2.44
N ALA F 107 -3.65 2.92 -2.62
CA ALA F 107 -4.60 3.86 -2.05
C ALA F 107 -5.05 3.41 -0.64
N LEU F 108 -4.25 2.56 0.00
CA LEU F 108 -4.41 2.23 1.41
C LEU F 108 -3.24 2.79 2.21
N PRO F 109 -3.47 3.36 3.42
CA PRO F 109 -2.38 3.86 4.27
C PRO F 109 -1.62 2.68 4.89
N ALA F 110 -2.37 1.75 5.48
CA ALA F 110 -1.85 0.47 5.93
C ALA F 110 -2.71 -0.66 5.35
N PRO F 111 -2.16 -1.89 5.21
CA PRO F 111 -2.95 -3.04 4.78
C PRO F 111 -4.16 -3.30 5.67
N ILE F 112 -5.17 -3.96 5.09
CA ILE F 112 -6.41 -4.31 5.82
C ILE F 112 -6.37 -5.80 6.11
N GLU F 113 -6.74 -6.14 7.36
CA GLU F 113 -6.69 -7.50 7.86
C GLU F 113 -8.08 -7.85 8.41
N LYS F 114 -8.72 -8.86 7.83
CA LYS F 114 -10.01 -9.36 8.28
C LYS F 114 -9.89 -10.85 8.56
N THR F 115 -10.53 -11.29 9.65
CA THR F 115 -10.43 -12.67 10.12
C THR F 115 -11.82 -13.23 10.35
N ILE F 116 -12.02 -14.51 9.99
CA ILE F 116 -13.22 -15.24 10.37
C ILE F 116 -12.83 -16.65 10.81
N SER F 117 -13.59 -17.14 11.79
CA SER F 117 -13.47 -18.52 12.22
C SER F 117 -14.88 -19.03 12.51
N LYS F 118 -14.99 -20.32 12.82
CA LYS F 118 -16.25 -20.87 13.26
C LYS F 118 -16.44 -20.51 14.72
N ALA F 119 -17.70 -20.32 15.13
CA ALA F 119 -18.00 -19.90 16.49
C ALA F 119 -17.57 -21.01 17.45
N LYS F 120 -16.70 -20.67 18.41
CA LYS F 120 -16.24 -21.63 19.40
C LYS F 120 -17.34 -21.79 20.45
N GLY F 121 -17.37 -22.97 21.09
CA GLY F 121 -18.46 -23.32 21.98
C GLY F 121 -18.91 -24.76 21.78
N GLN F 122 -19.31 -25.40 22.88
CA GLN F 122 -19.81 -26.76 22.87
C GLN F 122 -20.90 -26.89 21.81
N PRO F 123 -20.69 -27.69 20.74
CA PRO F 123 -21.72 -27.95 19.76
C PRO F 123 -22.92 -28.64 20.39
N ARG F 124 -24.12 -28.32 19.89
CA ARG F 124 -25.36 -28.87 20.41
C ARG F 124 -26.20 -29.36 19.23
N GLU F 125 -26.77 -30.55 19.39
CA GLU F 125 -27.43 -31.25 18.31
C GLU F 125 -28.79 -30.61 18.02
N PRO F 126 -29.12 -30.28 16.76
CA PRO F 126 -30.43 -29.73 16.41
C PRO F 126 -31.54 -30.75 16.62
N GLN F 127 -32.70 -30.25 17.06
CA GLN F 127 -33.91 -31.05 17.16
C GLN F 127 -34.84 -30.60 16.03
N VAL F 128 -35.24 -31.56 15.18
CA VAL F 128 -36.00 -31.24 13.99
C VAL F 128 -37.44 -31.73 14.18
N TYR F 129 -38.39 -30.80 14.02
CA TYR F 129 -39.80 -31.09 14.13
C TYR F 129 -40.51 -30.54 12.90
N THR F 130 -41.26 -31.40 12.21
CA THR F 130 -42.06 -30.95 11.08
C THR F 130 -43.47 -30.68 11.56
N LEU F 131 -44.05 -29.56 11.09
CA LEU F 131 -45.36 -29.13 11.51
C LEU F 131 -46.25 -29.05 10.26
N PRO F 132 -47.45 -29.65 10.29
CA PRO F 132 -48.37 -29.54 9.15
C PRO F 132 -49.03 -28.17 9.09
N PRO F 133 -49.75 -27.85 7.98
CA PRO F 133 -50.48 -26.58 7.89
C PRO F 133 -51.48 -26.40 9.02
N SER F 134 -51.84 -25.13 9.28
CA SER F 134 -52.91 -24.82 10.21
C SER F 134 -54.25 -25.12 9.55
N ARG F 135 -55.24 -25.50 10.37
CA ARG F 135 -56.56 -25.82 9.88
C ARG F 135 -57.05 -24.64 9.03
N GLU F 136 -56.71 -23.43 9.49
CA GLU F 136 -57.24 -22.20 8.90
C GLU F 136 -56.61 -21.95 7.53
N GLU F 137 -55.39 -22.45 7.31
CA GLU F 137 -54.69 -22.23 6.05
C GLU F 137 -55.26 -23.13 4.95
N MET F 138 -55.95 -24.21 5.36
CA MET F 138 -56.43 -25.24 4.44
C MET F 138 -57.54 -24.69 3.55
N THR F 139 -58.00 -23.47 3.84
CA THR F 139 -59.02 -22.83 3.02
C THR F 139 -58.39 -22.20 1.78
N LYS F 140 -57.06 -22.28 1.64
CA LYS F 140 -56.33 -21.55 0.62
C LYS F 140 -55.77 -22.54 -0.42
N ASN F 141 -55.38 -22.00 -1.58
CA ASN F 141 -54.94 -22.82 -2.69
C ASN F 141 -53.51 -23.29 -2.49
N GLN F 142 -52.72 -22.57 -1.68
CA GLN F 142 -51.39 -23.02 -1.30
C GLN F 142 -51.28 -23.03 0.22
N VAL F 143 -50.61 -24.06 0.76
CA VAL F 143 -50.48 -24.22 2.21
C VAL F 143 -49.01 -24.29 2.57
N SER F 144 -48.73 -24.10 3.87
CA SER F 144 -47.38 -23.95 4.36
C SER F 144 -46.99 -25.17 5.19
N LEU F 145 -46.07 -25.97 4.64
CA LEU F 145 -45.37 -27.00 5.40
C LEU F 145 -44.19 -26.37 6.14
N THR F 146 -44.13 -26.60 7.44
CA THR F 146 -43.18 -25.93 8.32
C THR F 146 -42.21 -26.94 8.92
N CYS F 147 -40.94 -26.52 9.04
CA CYS F 147 -39.93 -27.32 9.71
C CYS F 147 -39.24 -26.46 10.75
N LEU F 148 -39.35 -26.88 12.02
CA LEU F 148 -38.70 -26.20 13.13
C LEU F 148 -37.43 -26.95 13.48
N VAL F 149 -36.32 -26.21 13.53
CA VAL F 149 -35.03 -26.74 13.98
C VAL F 149 -34.61 -25.89 15.16
N LYS F 150 -34.42 -26.53 16.34
CA LYS F 150 -34.12 -25.78 17.55
C LYS F 150 -33.00 -26.44 18.33
N GLY F 151 -32.38 -25.64 19.22
CA GLY F 151 -31.44 -26.13 20.22
C GLY F 151 -30.09 -26.52 19.63
N PHE F 152 -29.70 -25.89 18.51
CA PHE F 152 -28.46 -26.21 17.84
C PHE F 152 -27.43 -25.12 18.10
N TYR F 153 -26.16 -25.54 18.13
CA TYR F 153 -25.02 -24.64 18.26
C TYR F 153 -23.82 -25.31 17.60
N PRO F 154 -22.98 -24.60 16.81
CA PRO F 154 -23.18 -23.18 16.49
C PRO F 154 -24.24 -22.97 15.42
N SER F 155 -24.39 -21.72 14.96
CA SER F 155 -25.51 -21.32 14.13
C SER F 155 -25.33 -21.73 12.67
N ASP F 156 -24.19 -22.36 12.31
CA ASP F 156 -23.97 -22.81 10.95
C ASP F 156 -24.84 -24.04 10.69
N ILE F 157 -25.79 -23.91 9.74
CA ILE F 157 -26.74 -24.97 9.47
C ILE F 157 -27.27 -24.81 8.05
N ALA F 158 -27.83 -25.90 7.51
CA ALA F 158 -28.42 -25.88 6.18
C ALA F 158 -29.68 -26.75 6.16
N VAL F 159 -30.73 -26.22 5.53
CA VAL F 159 -32.04 -26.86 5.50
C VAL F 159 -32.50 -26.97 4.05
N GLU F 160 -32.95 -28.16 3.66
CA GLU F 160 -33.51 -28.39 2.34
C GLU F 160 -34.79 -29.20 2.48
N TRP F 161 -35.63 -29.14 1.43
CA TRP F 161 -36.84 -29.93 1.37
C TRP F 161 -36.78 -30.91 0.21
N ALA F 162 -37.57 -31.98 0.31
CA ALA F 162 -37.65 -33.00 -0.72
C ALA F 162 -38.99 -33.73 -0.66
N SER F 163 -39.31 -34.45 -1.74
CA SER F 163 -40.53 -35.22 -1.82
C SER F 163 -40.39 -36.26 -2.93
N ASN F 164 -40.56 -37.53 -2.57
CA ASN F 164 -40.42 -38.65 -3.49
C ASN F 164 -39.03 -38.68 -4.11
N GLY F 165 -38.02 -38.31 -3.31
CA GLY F 165 -36.63 -38.36 -3.75
C GLY F 165 -36.21 -37.12 -4.56
N GLN F 166 -37.18 -36.33 -5.03
CA GLN F 166 -36.88 -35.15 -5.81
C GLN F 166 -36.82 -33.93 -4.92
N PRO F 167 -35.94 -32.94 -5.19
CA PRO F 167 -35.87 -31.73 -4.37
C PRO F 167 -37.12 -30.88 -4.55
N GLU F 168 -37.68 -30.42 -3.43
CA GLU F 168 -38.69 -29.38 -3.41
C GLU F 168 -37.97 -28.04 -3.26
N ASN F 169 -38.35 -27.06 -4.08
CA ASN F 169 -37.52 -25.86 -4.21
C ASN F 169 -38.27 -24.57 -3.88
N ASN F 170 -39.58 -24.65 -3.62
CA ASN F 170 -40.34 -23.45 -3.32
C ASN F 170 -40.41 -23.26 -1.81
N TYR F 171 -39.27 -22.94 -1.19
CA TYR F 171 -39.23 -22.73 0.24
C TYR F 171 -38.33 -21.55 0.60
N LYS F 172 -38.50 -21.07 1.83
CA LYS F 172 -37.67 -20.05 2.42
C LYS F 172 -37.37 -20.48 3.86
N THR F 173 -36.18 -20.16 4.33
CA THR F 173 -35.77 -20.51 5.68
C THR F 173 -35.40 -19.23 6.42
N THR F 174 -35.74 -19.15 7.70
CA THR F 174 -35.38 -17.97 8.48
C THR F 174 -33.89 -18.06 8.79
N PRO F 175 -33.22 -16.91 9.02
CA PRO F 175 -31.89 -16.92 9.62
C PRO F 175 -31.97 -17.58 10.99
N PRO F 176 -30.85 -18.13 11.52
CA PRO F 176 -30.83 -18.63 12.89
C PRO F 176 -31.15 -17.49 13.84
N VAL F 177 -31.85 -17.83 14.94
CA VAL F 177 -32.23 -16.88 15.96
C VAL F 177 -31.70 -17.39 17.30
N LEU F 178 -31.09 -16.50 18.08
CA LEU F 178 -30.55 -16.91 19.36
C LEU F 178 -31.71 -17.08 20.33
N ASP F 179 -31.81 -18.27 20.93
CA ASP F 179 -32.86 -18.58 21.89
C ASP F 179 -32.37 -18.16 23.27
N SER F 180 -33.25 -18.29 24.27
CA SER F 180 -32.98 -17.79 25.62
C SER F 180 -32.02 -18.70 26.35
N ASP F 181 -31.75 -19.89 25.79
CA ASP F 181 -30.90 -20.85 26.46
C ASP F 181 -29.49 -20.84 25.85
N GLY F 182 -29.21 -19.93 24.93
CA GLY F 182 -27.89 -19.81 24.35
C GLY F 182 -27.74 -20.58 23.04
N SER F 183 -28.69 -21.48 22.73
CA SER F 183 -28.69 -22.20 21.46
C SER F 183 -29.42 -21.40 20.39
N PHE F 184 -29.49 -21.96 19.17
CA PHE F 184 -30.16 -21.31 18.06
C PHE F 184 -31.38 -22.11 17.62
N PHE F 185 -32.29 -21.44 16.90
CA PHE F 185 -33.43 -22.08 16.27
C PHE F 185 -33.74 -21.37 14.97
N LEU F 186 -34.47 -22.05 14.08
CA LEU F 186 -35.01 -21.41 12.90
C LEU F 186 -36.24 -22.17 12.42
N TYR F 187 -36.91 -21.59 11.42
CA TYR F 187 -38.04 -22.21 10.75
C TYR F 187 -37.77 -22.20 9.25
N SER F 188 -38.07 -23.31 8.58
CA SER F 188 -38.12 -23.35 7.14
C SER F 188 -39.57 -23.58 6.71
N LYS F 189 -39.98 -22.93 5.62
CA LYS F 189 -41.38 -22.93 5.22
C LYS F 189 -41.49 -23.29 3.75
N LEU F 190 -41.78 -24.56 3.47
CA LEU F 190 -42.07 -25.03 2.12
C LEU F 190 -43.53 -24.75 1.80
N THR F 191 -43.77 -24.17 0.63
CA THR F 191 -45.10 -23.87 0.14
C THR F 191 -45.45 -24.85 -0.98
N VAL F 192 -46.62 -25.49 -0.84
CA VAL F 192 -47.08 -26.48 -1.82
C VAL F 192 -48.54 -26.19 -2.13
N ASP F 193 -48.98 -26.58 -3.33
CA ASP F 193 -50.39 -26.57 -3.68
C ASP F 193 -51.12 -27.52 -2.73
N LYS F 194 -52.28 -27.08 -2.24
CA LYS F 194 -53.03 -27.83 -1.25
C LYS F 194 -53.32 -29.24 -1.78
N SER F 195 -53.62 -29.32 -3.09
CA SER F 195 -53.89 -30.60 -3.74
C SER F 195 -52.82 -31.64 -3.41
N ARG F 196 -51.54 -31.24 -3.49
CA ARG F 196 -50.43 -32.17 -3.28
C ARG F 196 -50.35 -32.61 -1.82
N TRP F 197 -50.75 -31.72 -0.92
CA TRP F 197 -50.74 -32.01 0.50
C TRP F 197 -51.85 -33.02 0.83
N GLN F 198 -53.04 -32.76 0.29
CA GLN F 198 -54.23 -33.54 0.61
C GLN F 198 -54.16 -34.92 -0.03
N GLN F 199 -53.48 -35.05 -1.18
CA GLN F 199 -53.35 -36.31 -1.87
C GLN F 199 -52.46 -37.28 -1.09
N GLY F 200 -51.75 -36.78 -0.08
CA GLY F 200 -51.09 -37.64 0.91
C GLY F 200 -49.63 -37.91 0.58
N ASN F 201 -49.02 -36.99 -0.19
CA ASN F 201 -47.62 -37.09 -0.53
C ASN F 201 -46.78 -36.85 0.72
N VAL F 202 -45.63 -37.51 0.78
CA VAL F 202 -44.71 -37.34 1.89
C VAL F 202 -43.70 -36.26 1.53
N PHE F 203 -43.41 -35.37 2.48
CA PHE F 203 -42.39 -34.35 2.31
C PHE F 203 -41.31 -34.57 3.35
N SER F 204 -40.07 -34.23 2.99
CA SER F 204 -38.93 -34.40 3.87
C SER F 204 -38.26 -33.06 4.13
N CYS F 205 -37.91 -32.84 5.39
CA CYS F 205 -37.10 -31.71 5.80
C CYS F 205 -35.71 -32.22 6.17
N SER F 206 -34.71 -31.89 5.34
CA SER F 206 -33.33 -32.29 5.56
C SER F 206 -32.60 -31.20 6.33
N VAL F 207 -31.87 -31.59 7.38
CA VAL F 207 -31.11 -30.65 8.18
C VAL F 207 -29.67 -31.13 8.24
N MET F 208 -28.74 -30.18 8.05
CA MET F 208 -27.31 -30.46 7.97
C MET F 208 -26.60 -29.61 9.01
N HIS F 209 -25.89 -30.27 9.94
CA HIS F 209 -25.26 -29.57 11.05
C HIS F 209 -24.14 -30.45 11.62
N GLU F 210 -23.12 -29.81 12.20
CA GLU F 210 -21.92 -30.53 12.59
C GLU F 210 -22.17 -31.46 13.77
N ALA F 211 -23.28 -31.29 14.48
CA ALA F 211 -23.54 -32.05 15.70
C ALA F 211 -24.45 -33.26 15.42
N LEU F 212 -24.85 -33.43 14.16
CA LEU F 212 -25.64 -34.59 13.74
C LEU F 212 -24.70 -35.68 13.25
N HIS F 213 -25.15 -36.93 13.34
CA HIS F 213 -24.39 -38.05 12.80
C HIS F 213 -24.33 -37.93 11.28
N ASN F 214 -23.11 -37.94 10.73
CA ASN F 214 -22.88 -37.67 9.32
C ASN F 214 -23.44 -36.30 8.92
N HIS F 215 -23.56 -35.42 9.90
CA HIS F 215 -23.98 -34.05 9.66
C HIS F 215 -25.34 -33.99 8.96
N TYR F 216 -26.23 -34.95 9.23
CA TYR F 216 -27.45 -35.10 8.45
C TYR F 216 -28.55 -35.82 9.24
N THR F 217 -29.77 -35.26 9.22
CA THR F 217 -31.01 -35.97 9.52
C THR F 217 -32.13 -35.51 8.60
N GLN F 218 -33.20 -36.31 8.58
CA GLN F 218 -34.38 -36.05 7.76
C GLN F 218 -35.60 -36.30 8.63
N LYS F 219 -36.56 -35.37 8.60
CA LYS F 219 -37.86 -35.61 9.20
C LYS F 219 -38.91 -35.57 8.11
N SER F 220 -39.91 -36.44 8.23
CA SER F 220 -40.96 -36.56 7.24
C SER F 220 -42.21 -35.82 7.69
N LEU F 221 -43.08 -35.51 6.73
CA LEU F 221 -44.29 -34.77 6.99
C LEU F 221 -45.30 -35.14 5.90
N SER F 222 -46.39 -35.78 6.32
CA SER F 222 -47.48 -36.11 5.41
C SER F 222 -48.81 -35.88 6.11
N LEU F 223 -49.90 -36.00 5.35
CA LEU F 223 -51.25 -35.74 5.81
C LEU F 223 -51.62 -36.67 6.98
N SER F 224 -52.31 -36.11 7.98
CA SER F 224 -52.77 -36.86 9.15
C SER F 224 -54.19 -36.44 9.57
C1 NAG G . -8.79 7.94 31.86
C2 NAG G . -7.78 6.78 31.86
C3 NAG G . -7.24 6.58 33.28
C4 NAG G . -6.64 7.86 33.76
C5 NAG G . -7.67 8.98 33.70
C6 NAG G . -7.10 10.31 34.10
C7 NAG G . -7.90 4.96 30.21
C8 NAG G . -8.64 3.74 29.74
N2 NAG G . -8.38 5.57 31.31
O3 NAG G . -6.25 5.54 33.27
O4 NAG G . -6.10 7.75 35.11
O5 NAG G . -8.17 9.12 32.36
O6 NAG G . -8.09 11.28 33.99
O7 NAG G . -6.92 5.39 29.59
H1 NAG G . -9.55 7.70 32.46
H2 NAG G . -6.95 7.08 31.24
H3 NAG G . -8.05 6.30 33.94
H4 NAG G . -5.88 8.13 33.03
H5 NAG G . -8.50 8.73 34.37
H61 NAG G . -6.28 10.54 33.41
H62 NAG G . -6.68 10.27 35.11
H81 NAG G . -9.15 3.96 28.81
H82 NAG G . -7.94 2.93 29.60
H83 NAG G . -9.38 3.45 30.50
HN2 NAG G . -9.18 5.19 31.79
HO3 NAG G . -6.15 5.24 32.38
HO4 NAG G . -6.76 8.02 35.76
HO6 NAG G . -8.01 11.70 33.12
C1 NAG G . -4.72 7.95 35.19
C2 NAG G . -4.39 6.55 35.62
C3 NAG G . -3.20 5.91 34.93
C4 NAG G . -3.13 6.32 33.48
C5 NAG G . -3.31 7.81 33.27
C6 NAG G . -3.32 8.18 31.79
C7 NAG G . -3.27 7.24 37.73
C8 NAG G . -3.19 7.07 39.21
N2 NAG G . -4.18 6.50 37.07
O3 NAG G . -3.35 4.49 34.97
O4 NAG G . -1.92 5.91 32.89
O5 NAG G . -4.52 8.31 33.82
O6 NAG G . -4.01 9.41 31.60
O7 NAG G . -2.51 8.00 37.14
H1 NAG G . -4.47 8.66 35.84
H2 NAG G . -5.25 5.90 35.41
H3 NAG G . -2.28 6.21 35.42
H4 NAG G . -3.96 5.83 32.97
H5 NAG G . -2.48 8.32 33.74
H61 NAG G . -3.80 7.39 31.23
H62 NAG G . -2.29 8.28 31.44
H81 NAG G . -2.25 6.60 39.47
H82 NAG G . -3.26 8.04 39.69
H83 NAG G . -4.01 6.45 39.56
HN2 NAG G . -4.79 5.88 37.61
HO3 NAG G . -4.14 4.27 35.42
HO6 NAG G . -4.04 9.63 30.66
C1 BMA G . -2.02 4.79 32.10
C2 BMA G . -0.96 4.97 31.04
C3 BMA G . -0.78 3.67 30.28
C4 BMA G . -0.57 2.49 31.24
C5 BMA G . -1.71 2.46 32.24
C6 BMA G . -1.61 1.41 33.32
O2 BMA G . 0.27 5.41 31.64
O3 BMA G . 0.33 3.79 29.44
O4 BMA G . -0.49 1.23 30.56
O5 BMA G . -1.79 3.67 32.95
O6 BMA G . -2.58 1.78 34.31
H1 BMA G . -2.93 4.73 31.68
H2 BMA G . -1.30 5.72 30.33
H3 BMA G . -1.69 3.49 29.70
H4 BMA G . 0.34 2.67 31.79
H5 BMA G . -2.64 2.30 31.71
H61 BMA G . -0.61 1.38 33.75
H62 BMA G . -1.84 0.44 32.89
HO2 BMA G . 0.16 5.50 32.57
HO3 BMA G . 0.90 4.49 29.79
HO6 BMA G . -3.06 2.57 34.00
C1 MAN G . 0.25 3.13 28.23
C2 MAN G . 1.67 2.72 27.91
C3 MAN G . 2.53 3.96 27.71
C4 MAN G . 1.93 4.82 26.62
C5 MAN G . 0.47 5.15 26.95
C6 MAN G . -0.22 5.90 25.81
O2 MAN G . 1.63 1.94 26.73
O3 MAN G . 3.89 3.64 27.45
O4 MAN G . 2.71 6.02 26.53
O5 MAN G . -0.30 3.96 27.20
O6 MAN G . -1.60 6.19 26.10
H1 MAN G . -0.32 2.32 28.32
H2 MAN G . 2.06 2.13 28.74
H3 MAN G . 2.51 4.55 28.63
H4 MAN G . 1.98 4.30 25.66
H5 MAN G . 0.45 5.79 27.83
H61 MAN G . -0.16 5.30 24.90
H62 MAN G . 0.30 6.83 25.62
HO2 MAN G . 1.04 2.35 26.08
HO4 MAN G . 3.35 6.12 27.11
HO6 MAN G . -1.85 5.87 27.07
C1 NAG G . 2.30 0.74 26.53
C2 NAG G . 1.80 -0.16 25.39
C3 NAG G . 2.15 -1.62 25.60
C4 NAG G . 3.59 -1.80 26.01
C5 NAG G . 3.96 -0.88 27.17
C6 NAG G . 5.43 -0.96 27.55
C7 NAG G . -0.42 0.79 24.74
C8 NAG G . -1.78 0.37 24.28
N2 NAG G . 0.34 -0.17 25.32
O3 NAG G . 1.89 -2.35 24.41
O4 NAG G . 3.83 -3.15 26.39
O5 NAG G . 3.67 0.50 26.92
O6 NAG G . 6.26 -0.29 26.58
O7 NAG G . -0.04 1.94 24.53
H1 NAG G . 2.93 1.00 25.68
H2 NAG G . 2.21 0.17 24.43
H3 NAG G . 1.53 -2.01 26.42
H4 NAG G . 4.22 -1.54 25.16
H5 NAG G . 3.38 -1.20 28.04
H61 NAG G . 5.74 -2.01 27.62
H62 NAG G . 5.59 -0.51 28.53
H81 NAG G . -2.53 0.61 25.02
H82 NAG G . -2.01 0.86 23.33
H83 NAG G . -1.78 -0.71 24.10
HN2 NAG G . -0.09 -1.08 25.51
HO3 NAG G . 1.60 -1.79 23.89
HO4 NAG G . 3.16 -3.61 26.49
HO6 NAG G . 7.31 -0.05 26.81
C1 MAN G . -2.59 0.99 35.48
C2 MAN G . -3.23 -0.34 35.14
C3 MAN G . -4.66 -0.13 34.69
C4 MAN G . -5.44 0.56 35.80
C5 MAN G . -4.72 1.84 36.22
C6 MAN G . -5.38 2.43 37.47
O2 MAN G . -3.22 -1.13 36.31
O3 MAN G . -5.24 -1.40 34.37
O4 MAN G . -6.74 0.91 35.29
O5 MAN G . -3.32 1.63 36.53
O6 MAN G . -4.65 2.06 38.67
H1 MAN G . -1.65 0.84 35.80
H2 MAN G . -2.66 -0.86 34.36
H3 MAN G . -4.67 0.50 33.80
H4 MAN G . -5.55 -0.10 36.66
H5 MAN G . -4.81 2.56 35.41
H61 MAN G . -6.41 2.07 37.55
H62 MAN G . -5.41 3.51 37.39
HO2 MAN G . -3.58 -0.61 37.04
HO3 MAN G . -4.59 -2.10 34.53
HO4 MAN G . -6.82 0.62 34.35
C1 NAG G . -2.38 -2.21 36.54
C2 NAG G . -1.63 -2.24 37.87
C3 NAG G . -0.40 -3.11 37.82
C4 NAG G . -0.71 -4.46 37.19
C5 NAG G . -1.41 -4.27 35.84
C6 NAG G . -1.79 -5.57 35.18
C7 NAG G . -1.99 -0.09 39.06
C8 NAG G . -3.23 -0.70 39.65
N2 NAG G . -1.25 -0.87 38.26
O3 NAG G . 0.11 -3.30 39.14
O4 NAG G . 0.48 -5.23 37.02
O5 NAG G . -2.59 -3.49 35.93
O6 NAG G . -2.41 -5.22 33.93
O7 NAG G . -1.69 1.08 39.30
H1 NAG G . -3.00 -2.80 37.21
H2 NAG G . -2.27 -2.67 38.65
H3 NAG G . 0.36 -2.62 37.20
H4 NAG G . -1.39 -4.98 37.85
H5 NAG G . -0.70 -3.75 35.17
H61 NAG G . -2.49 -6.12 35.80
H62 NAG G . -0.91 -6.19 35.00
H81 NAG G . -2.96 -1.32 40.50
H82 NAG G . -3.87 0.12 39.98
H83 NAG G . -3.78 -1.29 38.93
HN2 NAG G . -0.40 -0.51 37.86
HO3 NAG G . -0.46 -2.77 39.76
HO4 NAG G . 1.22 -4.74 37.36
HO6 NAG G . -2.83 -6.11 33.59
C1 FUC G . -8.86 11.46 35.15
C2 FUC G . -8.88 12.97 35.41
C3 FUC G . -9.54 13.68 34.23
C4 FUC G . -10.93 13.11 33.99
C5 FUC G . -10.82 11.59 33.77
C6 FUC G . -12.17 10.95 33.56
O2 FUC G . -7.54 13.45 35.61
O3 FUC G . -9.61 15.07 34.47
O4 FUC G . -11.76 13.36 35.13
O5 FUC G . -10.18 10.96 34.91
H1 FUC G . -8.40 10.97 36.00
H2 FUC G . -9.47 13.16 36.30
H3 FUC G . -8.94 13.52 33.32
H4 FUC G . -11.36 13.56 33.10
H5 FUC G . -10.24 11.43 32.87
H61 FUC G . -12.24 10.58 32.54
H62 FUC G . -12.30 10.13 34.26
H63 FUC G . -12.96 11.69 33.71
HO2 FUC G . -6.92 12.72 35.53
HO3 FUC G . -9.26 15.30 35.31
HO4 FUC G . -11.25 13.87 35.79
C1 NAG H . 26.58 23.83 -30.29
C2 NAG H . 27.33 25.12 -29.99
C3 NAG H . 27.69 25.18 -28.50
C4 NAG H . 26.43 24.99 -27.67
C5 NAG H . 25.75 23.68 -28.05
C6 NAG H . 24.45 23.45 -27.29
C7 NAG H . 28.74 26.11 -31.76
C8 NAG H . 30.13 26.21 -32.31
N2 NAG H . 28.56 25.21 -30.78
O3 NAG H . 28.32 26.43 -28.20
O4 NAG H . 26.71 24.99 -26.23
O5 NAG H . 25.43 23.70 -29.44
O6 NAG H . 23.87 22.20 -27.66
O7 NAG H . 27.84 26.85 -32.16
H1 NAG H . 27.19 23.06 -30.11
H2 NAG H . 26.68 25.97 -30.22
H3 NAG H . 28.37 24.37 -28.27
H4 NAG H . 25.75 25.78 -27.96
H5 NAG H . 26.43 22.85 -27.84
H61 NAG H . 23.76 24.25 -27.55
H62 NAG H . 24.63 23.49 -26.21
H81 NAG H . 30.15 25.76 -33.31
H82 NAG H . 30.41 27.26 -32.38
H83 NAG H . 30.83 25.68 -31.67
HN2 NAG H . 29.32 24.60 -30.50
HO3 NAG H . 28.38 26.90 -29.02
HO4 NAG H . 27.17 24.17 -25.98
HO6 NAG H . 23.03 22.37 -28.11
C1 NAG H . 26.20 26.09 -25.54
C2 NAG H . 27.49 26.90 -25.38
C3 NAG H . 27.36 28.40 -25.46
C4 NAG H . 26.35 28.79 -26.52
C5 NAG H . 25.05 28.00 -26.42
C6 NAG H . 24.04 28.37 -27.50
C7 NAG H . 27.51 26.64 -22.89
C8 NAG H . 28.31 26.19 -21.70
N2 NAG H . 28.13 26.58 -24.09
O3 NAG H . 28.63 28.96 -25.80
O4 NAG H . 26.08 30.20 -26.52
O5 NAG H . 25.25 26.59 -26.49
O6 NAG H . 23.65 27.25 -28.30
O7 NAG H . 26.34 27.00 -22.74
H1 NAG H . 25.79 25.84 -24.68
H2 NAG H . 28.19 26.59 -26.15
H3 NAG H . 27.02 28.80 -24.50
H4 NAG H . 26.78 28.51 -27.48
H5 NAG H . 24.60 28.23 -25.45
H61 NAG H . 24.46 29.13 -28.16
H62 NAG H . 23.14 28.79 -27.03
H81 NAG H . 28.48 27.03 -21.02
H82 NAG H . 27.77 25.42 -21.16
H83 NAG H . 29.28 25.79 -22.03
HN2 NAG H . 29.10 26.27 -24.13
HO3 NAG H . 29.27 28.23 -25.94
HO6 NAG H . 22.52 27.47 -28.45
C1 BMA H . 26.83 30.88 -27.47
C2 BMA H . 26.10 32.14 -27.94
C3 BMA H . 27.01 32.98 -28.84
C4 BMA H . 28.38 33.18 -28.21
C5 BMA H . 28.98 31.86 -27.78
C6 BMA H . 30.32 32.01 -27.08
O2 BMA H . 25.64 32.90 -26.82
O3 BMA H . 26.41 34.25 -29.02
O4 BMA H . 29.26 33.79 -29.15
O5 BMA H . 28.11 31.18 -26.89
O6 BMA H . 30.83 30.74 -26.63
H1 BMA H . 26.97 30.29 -28.26
H2 BMA H . 25.24 31.82 -28.53
H3 BMA H . 27.12 32.48 -29.80
H4 BMA H . 28.27 33.81 -27.33
H5 BMA H . 29.13 31.24 -28.67
H61 BMA H . 30.21 32.69 -26.23
H62 BMA H . 31.03 32.45 -27.77
HO2 BMA H . 25.87 32.40 -25.96
HO3 BMA H . 26.31 34.66 -28.14
HO6 BMA H . 30.65 30.06 -27.32
C1 MAN H . 31.63 30.78 -25.47
C2 MAN H . 33.04 31.16 -25.89
C3 MAN H . 33.63 30.06 -26.77
C4 MAN H . 33.62 28.73 -26.03
C5 MAN H . 32.21 28.45 -25.53
C6 MAN H . 32.23 27.23 -24.61
O2 MAN H . 33.82 31.28 -24.71
O3 MAN H . 34.96 30.39 -27.15
O4 MAN H . 34.03 27.69 -26.92
O5 MAN H . 31.63 29.53 -24.78
O6 MAN H . 33.07 27.42 -23.45
H1 MAN H . 31.28 31.48 -24.86
H2 MAN H . 33.03 32.09 -26.45
H3 MAN H . 33.02 29.95 -27.68
H4 MAN H . 34.32 28.77 -25.19
H5 MAN H . 31.58 28.21 -26.39
H61 MAN H . 32.57 26.35 -25.17
H62 MAN H . 31.21 27.02 -24.28
HO2 MAN H . 33.82 30.45 -24.22
HO3 MAN H . 35.22 31.10 -26.88
HO4 MAN H . 34.12 27.92 -27.78
C1 NAG H . 34.72 32.27 -24.32
C2 NAG H . 34.99 32.42 -22.80
C3 NAG H . 35.40 33.83 -22.43
C4 NAG H . 36.51 34.33 -23.34
C5 NAG H . 36.13 34.16 -24.81
C6 NAG H . 37.23 34.58 -25.77
C7 NAG H . 33.45 30.78 -21.80
C8 NAG H . 32.29 30.58 -20.87
N2 NAG H . 33.79 32.05 -22.04
O3 NAG H . 35.84 33.86 -21.07
O4 NAG H . 36.81 35.70 -23.06
O5 NAG H . 35.77 32.82 -25.16
O6 NAG H . 38.24 33.57 -25.83
O7 NAG H . 34.04 29.83 -22.30
H1 NAG H . 35.62 31.67 -24.15
H2 NAG H . 35.79 31.76 -22.52
H3 NAG H . 34.55 34.50 -22.56
H4 NAG H . 37.40 33.73 -23.15
H5 NAG H . 35.27 34.81 -24.99
H61 NAG H . 37.67 35.53 -25.44
H62 NAG H . 36.81 34.74 -26.76
H81 NAG H . 31.72 29.69 -21.17
H82 NAG H . 32.67 30.42 -19.86
H83 NAG H . 31.64 31.44 -20.89
HN2 NAG H . 33.27 32.80 -21.62
HO3 NAG H . 35.50 32.70 -20.73
HO4 NAG H . 36.18 35.84 -22.11
HO6 NAG H . 38.90 34.10 -26.02
C1 MAN H . 26.49 34.87 -30.26
C2 MAN H . 26.17 36.33 -29.95
C3 MAN H . 24.71 36.43 -29.49
C4 MAN H . 23.77 35.76 -30.48
C5 MAN H . 24.22 34.33 -30.77
C6 MAN H . 23.34 33.68 -31.83
O2 MAN H . 26.40 37.14 -31.11
O3 MAN H . 24.33 37.81 -29.27
O4 MAN H . 22.45 35.75 -29.96
O5 MAN H . 25.58 34.28 -31.21
O6 MAN H . 23.96 32.47 -32.30
H1 MAN H . 27.51 34.81 -30.63
H2 MAN H . 26.82 36.67 -29.14
H3 MAN H . 24.60 35.91 -28.53
H4 MAN H . 23.80 36.32 -31.42
H5 MAN H . 24.10 33.75 -29.85
H61 MAN H . 23.20 34.37 -32.67
H62 MAN H . 22.36 33.45 -31.41
HO2 MAN H . 26.72 36.57 -31.76
HO4 MAN H . 22.40 36.18 -29.09
HO6 MAN H . 24.83 32.36 -31.82
C1 FUC H . 24.31 21.10 -26.90
C2 FUC H . 23.10 20.21 -26.69
C3 FUC H . 22.65 19.62 -28.02
C4 FUC H . 23.81 18.92 -28.73
C5 FUC H . 25.02 19.85 -28.86
C6 FUC H . 26.27 19.13 -29.38
O2 FUC H . 22.08 21.03 -26.09
O3 FUC H . 21.56 18.71 -27.80
O4 FUC H . 24.18 17.72 -28.03
O5 FUC H . 25.37 20.40 -27.59
H1 FUC H . 24.67 21.43 -25.93
H2 FUC H . 23.37 19.40 -26.01
H3 FUC H . 22.29 20.42 -28.65
H4 FUC H . 23.48 18.66 -29.73
H5 FUC H . 24.77 20.65 -29.56
H61 FUC H . 26.62 19.63 -30.28
H62 FUC H . 27.04 19.15 -28.62
H63 FUC H . 26.03 18.09 -29.63
HO2 FUC H . 22.40 21.93 -25.95
HO3 FUC H . 21.31 18.67 -26.83
HO4 FUC H . 23.57 17.63 -27.20
C1 GOL I . -59.66 0.73 11.27
O1 GOL I . -59.81 1.54 12.42
C2 GOL I . -58.36 0.99 10.55
O2 GOL I . -57.27 0.95 11.48
C3 GOL I . -58.11 0.02 9.41
O3 GOL I . -56.90 0.30 8.72
H11 GOL I . -60.41 0.90 10.64
H12 GOL I . -59.70 -0.22 11.53
HO1 GOL I . -60.56 1.41 12.76
H2 GOL I . -58.39 1.90 10.17
HO2 GOL I . -56.68 0.39 11.22
H31 GOL I . -58.86 0.07 8.78
H32 GOL I . -58.07 -0.89 9.77
HO3 GOL I . -56.41 0.80 9.20
C1 PGE J . -33.31 31.76 66.54
O1 PGE J . -33.87 31.93 65.26
C2 PGE J . -32.05 30.95 66.53
O2 PGE J . -31.04 31.62 67.27
C3 PGE J . -29.73 31.54 66.69
C4 PGE J . -29.66 32.38 65.44
O4 PGE J . -28.40 34.09 62.34
C6 PGE J . -27.60 34.34 63.49
C5 PGE J . -28.40 34.29 64.75
O3 PGE J . -28.38 32.98 65.32
H1 PGE J . -33.97 31.31 67.11
H12 PGE J . -33.12 32.64 66.93
HO1 PGE J . -34.59 32.26 65.26
H2 PGE J . -31.76 30.82 65.59
H22 PGE J . -32.22 30.07 66.92
H3 PGE J . -29.52 30.60 66.46
H32 PGE J . -29.07 31.86 67.33
H4 PGE J . -30.35 33.07 65.48
H42 PGE J . -29.84 31.81 64.65
HO4 PGE J . -28.52 33.25 62.27
H6 PGE J . -27.19 35.22 63.40
H62 PGE J . -26.89 33.66 63.54
H5 PGE J . -29.32 34.56 64.57
H52 PGE J . -28.03 34.92 65.39
C1 PGE K . -37.97 32.15 65.74
O1 PGE K . -37.90 31.62 67.04
C2 PGE K . -39.15 31.65 64.99
O2 PGE K . -39.00 31.91 63.60
C3 PGE K . -38.98 33.29 63.26
C4 PGE K . -38.13 33.52 62.04
O4 PGE K . -34.34 32.28 62.71
C6 PGE K . -34.60 32.71 61.38
C5 PGE K . -36.07 32.86 61.09
O3 PGE K . -36.79 33.12 62.29
H1 PGE K . -37.15 31.93 65.26
H12 PGE K . -38.02 33.13 65.81
HO1 PGE K . -37.20 32.00 67.41
H2 PGE K . -39.97 32.08 65.31
H22 PGE K . -39.24 30.68 65.13
H3 PGE K . -38.61 33.82 64.02
H32 PGE K . -39.88 33.61 63.10
H4 PGE K . -38.15 34.47 61.80
H42 PGE K . -38.50 33.00 61.30
HO4 PGE K . -35.08 32.16 63.11
H6 PGE K . -34.22 32.05 60.75
H62 PGE K . -34.15 33.56 61.23
H5 PGE K . -36.40 32.03 60.68
H52 PGE K . -36.20 33.59 60.46
C1 PGE L . -71.34 -4.95 40.07
O1 PGE L . -71.07 -4.87 41.46
C2 PGE L . -71.76 -6.33 39.66
O2 PGE L . -72.71 -6.27 38.59
C3 PGE L . -72.14 -5.86 37.35
C4 PGE L . -72.75 -4.57 36.92
O4 PGE L . -71.36 -5.46 34.24
C6 PGE L . -72.11 -4.31 33.84
C5 PGE L . -72.29 -3.31 34.94
O3 PGE L . -71.80 -3.82 36.18
H1 PGE L . -70.55 -4.69 39.58
H12 PGE L . -72.06 -4.32 39.86
HO1 PGE L . -70.87 -4.09 41.69
H2 PGE L . -72.16 -6.80 40.42
H22 PGE L . -70.97 -6.84 39.37
H3 PGE L . -72.32 -6.55 36.68
H32 PGE L . -71.17 -5.76 37.44
H4 PGE L . -73.03 -4.06 37.72
H42 PGE L . -73.55 -4.73 36.38
HO4 PGE L . -70.73 -5.22 34.74
H6 PGE L . -72.99 -4.61 33.51
H62 PGE L . -71.64 -3.89 33.09
H5 PGE L . -73.25 -3.09 35.04
H52 PGE L . -71.82 -2.48 34.71
C1 GOL M . -10.23 33.94 46.59
O1 GOL M . -10.63 32.85 45.77
C2 GOL M . -10.67 33.73 48.03
O2 GOL M . -12.05 34.07 48.16
C3 GOL M . -9.85 34.52 49.03
O3 GOL M . -9.75 35.90 48.66
H11 GOL M . -10.63 34.77 46.25
H12 GOL M . -9.25 34.03 46.57
HO1 GOL M . -10.35 33.01 45.01
H2 GOL M . -10.56 32.77 48.26
HO2 GOL M . -12.09 34.63 48.84
H31 GOL M . -8.94 34.14 49.09
H32 GOL M . -10.27 34.47 49.92
HO3 GOL M . -10.53 36.22 48.59
CA CA N . -55.80 10.15 32.82
CA CA O . -12.01 -39.93 -10.31
C1 PGE P . 8.02 -20.78 21.74
O1 PGE P . 7.47 -21.40 20.58
C2 PGE P . 9.07 -19.77 21.39
O2 PGE P . 9.90 -19.44 22.51
C3 PGE P . 11.09 -18.75 22.18
C4 PGE P . 10.80 -17.29 21.91
O3 PGE P . 12.01 -16.63 21.57
H1 PGE P . 8.42 -21.46 22.32
H12 PGE P . 7.30 -20.34 22.24
HO1 PGE P . 6.86 -21.95 20.78
H2 PGE P . 8.64 -18.94 21.06
H22 PGE P . 9.63 -20.11 20.67
H3 PGE P . 11.49 -19.15 21.37
H32 PGE P . 11.73 -18.82 22.90
H4 PGE P . 10.41 -16.88 22.72
H42 PGE P . 10.15 -17.21 21.18
C1 PGE Q . 27.22 -22.30 -11.97
O1 PGE Q . 27.78 -23.43 -11.32
C2 PGE Q . 26.73 -21.27 -11.00
O2 PGE Q . 27.21 -19.97 -11.35
C3 PGE Q . 27.10 -19.02 -10.29
C4 PGE Q . 28.30 -19.11 -9.39
O4 PGE Q . 27.07 -18.65 -5.00
C6 PGE Q . 27.73 -19.53 -5.90
C5 PGE Q . 27.18 -19.43 -7.29
O3 PGE Q . 28.00 -18.58 -8.10
H1 PGE Q . 26.48 -22.60 -12.54
H12 PGE Q . 27.90 -21.91 -12.55
HO1 PGE Q . 27.94 -24.04 -11.97
H2 PGE Q . 27.02 -21.50 -10.09
H22 PGE Q . 25.74 -21.25 -11.01
H3 PGE Q . 26.28 -19.19 -9.78
H32 PGE Q . 27.04 -18.12 -10.67
H4 PGE Q . 29.05 -18.61 -9.78
H42 PGE Q . 28.58 -20.05 -9.30
HO4 PGE Q . 27.15 -17.86 -5.28
H6 PGE Q . 27.62 -20.45 -5.57
H62 PGE Q . 28.68 -19.32 -5.91
H5 PGE Q . 26.26 -19.08 -7.26
H52 PGE Q . 27.14 -20.33 -7.69
CA CA R . 47.57 -15.33 -45.37
C1 GOL S . -27.03 -38.08 1.59
O1 GOL S . -26.71 -36.70 1.46
C2 GOL S . -27.20 -38.49 3.06
O2 GOL S . -27.89 -39.73 3.13
C3 GOL S . -25.91 -38.58 3.82
O3 GOL S . -24.80 -38.10 3.07
H11 GOL S . -26.32 -38.63 1.19
H12 GOL S . -27.87 -38.26 1.11
HO1 GOL S . -26.61 -36.42 0.70
H2 GOL S . -27.76 -37.79 3.48
HO2 GOL S . -27.38 -40.26 3.52
H31 GOL S . -25.74 -39.52 4.09
H32 GOL S . -25.97 -38.03 4.65
HO3 GOL S . -24.75 -37.27 3.15
C1 GOL T . -19.23 -37.02 12.99
O1 GOL T . -19.25 -36.70 11.59
C2 GOL T . -20.30 -38.03 13.35
O2 GOL T . -20.52 -38.92 12.25
C3 GOL T . -19.97 -38.82 14.59
O3 GOL T . -21.02 -38.74 15.56
H11 GOL T . -19.37 -36.19 13.51
H12 GOL T . -18.34 -37.38 13.21
HO1 GOL T . -18.81 -36.21 11.24
H2 GOL T . -21.13 -37.53 13.51
HO2 GOL T . -20.38 -39.84 12.50
H31 GOL T . -19.13 -38.48 14.99
H32 GOL T . -19.84 -39.77 14.34
HO3 GOL T . -21.73 -39.02 15.20
#